data_2DVH
#
_entry.id   2DVH
#
_cell.length_a   1.000
_cell.length_b   1.000
_cell.length_c   1.000
_cell.angle_alpha   90.00
_cell.angle_beta   90.00
_cell.angle_gamma   90.00
#
_symmetry.space_group_name_H-M   'P 1'
#
loop_
_entity.id
_entity.type
_entity.pdbx_description
1 polymer 'CYTOCHROME C-553'
2 non-polymer 'HEME C'
#
_entity_poly.entity_id   1
_entity_poly.type   'polypeptide(L)'
_entity_poly.pdbx_seq_one_letter_code
;ADGAALYKSCIGCHGADGSKAAMGSAKPVKGQGAEELYKKMKGYADGSYGGERKAMMTNAVKKASDEELKALADYMSKL
;
_entity_poly.pdbx_strand_id   A
#
# COMPACT_ATOMS: atom_id res chain seq x y z
N ALA A 1 -14.50 -0.66 -6.24
CA ALA A 1 -13.38 0.01 -6.93
C ALA A 1 -12.28 -1.03 -7.15
N ASP A 2 -11.06 -0.63 -7.50
CA ASP A 2 -9.95 -1.56 -7.68
C ASP A 2 -8.62 -0.82 -7.42
N GLY A 3 -7.66 -1.55 -6.86
CA GLY A 3 -6.30 -1.15 -6.53
C GLY A 3 -5.78 0.09 -7.28
N ALA A 4 -5.73 0.01 -8.61
CA ALA A 4 -5.23 1.07 -9.47
C ALA A 4 -5.78 2.44 -9.07
N ALA A 5 -7.09 2.53 -8.82
CA ALA A 5 -7.73 3.77 -8.44
C ALA A 5 -7.17 4.32 -7.13
N LEU A 6 -6.95 3.44 -6.14
CA LEU A 6 -6.43 3.85 -4.85
C LEU A 6 -4.99 4.33 -4.98
N TYR A 7 -4.18 3.59 -5.76
CA TYR A 7 -2.77 3.90 -5.92
C TYR A 7 -2.53 5.37 -6.29
N LYS A 8 -3.36 5.90 -7.17
CA LYS A 8 -3.27 7.29 -7.61
C LYS A 8 -3.03 8.26 -6.44
N SER A 9 -3.69 8.05 -5.30
CA SER A 9 -3.49 8.87 -4.11
C SER A 9 -2.14 8.55 -3.43
N CYS A 10 -1.85 7.25 -3.36
CA CYS A 10 -0.70 6.61 -2.74
C CYS A 10 0.60 7.17 -3.29
N ILE A 11 0.58 7.55 -4.56
CA ILE A 11 1.68 8.21 -5.24
C ILE A 11 2.26 9.31 -4.34
N GLY A 12 1.41 10.03 -3.61
CA GLY A 12 1.84 11.08 -2.70
C GLY A 12 2.96 10.66 -1.75
N CYS A 13 2.95 9.40 -1.28
CA CYS A 13 3.94 8.93 -0.31
C CYS A 13 4.89 7.88 -0.88
N HIS A 14 4.47 7.17 -1.94
CA HIS A 14 5.25 6.10 -2.56
C HIS A 14 5.85 6.47 -3.93
N GLY A 15 5.29 7.46 -4.61
CA GLY A 15 5.74 7.85 -5.94
C GLY A 15 5.17 6.89 -6.98
N ALA A 16 5.59 7.03 -8.24
CA ALA A 16 5.11 6.17 -9.31
C ALA A 16 5.54 4.72 -9.07
N ASP A 17 6.83 4.43 -9.26
CA ASP A 17 7.41 3.10 -9.13
C ASP A 17 7.73 2.81 -7.66
N GLY A 18 6.72 3.01 -6.82
CA GLY A 18 6.68 2.81 -5.37
C GLY A 18 8.04 2.81 -4.66
N SER A 19 8.79 3.91 -4.73
CA SER A 19 10.13 4.03 -4.17
C SER A 19 10.47 5.37 -3.50
N LYS A 20 9.60 6.40 -3.55
CA LYS A 20 10.01 7.67 -2.94
C LYS A 20 10.09 7.53 -1.42
N ALA A 21 10.84 8.42 -0.77
CA ALA A 21 10.91 8.45 0.68
C ALA A 21 9.51 8.79 1.19
N ALA A 22 8.96 7.92 2.03
CA ALA A 22 7.64 8.09 2.61
C ALA A 22 7.79 8.95 3.87
N MET A 23 7.07 8.63 4.96
CA MET A 23 7.26 9.33 6.23
C MET A 23 8.58 8.87 6.84
N GLY A 24 9.69 9.31 6.26
CA GLY A 24 11.04 8.93 6.64
C GLY A 24 11.48 7.71 5.84
N SER A 25 12.55 7.06 6.29
CA SER A 25 13.11 5.87 5.64
C SER A 25 12.11 4.73 5.74
N ALA A 26 11.61 4.25 4.60
CA ALA A 26 10.66 3.14 4.53
C ALA A 26 11.08 2.21 3.40
N LYS A 27 10.79 0.91 3.52
CA LYS A 27 11.06 -0.06 2.51
C LYS A 27 10.27 0.32 1.26
N PRO A 28 10.89 0.31 0.07
CA PRO A 28 10.18 0.65 -1.14
C PRO A 28 9.20 -0.47 -1.48
N VAL A 29 8.03 -0.08 -1.98
CA VAL A 29 6.96 -0.99 -2.39
C VAL A 29 7.38 -1.72 -3.65
N LYS A 30 8.09 -1.00 -4.52
CA LYS A 30 8.66 -1.43 -5.78
C LYS A 30 8.81 -2.95 -5.88
N GLY A 31 7.79 -3.59 -6.43
CA GLY A 31 7.68 -5.02 -6.63
C GLY A 31 8.19 -5.89 -5.48
N GLN A 32 7.82 -5.62 -4.21
CA GLN A 32 8.24 -6.53 -3.13
C GLN A 32 7.81 -7.96 -3.49
N GLY A 33 6.52 -8.03 -3.77
CA GLY A 33 5.79 -9.17 -4.30
C GLY A 33 4.34 -9.12 -3.86
N ALA A 34 3.43 -9.51 -4.72
CA ALA A 34 1.99 -9.55 -4.46
C ALA A 34 1.68 -10.20 -3.11
N GLU A 35 2.38 -11.28 -2.78
CA GLU A 35 2.20 -11.97 -1.52
C GLU A 35 2.51 -11.03 -0.35
N GLU A 36 3.71 -10.45 -0.36
CA GLU A 36 4.22 -9.54 0.63
C GLU A 36 3.27 -8.36 0.75
N LEU A 37 3.09 -7.66 -0.36
CA LEU A 37 2.27 -6.48 -0.48
C LEU A 37 0.85 -6.77 0.00
N TYR A 38 0.25 -7.89 -0.41
CA TYR A 38 -1.08 -8.26 0.05
C TYR A 38 -1.10 -8.39 1.55
N LYS A 39 -0.20 -9.19 2.12
CA LYS A 39 -0.17 -9.39 3.56
C LYS A 39 0.04 -8.08 4.30
N LYS A 40 1.00 -7.26 3.88
CA LYS A 40 1.28 -5.98 4.52
C LYS A 40 0.10 -5.01 4.35
N MET A 41 -0.41 -4.83 3.13
CA MET A 41 -1.51 -3.92 2.87
C MET A 41 -2.76 -4.37 3.64
N LYS A 42 -3.01 -5.69 3.68
CA LYS A 42 -4.07 -6.28 4.47
C LYS A 42 -3.82 -5.95 5.94
N GLY A 43 -2.59 -6.18 6.39
CA GLY A 43 -2.14 -5.89 7.74
C GLY A 43 -2.51 -4.47 8.15
N TYR A 44 -2.16 -3.52 7.29
CA TYR A 44 -2.46 -2.12 7.48
C TYR A 44 -3.97 -1.90 7.51
N ALA A 45 -4.69 -2.26 6.45
CA ALA A 45 -6.14 -2.08 6.38
C ALA A 45 -6.87 -2.65 7.60
N ASP A 46 -6.51 -3.86 8.02
CA ASP A 46 -7.07 -4.53 9.18
C ASP A 46 -6.62 -3.87 10.48
N GLY A 47 -5.37 -3.40 10.52
CA GLY A 47 -4.76 -2.77 11.68
C GLY A 47 -3.88 -3.74 12.45
N SER A 48 -3.53 -4.89 11.85
CA SER A 48 -2.65 -5.88 12.44
C SER A 48 -1.20 -5.41 12.30
N TYR A 49 -0.88 -4.81 11.15
CA TYR A 49 0.42 -4.23 10.87
C TYR A 49 0.23 -2.71 10.92
N GLY A 50 1.15 -1.97 11.55
CA GLY A 50 1.02 -0.53 11.65
C GLY A 50 2.03 0.01 12.66
N GLY A 51 1.88 1.28 13.02
CA GLY A 51 2.75 2.03 13.92
C GLY A 51 2.44 3.51 13.74
N GLU A 52 3.03 4.38 14.56
CA GLU A 52 2.79 5.82 14.58
C GLU A 52 2.68 6.41 13.16
N ARG A 53 3.78 6.44 12.41
CA ARG A 53 3.81 7.01 11.08
C ARG A 53 2.86 6.29 10.11
N LYS A 54 2.55 5.03 10.38
CA LYS A 54 1.69 4.23 9.53
C LYS A 54 0.24 4.69 9.64
N ALA A 55 -0.14 5.35 10.74
CA ALA A 55 -1.52 5.78 10.98
C ALA A 55 -2.22 6.38 9.75
N MET A 56 -1.59 7.34 9.08
CA MET A 56 -2.16 7.97 7.89
C MET A 56 -2.46 6.89 6.83
N MET A 57 -1.42 6.13 6.49
CA MET A 57 -1.52 5.04 5.53
C MET A 57 -2.63 4.07 5.94
N THR A 58 -2.70 3.69 7.21
CA THR A 58 -3.67 2.77 7.77
C THR A 58 -5.07 3.21 7.32
N ASN A 59 -5.46 4.45 7.64
CA ASN A 59 -6.78 4.93 7.23
C ASN A 59 -6.86 5.04 5.71
N ALA A 60 -5.78 5.44 5.02
CA ALA A 60 -5.81 5.56 3.58
C ALA A 60 -6.21 4.23 2.94
N VAL A 61 -5.50 3.15 3.30
CA VAL A 61 -5.76 1.84 2.75
C VAL A 61 -7.06 1.26 3.30
N LYS A 62 -7.46 1.62 4.53
CA LYS A 62 -8.70 1.14 5.16
C LYS A 62 -9.92 1.24 4.22
N LYS A 63 -9.94 2.23 3.32
CA LYS A 63 -11.01 2.42 2.38
C LYS A 63 -11.22 1.18 1.50
N ALA A 64 -10.12 0.47 1.17
CA ALA A 64 -10.15 -0.72 0.34
C ALA A 64 -10.96 -1.83 1.01
N SER A 65 -11.98 -2.33 0.31
CA SER A 65 -12.85 -3.38 0.86
C SER A 65 -12.20 -4.76 0.81
N ASP A 66 -12.03 -5.30 -0.39
CA ASP A 66 -11.49 -6.64 -0.59
C ASP A 66 -10.91 -6.78 -2.00
N GLU A 67 -11.73 -6.49 -3.02
CA GLU A 67 -11.29 -6.50 -4.41
C GLU A 67 -10.08 -5.59 -4.49
N GLU A 68 -10.28 -4.41 -3.92
CA GLU A 68 -9.35 -3.33 -3.78
C GLU A 68 -8.08 -3.82 -3.10
N LEU A 69 -8.19 -4.47 -1.94
CA LEU A 69 -7.02 -4.96 -1.22
C LEU A 69 -6.17 -5.86 -2.14
N LYS A 70 -6.79 -6.90 -2.69
CA LYS A 70 -6.12 -7.86 -3.55
C LYS A 70 -5.48 -7.16 -4.75
N ALA A 71 -6.29 -6.37 -5.45
CA ALA A 71 -5.85 -5.66 -6.64
C ALA A 71 -4.76 -4.64 -6.33
N LEU A 72 -4.76 -4.02 -5.15
CA LEU A 72 -3.75 -3.03 -4.81
C LEU A 72 -2.42 -3.76 -4.72
N ALA A 73 -2.40 -4.91 -4.05
CA ALA A 73 -1.21 -5.74 -3.96
C ALA A 73 -0.76 -6.16 -5.36
N ASP A 74 -1.67 -6.74 -6.15
CA ASP A 74 -1.35 -7.16 -7.51
C ASP A 74 -0.72 -6.02 -8.31
N TYR A 75 -1.37 -4.85 -8.32
CA TYR A 75 -0.90 -3.66 -9.01
C TYR A 75 0.50 -3.29 -8.53
N MET A 76 0.66 -3.08 -7.22
CA MET A 76 1.94 -2.72 -6.62
C MET A 76 3.01 -3.77 -6.92
N SER A 77 2.62 -5.04 -7.09
CA SER A 77 3.57 -6.10 -7.41
C SER A 77 4.13 -6.01 -8.83
N LYS A 78 3.68 -5.06 -9.66
CA LYS A 78 4.15 -4.91 -11.02
C LYS A 78 4.40 -3.42 -11.21
N LEU A 79 5.06 -2.79 -10.23
CA LEU A 79 5.26 -1.39 -10.13
C LEU A 79 6.48 -1.21 -9.23
N ALA A 1 -6.14 -6.17 -11.93
CA ALA A 1 -6.84 -4.95 -12.38
C ALA A 1 -7.09 -4.05 -11.17
N ASP A 2 -7.61 -2.83 -11.37
CA ASP A 2 -7.87 -1.87 -10.31
C ASP A 2 -6.54 -1.54 -9.60
N GLY A 3 -6.55 -1.22 -8.31
CA GLY A 3 -5.36 -0.90 -7.54
C GLY A 3 -4.96 0.55 -7.79
N ALA A 4 -4.64 0.86 -9.05
CA ALA A 4 -4.20 2.18 -9.49
C ALA A 4 -5.12 3.29 -8.98
N ALA A 5 -6.43 3.10 -9.13
CA ALA A 5 -7.44 4.08 -8.69
C ALA A 5 -7.22 4.49 -7.23
N LEU A 6 -7.03 3.52 -6.33
CA LEU A 6 -6.78 3.74 -4.94
C LEU A 6 -5.37 4.32 -4.77
N TYR A 7 -4.40 3.78 -5.51
CA TYR A 7 -3.00 4.17 -5.49
C TYR A 7 -2.82 5.68 -5.62
N LYS A 8 -3.74 6.33 -6.33
CA LYS A 8 -3.80 7.79 -6.44
C LYS A 8 -3.66 8.49 -5.07
N SER A 9 -4.04 7.81 -3.98
CA SER A 9 -3.96 8.31 -2.61
C SER A 9 -2.56 8.10 -2.00
N CYS A 10 -1.83 7.09 -2.49
CA CYS A 10 -0.53 6.65 -2.00
C CYS A 10 0.61 7.38 -2.71
N ILE A 11 0.42 7.67 -4.01
CA ILE A 11 1.39 8.46 -4.75
C ILE A 11 1.63 9.75 -3.97
N GLY A 12 2.88 10.19 -3.97
CA GLY A 12 3.30 11.30 -3.14
C GLY A 12 4.19 10.74 -2.04
N CYS A 13 3.80 9.65 -1.36
CA CYS A 13 4.67 9.09 -0.34
C CYS A 13 5.62 8.10 -1.02
N HIS A 14 5.04 7.14 -1.74
CA HIS A 14 5.76 6.09 -2.43
C HIS A 14 6.08 6.41 -3.90
N GLY A 15 5.42 7.43 -4.46
CA GLY A 15 5.56 7.81 -5.85
C GLY A 15 4.82 6.86 -6.80
N ALA A 16 4.60 7.30 -8.04
CA ALA A 16 3.88 6.54 -9.07
C ALA A 16 4.44 5.13 -9.25
N ASP A 17 5.78 5.02 -9.27
CA ASP A 17 6.49 3.77 -9.44
C ASP A 17 6.66 3.00 -8.12
N GLY A 18 6.21 3.57 -7.01
CA GLY A 18 6.31 2.95 -5.70
C GLY A 18 7.74 2.78 -5.20
N SER A 19 8.72 3.42 -5.85
CA SER A 19 10.13 3.20 -5.54
C SER A 19 10.74 4.20 -4.57
N LYS A 20 10.14 5.37 -4.33
CA LYS A 20 10.79 6.38 -3.49
C LYS A 20 10.67 6.08 -1.99
N ALA A 21 10.89 4.84 -1.55
CA ALA A 21 10.76 4.49 -0.13
C ALA A 21 9.36 4.91 0.33
N ALA A 22 9.35 5.89 1.21
CA ALA A 22 8.22 6.65 1.70
C ALA A 22 8.83 7.91 2.31
N MET A 23 8.13 8.61 3.20
CA MET A 23 8.70 9.81 3.84
C MET A 23 9.59 9.37 5.00
N GLY A 24 10.69 8.69 4.64
CA GLY A 24 11.68 8.12 5.53
C GLY A 24 12.28 6.91 4.82
N SER A 25 13.37 6.35 5.38
CA SER A 25 14.06 5.20 4.82
C SER A 25 13.25 3.92 5.00
N ALA A 26 12.09 3.84 4.34
CA ALA A 26 11.17 2.73 4.40
C ALA A 26 11.42 1.79 3.22
N LYS A 27 11.08 0.51 3.37
CA LYS A 27 11.13 -0.47 2.32
C LYS A 27 10.21 0.02 1.20
N PRO A 28 10.72 0.35 0.01
CA PRO A 28 9.86 0.77 -1.08
C PRO A 28 8.85 -0.32 -1.38
N VAL A 29 7.63 0.07 -1.75
CA VAL A 29 6.64 -0.92 -2.11
C VAL A 29 7.02 -1.51 -3.45
N LYS A 30 7.27 -0.65 -4.44
CA LYS A 30 7.62 -0.99 -5.81
C LYS A 30 6.78 -2.19 -6.24
N GLY A 31 7.35 -3.40 -6.14
CA GLY A 31 6.70 -4.67 -6.36
C GLY A 31 7.36 -5.72 -5.49
N GLN A 32 7.36 -5.52 -4.16
CA GLN A 32 7.96 -6.44 -3.18
C GLN A 32 7.64 -7.89 -3.56
N GLY A 33 6.35 -8.09 -3.73
CA GLY A 33 5.70 -9.30 -4.20
C GLY A 33 4.22 -9.26 -3.84
N ALA A 34 3.30 -9.55 -4.77
CA ALA A 34 1.85 -9.47 -4.53
C ALA A 34 1.42 -10.09 -3.19
N GLU A 35 1.94 -11.27 -2.84
CA GLU A 35 1.61 -11.93 -1.61
C GLU A 35 2.06 -11.07 -0.42
N GLU A 36 3.31 -10.62 -0.48
CA GLU A 36 3.96 -9.77 0.50
C GLU A 36 3.09 -8.53 0.72
N LEU A 37 2.90 -7.79 -0.38
CA LEU A 37 2.16 -6.56 -0.44
C LEU A 37 0.74 -6.76 0.06
N TYR A 38 0.06 -7.81 -0.39
CA TYR A 38 -1.30 -8.09 0.04
C TYR A 38 -1.34 -8.27 1.55
N LYS A 39 -0.48 -9.13 2.08
CA LYS A 39 -0.45 -9.39 3.52
C LYS A 39 -0.17 -8.13 4.31
N LYS A 40 0.88 -7.40 3.94
CA LYS A 40 1.27 -6.18 4.59
C LYS A 40 0.17 -5.12 4.51
N MET A 41 -0.37 -4.86 3.31
CA MET A 41 -1.40 -3.85 3.12
C MET A 41 -2.67 -4.25 3.88
N LYS A 42 -3.01 -5.55 3.87
CA LYS A 42 -4.11 -6.08 4.66
C LYS A 42 -3.81 -5.82 6.13
N GLY A 43 -2.56 -6.07 6.54
CA GLY A 43 -2.03 -5.84 7.86
C GLY A 43 -2.35 -4.41 8.29
N TYR A 44 -1.99 -3.44 7.44
CA TYR A 44 -2.26 -2.04 7.70
C TYR A 44 -3.76 -1.77 7.79
N ALA A 45 -4.55 -2.25 6.82
CA ALA A 45 -5.99 -2.04 6.79
C ALA A 45 -6.66 -2.55 8.07
N ASP A 46 -6.40 -3.81 8.42
CA ASP A 46 -6.96 -4.43 9.61
C ASP A 46 -6.40 -3.79 10.88
N GLY A 47 -5.11 -3.44 10.86
CA GLY A 47 -4.40 -2.84 11.98
C GLY A 47 -3.43 -3.84 12.63
N SER A 48 -3.33 -5.05 12.08
CA SER A 48 -2.40 -6.08 12.55
C SER A 48 -0.97 -5.58 12.36
N TYR A 49 -0.73 -4.87 11.24
CA TYR A 49 0.53 -4.22 10.96
C TYR A 49 0.25 -2.72 11.14
N GLY A 50 1.19 -1.95 11.70
CA GLY A 50 0.95 -0.54 11.91
C GLY A 50 2.02 0.07 12.80
N GLY A 51 1.71 1.24 13.36
CA GLY A 51 2.57 2.07 14.19
C GLY A 51 1.92 3.45 14.23
N GLU A 52 2.63 4.46 14.75
CA GLU A 52 2.11 5.81 14.88
C GLU A 52 1.73 6.40 13.52
N ARG A 53 2.73 6.84 12.74
CA ARG A 53 2.50 7.46 11.43
C ARG A 53 1.62 6.58 10.54
N LYS A 54 1.86 5.26 10.62
CA LYS A 54 1.17 4.25 9.87
C LYS A 54 -0.34 4.41 9.98
N ALA A 55 -0.85 4.93 11.11
CA ALA A 55 -2.29 5.15 11.30
C ALA A 55 -2.96 5.81 10.09
N MET A 56 -2.29 6.77 9.45
CA MET A 56 -2.84 7.45 8.28
C MET A 56 -3.04 6.44 7.14
N MET A 57 -1.97 5.70 6.84
CA MET A 57 -1.94 4.67 5.82
C MET A 57 -3.03 3.63 6.14
N THR A 58 -3.06 3.14 7.37
CA THR A 58 -4.07 2.22 7.87
C THR A 58 -5.47 2.75 7.52
N ASN A 59 -5.80 3.97 7.92
CA ASN A 59 -7.12 4.50 7.61
C ASN A 59 -7.34 4.53 6.10
N ALA A 60 -6.35 4.95 5.32
CA ALA A 60 -6.49 4.99 3.87
C ALA A 60 -6.80 3.60 3.31
N VAL A 61 -5.93 2.61 3.54
CA VAL A 61 -6.16 1.27 3.03
C VAL A 61 -7.42 0.64 3.63
N LYS A 62 -7.81 0.98 4.86
CA LYS A 62 -9.02 0.47 5.49
C LYS A 62 -10.25 0.76 4.63
N LYS A 63 -10.23 1.82 3.81
CA LYS A 63 -11.37 2.12 2.97
C LYS A 63 -11.56 1.09 1.85
N ALA A 64 -10.52 0.33 1.51
CA ALA A 64 -10.50 -0.63 0.43
C ALA A 64 -11.16 -1.96 0.84
N SER A 65 -12.05 -2.48 0.01
CA SER A 65 -12.69 -3.78 0.21
C SER A 65 -11.71 -4.89 -0.22
N ASP A 66 -11.97 -6.16 0.10
CA ASP A 66 -11.04 -7.26 -0.20
C ASP A 66 -10.48 -7.24 -1.63
N GLU A 67 -11.34 -7.01 -2.62
CA GLU A 67 -10.98 -6.95 -4.01
C GLU A 67 -9.90 -5.89 -4.23
N GLU A 68 -10.16 -4.71 -3.69
CA GLU A 68 -9.35 -3.54 -3.76
C GLU A 68 -8.02 -3.76 -3.02
N LEU A 69 -8.11 -4.33 -1.81
CA LEU A 69 -6.94 -4.68 -1.01
C LEU A 69 -5.99 -5.53 -1.88
N LYS A 70 -6.51 -6.61 -2.47
CA LYS A 70 -5.71 -7.43 -3.37
C LYS A 70 -5.23 -6.60 -4.57
N ALA A 71 -6.10 -5.76 -5.12
CA ALA A 71 -5.78 -4.93 -6.26
C ALA A 71 -4.57 -4.02 -6.01
N LEU A 72 -4.42 -3.44 -4.82
CA LEU A 72 -3.26 -2.62 -4.53
C LEU A 72 -1.99 -3.46 -4.74
N ALA A 73 -1.96 -4.62 -4.09
CA ALA A 73 -0.86 -5.56 -4.23
C ALA A 73 -0.62 -5.90 -5.70
N ASP A 74 -1.67 -6.22 -6.44
CA ASP A 74 -1.60 -6.51 -7.86
C ASP A 74 -0.91 -5.37 -8.63
N TYR A 75 -1.39 -4.14 -8.49
CA TYR A 75 -0.81 -2.98 -9.17
C TYR A 75 0.70 -2.89 -8.93
N MET A 76 1.11 -2.78 -7.67
CA MET A 76 2.48 -2.69 -7.26
C MET A 76 3.29 -3.90 -7.73
N SER A 77 2.78 -5.11 -7.55
CA SER A 77 3.50 -6.31 -7.97
C SER A 77 3.50 -6.53 -9.49
N LYS A 78 3.47 -5.46 -10.29
CA LYS A 78 3.51 -5.51 -11.74
C LYS A 78 4.12 -4.17 -12.19
N LEU A 79 5.06 -3.67 -11.40
CA LEU A 79 5.71 -2.40 -11.53
C LEU A 79 7.21 -2.62 -11.42
N ALA A 1 -11.48 -2.14 -8.06
CA ALA A 1 -10.85 -1.79 -9.34
C ALA A 1 -9.45 -2.40 -9.34
N ASP A 2 -8.76 -2.44 -10.48
CA ASP A 2 -7.45 -3.09 -10.59
C ASP A 2 -6.30 -2.29 -9.95
N GLY A 3 -6.44 -1.85 -8.70
CA GLY A 3 -5.39 -1.17 -7.94
C GLY A 3 -5.15 0.27 -8.41
N ALA A 4 -4.78 0.46 -9.67
CA ALA A 4 -4.40 1.72 -10.32
C ALA A 4 -5.22 2.91 -9.84
N ALA A 5 -6.55 2.79 -9.96
CA ALA A 5 -7.50 3.83 -9.59
C ALA A 5 -7.28 4.33 -8.16
N LEU A 6 -6.91 3.44 -7.25
CA LEU A 6 -6.61 3.76 -5.87
C LEU A 6 -5.16 4.28 -5.80
N TYR A 7 -4.24 3.49 -6.36
CA TYR A 7 -2.80 3.73 -6.35
C TYR A 7 -2.44 5.17 -6.68
N LYS A 8 -3.10 5.75 -7.69
CA LYS A 8 -2.86 7.13 -8.11
C LYS A 8 -2.81 8.11 -6.93
N SER A 9 -3.55 7.84 -5.85
CA SER A 9 -3.56 8.66 -4.65
C SER A 9 -2.27 8.44 -3.84
N CYS A 10 -1.91 7.16 -3.68
CA CYS A 10 -0.78 6.67 -2.90
C CYS A 10 0.52 7.29 -3.43
N ILE A 11 0.56 7.55 -4.75
CA ILE A 11 1.67 8.21 -5.42
C ILE A 11 2.16 9.41 -4.62
N GLY A 12 1.26 10.15 -3.97
CA GLY A 12 1.59 11.31 -3.15
C GLY A 12 2.78 11.03 -2.21
N CYS A 13 2.85 9.82 -1.65
CA CYS A 13 3.92 9.41 -0.75
C CYS A 13 4.87 8.42 -1.43
N HIS A 14 4.32 7.54 -2.26
CA HIS A 14 5.06 6.43 -2.86
C HIS A 14 5.79 6.74 -4.17
N GLY A 15 5.46 7.83 -4.85
CA GLY A 15 6.02 8.10 -6.16
C GLY A 15 5.27 7.26 -7.20
N ALA A 16 5.56 7.44 -8.48
CA ALA A 16 4.87 6.72 -9.55
C ALA A 16 5.35 5.27 -9.69
N ASP A 17 5.47 4.54 -8.58
CA ASP A 17 5.90 3.15 -8.53
C ASP A 17 5.93 2.59 -7.09
N GLY A 18 6.52 3.34 -6.16
CA GLY A 18 6.72 2.92 -4.78
C GLY A 18 8.20 2.99 -4.45
N SER A 19 8.80 4.15 -4.69
CA SER A 19 10.23 4.39 -4.61
C SER A 19 10.66 5.29 -3.45
N LYS A 20 10.12 6.52 -3.40
CA LYS A 20 10.58 7.60 -2.54
C LYS A 20 10.40 7.45 -1.01
N ALA A 21 10.46 6.22 -0.47
CA ALA A 21 10.45 5.87 0.94
C ALA A 21 9.40 6.57 1.83
N ALA A 22 8.32 7.07 1.23
CA ALA A 22 7.20 7.72 1.90
C ALA A 22 7.61 8.52 3.15
N MET A 23 7.01 8.20 4.31
CA MET A 23 7.34 8.87 5.56
C MET A 23 8.76 8.53 6.03
N GLY A 24 9.75 9.19 5.45
CA GLY A 24 11.14 9.15 5.87
C GLY A 24 11.91 7.87 5.49
N SER A 25 11.43 6.70 5.88
CA SER A 25 12.19 5.46 5.65
C SER A 25 11.31 4.23 5.49
N ALA A 26 10.26 4.34 4.67
CA ALA A 26 9.41 3.20 4.36
C ALA A 26 10.16 2.23 3.45
N LYS A 27 10.00 0.91 3.64
CA LYS A 27 10.57 -0.03 2.67
C LYS A 27 9.92 0.29 1.32
N PRO A 28 10.69 0.46 0.23
CA PRO A 28 10.08 0.74 -1.06
C PRO A 28 9.02 -0.30 -1.42
N VAL A 29 7.94 0.17 -2.01
CA VAL A 29 6.78 -0.62 -2.38
C VAL A 29 7.02 -1.31 -3.73
N LYS A 30 7.77 -0.64 -4.61
CA LYS A 30 8.08 -1.08 -5.97
C LYS A 30 8.31 -2.59 -6.04
N GLY A 31 7.29 -3.32 -6.46
CA GLY A 31 7.33 -4.76 -6.64
C GLY A 31 7.81 -5.56 -5.42
N GLN A 32 7.36 -5.28 -4.18
CA GLN A 32 7.81 -6.09 -3.02
C GLN A 32 7.56 -7.58 -3.30
N GLY A 33 6.29 -7.85 -3.55
CA GLY A 33 5.73 -9.15 -3.92
C GLY A 33 4.22 -9.13 -3.64
N ALA A 34 3.40 -9.89 -4.38
CA ALA A 34 1.96 -9.86 -4.17
C ALA A 34 1.59 -10.44 -2.81
N GLU A 35 2.26 -11.51 -2.41
CA GLU A 35 2.06 -12.16 -1.13
C GLU A 35 2.36 -11.15 -0.03
N GLU A 36 3.58 -10.61 -0.05
CA GLU A 36 4.09 -9.60 0.82
C GLU A 36 3.09 -8.46 0.93
N LEU A 37 2.83 -7.82 -0.20
CA LEU A 37 1.93 -6.69 -0.30
C LEU A 37 0.57 -7.07 0.31
N TYR A 38 -0.14 -8.06 -0.25
CA TYR A 38 -1.45 -8.45 0.25
C TYR A 38 -1.47 -8.59 1.78
N LYS A 39 -0.52 -9.35 2.32
CA LYS A 39 -0.40 -9.54 3.75
C LYS A 39 -0.23 -8.19 4.45
N LYS A 40 0.66 -7.32 3.95
CA LYS A 40 0.89 -6.01 4.49
C LYS A 40 -0.39 -5.15 4.44
N MET A 41 -1.02 -4.94 3.27
CA MET A 41 -2.25 -4.16 3.21
C MET A 41 -3.29 -4.72 4.20
N LYS A 42 -3.47 -6.04 4.26
CA LYS A 42 -4.39 -6.66 5.20
C LYS A 42 -3.98 -6.33 6.64
N GLY A 43 -2.70 -6.49 6.98
CA GLY A 43 -2.16 -6.21 8.30
C GLY A 43 -2.46 -4.77 8.72
N TYR A 44 -2.17 -3.82 7.83
CA TYR A 44 -2.43 -2.42 8.06
C TYR A 44 -3.93 -2.20 8.25
N ALA A 45 -4.76 -2.66 7.30
CA ALA A 45 -6.21 -2.51 7.36
C ALA A 45 -6.77 -3.06 8.68
N ASP A 46 -6.31 -4.25 9.08
CA ASP A 46 -6.67 -4.89 10.33
C ASP A 46 -6.19 -4.06 11.52
N GLY A 47 -5.01 -3.45 11.39
CA GLY A 47 -4.41 -2.61 12.41
C GLY A 47 -3.38 -3.38 13.24
N SER A 48 -2.90 -4.51 12.75
CA SER A 48 -1.89 -5.32 13.41
C SER A 48 -0.53 -4.82 12.94
N TYR A 49 -0.28 -4.96 11.64
CA TYR A 49 0.96 -4.53 11.03
C TYR A 49 0.93 -3.00 10.85
N GLY A 50 0.95 -2.28 11.97
CA GLY A 50 0.93 -0.81 12.00
C GLY A 50 2.05 -0.28 12.88
N GLY A 51 1.81 0.84 13.57
CA GLY A 51 2.79 1.51 14.41
C GLY A 51 2.41 2.99 14.56
N GLU A 52 3.40 3.89 14.63
CA GLU A 52 3.21 5.32 14.81
C GLU A 52 2.78 6.01 13.50
N ARG A 53 3.73 6.45 12.65
CA ARG A 53 3.41 7.10 11.37
C ARG A 53 2.45 6.25 10.55
N LYS A 54 2.59 4.94 10.71
CA LYS A 54 1.79 3.88 10.16
C LYS A 54 0.28 4.14 10.29
N ALA A 55 -0.13 4.93 11.29
CA ALA A 55 -1.52 5.33 11.45
C ALA A 55 -2.08 5.90 10.12
N MET A 56 -1.27 6.68 9.40
CA MET A 56 -1.66 7.25 8.12
C MET A 56 -1.97 6.12 7.14
N MET A 57 -1.01 5.19 7.02
CA MET A 57 -1.10 4.01 6.19
C MET A 57 -2.37 3.23 6.50
N THR A 58 -2.57 2.94 7.79
CA THR A 58 -3.72 2.24 8.32
C THR A 58 -4.99 2.86 7.76
N ASN A 59 -5.18 4.17 7.99
CA ASN A 59 -6.37 4.85 7.49
C ASN A 59 -6.44 4.78 5.96
N ALA A 60 -5.31 4.94 5.27
CA ALA A 60 -5.28 4.92 3.81
C ALA A 60 -5.82 3.60 3.29
N VAL A 61 -5.26 2.47 3.74
CA VAL A 61 -5.70 1.17 3.27
C VAL A 61 -7.11 0.86 3.77
N LYS A 62 -7.49 1.31 4.98
CA LYS A 62 -8.82 1.05 5.54
C LYS A 62 -9.94 1.48 4.57
N LYS A 63 -9.70 2.50 3.74
CA LYS A 63 -10.67 2.98 2.79
C LYS A 63 -10.95 1.96 1.66
N ALA A 64 -10.04 1.00 1.44
CA ALA A 64 -10.14 -0.01 0.38
C ALA A 64 -10.69 -1.32 0.94
N SER A 65 -11.50 -2.03 0.15
CA SER A 65 -12.10 -3.31 0.51
C SER A 65 -11.17 -4.46 0.11
N ASP A 66 -11.47 -5.70 0.50
CA ASP A 66 -10.61 -6.85 0.19
C ASP A 66 -10.25 -6.93 -1.30
N GLU A 67 -11.25 -6.78 -2.17
CA GLU A 67 -11.04 -6.80 -3.63
C GLU A 67 -9.94 -5.80 -4.00
N GLU A 68 -10.14 -4.57 -3.57
CA GLU A 68 -9.26 -3.48 -3.83
C GLU A 68 -7.87 -3.72 -3.24
N LEU A 69 -7.78 -4.14 -1.99
CA LEU A 69 -6.54 -4.42 -1.31
C LEU A 69 -5.75 -5.48 -2.09
N LYS A 70 -6.40 -6.58 -2.48
CA LYS A 70 -5.78 -7.60 -3.31
C LYS A 70 -5.28 -6.98 -4.61
N ALA A 71 -6.15 -6.20 -5.26
CA ALA A 71 -5.80 -5.56 -6.51
C ALA A 71 -4.66 -4.56 -6.35
N LEU A 72 -4.60 -3.81 -5.24
CA LEU A 72 -3.53 -2.88 -5.00
C LEU A 72 -2.24 -3.69 -4.94
N ALA A 73 -2.24 -4.76 -4.13
CA ALA A 73 -1.09 -5.64 -4.04
C ALA A 73 -0.68 -6.14 -5.43
N ASP A 74 -1.59 -6.78 -6.17
CA ASP A 74 -1.30 -7.29 -7.51
C ASP A 74 -0.70 -6.21 -8.40
N TYR A 75 -1.30 -5.02 -8.41
CA TYR A 75 -0.82 -3.90 -9.20
C TYR A 75 0.62 -3.55 -8.80
N MET A 76 0.86 -3.23 -7.53
CA MET A 76 2.16 -2.85 -7.01
C MET A 76 3.22 -3.95 -7.22
N SER A 77 2.82 -5.21 -7.29
CA SER A 77 3.73 -6.31 -7.57
C SER A 77 4.31 -6.23 -9.00
N LYS A 78 3.66 -5.49 -9.89
CA LYS A 78 4.05 -5.39 -11.30
C LYS A 78 4.39 -3.93 -11.57
N LEU A 79 5.21 -3.33 -10.71
CA LEU A 79 5.46 -1.92 -10.71
C LEU A 79 6.89 -1.67 -10.22
N ALA A 1 -12.12 1.35 -7.50
CA ALA A 1 -11.93 0.33 -8.55
C ALA A 1 -10.61 -0.39 -8.30
N ASP A 2 -10.44 -1.58 -8.90
CA ASP A 2 -9.34 -2.52 -8.75
C ASP A 2 -7.93 -1.90 -8.68
N GLY A 3 -7.52 -1.47 -7.47
CA GLY A 3 -6.18 -1.01 -7.15
C GLY A 3 -5.81 0.34 -7.75
N ALA A 4 -5.75 0.38 -9.07
CA ALA A 4 -5.31 1.54 -9.86
C ALA A 4 -5.89 2.85 -9.34
N ALA A 5 -7.21 2.89 -9.15
CA ALA A 5 -7.91 4.07 -8.69
C ALA A 5 -7.42 4.53 -7.31
N LEU A 6 -7.17 3.58 -6.39
CA LEU A 6 -6.74 3.89 -5.05
C LEU A 6 -5.30 4.42 -5.09
N TYR A 7 -4.44 3.69 -5.80
CA TYR A 7 -3.01 3.96 -5.88
C TYR A 7 -2.65 5.43 -6.11
N LYS A 8 -3.42 6.11 -6.96
CA LYS A 8 -3.27 7.52 -7.28
C LYS A 8 -3.04 8.36 -6.02
N SER A 9 -3.71 8.00 -4.92
CA SER A 9 -3.56 8.69 -3.64
C SER A 9 -2.18 8.40 -3.04
N CYS A 10 -1.85 7.11 -2.98
CA CYS A 10 -0.67 6.53 -2.36
C CYS A 10 0.59 7.11 -2.99
N ILE A 11 0.53 7.33 -4.31
CA ILE A 11 1.59 7.94 -5.09
C ILE A 11 2.12 9.19 -4.40
N GLY A 12 1.26 9.96 -3.72
CA GLY A 12 1.64 11.16 -2.99
C GLY A 12 2.88 10.93 -2.11
N CYS A 13 3.00 9.74 -1.51
CA CYS A 13 4.12 9.37 -0.66
C CYS A 13 5.05 8.41 -1.38
N HIS A 14 4.49 7.47 -2.16
CA HIS A 14 5.23 6.39 -2.79
C HIS A 14 5.98 6.76 -4.08
N GLY A 15 5.58 7.84 -4.73
CA GLY A 15 6.25 8.39 -5.90
C GLY A 15 6.20 7.51 -7.14
N ALA A 16 5.02 6.97 -7.46
CA ALA A 16 4.78 6.14 -8.64
C ALA A 16 5.54 4.82 -8.60
N ASP A 17 6.86 4.85 -8.74
CA ASP A 17 7.72 3.67 -8.76
C ASP A 17 8.03 3.15 -7.35
N GLY A 18 7.10 3.33 -6.40
CA GLY A 18 7.14 2.88 -5.02
C GLY A 18 8.54 2.77 -4.38
N SER A 19 9.38 3.79 -4.55
CA SER A 19 10.77 3.73 -4.09
C SER A 19 11.24 5.00 -3.38
N LYS A 20 10.58 6.15 -3.55
CA LYS A 20 11.03 7.34 -2.84
C LYS A 20 10.88 7.15 -1.33
N ALA A 21 11.74 7.80 -0.54
CA ALA A 21 11.62 7.74 0.91
C ALA A 21 10.28 8.35 1.30
N ALA A 22 9.46 7.62 2.05
CA ALA A 22 8.18 8.10 2.53
C ALA A 22 8.43 8.81 3.86
N MET A 23 7.67 8.50 4.90
CA MET A 23 7.90 9.04 6.23
C MET A 23 9.13 8.33 6.84
N GLY A 24 10.31 8.61 6.29
CA GLY A 24 11.57 8.00 6.69
C GLY A 24 11.81 6.72 5.89
N SER A 25 12.70 5.87 6.41
CA SER A 25 13.07 4.60 5.80
C SER A 25 11.86 3.66 5.80
N ALA A 26 11.32 3.36 4.62
CA ALA A 26 10.16 2.51 4.43
C ALA A 26 10.51 1.45 3.39
N LYS A 27 10.24 0.17 3.69
CA LYS A 27 10.44 -0.96 2.80
C LYS A 27 9.88 -0.62 1.41
N PRO A 28 10.72 -0.44 0.38
CA PRO A 28 10.28 -0.02 -0.94
C PRO A 28 9.16 -0.88 -1.55
N VAL A 29 7.98 -0.28 -1.70
CA VAL A 29 6.82 -0.87 -2.36
C VAL A 29 7.22 -1.56 -3.66
N LYS A 30 8.08 -0.89 -4.43
CA LYS A 30 8.67 -1.29 -5.69
C LYS A 30 8.82 -2.82 -5.77
N GLY A 31 7.77 -3.48 -6.25
CA GLY A 31 7.70 -4.92 -6.42
C GLY A 31 8.21 -5.76 -5.23
N GLN A 32 7.71 -5.52 -4.01
CA GLN A 32 8.09 -6.40 -2.87
C GLN A 32 7.79 -7.85 -3.26
N GLY A 33 6.56 -8.00 -3.75
CA GLY A 33 5.87 -9.16 -4.28
C GLY A 33 4.41 -8.95 -3.98
N ALA A 34 3.52 -9.52 -4.78
CA ALA A 34 2.08 -9.38 -4.58
C ALA A 34 1.68 -9.93 -3.22
N GLU A 35 2.23 -11.09 -2.86
CA GLU A 35 1.98 -11.73 -1.58
C GLU A 35 2.40 -10.80 -0.44
N GLU A 36 3.66 -10.36 -0.46
CA GLU A 36 4.26 -9.47 0.49
C GLU A 36 3.39 -8.23 0.65
N LEU A 37 3.15 -7.56 -0.48
CA LEU A 37 2.32 -6.37 -0.51
C LEU A 37 0.99 -6.71 0.16
N TYR A 38 0.20 -7.61 -0.43
CA TYR A 38 -1.10 -8.02 0.08
C TYR A 38 -1.09 -8.23 1.59
N LYS A 39 -0.13 -8.99 2.10
CA LYS A 39 0.00 -9.24 3.52
C LYS A 39 0.04 -7.93 4.30
N LYS A 40 0.87 -6.98 3.88
CA LYS A 40 0.99 -5.71 4.54
C LYS A 40 -0.25 -4.83 4.34
N MET A 41 -0.79 -4.64 3.12
CA MET A 41 -2.02 -3.84 3.00
C MET A 41 -3.16 -4.50 3.80
N LYS A 42 -3.20 -5.84 3.87
CA LYS A 42 -4.19 -6.54 4.66
C LYS A 42 -3.93 -6.23 6.14
N GLY A 43 -2.68 -6.33 6.59
CA GLY A 43 -2.26 -6.02 7.96
C GLY A 43 -2.72 -4.62 8.36
N TYR A 44 -2.39 -3.63 7.51
CA TYR A 44 -2.77 -2.24 7.70
C TYR A 44 -4.30 -2.13 7.75
N ALA A 45 -5.01 -2.63 6.73
CA ALA A 45 -6.47 -2.56 6.67
C ALA A 45 -7.12 -3.22 7.89
N ASP A 46 -6.58 -4.34 8.34
CA ASP A 46 -7.05 -5.07 9.51
C ASP A 46 -6.76 -4.24 10.77
N GLY A 47 -5.61 -3.57 10.80
CA GLY A 47 -5.18 -2.74 11.91
C GLY A 47 -4.27 -3.52 12.86
N SER A 48 -3.52 -4.50 12.33
CA SER A 48 -2.56 -5.28 13.09
C SER A 48 -1.18 -4.69 12.78
N TYR A 49 -0.71 -4.93 11.56
CA TYR A 49 0.53 -4.33 11.09
C TYR A 49 0.27 -2.82 11.00
N GLY A 50 1.19 -1.98 11.49
CA GLY A 50 0.99 -0.54 11.50
C GLY A 50 2.09 0.15 12.29
N GLY A 51 1.94 1.46 12.50
CA GLY A 51 2.86 2.31 13.23
C GLY A 51 2.36 3.74 13.11
N GLU A 52 2.81 4.65 13.97
CA GLU A 52 2.36 6.04 13.99
C GLU A 52 2.39 6.66 12.58
N ARG A 53 3.57 6.62 11.94
CA ARG A 53 3.76 7.17 10.61
C ARG A 53 2.82 6.56 9.57
N LYS A 54 2.33 5.35 9.84
CA LYS A 54 1.49 4.58 8.95
C LYS A 54 0.01 4.89 9.17
N ALA A 55 -0.35 5.75 10.12
CA ALA A 55 -1.75 6.06 10.44
C ALA A 55 -2.57 6.48 9.22
N MET A 56 -2.09 7.46 8.46
CA MET A 56 -2.79 7.95 7.27
C MET A 56 -3.07 6.78 6.32
N MET A 57 -1.99 6.09 5.94
CA MET A 57 -2.03 4.93 5.07
C MET A 57 -3.03 3.90 5.61
N THR A 58 -2.97 3.62 6.91
CA THR A 58 -3.88 2.69 7.58
C THR A 58 -5.32 3.12 7.31
N ASN A 59 -5.66 4.38 7.58
CA ASN A 59 -7.01 4.87 7.33
C ASN A 59 -7.35 4.72 5.84
N ALA A 60 -6.42 5.03 4.95
CA ALA A 60 -6.66 4.91 3.52
C ALA A 60 -7.05 3.46 3.17
N VAL A 61 -6.20 2.50 3.51
CA VAL A 61 -6.51 1.11 3.21
C VAL A 61 -7.76 0.62 3.96
N LYS A 62 -8.03 1.16 5.16
CA LYS A 62 -9.25 0.81 5.91
C LYS A 62 -10.49 1.09 5.05
N LYS A 63 -10.43 2.08 4.16
CA LYS A 63 -11.54 2.44 3.29
C LYS A 63 -11.65 1.50 2.08
N ALA A 64 -10.64 0.65 1.81
CA ALA A 64 -10.58 -0.25 0.68
C ALA A 64 -11.10 -1.64 1.06
N SER A 65 -11.81 -2.31 0.15
CA SER A 65 -12.34 -3.64 0.40
C SER A 65 -11.29 -4.69 0.02
N ASP A 66 -11.53 -5.96 0.34
CA ASP A 66 -10.59 -7.04 0.05
C ASP A 66 -10.19 -7.07 -1.42
N GLU A 67 -11.15 -6.87 -2.32
CA GLU A 67 -10.95 -6.85 -3.74
C GLU A 67 -9.95 -5.74 -4.10
N GLU A 68 -10.23 -4.53 -3.63
CA GLU A 68 -9.41 -3.37 -3.82
C GLU A 68 -8.01 -3.67 -3.29
N LEU A 69 -7.88 -4.18 -2.06
CA LEU A 69 -6.63 -4.49 -1.43
C LEU A 69 -5.81 -5.47 -2.26
N LYS A 70 -6.38 -6.61 -2.66
CA LYS A 70 -5.70 -7.58 -3.52
C LYS A 70 -5.24 -6.91 -4.81
N ALA A 71 -6.12 -6.13 -5.42
CA ALA A 71 -5.79 -5.44 -6.65
C ALA A 71 -4.72 -4.37 -6.44
N LEU A 72 -4.69 -3.72 -5.28
CA LEU A 72 -3.72 -2.69 -4.95
C LEU A 72 -2.35 -3.36 -4.87
N ALA A 73 -2.33 -4.48 -4.14
CA ALA A 73 -1.16 -5.33 -4.05
C ALA A 73 -0.69 -5.73 -5.45
N ASP A 74 -1.57 -6.33 -6.25
CA ASP A 74 -1.27 -6.74 -7.61
C ASP A 74 -0.70 -5.58 -8.42
N TYR A 75 -1.31 -4.39 -8.34
CA TYR A 75 -0.83 -3.22 -9.04
C TYR A 75 0.62 -2.94 -8.64
N MET A 76 0.86 -2.71 -7.35
CA MET A 76 2.17 -2.39 -6.82
C MET A 76 3.19 -3.50 -7.07
N SER A 77 2.77 -4.76 -7.21
CA SER A 77 3.69 -5.84 -7.49
C SER A 77 4.29 -5.73 -8.90
N LYS A 78 3.68 -4.97 -9.81
CA LYS A 78 4.13 -4.84 -11.18
C LYS A 78 4.78 -3.47 -11.42
N LEU A 79 5.59 -3.00 -10.48
CA LEU A 79 6.32 -1.79 -10.52
C LEU A 79 7.80 -2.18 -10.57
N ALA A 1 -12.10 -5.54 -10.34
CA ALA A 1 -10.74 -5.26 -9.84
C ALA A 1 -10.47 -3.78 -10.06
N ASP A 2 -9.44 -3.22 -9.41
CA ASP A 2 -9.04 -1.83 -9.56
C ASP A 2 -7.56 -1.70 -9.22
N GLY A 3 -7.30 -1.23 -8.02
CA GLY A 3 -5.96 -1.00 -7.48
C GLY A 3 -5.37 0.28 -8.07
N ALA A 4 -5.27 0.35 -9.39
CA ALA A 4 -4.72 1.49 -10.12
C ALA A 4 -5.26 2.83 -9.60
N ALA A 5 -6.59 2.97 -9.51
CA ALA A 5 -7.20 4.21 -9.07
C ALA A 5 -6.88 4.52 -7.61
N LEU A 6 -6.88 3.50 -6.75
CA LEU A 6 -6.63 3.61 -5.34
C LEU A 6 -5.19 4.09 -5.09
N TYR A 7 -4.25 3.50 -5.84
CA TYR A 7 -2.83 3.78 -5.71
C TYR A 7 -2.47 5.26 -5.75
N LYS A 8 -3.08 5.98 -6.70
CA LYS A 8 -2.85 7.37 -6.98
C LYS A 8 -2.43 8.19 -5.75
N SER A 9 -3.29 8.33 -4.75
CA SER A 9 -3.02 9.11 -3.55
C SER A 9 -1.70 8.71 -2.85
N CYS A 10 -1.39 7.42 -2.86
CA CYS A 10 -0.23 6.83 -2.19
C CYS A 10 1.06 7.38 -2.75
N ILE A 11 1.03 7.85 -4.01
CA ILE A 11 2.17 8.48 -4.67
C ILE A 11 2.77 9.54 -3.74
N GLY A 12 1.93 10.22 -2.94
CA GLY A 12 2.35 11.22 -1.99
C GLY A 12 3.55 10.78 -1.15
N CYS A 13 3.62 9.50 -0.78
CA CYS A 13 4.73 8.96 0.00
C CYS A 13 5.57 7.98 -0.80
N HIS A 14 4.97 7.24 -1.73
CA HIS A 14 5.64 6.17 -2.46
C HIS A 14 6.19 6.53 -3.84
N GLY A 15 5.70 7.60 -4.46
CA GLY A 15 6.13 7.94 -5.80
C GLY A 15 5.39 7.12 -6.85
N ALA A 16 5.48 7.56 -8.11
CA ALA A 16 4.79 6.93 -9.24
C ALA A 16 5.04 5.43 -9.27
N ASP A 17 6.30 5.03 -9.43
CA ASP A 17 6.72 3.63 -9.50
C ASP A 17 7.05 3.06 -8.13
N GLY A 18 6.29 3.47 -7.12
CA GLY A 18 6.39 3.04 -5.73
C GLY A 18 7.82 2.92 -5.22
N SER A 19 8.70 3.82 -5.65
CA SER A 19 10.13 3.81 -5.41
C SER A 19 10.52 4.41 -4.06
N LYS A 20 9.90 5.52 -3.65
CA LYS A 20 10.23 6.20 -2.46
C LYS A 20 9.94 5.35 -1.23
N ALA A 21 10.92 5.25 -0.32
CA ALA A 21 10.84 4.50 0.93
C ALA A 21 10.00 5.23 1.99
N ALA A 22 8.88 5.82 1.55
CA ALA A 22 7.97 6.61 2.35
C ALA A 22 8.70 7.59 3.26
N MET A 23 8.19 7.78 4.47
CA MET A 23 8.75 8.66 5.48
C MET A 23 9.20 7.80 6.67
N GLY A 24 9.85 6.66 6.41
CA GLY A 24 10.27 5.78 7.49
C GLY A 24 11.02 4.55 6.98
N SER A 25 11.94 4.73 6.04
CA SER A 25 12.76 3.64 5.48
C SER A 25 11.92 2.43 5.08
N ALA A 26 10.80 2.68 4.40
CA ALA A 26 9.90 1.63 3.95
C ALA A 26 10.56 0.76 2.90
N LYS A 27 10.25 -0.54 2.86
CA LYS A 27 10.72 -1.34 1.73
C LYS A 27 9.98 -0.73 0.55
N PRO A 28 10.64 -0.42 -0.57
CA PRO A 28 9.97 0.24 -1.67
C PRO A 28 8.79 -0.61 -2.11
N VAL A 29 7.67 0.03 -2.41
CA VAL A 29 6.47 -0.66 -2.82
C VAL A 29 6.77 -1.39 -4.13
N LYS A 30 7.46 -0.67 -5.04
CA LYS A 30 7.89 -1.09 -6.37
C LYS A 30 8.08 -2.60 -6.48
N GLY A 31 7.02 -3.31 -6.82
CA GLY A 31 7.01 -4.74 -6.99
C GLY A 31 7.73 -5.54 -5.90
N GLN A 32 7.59 -5.18 -4.62
CA GLN A 32 8.27 -5.97 -3.56
C GLN A 32 7.80 -7.44 -3.61
N GLY A 33 6.52 -7.63 -3.92
CA GLY A 33 5.88 -8.90 -4.26
C GLY A 33 4.40 -8.90 -3.91
N ALA A 34 3.50 -9.39 -4.76
CA ALA A 34 2.05 -9.39 -4.47
C ALA A 34 1.73 -10.00 -3.11
N GLU A 35 2.45 -11.05 -2.71
CA GLU A 35 2.26 -11.67 -1.41
C GLU A 35 2.60 -10.64 -0.31
N GLU A 36 3.82 -10.11 -0.39
CA GLU A 36 4.37 -9.09 0.51
C GLU A 36 3.37 -7.96 0.65
N LEU A 37 3.09 -7.34 -0.49
CA LEU A 37 2.19 -6.25 -0.69
C LEU A 37 0.81 -6.58 -0.13
N TYR A 38 0.23 -7.73 -0.46
CA TYR A 38 -1.09 -8.09 0.05
C TYR A 38 -1.07 -8.16 1.58
N LYS A 39 -0.08 -8.84 2.14
CA LYS A 39 0.02 -9.00 3.57
C LYS A 39 0.14 -7.67 4.29
N LYS A 40 1.10 -6.85 3.87
CA LYS A 40 1.37 -5.56 4.47
C LYS A 40 0.22 -4.58 4.21
N MET A 41 -0.34 -4.56 3.00
CA MET A 41 -1.45 -3.66 2.68
C MET A 41 -2.69 -4.08 3.47
N LYS A 42 -2.96 -5.38 3.56
CA LYS A 42 -4.05 -5.90 4.38
C LYS A 42 -3.74 -5.54 5.84
N GLY A 43 -2.47 -5.68 6.22
CA GLY A 43 -1.88 -5.28 7.47
C GLY A 43 -2.38 -3.89 7.87
N TYR A 44 -2.02 -2.93 7.02
CA TYR A 44 -2.36 -1.53 7.18
C TYR A 44 -3.88 -1.36 7.20
N ALA A 45 -4.58 -1.93 6.22
CA ALA A 45 -6.03 -1.83 6.11
C ALA A 45 -6.74 -2.36 7.36
N ASP A 46 -6.21 -3.42 7.97
CA ASP A 46 -6.79 -3.97 9.18
C ASP A 46 -6.47 -3.02 10.33
N GLY A 47 -5.22 -2.56 10.38
CA GLY A 47 -4.74 -1.63 11.40
C GLY A 47 -3.82 -2.30 12.41
N SER A 48 -3.66 -3.63 12.33
CA SER A 48 -2.79 -4.39 13.18
C SER A 48 -1.35 -4.00 12.81
N TYR A 49 -1.02 -4.26 11.54
CA TYR A 49 0.27 -3.89 10.99
C TYR A 49 0.23 -2.38 10.70
N GLY A 50 0.30 -1.55 11.75
CA GLY A 50 0.24 -0.11 11.59
C GLY A 50 0.52 0.60 12.91
N GLY A 51 0.44 1.95 12.90
CA GLY A 51 0.70 2.79 14.06
C GLY A 51 1.40 4.08 13.64
N GLU A 52 1.37 5.09 14.51
CA GLU A 52 1.98 6.41 14.33
C GLU A 52 1.76 6.93 12.90
N ARG A 53 2.84 7.15 12.16
CA ARG A 53 2.80 7.69 10.81
C ARG A 53 1.96 6.82 9.87
N LYS A 54 1.99 5.50 10.12
CA LYS A 54 1.30 4.52 9.31
C LYS A 54 -0.20 4.57 9.55
N ALA A 55 -0.65 5.27 10.61
CA ALA A 55 -2.08 5.41 10.90
C ALA A 55 -2.85 6.00 9.72
N MET A 56 -2.28 7.04 9.08
CA MET A 56 -2.88 7.69 7.93
C MET A 56 -3.12 6.67 6.82
N MET A 57 -2.04 5.99 6.43
CA MET A 57 -2.04 4.94 5.42
C MET A 57 -3.09 3.89 5.80
N THR A 58 -3.04 3.41 7.05
CA THR A 58 -3.99 2.45 7.58
C THR A 58 -5.42 2.92 7.28
N ASN A 59 -5.81 4.12 7.71
CA ASN A 59 -7.17 4.56 7.46
C ASN A 59 -7.43 4.67 5.95
N ALA A 60 -6.45 5.13 5.17
CA ALA A 60 -6.63 5.23 3.73
C ALA A 60 -6.95 3.85 3.14
N VAL A 61 -6.05 2.87 3.26
CA VAL A 61 -6.29 1.54 2.70
C VAL A 61 -7.48 0.85 3.36
N LYS A 62 -7.80 1.15 4.63
CA LYS A 62 -8.94 0.58 5.34
C LYS A 62 -10.24 0.73 4.54
N LYS A 63 -10.38 1.76 3.70
CA LYS A 63 -11.58 1.92 2.90
C LYS A 63 -11.77 0.76 1.89
N ALA A 64 -10.67 0.16 1.43
CA ALA A 64 -10.66 -0.90 0.43
C ALA A 64 -11.11 -2.23 1.04
N SER A 65 -12.08 -2.89 0.39
CA SER A 65 -12.55 -4.23 0.78
C SER A 65 -11.66 -5.28 0.11
N ASP A 66 -11.84 -6.58 0.38
CA ASP A 66 -10.94 -7.61 -0.15
C ASP A 66 -10.60 -7.49 -1.64
N GLU A 67 -11.59 -7.25 -2.51
CA GLU A 67 -11.32 -7.16 -3.94
C GLU A 67 -10.29 -6.06 -4.21
N GLU A 68 -10.56 -4.89 -3.66
CA GLU A 68 -9.77 -3.70 -3.75
C GLU A 68 -8.38 -3.97 -3.17
N LEU A 69 -8.32 -4.50 -1.95
CA LEU A 69 -7.06 -4.83 -1.28
C LEU A 69 -6.21 -5.74 -2.18
N LYS A 70 -6.78 -6.87 -2.62
CA LYS A 70 -6.11 -7.83 -3.49
C LYS A 70 -5.61 -7.13 -4.75
N ALA A 71 -6.48 -6.36 -5.38
CA ALA A 71 -6.13 -5.63 -6.59
C ALA A 71 -5.05 -4.59 -6.34
N LEU A 72 -5.01 -3.95 -5.16
CA LEU A 72 -4.02 -2.94 -4.88
C LEU A 72 -2.68 -3.66 -4.81
N ALA A 73 -2.63 -4.79 -4.09
CA ALA A 73 -1.44 -5.61 -4.02
C ALA A 73 -0.99 -6.01 -5.44
N ASP A 74 -1.90 -6.58 -6.24
CA ASP A 74 -1.60 -6.97 -7.60
C ASP A 74 -1.01 -5.81 -8.39
N TYR A 75 -1.67 -4.65 -8.35
CA TYR A 75 -1.21 -3.44 -9.04
C TYR A 75 0.22 -3.10 -8.62
N MET A 76 0.43 -2.85 -7.32
CA MET A 76 1.74 -2.57 -6.77
C MET A 76 2.77 -3.66 -7.11
N SER A 77 2.33 -4.90 -7.29
CA SER A 77 3.21 -5.99 -7.68
C SER A 77 3.63 -5.92 -9.14
N LYS A 78 3.15 -4.94 -9.92
CA LYS A 78 3.43 -4.75 -11.33
C LYS A 78 3.64 -3.26 -11.52
N LEU A 79 4.50 -2.67 -10.70
CA LEU A 79 4.72 -1.26 -10.60
C LEU A 79 6.17 -1.08 -10.16
N ALA A 1 -10.53 1.54 -11.82
CA ALA A 1 -10.71 0.11 -11.47
C ALA A 1 -9.97 -0.17 -10.16
N ASP A 2 -10.25 -1.32 -9.53
CA ASP A 2 -9.61 -1.76 -8.30
C ASP A 2 -8.08 -1.70 -8.44
N GLY A 3 -7.38 -1.52 -7.32
CA GLY A 3 -5.93 -1.41 -7.30
C GLY A 3 -5.50 -0.03 -7.77
N ALA A 4 -5.70 0.19 -9.07
CA ALA A 4 -5.32 1.40 -9.77
C ALA A 4 -5.93 2.65 -9.14
N ALA A 5 -7.27 2.66 -8.99
CA ALA A 5 -7.98 3.80 -8.44
C ALA A 5 -7.43 4.17 -7.05
N LEU A 6 -7.25 3.17 -6.20
CA LEU A 6 -6.75 3.37 -4.85
C LEU A 6 -5.31 3.88 -4.88
N TYR A 7 -4.46 3.29 -5.75
CA TYR A 7 -3.06 3.67 -5.83
C TYR A 7 -2.87 5.17 -6.05
N LYS A 8 -3.81 5.84 -6.72
CA LYS A 8 -3.75 7.28 -6.92
C LYS A 8 -3.59 8.02 -5.59
N SER A 9 -4.18 7.51 -4.51
CA SER A 9 -4.09 8.11 -3.18
C SER A 9 -2.80 7.73 -2.44
N CYS A 10 -1.88 7.03 -3.10
CA CYS A 10 -0.61 6.54 -2.55
C CYS A 10 0.55 7.13 -3.35
N ILE A 11 0.35 7.26 -4.67
CA ILE A 11 1.25 7.95 -5.58
C ILE A 11 1.62 9.29 -4.96
N GLY A 12 2.81 9.78 -5.29
CA GLY A 12 3.28 11.04 -4.74
C GLY A 12 4.03 10.78 -3.44
N CYS A 13 3.45 10.03 -2.47
CA CYS A 13 4.23 9.76 -1.27
C CYS A 13 5.25 8.69 -1.61
N HIS A 14 4.76 7.66 -2.28
CA HIS A 14 5.55 6.55 -2.80
C HIS A 14 6.31 6.93 -4.07
N GLY A 15 5.83 7.98 -4.74
CA GLY A 15 6.37 8.51 -5.97
C GLY A 15 5.52 7.96 -7.10
N ALA A 16 6.15 7.36 -8.10
CA ALA A 16 5.47 6.73 -9.24
C ALA A 16 5.69 5.23 -9.14
N ASP A 17 6.92 4.77 -9.38
CA ASP A 17 7.31 3.37 -9.36
C ASP A 17 7.65 2.91 -7.94
N GLY A 18 6.74 3.20 -7.01
CA GLY A 18 6.77 2.89 -5.59
C GLY A 18 8.15 2.76 -4.95
N SER A 19 9.05 3.73 -5.19
CA SER A 19 10.43 3.70 -4.73
C SER A 19 10.74 4.66 -3.58
N LYS A 20 9.93 5.70 -3.35
CA LYS A 20 10.25 6.63 -2.27
C LYS A 20 10.18 5.94 -0.91
N ALA A 21 11.29 5.95 -0.16
CA ALA A 21 11.35 5.43 1.19
C ALA A 21 10.79 6.47 2.18
N ALA A 22 9.68 7.10 1.77
CA ALA A 22 8.97 8.25 2.32
C ALA A 22 9.10 8.53 3.82
N MET A 23 7.98 8.42 4.55
CA MET A 23 7.96 8.76 5.97
C MET A 23 8.91 7.88 6.80
N GLY A 24 10.14 8.35 6.98
CA GLY A 24 11.13 7.76 7.87
C GLY A 24 11.71 6.44 7.40
N SER A 25 12.34 6.45 6.21
CA SER A 25 13.08 5.31 5.66
C SER A 25 12.22 4.07 5.49
N ALA A 26 11.11 4.22 4.76
CA ALA A 26 10.20 3.13 4.46
C ALA A 26 10.85 2.14 3.48
N LYS A 27 10.55 0.83 3.59
CA LYS A 27 11.06 -0.08 2.55
C LYS A 27 10.41 0.32 1.23
N PRO A 28 11.11 0.23 0.09
CA PRO A 28 10.50 0.55 -1.19
C PRO A 28 9.41 -0.49 -1.47
N VAL A 29 8.34 -0.05 -2.13
CA VAL A 29 7.16 -0.88 -2.38
C VAL A 29 7.26 -1.57 -3.73
N LYS A 30 7.97 -0.93 -4.67
CA LYS A 30 8.21 -1.41 -6.03
C LYS A 30 8.41 -2.92 -6.06
N GLY A 31 7.35 -3.64 -6.43
CA GLY A 31 7.34 -5.08 -6.56
C GLY A 31 7.88 -5.86 -5.35
N GLN A 32 7.47 -5.57 -4.10
CA GLN A 32 7.90 -6.42 -2.97
C GLN A 32 7.56 -7.88 -3.26
N GLY A 33 6.30 -8.02 -3.65
CA GLY A 33 5.63 -9.23 -4.14
C GLY A 33 4.15 -9.14 -3.82
N ALA A 34 3.31 -9.82 -4.59
CA ALA A 34 1.88 -9.76 -4.38
C ALA A 34 1.47 -10.29 -3.00
N GLU A 35 2.06 -11.40 -2.58
CA GLU A 35 1.77 -11.99 -1.28
C GLU A 35 2.17 -11.00 -0.19
N GLU A 36 3.43 -10.56 -0.24
CA GLU A 36 4.03 -9.61 0.66
C GLU A 36 3.12 -8.39 0.77
N LEU A 37 2.91 -7.72 -0.35
CA LEU A 37 2.08 -6.54 -0.47
C LEU A 37 0.71 -6.84 0.13
N TYR A 38 -0.04 -7.80 -0.41
CA TYR A 38 -1.37 -8.16 0.09
C TYR A 38 -1.40 -8.24 1.60
N LYS A 39 -0.49 -9.02 2.19
CA LYS A 39 -0.41 -9.15 3.63
C LYS A 39 -0.19 -7.78 4.30
N LYS A 40 0.74 -6.98 3.77
CA LYS A 40 1.04 -5.65 4.28
C LYS A 40 -0.19 -4.72 4.18
N MET A 41 -0.77 -4.51 2.99
CA MET A 41 -1.96 -3.65 2.87
C MET A 41 -3.12 -4.19 3.71
N LYS A 42 -3.33 -5.51 3.75
CA LYS A 42 -4.37 -6.09 4.59
C LYS A 42 -4.07 -5.74 6.05
N GLY A 43 -2.82 -5.92 6.48
CA GLY A 43 -2.36 -5.61 7.82
C GLY A 43 -2.63 -4.14 8.17
N TYR A 44 -2.26 -3.24 7.26
CA TYR A 44 -2.51 -1.81 7.41
C TYR A 44 -4.01 -1.61 7.60
N ALA A 45 -4.84 -2.13 6.69
CA ALA A 45 -6.29 -2.00 6.74
C ALA A 45 -6.87 -2.51 8.06
N ASP A 46 -6.42 -3.68 8.50
CA ASP A 46 -6.83 -4.27 9.77
C ASP A 46 -6.41 -3.36 10.92
N GLY A 47 -5.25 -2.72 10.78
CA GLY A 47 -4.66 -1.87 11.80
C GLY A 47 -3.75 -2.70 12.71
N SER A 48 -3.25 -3.82 12.21
CA SER A 48 -2.35 -4.70 12.94
C SER A 48 -0.94 -4.27 12.55
N TYR A 49 -0.60 -4.45 11.27
CA TYR A 49 0.65 -4.00 10.70
C TYR A 49 0.56 -2.48 10.54
N GLY A 50 0.60 -1.73 11.63
CA GLY A 50 0.52 -0.28 11.57
C GLY A 50 0.90 0.33 12.92
N GLY A 51 1.06 1.65 12.94
CA GLY A 51 1.45 2.41 14.11
C GLY A 51 1.97 3.77 13.67
N GLU A 52 2.00 4.73 14.59
CA GLU A 52 2.44 6.11 14.39
C GLU A 52 2.12 6.64 12.99
N ARG A 53 3.16 6.93 12.20
CA ARG A 53 3.08 7.49 10.88
C ARG A 53 2.16 6.69 9.94
N LYS A 54 2.09 5.38 10.14
CA LYS A 54 1.33 4.48 9.28
C LYS A 54 -0.17 4.54 9.59
N ALA A 55 -0.59 5.25 10.63
CA ALA A 55 -2.01 5.40 10.97
C ALA A 55 -2.82 5.91 9.77
N MET A 56 -2.24 6.88 9.04
CA MET A 56 -2.86 7.45 7.85
C MET A 56 -3.11 6.35 6.81
N MET A 57 -2.09 5.53 6.56
CA MET A 57 -2.17 4.41 5.65
C MET A 57 -3.28 3.46 6.11
N THR A 58 -3.23 3.06 7.38
CA THR A 58 -4.25 2.22 7.99
C THR A 58 -5.64 2.78 7.65
N ASN A 59 -5.91 4.04 7.98
CA ASN A 59 -7.21 4.62 7.67
C ASN A 59 -7.50 4.53 6.18
N ALA A 60 -6.54 4.92 5.32
CA ALA A 60 -6.73 4.90 3.88
C ALA A 60 -7.18 3.52 3.40
N VAL A 61 -6.37 2.48 3.64
CA VAL A 61 -6.74 1.15 3.17
C VAL A 61 -7.90 0.55 3.98
N LYS A 62 -8.16 0.99 5.22
CA LYS A 62 -9.31 0.52 5.99
C LYS A 62 -10.61 0.84 5.23
N LYS A 63 -10.63 1.92 4.43
CA LYS A 63 -11.80 2.26 3.62
C LYS A 63 -11.95 1.32 2.41
N ALA A 64 -10.93 0.51 2.09
CA ALA A 64 -10.94 -0.47 1.02
C ALA A 64 -11.53 -1.78 1.53
N SER A 65 -11.39 -2.86 0.76
CA SER A 65 -11.83 -4.21 1.07
C SER A 65 -11.01 -5.19 0.22
N ASP A 66 -11.22 -6.50 0.42
CA ASP A 66 -10.43 -7.56 -0.20
C ASP A 66 -10.12 -7.34 -1.68
N GLU A 67 -11.14 -7.10 -2.51
CA GLU A 67 -11.00 -6.89 -3.93
C GLU A 67 -9.92 -5.85 -4.21
N GLU A 68 -10.10 -4.69 -3.58
CA GLU A 68 -9.24 -3.55 -3.67
C GLU A 68 -7.84 -3.90 -3.19
N LEU A 69 -7.71 -4.49 -1.99
CA LEU A 69 -6.46 -4.86 -1.38
C LEU A 69 -5.65 -5.79 -2.29
N LYS A 70 -6.29 -6.85 -2.79
CA LYS A 70 -5.64 -7.79 -3.70
C LYS A 70 -5.16 -7.03 -4.93
N ALA A 71 -6.05 -6.23 -5.54
CA ALA A 71 -5.70 -5.49 -6.72
C ALA A 71 -4.60 -4.45 -6.46
N LEU A 72 -4.58 -3.84 -5.27
CA LEU A 72 -3.58 -2.89 -4.87
C LEU A 72 -2.24 -3.60 -4.88
N ALA A 73 -2.18 -4.75 -4.20
CA ALA A 73 -0.99 -5.58 -4.19
C ALA A 73 -0.58 -5.91 -5.63
N ASP A 74 -1.51 -6.47 -6.42
CA ASP A 74 -1.25 -6.82 -7.82
C ASP A 74 -0.66 -5.63 -8.58
N TYR A 75 -1.20 -4.41 -8.39
CA TYR A 75 -0.66 -3.23 -9.05
C TYR A 75 0.83 -3.06 -8.70
N MET A 76 1.11 -2.89 -7.40
CA MET A 76 2.45 -2.69 -6.89
C MET A 76 3.40 -3.85 -7.21
N SER A 77 2.88 -5.06 -7.43
CA SER A 77 3.66 -6.20 -7.84
C SER A 77 4.23 -6.06 -9.26
N LYS A 78 3.69 -5.13 -10.08
CA LYS A 78 4.13 -4.93 -11.45
C LYS A 78 4.33 -3.43 -11.60
N LEU A 79 5.31 -2.91 -10.85
CA LEU A 79 5.59 -1.52 -10.70
C LEU A 79 7.11 -1.37 -10.67
N ALA A 1 -14.41 0.62 -7.36
CA ALA A 1 -13.01 1.09 -7.49
C ALA A 1 -12.11 -0.13 -7.33
N ASP A 2 -10.82 -0.02 -7.68
CA ASP A 2 -9.86 -1.11 -7.57
C ASP A 2 -8.48 -0.54 -7.32
N GLY A 3 -7.54 -1.41 -6.98
CA GLY A 3 -6.13 -1.15 -6.74
C GLY A 3 -5.57 0.03 -7.54
N ALA A 4 -5.74 0.02 -8.86
CA ALA A 4 -5.20 1.08 -9.71
C ALA A 4 -5.77 2.46 -9.38
N ALA A 5 -7.09 2.53 -9.14
CA ALA A 5 -7.72 3.79 -8.79
C ALA A 5 -7.23 4.22 -7.41
N LEU A 6 -7.31 3.30 -6.45
CA LEU A 6 -6.89 3.47 -5.08
C LEU A 6 -5.48 4.06 -5.00
N TYR A 7 -4.56 3.46 -5.75
CA TYR A 7 -3.16 3.81 -5.75
C TYR A 7 -2.89 5.31 -5.85
N LYS A 8 -3.76 6.07 -6.53
CA LYS A 8 -3.63 7.51 -6.65
C LYS A 8 -3.38 8.15 -5.27
N SER A 9 -4.06 7.65 -4.24
CA SER A 9 -3.98 8.16 -2.88
C SER A 9 -2.58 8.00 -2.26
N CYS A 10 -1.77 7.07 -2.77
CA CYS A 10 -0.44 6.75 -2.25
C CYS A 10 0.64 7.61 -2.89
N ILE A 11 0.35 8.13 -4.10
CA ILE A 11 1.24 9.05 -4.80
C ILE A 11 1.53 10.20 -3.84
N GLY A 12 2.76 10.70 -3.83
CA GLY A 12 3.18 11.73 -2.91
C GLY A 12 4.05 11.09 -1.84
N CYS A 13 3.67 9.91 -1.32
CA CYS A 13 4.49 9.23 -0.34
C CYS A 13 5.35 8.18 -1.07
N HIS A 14 4.75 7.49 -2.02
CA HIS A 14 5.35 6.38 -2.73
C HIS A 14 5.81 6.67 -4.16
N GLY A 15 5.15 7.61 -4.84
CA GLY A 15 5.46 7.98 -6.21
C GLY A 15 4.49 7.30 -7.18
N ALA A 16 4.86 7.18 -8.46
CA ALA A 16 3.99 6.58 -9.48
C ALA A 16 3.91 5.05 -9.37
N ASP A 17 5.05 4.40 -9.23
CA ASP A 17 5.13 2.95 -9.14
C ASP A 17 4.93 2.50 -7.69
N GLY A 18 5.87 2.89 -6.82
CA GLY A 18 5.87 2.62 -5.40
C GLY A 18 7.32 2.54 -4.89
N SER A 19 8.17 3.45 -5.36
CA SER A 19 9.60 3.42 -5.11
C SER A 19 10.05 4.40 -4.02
N LYS A 20 9.48 5.59 -3.97
CA LYS A 20 9.90 6.66 -3.13
C LYS A 20 9.86 6.29 -1.64
N ALA A 21 10.94 6.64 -0.93
CA ALA A 21 11.03 6.49 0.50
C ALA A 21 10.06 7.51 1.09
N ALA A 22 9.01 7.02 1.76
CA ALA A 22 7.96 7.84 2.34
C ALA A 22 8.42 8.45 3.67
N MET A 23 7.69 8.18 4.76
CA MET A 23 8.06 8.66 6.08
C MET A 23 9.31 7.91 6.54
N GLY A 24 10.48 8.38 6.11
CA GLY A 24 11.77 7.79 6.42
C GLY A 24 12.09 6.70 5.40
N SER A 25 13.11 5.88 5.70
CA SER A 25 13.62 4.81 4.87
C SER A 25 12.66 3.62 4.73
N ALA A 26 11.45 3.88 4.25
CA ALA A 26 10.43 2.88 4.04
C ALA A 26 10.87 1.89 2.96
N LYS A 27 10.65 0.59 3.18
CA LYS A 27 10.90 -0.45 2.23
C LYS A 27 10.13 -0.12 0.94
N PRO A 28 10.80 0.05 -0.21
CA PRO A 28 10.11 0.32 -1.46
C PRO A 28 9.03 -0.73 -1.70
N VAL A 29 7.86 -0.28 -2.15
CA VAL A 29 6.70 -1.12 -2.34
C VAL A 29 6.76 -1.78 -3.72
N LYS A 30 7.30 -1.04 -4.69
CA LYS A 30 7.52 -1.53 -6.04
C LYS A 30 8.18 -2.92 -5.98
N GLY A 31 7.44 -3.92 -6.43
CA GLY A 31 7.91 -5.28 -6.54
C GLY A 31 8.31 -6.01 -5.24
N GLN A 32 7.73 -5.73 -4.06
CA GLN A 32 8.07 -6.60 -2.90
C GLN A 32 7.67 -8.04 -3.24
N GLY A 33 6.45 -8.12 -3.75
CA GLY A 33 5.76 -9.27 -4.30
C GLY A 33 4.31 -9.27 -3.88
N ALA A 34 3.40 -9.69 -4.75
CA ALA A 34 1.96 -9.70 -4.53
C ALA A 34 1.53 -10.24 -3.18
N GLU A 35 2.05 -11.40 -2.76
CA GLU A 35 1.68 -11.98 -1.47
C GLU A 35 2.18 -11.07 -0.34
N GLU A 36 3.45 -10.67 -0.43
CA GLU A 36 4.14 -9.78 0.49
C GLU A 36 3.24 -8.55 0.71
N LEU A 37 3.00 -7.86 -0.41
CA LEU A 37 2.21 -6.67 -0.52
C LEU A 37 0.85 -6.92 0.07
N TYR A 38 0.05 -7.85 -0.49
CA TYR A 38 -1.28 -8.16 0.00
C TYR A 38 -1.30 -8.21 1.52
N LYS A 39 -0.41 -9.01 2.11
CA LYS A 39 -0.32 -9.13 3.55
C LYS A 39 -0.06 -7.79 4.23
N LYS A 40 0.86 -6.97 3.73
CA LYS A 40 1.18 -5.68 4.29
C LYS A 40 0.04 -4.67 4.10
N MET A 41 -0.60 -4.55 2.92
CA MET A 41 -1.71 -3.63 2.78
C MET A 41 -2.86 -4.11 3.66
N LYS A 42 -3.11 -5.43 3.67
CA LYS A 42 -4.09 -6.03 4.58
C LYS A 42 -3.72 -5.64 6.00
N GLY A 43 -2.43 -5.74 6.30
CA GLY A 43 -1.73 -5.34 7.51
C GLY A 43 -2.21 -3.98 7.96
N TYR A 44 -1.88 -2.98 7.14
CA TYR A 44 -2.21 -1.59 7.39
C TYR A 44 -3.72 -1.40 7.47
N ALA A 45 -4.48 -1.93 6.51
CA ALA A 45 -5.93 -1.83 6.48
C ALA A 45 -6.57 -2.41 7.75
N ASP A 46 -6.02 -3.52 8.26
CA ASP A 46 -6.53 -4.13 9.48
C ASP A 46 -6.17 -3.26 10.67
N GLY A 47 -4.92 -2.76 10.68
CA GLY A 47 -4.41 -1.90 11.73
C GLY A 47 -3.39 -2.65 12.60
N SER A 48 -3.37 -3.99 12.51
CA SER A 48 -2.42 -4.81 13.26
C SER A 48 -1.01 -4.40 12.82
N TYR A 49 -0.72 -4.59 11.54
CA TYR A 49 0.53 -4.16 10.95
C TYR A 49 0.46 -2.65 10.76
N GLY A 50 0.52 -1.89 11.86
CA GLY A 50 0.41 -0.44 11.83
C GLY A 50 1.10 0.20 13.02
N GLY A 51 1.06 1.53 13.09
CA GLY A 51 1.64 2.35 14.13
C GLY A 51 1.15 3.78 13.90
N GLU A 52 1.26 4.64 14.92
CA GLU A 52 0.76 6.02 14.88
C GLU A 52 1.08 6.74 13.56
N ARG A 53 2.36 6.80 13.18
CA ARG A 53 2.79 7.48 11.96
C ARG A 53 2.14 6.89 10.70
N LYS A 54 1.78 5.62 10.76
CA LYS A 54 1.21 4.87 9.65
C LYS A 54 -0.33 4.92 9.70
N ALA A 55 -0.93 5.58 10.71
CA ALA A 55 -2.38 5.68 10.86
C ALA A 55 -3.05 6.21 9.58
N MET A 56 -2.47 7.25 8.98
CA MET A 56 -3.00 7.84 7.75
C MET A 56 -3.03 6.79 6.63
N MET A 57 -1.94 6.03 6.46
CA MET A 57 -1.86 4.98 5.47
C MET A 57 -2.93 3.94 5.78
N THR A 58 -2.98 3.49 7.04
CA THR A 58 -4.00 2.56 7.52
C THR A 58 -5.38 3.03 7.06
N ASN A 59 -5.76 4.28 7.32
CA ASN A 59 -7.07 4.77 6.88
C ASN A 59 -7.17 4.72 5.36
N ALA A 60 -6.13 5.14 4.63
CA ALA A 60 -6.14 5.12 3.18
C ALA A 60 -6.47 3.72 2.66
N VAL A 61 -5.77 2.69 3.16
CA VAL A 61 -6.05 1.32 2.72
C VAL A 61 -7.29 0.72 3.40
N LYS A 62 -7.75 1.24 4.54
CA LYS A 62 -8.97 0.77 5.21
C LYS A 62 -10.14 0.83 4.23
N LYS A 63 -10.16 1.83 3.36
CA LYS A 63 -11.18 2.01 2.36
C LYS A 63 -11.23 0.86 1.33
N ALA A 64 -10.12 0.12 1.19
CA ALA A 64 -9.96 -0.96 0.22
C ALA A 64 -10.48 -2.28 0.80
N SER A 65 -11.47 -2.90 0.13
CA SER A 65 -11.94 -4.23 0.51
C SER A 65 -11.00 -5.27 -0.11
N ASP A 66 -11.28 -6.56 0.05
CA ASP A 66 -10.39 -7.61 -0.43
C ASP A 66 -9.97 -7.48 -1.90
N GLU A 67 -10.94 -7.30 -2.81
CA GLU A 67 -10.63 -7.17 -4.23
C GLU A 67 -9.60 -6.06 -4.44
N GLU A 68 -9.93 -4.91 -3.89
CA GLU A 68 -9.14 -3.71 -3.95
C GLU A 68 -7.74 -3.97 -3.40
N LEU A 69 -7.63 -4.54 -2.20
CA LEU A 69 -6.34 -4.85 -1.57
C LEU A 69 -5.51 -5.75 -2.48
N LYS A 70 -6.09 -6.86 -2.96
CA LYS A 70 -5.41 -7.79 -3.84
C LYS A 70 -4.92 -7.06 -5.09
N ALA A 71 -5.78 -6.22 -5.67
CA ALA A 71 -5.42 -5.45 -6.85
C ALA A 71 -4.32 -4.43 -6.55
N LEU A 72 -4.35 -3.80 -5.37
CA LEU A 72 -3.35 -2.82 -4.96
C LEU A 72 -2.01 -3.51 -4.97
N ALA A 73 -1.97 -4.67 -4.31
CA ALA A 73 -0.79 -5.53 -4.28
C ALA A 73 -0.36 -5.93 -5.70
N ASP A 74 -1.27 -6.50 -6.47
CA ASP A 74 -1.02 -6.93 -7.85
C ASP A 74 -0.32 -5.83 -8.65
N TYR A 75 -0.89 -4.61 -8.64
CA TYR A 75 -0.32 -3.45 -9.33
C TYR A 75 1.17 -3.30 -8.99
N MET A 76 1.48 -3.04 -7.71
CA MET A 76 2.86 -2.87 -7.28
C MET A 76 3.71 -4.12 -7.51
N SER A 77 3.10 -5.31 -7.57
CA SER A 77 3.82 -6.54 -7.85
C SER A 77 4.11 -6.73 -9.34
N LYS A 78 3.73 -5.79 -10.21
CA LYS A 78 3.96 -5.90 -11.65
C LYS A 78 4.45 -4.54 -12.10
N LEU A 79 5.45 -4.04 -11.36
CA LEU A 79 6.02 -2.74 -11.48
C LEU A 79 7.44 -2.86 -10.92
N ALA A 1 -11.10 1.21 -7.02
CA ALA A 1 -11.46 0.17 -7.98
C ALA A 1 -10.20 -0.55 -8.47
N ASP A 2 -10.26 -1.88 -8.60
CA ASP A 2 -9.24 -2.77 -9.16
C ASP A 2 -7.79 -2.40 -8.92
N GLY A 3 -7.43 -1.90 -7.73
CA GLY A 3 -6.08 -1.52 -7.38
C GLY A 3 -5.65 -0.23 -8.07
N ALA A 4 -5.56 -0.28 -9.40
CA ALA A 4 -5.10 0.79 -10.27
C ALA A 4 -5.69 2.15 -9.91
N ALA A 5 -7.01 2.22 -9.67
CA ALA A 5 -7.65 3.49 -9.36
C ALA A 5 -7.26 3.99 -7.96
N LEU A 6 -7.04 3.10 -6.99
CA LEU A 6 -6.67 3.47 -5.65
C LEU A 6 -5.24 3.99 -5.66
N TYR A 7 -4.34 3.22 -6.29
CA TYR A 7 -2.91 3.46 -6.36
C TYR A 7 -2.54 4.93 -6.57
N LYS A 8 -3.27 5.62 -7.45
CA LYS A 8 -3.08 7.01 -7.78
C LYS A 8 -2.96 7.88 -6.51
N SER A 9 -3.78 7.58 -5.50
CA SER A 9 -3.81 8.30 -4.23
C SER A 9 -2.51 8.15 -3.42
N CYS A 10 -1.75 7.08 -3.68
CA CYS A 10 -0.54 6.72 -2.96
C CYS A 10 0.69 7.41 -3.55
N ILE A 11 0.60 7.78 -4.84
CA ILE A 11 1.64 8.53 -5.53
C ILE A 11 1.91 9.79 -4.69
N GLY A 12 3.15 10.25 -4.66
CA GLY A 12 3.53 11.38 -3.84
C GLY A 12 4.18 10.84 -2.56
N CYS A 13 3.57 9.86 -1.89
CA CYS A 13 4.21 9.28 -0.71
C CYS A 13 5.14 8.18 -1.21
N HIS A 14 4.64 7.35 -2.13
CA HIS A 14 5.38 6.20 -2.63
C HIS A 14 6.19 6.45 -3.89
N GLY A 15 5.74 7.33 -4.78
CA GLY A 15 6.39 7.60 -6.05
C GLY A 15 5.53 7.14 -7.23
N ALA A 16 6.08 7.18 -8.45
CA ALA A 16 5.37 6.75 -9.64
C ALA A 16 5.09 5.26 -9.52
N ASP A 17 6.13 4.43 -9.60
CA ASP A 17 6.05 2.98 -9.42
C ASP A 17 5.74 2.67 -7.95
N GLY A 18 6.51 3.30 -7.06
CA GLY A 18 6.40 3.22 -5.62
C GLY A 18 7.79 3.00 -5.00
N SER A 19 8.75 3.82 -5.43
CA SER A 19 10.17 3.74 -5.12
C SER A 19 10.64 4.68 -4.00
N LYS A 20 9.99 5.83 -3.77
CA LYS A 20 10.46 6.75 -2.76
C LYS A 20 10.02 6.32 -1.35
N ALA A 21 10.90 6.56 -0.38
CA ALA A 21 10.68 6.19 1.00
C ALA A 21 9.60 7.08 1.62
N ALA A 22 8.35 6.64 1.53
CA ALA A 22 7.21 7.33 2.14
C ALA A 22 7.54 7.68 3.59
N MET A 23 7.05 8.85 4.03
CA MET A 23 7.34 9.41 5.35
C MET A 23 8.84 9.36 5.67
N GLY A 24 9.68 9.55 4.64
CA GLY A 24 11.13 9.55 4.74
C GLY A 24 11.68 8.33 5.46
N SER A 25 11.05 7.16 5.32
CA SER A 25 11.51 5.97 6.04
C SER A 25 10.96 4.65 5.50
N ALA A 26 9.78 4.65 4.89
CA ALA A 26 9.12 3.45 4.43
C ALA A 26 9.94 2.62 3.44
N LYS A 27 9.84 1.30 3.52
CA LYS A 27 10.40 0.45 2.46
C LYS A 27 9.60 0.79 1.20
N PRO A 28 10.23 0.82 0.02
CA PRO A 28 9.49 1.09 -1.19
C PRO A 28 8.53 -0.07 -1.45
N VAL A 29 7.41 0.23 -2.09
CA VAL A 29 6.36 -0.75 -2.36
C VAL A 29 6.55 -1.41 -3.71
N LYS A 30 7.08 -0.66 -4.68
CA LYS A 30 7.24 -1.15 -6.02
C LYS A 30 7.94 -2.51 -6.00
N GLY A 31 7.21 -3.54 -6.41
CA GLY A 31 7.71 -4.89 -6.50
C GLY A 31 8.20 -5.53 -5.19
N GLN A 32 7.61 -5.26 -3.99
CA GLN A 32 8.04 -6.02 -2.80
C GLN A 32 7.79 -7.50 -3.08
N GLY A 33 6.53 -7.74 -3.41
CA GLY A 33 5.95 -9.01 -3.82
C GLY A 33 4.44 -8.99 -3.59
N ALA A 34 3.64 -9.58 -4.47
CA ALA A 34 2.18 -9.58 -4.35
C ALA A 34 1.72 -10.14 -3.01
N GLU A 35 2.29 -11.28 -2.57
CA GLU A 35 1.93 -11.88 -1.30
C GLU A 35 2.31 -10.94 -0.15
N GLU A 36 3.56 -10.45 -0.17
CA GLU A 36 4.09 -9.50 0.80
C GLU A 36 3.11 -8.33 0.93
N LEU A 37 2.91 -7.65 -0.19
CA LEU A 37 2.05 -6.49 -0.29
C LEU A 37 0.66 -6.85 0.23
N TYR A 38 -0.04 -7.83 -0.35
CA TYR A 38 -1.36 -8.25 0.08
C TYR A 38 -1.45 -8.35 1.58
N LYS A 39 -0.56 -9.19 2.13
CA LYS A 39 -0.47 -9.41 3.56
C LYS A 39 -0.38 -8.08 4.31
N LYS A 40 0.54 -7.22 3.87
CA LYS A 40 0.75 -5.90 4.45
C LYS A 40 -0.49 -5.00 4.34
N MET A 41 -1.06 -4.77 3.14
CA MET A 41 -2.27 -3.96 3.01
C MET A 41 -3.41 -4.55 3.84
N LYS A 42 -3.57 -5.87 3.84
CA LYS A 42 -4.60 -6.54 4.64
C LYS A 42 -4.33 -6.26 6.12
N GLY A 43 -3.07 -6.45 6.54
CA GLY A 43 -2.59 -6.22 7.90
C GLY A 43 -2.95 -4.82 8.36
N TYR A 44 -2.59 -3.83 7.55
CA TYR A 44 -2.88 -2.44 7.82
C TYR A 44 -4.39 -2.23 7.91
N ALA A 45 -5.13 -2.55 6.83
CA ALA A 45 -6.58 -2.38 6.78
C ALA A 45 -7.27 -2.99 8.00
N ASP A 46 -6.89 -4.21 8.37
CA ASP A 46 -7.43 -4.91 9.53
C ASP A 46 -7.01 -4.22 10.82
N GLY A 47 -5.76 -3.74 10.88
CA GLY A 47 -5.18 -3.07 12.04
C GLY A 47 -4.19 -3.97 12.78
N SER A 48 -3.80 -5.10 12.17
CA SER A 48 -2.82 -6.01 12.72
C SER A 48 -1.43 -5.44 12.46
N TYR A 49 -1.22 -4.90 11.26
CA TYR A 49 0.03 -4.25 10.88
C TYR A 49 -0.16 -2.75 11.09
N GLY A 50 0.92 -2.01 11.38
CA GLY A 50 0.87 -0.58 11.65
C GLY A 50 2.06 -0.21 12.53
N GLY A 51 2.02 0.97 13.15
CA GLY A 51 3.09 1.45 14.03
C GLY A 51 3.42 2.93 13.77
N GLU A 52 3.11 3.79 14.74
CA GLU A 52 3.41 5.22 14.73
C GLU A 52 3.02 5.87 13.39
N ARG A 53 4.01 6.21 12.58
CA ARG A 53 3.86 6.85 11.27
C ARG A 53 2.89 6.07 10.38
N LYS A 54 2.91 4.74 10.51
CA LYS A 54 2.09 3.86 9.71
C LYS A 54 0.60 4.00 10.04
N ALA A 55 0.25 4.79 11.06
CA ALA A 55 -1.15 5.07 11.38
C ALA A 55 -1.85 5.76 10.21
N MET A 56 -1.19 6.75 9.60
CA MET A 56 -1.74 7.49 8.47
C MET A 56 -1.98 6.51 7.32
N MET A 57 -0.91 5.79 6.98
CA MET A 57 -0.87 4.74 5.98
C MET A 57 -2.05 3.78 6.21
N THR A 58 -2.16 3.28 7.44
CA THR A 58 -3.23 2.39 7.87
C THR A 58 -4.58 3.01 7.54
N ASN A 59 -4.85 4.24 8.01
CA ASN A 59 -6.11 4.89 7.74
C ASN A 59 -6.36 4.98 6.23
N ALA A 60 -5.33 5.29 5.45
CA ALA A 60 -5.48 5.41 4.00
C ALA A 60 -5.99 4.10 3.40
N VAL A 61 -5.26 3.00 3.60
CA VAL A 61 -5.68 1.72 3.04
C VAL A 61 -6.97 1.21 3.66
N LYS A 62 -7.22 1.49 4.94
CA LYS A 62 -8.42 1.06 5.65
C LYS A 62 -9.71 1.50 4.94
N LYS A 63 -9.66 2.56 4.13
CA LYS A 63 -10.83 3.02 3.40
C LYS A 63 -11.19 2.07 2.24
N ALA A 64 -10.27 1.20 1.81
CA ALA A 64 -10.47 0.24 0.73
C ALA A 64 -11.05 -1.08 1.25
N SER A 65 -11.30 -2.04 0.35
CA SER A 65 -11.86 -3.35 0.68
C SER A 65 -10.97 -4.46 0.11
N ASP A 66 -11.12 -5.69 0.59
CA ASP A 66 -10.30 -6.85 0.25
C ASP A 66 -9.97 -6.96 -1.23
N GLU A 67 -10.99 -6.87 -2.10
CA GLU A 67 -10.84 -6.95 -3.53
C GLU A 67 -9.86 -5.89 -4.03
N GLU A 68 -9.99 -4.67 -3.50
CA GLU A 68 -9.12 -3.57 -3.81
C GLU A 68 -7.73 -3.97 -3.35
N LEU A 69 -7.55 -4.37 -2.08
CA LEU A 69 -6.28 -4.74 -1.50
C LEU A 69 -5.53 -5.76 -2.37
N LYS A 70 -6.21 -6.85 -2.75
CA LYS A 70 -5.62 -7.89 -3.59
C LYS A 70 -5.08 -7.28 -4.87
N ALA A 71 -5.92 -6.49 -5.55
CA ALA A 71 -5.54 -5.86 -6.80
C ALA A 71 -4.46 -4.81 -6.60
N LEU A 72 -4.46 -4.09 -5.46
CA LEU A 72 -3.50 -3.04 -5.16
C LEU A 72 -2.14 -3.70 -5.03
N ALA A 73 -2.10 -4.76 -4.23
CA ALA A 73 -0.93 -5.60 -4.07
C ALA A 73 -0.44 -6.10 -5.42
N ASP A 74 -1.31 -6.74 -6.20
CA ASP A 74 -0.96 -7.26 -7.52
C ASP A 74 -0.32 -6.16 -8.38
N TYR A 75 -1.02 -5.02 -8.50
CA TYR A 75 -0.58 -3.88 -9.28
C TYR A 75 0.82 -3.44 -8.86
N MET A 76 1.02 -3.13 -7.57
CA MET A 76 2.34 -2.72 -7.09
C MET A 76 3.38 -3.82 -7.23
N SER A 77 2.97 -5.09 -7.23
CA SER A 77 3.87 -6.21 -7.48
C SER A 77 4.21 -6.36 -8.96
N LYS A 78 3.79 -5.45 -9.83
CA LYS A 78 4.05 -5.50 -11.26
C LYS A 78 4.51 -4.09 -11.65
N LEU A 79 5.37 -3.51 -10.83
CA LEU A 79 5.86 -2.17 -10.89
C LEU A 79 7.19 -2.20 -10.12
N ALA A 1 -12.16 1.18 -7.48
CA ALA A 1 -11.87 0.24 -8.58
C ALA A 1 -10.49 -0.38 -8.37
N ASP A 2 -10.31 -1.60 -8.88
CA ASP A 2 -9.12 -2.43 -8.75
C ASP A 2 -7.78 -1.71 -8.97
N GLY A 3 -7.00 -1.55 -7.88
CA GLY A 3 -5.63 -1.08 -7.88
C GLY A 3 -5.49 0.42 -8.16
N ALA A 4 -5.78 0.79 -9.40
CA ALA A 4 -5.54 2.12 -9.97
C ALA A 4 -6.16 3.26 -9.18
N ALA A 5 -7.48 3.20 -9.00
CA ALA A 5 -8.24 4.25 -8.32
C ALA A 5 -7.69 4.53 -6.92
N LEU A 6 -7.21 3.50 -6.23
CA LEU A 6 -6.60 3.65 -4.94
C LEU A 6 -5.22 4.26 -5.13
N TYR A 7 -4.38 3.60 -5.94
CA TYR A 7 -2.99 3.94 -6.17
C TYR A 7 -2.77 5.42 -6.48
N LYS A 8 -3.64 6.04 -7.30
CA LYS A 8 -3.49 7.46 -7.63
C LYS A 8 -3.27 8.34 -6.38
N SER A 9 -3.87 7.95 -5.25
CA SER A 9 -3.73 8.64 -3.98
C SER A 9 -2.34 8.35 -3.37
N CYS A 10 -1.98 7.07 -3.44
CA CYS A 10 -0.81 6.41 -2.91
C CYS A 10 0.46 7.03 -3.45
N ILE A 11 0.39 7.49 -4.72
CA ILE A 11 1.44 8.26 -5.37
C ILE A 11 1.95 9.34 -4.41
N GLY A 12 1.06 9.93 -3.61
CA GLY A 12 1.39 10.93 -2.62
C GLY A 12 2.62 10.56 -1.77
N CYS A 13 2.76 9.28 -1.37
CA CYS A 13 3.88 8.86 -0.54
C CYS A 13 4.77 7.85 -1.25
N HIS A 14 4.35 7.27 -2.38
CA HIS A 14 5.15 6.26 -3.06
C HIS A 14 5.52 6.60 -4.50
N GLY A 15 5.04 7.71 -5.05
CA GLY A 15 5.39 8.12 -6.39
C GLY A 15 4.90 7.11 -7.42
N ALA A 16 5.50 7.15 -8.63
CA ALA A 16 5.15 6.23 -9.69
C ALA A 16 5.79 4.87 -9.40
N ASP A 17 7.11 4.85 -9.23
CA ASP A 17 7.92 3.65 -9.04
C ASP A 17 7.88 3.12 -7.60
N GLY A 18 6.67 3.05 -7.04
CA GLY A 18 6.32 2.57 -5.70
C GLY A 18 7.45 2.68 -4.67
N SER A 19 8.04 3.87 -4.50
CA SER A 19 9.18 4.09 -3.63
C SER A 19 8.87 5.15 -2.56
N LYS A 20 9.49 6.33 -2.71
CA LYS A 20 9.50 7.50 -1.83
C LYS A 20 9.59 7.19 -0.33
N ALA A 21 10.73 7.54 0.27
CA ALA A 21 10.93 7.44 1.72
C ALA A 21 10.18 8.60 2.38
N ALA A 22 8.84 8.55 2.32
CA ALA A 22 7.93 9.56 2.83
C ALA A 22 8.04 9.69 4.35
N MET A 23 7.21 8.93 5.05
CA MET A 23 7.20 8.89 6.50
C MET A 23 8.41 8.06 6.97
N GLY A 24 9.60 8.62 6.80
CA GLY A 24 10.85 7.96 7.14
C GLY A 24 11.25 6.97 6.04
N SER A 25 12.30 6.18 6.31
CA SER A 25 12.89 5.21 5.41
C SER A 25 11.95 4.06 5.06
N ALA A 26 10.90 4.34 4.29
CA ALA A 26 9.92 3.36 3.85
C ALA A 26 10.56 2.38 2.87
N LYS A 27 10.51 1.08 3.15
CA LYS A 27 10.96 0.08 2.20
C LYS A 27 10.21 0.32 0.88
N PRO A 28 10.89 0.38 -0.27
CA PRO A 28 10.23 0.73 -1.51
C PRO A 28 9.29 -0.38 -1.98
N VAL A 29 8.03 -0.24 -1.60
CA VAL A 29 6.87 -1.07 -1.91
C VAL A 29 6.98 -1.82 -3.23
N LYS A 30 7.39 -1.09 -4.28
CA LYS A 30 7.65 -1.55 -5.64
C LYS A 30 8.16 -3.00 -5.64
N GLY A 31 7.25 -3.94 -5.83
CA GLY A 31 7.58 -5.35 -5.91
C GLY A 31 8.16 -5.99 -4.66
N GLN A 32 7.64 -5.72 -3.45
CA GLN A 32 8.08 -6.51 -2.29
C GLN A 32 7.82 -8.00 -2.63
N GLY A 33 6.59 -8.20 -3.08
CA GLY A 33 6.02 -9.42 -3.62
C GLY A 33 4.50 -9.33 -3.51
N ALA A 34 3.70 -9.83 -4.46
CA ALA A 34 2.24 -9.73 -4.37
C ALA A 34 1.72 -10.32 -3.05
N GLU A 35 2.26 -11.48 -2.66
CA GLU A 35 1.89 -12.13 -1.42
C GLU A 35 2.15 -11.19 -0.25
N GLU A 36 3.40 -10.76 -0.11
CA GLU A 36 3.89 -9.87 0.89
C GLU A 36 3.00 -8.63 0.96
N LEU A 37 2.88 -7.95 -0.18
CA LEU A 37 2.08 -6.76 -0.33
C LEU A 37 0.68 -7.05 0.18
N TYR A 38 -0.05 -8.03 -0.40
CA TYR A 38 -1.39 -8.39 0.03
C TYR A 38 -1.50 -8.52 1.55
N LYS A 39 -0.64 -9.36 2.14
CA LYS A 39 -0.61 -9.55 3.58
C LYS A 39 -0.47 -8.21 4.31
N LYS A 40 0.44 -7.35 3.86
CA LYS A 40 0.68 -6.04 4.44
C LYS A 40 -0.53 -5.10 4.22
N MET A 41 -1.17 -5.07 3.04
CA MET A 41 -2.36 -4.29 2.83
C MET A 41 -3.42 -4.73 3.83
N LYS A 42 -3.64 -6.05 3.94
CA LYS A 42 -4.58 -6.63 4.90
C LYS A 42 -4.15 -6.18 6.31
N GLY A 43 -2.86 -6.27 6.57
CA GLY A 43 -2.16 -5.82 7.77
C GLY A 43 -2.66 -4.45 8.23
N TYR A 44 -2.40 -3.48 7.36
CA TYR A 44 -2.72 -2.08 7.57
C TYR A 44 -4.23 -1.90 7.62
N ALA A 45 -4.95 -2.40 6.62
CA ALA A 45 -6.39 -2.27 6.54
C ALA A 45 -7.07 -2.80 7.80
N ASP A 46 -6.56 -3.89 8.38
CA ASP A 46 -7.13 -4.49 9.58
C ASP A 46 -6.46 -3.96 10.85
N GLY A 47 -5.79 -2.80 10.78
CA GLY A 47 -5.11 -2.15 11.90
C GLY A 47 -4.27 -3.11 12.74
N SER A 48 -3.72 -4.15 12.09
CA SER A 48 -2.92 -5.18 12.73
C SER A 48 -1.45 -4.86 12.50
N TYR A 49 -1.13 -4.47 11.26
CA TYR A 49 0.17 -3.98 10.85
C TYR A 49 0.04 -2.47 10.95
N GLY A 50 1.03 -1.75 11.51
CA GLY A 50 0.90 -0.30 11.63
C GLY A 50 1.97 0.27 12.55
N GLY A 51 1.83 1.56 12.86
CA GLY A 51 2.74 2.33 13.69
C GLY A 51 2.45 3.80 13.42
N GLU A 52 3.03 4.71 14.22
CA GLU A 52 2.82 6.15 14.08
C GLU A 52 3.03 6.59 12.63
N ARG A 53 4.21 6.27 12.08
CA ARG A 53 4.59 6.58 10.71
C ARG A 53 3.63 5.98 9.68
N LYS A 54 2.88 4.93 10.05
CA LYS A 54 1.97 4.23 9.16
C LYS A 54 0.55 4.79 9.24
N ALA A 55 0.17 5.42 10.35
CA ALA A 55 -1.20 5.88 10.61
C ALA A 55 -2.00 6.39 9.40
N MET A 56 -1.49 7.40 8.69
CA MET A 56 -2.16 7.96 7.51
C MET A 56 -2.48 6.86 6.49
N MET A 57 -1.44 6.11 6.11
CA MET A 57 -1.55 4.99 5.18
C MET A 57 -2.58 4.01 5.69
N THR A 58 -2.48 3.66 6.98
CA THR A 58 -3.36 2.71 7.63
C THR A 58 -4.81 3.11 7.40
N ASN A 59 -5.16 4.37 7.72
CA ASN A 59 -6.52 4.85 7.50
C ASN A 59 -6.86 4.83 6.01
N ALA A 60 -5.93 5.24 5.14
CA ALA A 60 -6.19 5.27 3.71
C ALA A 60 -6.55 3.89 3.19
N VAL A 61 -5.65 2.92 3.34
CA VAL A 61 -5.87 1.56 2.84
C VAL A 61 -7.08 0.92 3.55
N LYS A 62 -7.34 1.26 4.83
CA LYS A 62 -8.51 0.75 5.53
C LYS A 62 -9.82 1.10 4.81
N LYS A 63 -9.85 2.17 4.00
CA LYS A 63 -11.03 2.54 3.26
C LYS A 63 -11.27 1.62 2.04
N ALA A 64 -10.31 0.74 1.71
CA ALA A 64 -10.41 -0.21 0.60
C ALA A 64 -11.29 -1.40 0.97
N SER A 65 -11.26 -2.43 0.11
CA SER A 65 -11.97 -3.69 0.31
C SER A 65 -11.16 -4.80 -0.36
N ASP A 66 -11.36 -6.06 0.05
CA ASP A 66 -10.57 -7.21 -0.39
C ASP A 66 -10.22 -7.21 -1.89
N GLU A 67 -11.21 -6.98 -2.75
CA GLU A 67 -11.00 -6.89 -4.21
C GLU A 67 -9.90 -5.88 -4.50
N GLU A 68 -10.08 -4.68 -3.96
CA GLU A 68 -9.18 -3.57 -4.13
C GLU A 68 -7.81 -3.94 -3.57
N LEU A 69 -7.74 -4.49 -2.35
CA LEU A 69 -6.51 -4.88 -1.70
C LEU A 69 -5.70 -5.85 -2.56
N LYS A 70 -6.32 -6.92 -3.05
CA LYS A 70 -5.64 -7.87 -3.91
C LYS A 70 -5.12 -7.15 -5.15
N ALA A 71 -5.97 -6.32 -5.76
CA ALA A 71 -5.56 -5.57 -6.93
C ALA A 71 -4.43 -4.58 -6.61
N LEU A 72 -4.41 -4.02 -5.40
CA LEU A 72 -3.37 -3.10 -4.95
C LEU A 72 -2.05 -3.86 -4.94
N ALA A 73 -2.06 -5.05 -4.31
CA ALA A 73 -0.90 -5.92 -4.28
C ALA A 73 -0.46 -6.25 -5.71
N ASP A 74 -1.40 -6.70 -6.56
CA ASP A 74 -1.11 -6.99 -7.95
C ASP A 74 -0.40 -5.82 -8.63
N TYR A 75 -0.98 -4.61 -8.52
CA TYR A 75 -0.44 -3.39 -9.10
C TYR A 75 1.02 -3.20 -8.66
N MET A 76 1.24 -3.04 -7.36
CA MET A 76 2.55 -2.81 -6.81
C MET A 76 3.52 -3.98 -7.06
N SER A 77 3.00 -5.18 -7.31
CA SER A 77 3.80 -6.34 -7.65
C SER A 77 4.05 -6.43 -9.17
N LYS A 78 3.74 -5.40 -9.95
CA LYS A 78 3.97 -5.35 -11.38
C LYS A 78 4.51 -3.95 -11.66
N LEU A 79 5.42 -3.54 -10.79
CA LEU A 79 6.02 -2.25 -10.71
C LEU A 79 7.47 -2.48 -10.33
N ALA A 1 -9.48 2.12 -12.78
CA ALA A 1 -9.31 0.65 -12.83
C ALA A 1 -8.93 0.15 -11.44
N ASP A 2 -9.05 -1.15 -11.19
CA ASP A 2 -8.68 -1.75 -9.91
C ASP A 2 -7.19 -1.48 -9.62
N GLY A 3 -6.82 -1.37 -8.35
CA GLY A 3 -5.48 -1.03 -7.94
C GLY A 3 -5.32 0.49 -8.10
N ALA A 4 -5.27 0.92 -9.36
CA ALA A 4 -5.09 2.30 -9.78
C ALA A 4 -6.01 3.25 -9.03
N ALA A 5 -7.30 2.89 -8.94
CA ALA A 5 -8.34 3.65 -8.25
C ALA A 5 -7.92 4.09 -6.84
N LEU A 6 -7.17 3.25 -6.12
CA LEU A 6 -6.69 3.58 -4.80
C LEU A 6 -5.31 4.22 -4.91
N TYR A 7 -4.44 3.57 -5.70
CA TYR A 7 -3.07 3.97 -5.93
C TYR A 7 -2.93 5.47 -6.19
N LYS A 8 -3.84 6.02 -7.00
CA LYS A 8 -3.87 7.44 -7.34
C LYS A 8 -3.61 8.37 -6.14
N SER A 9 -4.13 8.06 -4.95
CA SER A 9 -3.87 8.85 -3.76
C SER A 9 -2.50 8.52 -3.17
N CYS A 10 -2.19 7.22 -3.15
CA CYS A 10 -0.97 6.62 -2.62
C CYS A 10 0.28 7.27 -3.20
N ILE A 11 0.16 7.73 -4.44
CA ILE A 11 1.17 8.49 -5.16
C ILE A 11 1.83 9.51 -4.23
N GLY A 12 1.02 10.14 -3.36
CA GLY A 12 1.48 11.11 -2.38
C GLY A 12 2.80 10.70 -1.71
N CYS A 13 2.95 9.41 -1.35
CA CYS A 13 4.16 8.93 -0.70
C CYS A 13 4.94 8.00 -1.63
N HIS A 14 4.26 7.06 -2.30
CA HIS A 14 4.95 6.06 -3.10
C HIS A 14 5.24 6.50 -4.55
N GLY A 15 4.78 7.68 -4.97
CA GLY A 15 5.02 8.16 -6.32
C GLY A 15 4.22 7.35 -7.35
N ALA A 16 4.38 7.66 -8.64
CA ALA A 16 3.63 7.01 -9.70
C ALA A 16 3.91 5.51 -9.81
N ASP A 17 5.20 5.15 -9.90
CA ASP A 17 5.65 3.78 -10.12
C ASP A 17 7.08 3.63 -9.61
N GLY A 18 7.29 3.53 -8.31
CA GLY A 18 8.65 3.39 -7.81
C GLY A 18 8.81 3.31 -6.29
N SER A 19 7.89 3.89 -5.52
CA SER A 19 7.95 3.88 -4.07
C SER A 19 9.12 4.73 -3.57
N LYS A 20 8.89 6.03 -3.42
CA LYS A 20 9.91 6.94 -2.88
C LYS A 20 10.32 6.48 -1.48
N ALA A 21 11.46 6.99 -1.00
CA ALA A 21 11.93 6.73 0.35
C ALA A 21 11.06 7.55 1.32
N ALA A 22 9.81 7.11 1.49
CA ALA A 22 8.80 7.77 2.31
C ALA A 22 9.17 7.71 3.80
N MET A 23 8.24 8.14 4.66
CA MET A 23 8.36 8.25 6.11
C MET A 23 9.43 7.32 6.70
N GLY A 24 10.52 7.90 7.22
CA GLY A 24 11.61 7.17 7.84
C GLY A 24 12.41 6.31 6.87
N SER A 25 12.54 6.74 5.61
CA SER A 25 13.25 6.01 4.56
C SER A 25 12.63 4.62 4.39
N ALA A 26 11.32 4.63 4.14
CA ALA A 26 10.51 3.43 4.04
C ALA A 26 11.04 2.42 3.01
N LYS A 27 10.94 1.13 3.32
CA LYS A 27 11.25 0.02 2.45
C LYS A 27 10.44 0.21 1.16
N PRO A 28 11.09 0.30 -0.01
CA PRO A 28 10.36 0.45 -1.26
C PRO A 28 9.34 -0.66 -1.45
N VAL A 29 8.11 -0.27 -1.80
CA VAL A 29 7.00 -1.16 -2.01
C VAL A 29 7.08 -1.79 -3.40
N LYS A 30 7.64 -1.02 -4.34
CA LYS A 30 7.99 -1.38 -5.69
C LYS A 30 8.54 -2.82 -5.73
N GLY A 31 7.67 -3.75 -6.11
CA GLY A 31 7.99 -5.15 -6.29
C GLY A 31 8.44 -5.93 -5.05
N GLN A 32 7.87 -5.69 -3.86
CA GLN A 32 8.19 -6.59 -2.73
C GLN A 32 7.77 -8.01 -3.12
N GLY A 33 6.51 -8.08 -3.50
CA GLY A 33 5.81 -9.21 -4.09
C GLY A 33 4.34 -9.17 -3.72
N ALA A 34 3.46 -9.60 -4.62
CA ALA A 34 2.02 -9.60 -4.42
C ALA A 34 1.61 -10.21 -3.09
N GLU A 35 2.19 -11.35 -2.70
CA GLU A 35 1.85 -11.98 -1.42
C GLU A 35 2.26 -11.07 -0.26
N GLU A 36 3.52 -10.62 -0.28
CA GLU A 36 4.09 -9.73 0.73
C GLU A 36 3.16 -8.53 0.88
N LEU A 37 2.97 -7.84 -0.24
CA LEU A 37 2.14 -6.67 -0.35
C LEU A 37 0.75 -6.98 0.20
N TYR A 38 0.02 -7.93 -0.38
CA TYR A 38 -1.32 -8.32 0.03
C TYR A 38 -1.42 -8.44 1.55
N LYS A 39 -0.49 -9.21 2.14
CA LYS A 39 -0.43 -9.41 3.58
C LYS A 39 -0.30 -8.08 4.32
N LYS A 40 0.59 -7.22 3.84
CA LYS A 40 0.87 -5.90 4.40
C LYS A 40 -0.33 -4.94 4.24
N MET A 41 -0.92 -4.79 3.05
CA MET A 41 -2.13 -3.97 2.92
C MET A 41 -3.22 -4.53 3.84
N LYS A 42 -3.40 -5.86 3.92
CA LYS A 42 -4.36 -6.43 4.85
C LYS A 42 -3.95 -6.05 6.28
N GLY A 43 -2.64 -6.15 6.56
CA GLY A 43 -1.96 -5.74 7.77
C GLY A 43 -2.47 -4.38 8.26
N TYR A 44 -2.33 -3.40 7.36
CA TYR A 44 -2.71 -2.03 7.57
C TYR A 44 -4.22 -1.92 7.71
N ALA A 45 -4.98 -2.45 6.76
CA ALA A 45 -6.45 -2.44 6.79
C ALA A 45 -6.98 -3.01 8.12
N ASP A 46 -6.31 -4.03 8.65
CA ASP A 46 -6.68 -4.67 9.90
C ASP A 46 -6.19 -3.88 11.13
N GLY A 47 -5.70 -2.64 10.93
CA GLY A 47 -5.20 -1.75 11.97
C GLY A 47 -4.24 -2.45 12.91
N SER A 48 -3.39 -3.33 12.37
CA SER A 48 -2.47 -4.13 13.17
C SER A 48 -1.03 -3.96 12.69
N TYR A 49 -0.80 -4.09 11.38
CA TYR A 49 0.55 -4.00 10.83
C TYR A 49 1.02 -2.55 10.71
N GLY A 50 1.03 -1.80 11.82
CA GLY A 50 1.46 -0.41 11.82
C GLY A 50 0.64 0.45 12.78
N GLY A 51 0.99 1.74 12.83
CA GLY A 51 0.36 2.75 13.65
C GLY A 51 1.14 4.06 13.49
N GLU A 52 0.73 5.10 14.22
CA GLU A 52 1.34 6.43 14.25
C GLU A 52 1.70 6.94 12.85
N ARG A 53 2.97 6.85 12.45
CA ARG A 53 3.45 7.30 11.15
C ARG A 53 2.69 6.66 9.99
N LYS A 54 2.19 5.43 10.21
CA LYS A 54 1.47 4.65 9.23
C LYS A 54 -0.04 4.90 9.29
N ALA A 55 -0.50 5.80 10.17
CA ALA A 55 -1.92 6.09 10.34
C ALA A 55 -2.60 6.53 9.03
N MET A 56 -1.94 7.38 8.25
CA MET A 56 -2.46 7.88 6.99
C MET A 56 -2.76 6.70 6.05
N MET A 57 -1.72 5.91 5.80
CA MET A 57 -1.75 4.71 4.98
C MET A 57 -2.84 3.77 5.49
N THR A 58 -2.84 3.52 6.81
CA THR A 58 -3.83 2.68 7.47
C THR A 58 -5.23 3.15 7.11
N ASN A 59 -5.55 4.42 7.38
CA ASN A 59 -6.87 4.97 7.09
C ASN A 59 -7.17 4.85 5.60
N ALA A 60 -6.18 5.09 4.73
CA ALA A 60 -6.40 4.98 3.30
C ALA A 60 -6.88 3.58 2.95
N VAL A 61 -6.12 2.55 3.30
CA VAL A 61 -6.56 1.19 3.00
C VAL A 61 -7.83 0.81 3.78
N LYS A 62 -8.07 1.41 4.96
CA LYS A 62 -9.26 1.14 5.74
C LYS A 62 -10.53 1.44 4.92
N LYS A 63 -10.47 2.38 3.98
CA LYS A 63 -11.59 2.73 3.13
C LYS A 63 -11.84 1.67 2.03
N ALA A 64 -10.90 0.73 1.84
CA ALA A 64 -10.97 -0.35 0.86
C ALA A 64 -11.69 -1.55 1.49
N SER A 65 -11.45 -2.73 0.92
CA SER A 65 -11.99 -3.98 1.45
C SER A 65 -11.02 -5.14 1.29
N ASP A 66 -11.05 -5.82 0.14
CA ASP A 66 -10.19 -6.99 -0.11
C ASP A 66 -9.77 -7.01 -1.57
N GLU A 67 -10.74 -6.97 -2.47
CA GLU A 67 -10.56 -6.92 -3.91
C GLU A 67 -9.48 -5.88 -4.25
N GLU A 68 -9.71 -4.70 -3.69
CA GLU A 68 -8.91 -3.52 -3.74
C GLU A 68 -7.49 -3.84 -3.28
N LEU A 69 -7.36 -4.42 -2.09
CA LEU A 69 -6.07 -4.74 -1.48
C LEU A 69 -5.28 -5.67 -2.41
N LYS A 70 -5.92 -6.74 -2.88
CA LYS A 70 -5.29 -7.70 -3.78
C LYS A 70 -4.83 -7.00 -5.06
N ALA A 71 -5.70 -6.18 -5.65
CA ALA A 71 -5.36 -5.45 -6.86
C ALA A 71 -4.26 -4.41 -6.62
N LEU A 72 -4.25 -3.78 -5.45
CA LEU A 72 -3.28 -2.76 -5.11
C LEU A 72 -1.92 -3.44 -4.97
N ALA A 73 -1.90 -4.59 -4.29
CA ALA A 73 -0.72 -5.42 -4.20
C ALA A 73 -0.27 -5.80 -5.62
N ASP A 74 -1.20 -6.30 -6.45
CA ASP A 74 -0.92 -6.65 -7.83
C ASP A 74 -0.22 -5.49 -8.56
N TYR A 75 -0.75 -4.25 -8.50
CA TYR A 75 -0.12 -3.09 -9.14
C TYR A 75 1.38 -3.04 -8.79
N MET A 76 1.67 -2.92 -7.50
CA MET A 76 3.02 -2.82 -6.97
C MET A 76 3.85 -4.08 -7.20
N SER A 77 3.21 -5.23 -7.43
CA SER A 77 3.88 -6.48 -7.76
C SER A 77 4.05 -6.67 -9.27
N LYS A 78 3.65 -5.69 -10.10
CA LYS A 78 3.83 -5.73 -11.55
C LYS A 78 4.66 -4.50 -11.88
N LEU A 79 5.62 -4.24 -11.00
CA LEU A 79 6.51 -3.13 -10.96
C LEU A 79 7.74 -3.69 -10.27
N ALA A 1 -10.98 1.67 -7.15
CA ALA A 1 -11.35 0.58 -8.07
C ALA A 1 -10.12 -0.22 -8.55
N ASP A 2 -10.16 -1.54 -8.33
CA ASP A 2 -9.23 -2.56 -8.80
C ASP A 2 -7.75 -2.14 -8.87
N GLY A 3 -7.13 -1.88 -7.72
CA GLY A 3 -5.70 -1.57 -7.58
C GLY A 3 -5.31 -0.20 -8.15
N ALA A 4 -5.38 -0.12 -9.46
CA ALA A 4 -4.99 1.04 -10.25
C ALA A 4 -5.65 2.30 -9.73
N ALA A 5 -6.99 2.32 -9.72
CA ALA A 5 -7.74 3.49 -9.30
C ALA A 5 -7.94 3.50 -7.78
N LEU A 6 -6.84 3.32 -7.06
CA LEU A 6 -6.62 3.46 -5.63
C LEU A 6 -5.21 4.02 -5.47
N TYR A 7 -4.23 3.29 -6.05
CA TYR A 7 -2.81 3.62 -6.02
C TYR A 7 -2.56 5.11 -6.23
N LYS A 8 -3.31 5.70 -7.16
CA LYS A 8 -3.29 7.13 -7.47
C LYS A 8 -3.13 8.01 -6.23
N SER A 9 -3.83 7.69 -5.13
CA SER A 9 -3.71 8.45 -3.89
C SER A 9 -2.33 8.23 -3.25
N CYS A 10 -1.93 6.96 -3.14
CA CYS A 10 -0.71 6.48 -2.53
C CYS A 10 0.50 7.11 -3.20
N ILE A 11 0.40 7.31 -4.52
CA ILE A 11 1.43 7.98 -5.30
C ILE A 11 1.85 9.29 -4.62
N GLY A 12 0.90 9.98 -3.98
CA GLY A 12 1.17 11.21 -3.25
C GLY A 12 2.37 11.09 -2.31
N CYS A 13 2.59 9.91 -1.71
CA CYS A 13 3.71 9.69 -0.81
C CYS A 13 4.74 8.74 -1.40
N HIS A 14 4.29 7.70 -2.10
CA HIS A 14 5.11 6.64 -2.66
C HIS A 14 5.75 6.96 -4.01
N GLY A 15 5.19 7.91 -4.76
CA GLY A 15 5.69 8.27 -6.08
C GLY A 15 5.22 7.28 -7.13
N ALA A 16 5.75 7.40 -8.36
CA ALA A 16 5.36 6.57 -9.48
C ALA A 16 5.57 5.09 -9.20
N ASP A 17 6.81 4.59 -9.36
CA ASP A 17 7.14 3.18 -9.19
C ASP A 17 7.40 2.86 -7.71
N GLY A 18 6.48 3.30 -6.86
CA GLY A 18 6.48 3.15 -5.41
C GLY A 18 7.89 3.19 -4.81
N SER A 19 8.68 4.19 -5.22
CA SER A 19 10.10 4.30 -4.96
C SER A 19 10.47 5.37 -3.92
N LYS A 20 9.55 6.26 -3.54
CA LYS A 20 9.88 7.33 -2.60
C LYS A 20 10.31 6.81 -1.23
N ALA A 21 11.12 7.62 -0.55
CA ALA A 21 11.48 7.42 0.84
C ALA A 21 10.26 7.88 1.66
N ALA A 22 9.15 7.14 1.55
CA ALA A 22 7.90 7.44 2.20
C ALA A 22 8.12 7.57 3.71
N MET A 23 7.70 8.70 4.28
CA MET A 23 7.98 9.08 5.67
C MET A 23 9.47 8.89 6.03
N GLY A 24 10.38 9.10 5.08
CA GLY A 24 11.81 8.92 5.28
C GLY A 24 12.19 7.45 5.09
N SER A 25 12.98 6.91 6.01
CA SER A 25 13.49 5.54 5.94
C SER A 25 12.36 4.50 5.98
N ALA A 26 11.94 4.03 4.81
CA ALA A 26 10.90 3.03 4.66
C ALA A 26 11.21 2.16 3.43
N LYS A 27 10.84 0.88 3.46
CA LYS A 27 11.06 0.00 2.32
C LYS A 27 10.31 0.56 1.12
N PRO A 28 10.97 0.85 -0.01
CA PRO A 28 10.29 1.39 -1.17
C PRO A 28 9.43 0.29 -1.80
N VAL A 29 8.19 0.26 -1.35
CA VAL A 29 7.10 -0.64 -1.71
C VAL A 29 7.25 -1.26 -3.07
N LYS A 30 7.42 -0.38 -4.08
CA LYS A 30 7.47 -0.67 -5.50
C LYS A 30 6.68 -1.94 -5.79
N GLY A 31 7.35 -3.09 -5.79
CA GLY A 31 6.75 -4.40 -5.88
C GLY A 31 7.49 -5.40 -4.98
N GLN A 32 7.36 -5.26 -3.65
CA GLN A 32 7.99 -6.19 -2.69
C GLN A 32 7.75 -7.64 -3.17
N GLY A 33 6.47 -7.90 -3.40
CA GLY A 33 5.86 -9.09 -3.98
C GLY A 33 4.40 -9.10 -3.59
N ALA A 34 3.51 -9.44 -4.52
CA ALA A 34 2.08 -9.49 -4.33
C ALA A 34 1.68 -10.09 -2.98
N GLU A 35 2.23 -11.24 -2.62
CA GLU A 35 1.95 -11.92 -1.37
C GLU A 35 2.30 -11.01 -0.19
N GLU A 36 3.53 -10.50 -0.19
CA GLU A 36 4.06 -9.63 0.85
C GLU A 36 3.16 -8.41 0.99
N LEU A 37 2.93 -7.74 -0.13
CA LEU A 37 2.13 -6.55 -0.23
C LEU A 37 0.75 -6.87 0.34
N TYR A 38 0.01 -7.82 -0.23
CA TYR A 38 -1.32 -8.23 0.22
C TYR A 38 -1.38 -8.35 1.73
N LYS A 39 -0.50 -9.20 2.25
CA LYS A 39 -0.41 -9.41 3.69
C LYS A 39 -0.27 -8.08 4.43
N LYS A 40 0.63 -7.21 3.98
CA LYS A 40 0.84 -5.90 4.60
C LYS A 40 -0.39 -4.99 4.45
N MET A 41 -0.95 -4.78 3.26
CA MET A 41 -2.14 -3.94 3.10
C MET A 41 -3.33 -4.53 3.86
N LYS A 42 -3.44 -5.86 3.96
CA LYS A 42 -4.46 -6.49 4.79
C LYS A 42 -4.19 -6.09 6.23
N GLY A 43 -2.93 -6.27 6.67
CA GLY A 43 -2.46 -5.92 8.00
C GLY A 43 -2.87 -4.48 8.36
N TYR A 44 -2.56 -3.56 7.46
CA TYR A 44 -2.87 -2.14 7.62
C TYR A 44 -4.38 -1.93 7.66
N ALA A 45 -5.10 -2.42 6.65
CA ALA A 45 -6.54 -2.26 6.55
C ALA A 45 -7.26 -2.76 7.78
N ASP A 46 -6.87 -3.94 8.27
CA ASP A 46 -7.42 -4.52 9.49
C ASP A 46 -6.98 -3.68 10.70
N GLY A 47 -5.70 -3.33 10.74
CA GLY A 47 -5.07 -2.54 11.80
C GLY A 47 -4.13 -3.41 12.64
N SER A 48 -3.77 -4.60 12.15
CA SER A 48 -2.85 -5.50 12.81
C SER A 48 -1.43 -5.00 12.55
N TYR A 49 -1.15 -4.61 11.30
CA TYR A 49 0.13 -4.04 10.92
C TYR A 49 -0.05 -2.52 10.97
N GLY A 50 0.90 -1.78 11.53
CA GLY A 50 0.84 -0.33 11.57
C GLY A 50 1.42 0.21 12.88
N GLY A 51 1.15 1.48 13.18
CA GLY A 51 1.60 2.15 14.38
C GLY A 51 2.43 3.39 14.06
N GLU A 52 2.27 4.43 14.89
CA GLU A 52 2.96 5.71 14.82
C GLU A 52 2.95 6.31 13.40
N ARG A 53 4.02 6.12 12.62
CA ARG A 53 4.12 6.62 11.27
C ARG A 53 3.02 5.96 10.41
N LYS A 54 2.81 4.66 10.61
CA LYS A 54 1.82 3.88 9.89
C LYS A 54 0.46 4.13 10.53
N ALA A 55 -0.09 5.29 10.21
CA ALA A 55 -1.40 5.74 10.68
C ALA A 55 -2.28 6.28 9.56
N MET A 56 -1.87 7.37 8.91
CA MET A 56 -2.62 7.97 7.81
C MET A 56 -2.88 6.90 6.74
N MET A 57 -1.79 6.26 6.30
CA MET A 57 -1.81 5.17 5.36
C MET A 57 -2.79 4.10 5.84
N THR A 58 -2.65 3.65 7.08
CA THR A 58 -3.49 2.64 7.69
C THR A 58 -4.97 2.97 7.49
N ASN A 59 -5.38 4.19 7.88
CA ASN A 59 -6.76 4.58 7.72
C ASN A 59 -7.13 4.67 6.23
N ALA A 60 -6.22 5.15 5.39
CA ALA A 60 -6.50 5.26 3.95
C ALA A 60 -6.82 3.89 3.38
N VAL A 61 -5.92 2.92 3.56
CA VAL A 61 -6.14 1.57 3.04
C VAL A 61 -7.31 0.89 3.74
N LYS A 62 -7.64 1.26 5.00
CA LYS A 62 -8.82 0.71 5.67
C LYS A 62 -10.08 1.01 4.85
N LYS A 63 -10.06 2.07 4.03
CA LYS A 63 -11.21 2.38 3.19
C LYS A 63 -11.32 1.40 2.01
N ALA A 64 -10.21 0.77 1.59
CA ALA A 64 -10.16 -0.11 0.45
C ALA A 64 -10.73 -1.49 0.78
N SER A 65 -11.60 -2.00 -0.09
CA SER A 65 -12.27 -3.28 0.06
C SER A 65 -11.31 -4.44 -0.20
N ASP A 66 -11.67 -5.67 0.19
CA ASP A 66 -10.81 -6.84 -0.01
C ASP A 66 -10.28 -6.96 -1.45
N GLU A 67 -11.17 -6.80 -2.44
CA GLU A 67 -10.81 -6.87 -3.85
C GLU A 67 -9.79 -5.79 -4.18
N GLU A 68 -10.07 -4.57 -3.71
CA GLU A 68 -9.21 -3.42 -3.90
C GLU A 68 -7.83 -3.75 -3.31
N LEU A 69 -7.77 -4.26 -2.07
CA LEU A 69 -6.52 -4.61 -1.41
C LEU A 69 -5.73 -5.62 -2.24
N LYS A 70 -6.37 -6.75 -2.62
CA LYS A 70 -5.72 -7.76 -3.44
C LYS A 70 -5.17 -7.13 -4.71
N ALA A 71 -6.00 -6.33 -5.37
CA ALA A 71 -5.63 -5.68 -6.60
C ALA A 71 -4.54 -4.63 -6.40
N LEU A 72 -4.47 -3.97 -5.25
CA LEU A 72 -3.46 -2.96 -4.99
C LEU A 72 -2.11 -3.67 -4.87
N ALA A 73 -2.13 -4.73 -4.06
CA ALA A 73 -0.98 -5.61 -3.93
C ALA A 73 -0.52 -6.09 -5.30
N ASP A 74 -1.44 -6.69 -6.09
CA ASP A 74 -1.14 -7.16 -7.43
C ASP A 74 -0.55 -6.04 -8.30
N TYR A 75 -1.20 -4.87 -8.34
CA TYR A 75 -0.76 -3.74 -9.13
C TYR A 75 0.70 -3.39 -8.80
N MET A 76 0.97 -3.09 -7.52
CA MET A 76 2.30 -2.75 -7.09
C MET A 76 3.28 -3.91 -7.35
N SER A 77 2.84 -5.15 -7.25
CA SER A 77 3.71 -6.28 -7.58
C SER A 77 4.08 -6.33 -9.08
N LYS A 78 3.65 -5.36 -9.91
CA LYS A 78 3.97 -5.29 -11.33
C LYS A 78 4.25 -3.82 -11.63
N LEU A 79 5.10 -3.21 -10.82
CA LEU A 79 5.41 -1.80 -10.83
C LEU A 79 6.88 -1.68 -10.41
N ALA A 1 -10.27 1.78 -11.86
CA ALA A 1 -10.61 0.40 -11.45
C ALA A 1 -9.89 0.07 -10.14
N ASP A 2 -10.11 -1.13 -9.59
CA ASP A 2 -9.49 -1.60 -8.37
C ASP A 2 -7.97 -1.43 -8.43
N GLY A 3 -7.36 -1.13 -7.29
CA GLY A 3 -5.93 -0.88 -7.17
C GLY A 3 -5.57 0.48 -7.72
N ALA A 4 -5.78 0.66 -9.03
CA ALA A 4 -5.46 1.89 -9.74
C ALA A 4 -6.11 3.10 -9.07
N ALA A 5 -7.42 3.03 -8.80
CA ALA A 5 -8.14 4.13 -8.16
C ALA A 5 -7.53 4.46 -6.80
N LEU A 6 -7.29 3.44 -5.98
CA LEU A 6 -6.74 3.58 -4.64
C LEU A 6 -5.37 4.26 -4.67
N TYR A 7 -4.53 3.81 -5.61
CA TYR A 7 -3.16 4.27 -5.69
C TYR A 7 -3.01 5.79 -5.90
N LYS A 8 -3.99 6.47 -6.52
CA LYS A 8 -3.94 7.88 -6.81
C LYS A 8 -3.44 8.72 -5.61
N SER A 9 -4.08 8.57 -4.45
CA SER A 9 -3.68 9.28 -3.24
C SER A 9 -2.30 8.82 -2.75
N CYS A 10 -2.10 7.50 -2.83
CA CYS A 10 -0.96 6.74 -2.33
C CYS A 10 0.34 7.25 -2.96
N ILE A 11 0.25 7.60 -4.25
CA ILE A 11 1.36 8.17 -5.00
C ILE A 11 1.99 9.33 -4.22
N GLY A 12 1.19 10.10 -3.48
CA GLY A 12 1.67 11.21 -2.68
C GLY A 12 2.85 10.82 -1.78
N CYS A 13 2.86 9.60 -1.23
CA CYS A 13 3.89 9.15 -0.31
C CYS A 13 4.82 8.11 -0.92
N HIS A 14 4.31 7.31 -1.87
CA HIS A 14 5.05 6.23 -2.51
C HIS A 14 5.71 6.62 -3.83
N GLY A 15 5.12 7.56 -4.57
CA GLY A 15 5.59 7.99 -5.87
C GLY A 15 4.94 7.14 -6.97
N ALA A 16 5.36 7.32 -8.22
CA ALA A 16 4.82 6.55 -9.32
C ALA A 16 5.20 5.07 -9.14
N ASP A 17 6.45 4.72 -9.41
CA ASP A 17 6.99 3.37 -9.31
C ASP A 17 7.40 3.09 -7.86
N GLY A 18 6.46 3.31 -6.94
CA GLY A 18 6.50 3.12 -5.50
C GLY A 18 7.89 3.09 -4.84
N SER A 19 8.75 4.07 -5.11
CA SER A 19 10.14 4.10 -4.67
C SER A 19 10.55 5.30 -3.83
N LYS A 20 9.81 6.41 -3.79
CA LYS A 20 10.31 7.54 -2.98
C LYS A 20 10.26 7.22 -1.50
N ALA A 21 11.17 7.81 -0.72
CA ALA A 21 11.17 7.66 0.72
C ALA A 21 9.84 8.22 1.23
N ALA A 22 9.13 7.44 2.03
CA ALA A 22 7.85 7.83 2.59
C ALA A 22 8.11 8.67 3.85
N MET A 23 7.40 8.44 4.94
CA MET A 23 7.64 9.14 6.21
C MET A 23 8.92 8.57 6.84
N GLY A 24 10.06 8.86 6.23
CA GLY A 24 11.36 8.35 6.64
C GLY A 24 11.63 7.01 5.94
N SER A 25 12.71 6.35 6.33
CA SER A 25 13.17 5.07 5.79
C SER A 25 12.03 4.05 5.75
N ALA A 26 11.67 3.59 4.54
CA ALA A 26 10.60 2.63 4.32
C ALA A 26 11.03 1.69 3.19
N LYS A 27 10.72 0.39 3.30
CA LYS A 27 10.99 -0.58 2.27
C LYS A 27 10.25 -0.13 1.01
N PRO A 28 10.93 0.13 -0.11
CA PRO A 28 10.26 0.53 -1.33
C PRO A 28 9.16 -0.46 -1.70
N VAL A 29 8.03 0.07 -2.19
CA VAL A 29 6.91 -0.75 -2.64
C VAL A 29 7.23 -1.30 -4.03
N LYS A 30 8.04 -0.56 -4.79
CA LYS A 30 8.47 -0.90 -6.15
C LYS A 30 8.66 -2.41 -6.31
N GLY A 31 7.70 -3.02 -7.00
CA GLY A 31 7.63 -4.41 -7.30
C GLY A 31 7.92 -5.37 -6.14
N GLN A 32 7.37 -5.14 -4.94
CA GLN A 32 7.53 -6.19 -3.91
C GLN A 32 6.72 -7.41 -4.36
N GLY A 33 6.58 -8.38 -3.46
CA GLY A 33 5.82 -9.59 -3.78
C GLY A 33 4.35 -9.41 -3.45
N ALA A 34 3.48 -9.63 -4.43
CA ALA A 34 2.04 -9.59 -4.29
C ALA A 34 1.55 -10.22 -2.98
N GLU A 35 2.04 -11.39 -2.61
CA GLU A 35 1.63 -12.05 -1.37
C GLU A 35 2.04 -11.22 -0.14
N GLU A 36 3.29 -10.76 -0.11
CA GLU A 36 3.82 -9.94 0.97
C GLU A 36 2.93 -8.70 1.08
N LEU A 37 2.78 -8.00 -0.04
CA LEU A 37 1.99 -6.83 -0.19
C LEU A 37 0.59 -7.11 0.35
N TYR A 38 -0.19 -8.01 -0.26
CA TYR A 38 -1.56 -8.38 0.14
C TYR A 38 -1.72 -8.40 1.64
N LYS A 39 -0.93 -9.27 2.26
CA LYS A 39 -0.90 -9.45 3.69
C LYS A 39 -0.67 -8.09 4.37
N LYS A 40 0.37 -7.39 3.96
CA LYS A 40 0.72 -6.10 4.52
C LYS A 40 -0.38 -5.03 4.33
N MET A 41 -0.92 -4.80 3.12
CA MET A 41 -2.03 -3.86 2.94
C MET A 41 -3.21 -4.28 3.82
N LYS A 42 -3.52 -5.58 3.92
CA LYS A 42 -4.60 -6.02 4.80
C LYS A 42 -4.27 -5.64 6.25
N GLY A 43 -3.02 -5.90 6.68
CA GLY A 43 -2.53 -5.57 8.00
C GLY A 43 -2.66 -4.07 8.29
N TYR A 44 -2.24 -3.24 7.34
CA TYR A 44 -2.33 -1.80 7.42
C TYR A 44 -3.79 -1.40 7.58
N ALA A 45 -4.66 -1.81 6.66
CA ALA A 45 -6.09 -1.51 6.72
C ALA A 45 -6.67 -1.91 8.08
N ASP A 46 -6.37 -3.13 8.52
CA ASP A 46 -6.82 -3.67 9.79
C ASP A 46 -6.27 -2.85 10.97
N GLY A 47 -5.07 -2.28 10.80
CA GLY A 47 -4.41 -1.48 11.82
C GLY A 47 -3.55 -2.33 12.74
N SER A 48 -3.17 -3.53 12.30
CA SER A 48 -2.28 -4.40 13.05
C SER A 48 -0.86 -4.09 12.62
N TYR A 49 -0.58 -4.38 11.34
CA TYR A 49 0.70 -4.08 10.74
C TYR A 49 0.77 -2.57 10.48
N GLY A 50 0.90 -1.78 11.55
CA GLY A 50 0.97 -0.32 11.47
C GLY A 50 1.95 0.21 12.51
N GLY A 51 1.64 1.36 13.13
CA GLY A 51 2.46 1.98 14.15
C GLY A 51 2.90 3.40 13.74
N GLU A 52 2.65 4.36 14.63
CA GLU A 52 2.99 5.78 14.51
C GLU A 52 2.74 6.33 13.11
N ARG A 53 3.81 6.54 12.31
CA ARG A 53 3.73 7.08 10.96
C ARG A 53 2.70 6.35 10.11
N LYS A 54 2.58 5.04 10.33
CA LYS A 54 1.73 4.16 9.57
C LYS A 54 0.24 4.37 9.88
N ALA A 55 -0.10 5.17 10.90
CA ALA A 55 -1.49 5.45 11.25
C ALA A 55 -2.24 6.08 10.08
N MET A 56 -1.64 7.08 9.43
CA MET A 56 -2.24 7.75 8.28
C MET A 56 -2.50 6.71 7.19
N MET A 57 -1.44 5.96 6.84
CA MET A 57 -1.50 4.91 5.85
C MET A 57 -2.63 3.93 6.19
N THR A 58 -2.71 3.44 7.43
CA THR A 58 -3.79 2.56 7.88
C THR A 58 -5.14 3.13 7.42
N ASN A 59 -5.44 4.40 7.73
CA ASN A 59 -6.71 4.98 7.30
C ASN A 59 -6.79 5.00 5.77
N ALA A 60 -5.70 5.35 5.09
CA ALA A 60 -5.68 5.36 3.63
C ALA A 60 -6.09 3.99 3.08
N VAL A 61 -5.50 2.90 3.58
CA VAL A 61 -5.85 1.56 3.12
C VAL A 61 -7.23 1.17 3.62
N LYS A 62 -7.66 1.65 4.79
CA LYS A 62 -8.94 1.30 5.37
C LYS A 62 -10.11 1.58 4.40
N LYS A 63 -9.93 2.52 3.46
CA LYS A 63 -10.95 2.83 2.48
C LYS A 63 -11.22 1.63 1.54
N ALA A 64 -10.24 0.73 1.40
CA ALA A 64 -10.29 -0.47 0.57
C ALA A 64 -11.08 -1.58 1.25
N SER A 65 -11.08 -2.76 0.64
CA SER A 65 -11.65 -4.02 1.11
C SER A 65 -10.97 -5.11 0.27
N ASP A 66 -11.25 -6.39 0.57
CA ASP A 66 -10.57 -7.54 -0.01
C ASP A 66 -10.20 -7.43 -1.50
N GLU A 67 -11.17 -7.24 -2.39
CA GLU A 67 -10.93 -7.15 -3.81
C GLU A 67 -9.88 -6.10 -4.12
N GLU A 68 -10.07 -4.92 -3.54
CA GLU A 68 -9.21 -3.79 -3.72
C GLU A 68 -7.82 -4.08 -3.14
N LEU A 69 -7.73 -4.66 -1.93
CA LEU A 69 -6.50 -4.99 -1.29
C LEU A 69 -5.70 -5.93 -2.18
N LYS A 70 -6.33 -7.04 -2.62
CA LYS A 70 -5.71 -8.02 -3.48
C LYS A 70 -5.23 -7.34 -4.76
N ALA A 71 -6.12 -6.61 -5.43
CA ALA A 71 -5.80 -5.95 -6.67
C ALA A 71 -4.69 -4.90 -6.49
N LEU A 72 -4.66 -4.18 -5.38
CA LEU A 72 -3.67 -3.16 -5.17
C LEU A 72 -2.34 -3.88 -4.99
N ALA A 73 -2.31 -4.94 -4.17
CA ALA A 73 -1.12 -5.77 -4.03
C ALA A 73 -0.64 -6.25 -5.40
N ASP A 74 -1.53 -6.86 -6.19
CA ASP A 74 -1.20 -7.36 -7.52
C ASP A 74 -0.58 -6.26 -8.38
N TYR A 75 -1.26 -5.11 -8.45
CA TYR A 75 -0.79 -3.96 -9.22
C TYR A 75 0.61 -3.54 -8.78
N MET A 76 0.72 -3.13 -7.52
CA MET A 76 1.95 -2.66 -6.92
C MET A 76 3.09 -3.67 -7.04
N SER A 77 2.78 -4.97 -7.02
CA SER A 77 3.77 -6.01 -7.20
C SER A 77 4.44 -5.95 -8.58
N LYS A 78 3.94 -5.15 -9.53
CA LYS A 78 4.51 -5.03 -10.87
C LYS A 78 4.51 -3.53 -11.22
N LEU A 79 5.10 -2.72 -10.34
CA LEU A 79 5.10 -1.29 -10.42
C LEU A 79 6.45 -0.80 -9.88
N ALA A 1 -13.81 -0.70 -5.86
CA ALA A 1 -12.73 0.08 -6.50
C ALA A 1 -11.71 -0.91 -7.08
N ASP A 2 -10.50 -0.48 -7.45
CA ASP A 2 -9.49 -1.36 -8.03
C ASP A 2 -8.10 -0.79 -7.82
N GLY A 3 -7.11 -1.71 -7.78
CA GLY A 3 -5.68 -1.46 -7.66
C GLY A 3 -5.24 -0.09 -8.17
N ALA A 4 -5.42 0.18 -9.46
CA ALA A 4 -5.00 1.43 -10.09
C ALA A 4 -5.76 2.63 -9.51
N ALA A 5 -7.09 2.55 -9.52
CA ALA A 5 -7.97 3.60 -9.02
C ALA A 5 -7.63 3.96 -7.57
N LEU A 6 -7.18 2.98 -6.79
CA LEU A 6 -6.76 3.19 -5.42
C LEU A 6 -5.37 3.84 -5.40
N TYR A 7 -4.40 3.17 -6.04
CA TYR A 7 -3.00 3.56 -6.07
C TYR A 7 -2.77 5.02 -6.47
N LYS A 8 -3.61 5.56 -7.37
CA LYS A 8 -3.50 6.96 -7.77
C LYS A 8 -3.55 7.91 -6.55
N SER A 9 -4.09 7.46 -5.42
CA SER A 9 -4.17 8.21 -4.18
C SER A 9 -2.91 8.04 -3.32
N CYS A 10 -2.16 6.96 -3.55
CA CYS A 10 -1.00 6.54 -2.78
C CYS A 10 0.30 7.11 -3.35
N ILE A 11 0.35 7.27 -4.69
CA ILE A 11 1.51 7.90 -5.34
C ILE A 11 1.80 9.26 -4.70
N GLY A 12 3.02 9.75 -4.87
CA GLY A 12 3.45 11.02 -4.30
C GLY A 12 4.31 10.76 -3.06
N CYS A 13 3.83 9.99 -2.08
CA CYS A 13 4.68 9.67 -0.94
C CYS A 13 5.72 8.69 -1.46
N HIS A 14 5.18 7.58 -1.95
CA HIS A 14 5.91 6.46 -2.52
C HIS A 14 6.71 6.85 -3.76
N GLY A 15 6.19 7.80 -4.54
CA GLY A 15 6.75 8.22 -5.81
C GLY A 15 5.73 7.85 -6.87
N ALA A 16 6.20 7.31 -7.99
CA ALA A 16 5.36 6.79 -9.06
C ALA A 16 5.39 5.26 -8.96
N ASP A 17 6.58 4.67 -9.13
CA ASP A 17 6.80 3.24 -9.01
C ASP A 17 6.62 2.77 -7.56
N GLY A 18 7.14 3.57 -6.63
CA GLY A 18 7.10 3.33 -5.20
C GLY A 18 8.51 3.10 -4.68
N SER A 19 9.36 4.12 -4.82
CA SER A 19 10.77 4.11 -4.52
C SER A 19 11.15 4.88 -3.25
N LYS A 20 10.41 5.94 -2.89
CA LYS A 20 10.86 6.80 -1.79
C LYS A 20 10.64 6.19 -0.41
N ALA A 21 11.68 6.24 0.42
CA ALA A 21 11.57 5.92 1.84
C ALA A 21 10.94 7.16 2.48
N ALA A 22 9.65 7.35 2.23
CA ALA A 22 8.83 8.51 2.59
C ALA A 22 8.87 8.84 4.09
N MET A 23 7.79 8.53 4.81
CA MET A 23 7.75 8.75 6.25
C MET A 23 8.68 7.76 6.96
N GLY A 24 9.98 8.03 6.92
CA GLY A 24 10.99 7.19 7.54
C GLY A 24 11.43 6.05 6.62
N SER A 25 12.27 5.15 7.13
CA SER A 25 12.86 4.02 6.43
C SER A 25 11.83 2.97 5.96
N ALA A 26 10.98 3.37 5.03
CA ALA A 26 9.94 2.53 4.45
C ALA A 26 10.54 1.62 3.38
N LYS A 27 10.26 0.30 3.40
CA LYS A 27 10.73 -0.54 2.30
C LYS A 27 10.04 0.00 1.06
N PRO A 28 10.74 0.22 -0.05
CA PRO A 28 10.12 0.76 -1.23
C PRO A 28 9.01 -0.18 -1.68
N VAL A 29 7.90 0.38 -2.14
CA VAL A 29 6.73 -0.38 -2.51
C VAL A 29 6.92 -1.13 -3.82
N LYS A 30 7.60 -0.50 -4.80
CA LYS A 30 7.85 -0.98 -6.14
C LYS A 30 7.95 -2.51 -6.22
N GLY A 31 6.82 -3.17 -6.43
CA GLY A 31 6.67 -4.60 -6.44
C GLY A 31 7.51 -5.33 -5.38
N GLN A 32 7.48 -4.91 -4.10
CA GLN A 32 8.31 -5.58 -3.07
C GLN A 32 7.99 -7.08 -2.95
N GLY A 33 6.75 -7.45 -3.30
CA GLY A 33 6.26 -8.81 -3.42
C GLY A 33 4.73 -8.77 -3.38
N ALA A 34 4.00 -9.48 -4.25
CA ALA A 34 2.54 -9.41 -4.22
C ALA A 34 2.00 -9.98 -2.90
N GLU A 35 2.54 -11.11 -2.45
CA GLU A 35 2.14 -11.68 -1.17
C GLU A 35 2.51 -10.71 -0.05
N GLU A 36 3.76 -10.21 -0.10
CA GLU A 36 4.33 -9.25 0.84
C GLU A 36 3.34 -8.10 1.02
N LEU A 37 3.04 -7.44 -0.10
CA LEU A 37 2.15 -6.31 -0.17
C LEU A 37 0.77 -6.72 0.33
N TYR A 38 0.11 -7.72 -0.27
CA TYR A 38 -1.23 -8.18 0.11
C TYR A 38 -1.39 -8.23 1.62
N LYS A 39 -0.54 -9.05 2.22
CA LYS A 39 -0.51 -9.25 3.65
C LYS A 39 -0.42 -7.91 4.40
N LYS A 40 0.45 -7.01 3.95
CA LYS A 40 0.63 -5.70 4.55
C LYS A 40 -0.57 -4.78 4.33
N MET A 41 -1.15 -4.68 3.12
CA MET A 41 -2.39 -3.93 2.95
C MET A 41 -3.45 -4.47 3.91
N LYS A 42 -3.58 -5.80 3.99
CA LYS A 42 -4.52 -6.45 4.91
C LYS A 42 -4.15 -6.05 6.34
N GLY A 43 -2.85 -6.02 6.62
CA GLY A 43 -2.22 -5.57 7.84
C GLY A 43 -2.79 -4.21 8.27
N TYR A 44 -2.56 -3.22 7.40
CA TYR A 44 -2.99 -1.85 7.57
C TYR A 44 -4.50 -1.79 7.74
N ALA A 45 -5.24 -2.40 6.81
CA ALA A 45 -6.69 -2.44 6.84
C ALA A 45 -7.21 -3.02 8.17
N ASP A 46 -6.55 -4.06 8.69
CA ASP A 46 -6.93 -4.66 9.96
C ASP A 46 -6.58 -3.71 11.10
N GLY A 47 -5.50 -2.94 10.96
CA GLY A 47 -5.07 -1.94 11.91
C GLY A 47 -3.97 -2.46 12.83
N SER A 48 -3.63 -3.75 12.73
CA SER A 48 -2.59 -4.37 13.52
C SER A 48 -1.24 -3.90 13.00
N TYR A 49 -0.99 -4.19 11.73
CA TYR A 49 0.23 -3.80 11.05
C TYR A 49 0.18 -2.30 10.76
N GLY A 50 0.40 -1.46 11.77
CA GLY A 50 0.36 -0.02 11.61
C GLY A 50 0.76 0.69 12.91
N GLY A 51 0.61 2.01 12.95
CA GLY A 51 0.94 2.84 14.11
C GLY A 51 1.87 4.00 13.72
N GLU A 52 1.72 5.13 14.43
CA GLU A 52 2.49 6.36 14.28
C GLU A 52 2.59 6.80 12.81
N ARG A 53 3.71 6.52 12.16
CA ARG A 53 3.95 6.83 10.76
C ARG A 53 2.87 6.15 9.90
N LYS A 54 2.55 4.90 10.23
CA LYS A 54 1.54 4.13 9.54
C LYS A 54 0.19 4.50 10.14
N ALA A 55 -0.30 5.67 9.73
CA ALA A 55 -1.58 6.22 10.18
C ALA A 55 -2.44 6.71 9.02
N MET A 56 -2.02 7.79 8.36
CA MET A 56 -2.73 8.37 7.23
C MET A 56 -2.97 7.27 6.19
N MET A 57 -1.86 6.64 5.80
CA MET A 57 -1.83 5.50 4.91
C MET A 57 -2.82 4.45 5.40
N THR A 58 -2.69 4.03 6.66
CA THR A 58 -3.53 2.99 7.25
C THR A 58 -5.00 3.29 7.01
N ASN A 59 -5.48 4.47 7.39
CA ASN A 59 -6.88 4.78 7.18
C ASN A 59 -7.20 4.87 5.69
N ALA A 60 -6.29 5.39 4.87
CA ALA A 60 -6.53 5.48 3.44
C ALA A 60 -6.76 4.08 2.85
N VAL A 61 -5.78 3.19 3.00
CA VAL A 61 -5.87 1.83 2.48
C VAL A 61 -7.03 1.08 3.13
N LYS A 62 -7.35 1.35 4.41
CA LYS A 62 -8.48 0.73 5.10
C LYS A 62 -9.79 0.79 4.28
N LYS A 63 -9.97 1.80 3.42
CA LYS A 63 -11.17 1.87 2.61
C LYS A 63 -11.29 0.65 1.66
N ALA A 64 -10.15 0.12 1.19
CA ALA A 64 -10.07 -1.00 0.28
C ALA A 64 -10.53 -2.29 0.95
N SER A 65 -11.48 -3.01 0.33
CA SER A 65 -11.91 -4.32 0.80
C SER A 65 -11.00 -5.37 0.15
N ASP A 66 -11.27 -6.66 0.36
CA ASP A 66 -10.40 -7.73 -0.13
C ASP A 66 -10.00 -7.57 -1.59
N GLU A 67 -10.98 -7.42 -2.49
CA GLU A 67 -10.77 -7.19 -3.91
C GLU A 67 -9.67 -6.18 -4.15
N GLU A 68 -9.88 -5.01 -3.58
CA GLU A 68 -9.03 -3.87 -3.68
C GLU A 68 -7.65 -4.13 -3.07
N LEU A 69 -7.60 -4.69 -1.87
CA LEU A 69 -6.33 -5.01 -1.19
C LEU A 69 -5.51 -5.94 -2.10
N LYS A 70 -6.13 -7.01 -2.63
CA LYS A 70 -5.47 -7.93 -3.54
C LYS A 70 -5.00 -7.19 -4.80
N ALA A 71 -5.92 -6.43 -5.41
CA ALA A 71 -5.63 -5.72 -6.63
C ALA A 71 -4.54 -4.66 -6.46
N LEU A 72 -4.44 -4.03 -5.28
CA LEU A 72 -3.40 -3.08 -5.00
C LEU A 72 -2.07 -3.82 -5.07
N ALA A 73 -1.95 -4.90 -4.28
CA ALA A 73 -0.75 -5.72 -4.29
C ALA A 73 -0.39 -6.14 -5.71
N ASP A 74 -1.36 -6.71 -6.44
CA ASP A 74 -1.18 -7.13 -7.82
C ASP A 74 -0.65 -5.98 -8.69
N TYR A 75 -1.36 -4.84 -8.70
CA TYR A 75 -1.00 -3.68 -9.51
C TYR A 75 0.44 -3.25 -9.22
N MET A 76 0.75 -2.98 -7.96
CA MET A 76 2.06 -2.58 -7.51
C MET A 76 3.12 -3.61 -7.87
N SER A 77 2.76 -4.90 -7.87
CA SER A 77 3.61 -5.99 -8.31
C SER A 77 3.53 -6.21 -9.82
N LYS A 78 3.13 -5.20 -10.60
CA LYS A 78 3.03 -5.25 -12.04
C LYS A 78 3.39 -3.84 -12.51
N LEU A 79 4.36 -3.26 -11.81
CA LEU A 79 4.86 -1.93 -11.90
C LEU A 79 6.38 -2.02 -11.91
N ALA A 1 -10.74 1.37 -12.09
CA ALA A 1 -10.91 -0.04 -11.69
C ALA A 1 -10.10 -0.30 -10.43
N ASP A 2 -10.34 -1.45 -9.77
CA ASP A 2 -9.65 -1.89 -8.57
C ASP A 2 -8.12 -1.86 -8.77
N GLY A 3 -7.38 -1.65 -7.68
CA GLY A 3 -5.94 -1.54 -7.70
C GLY A 3 -5.52 -0.17 -8.22
N ALA A 4 -5.73 0.00 -9.52
CA ALA A 4 -5.35 1.16 -10.31
C ALA A 4 -5.94 2.47 -9.77
N ALA A 5 -7.26 2.49 -9.54
CA ALA A 5 -7.94 3.69 -9.07
C ALA A 5 -7.35 4.16 -7.74
N LEU A 6 -7.16 3.22 -6.81
CA LEU A 6 -6.65 3.54 -5.49
C LEU A 6 -5.21 4.03 -5.58
N TYR A 7 -4.38 3.26 -6.29
CA TYR A 7 -2.94 3.49 -6.42
C TYR A 7 -2.57 4.96 -6.64
N LYS A 8 -3.29 5.65 -7.52
CA LYS A 8 -3.09 7.04 -7.85
C LYS A 8 -2.93 7.92 -6.62
N SER A 9 -3.65 7.60 -5.54
CA SER A 9 -3.57 8.33 -4.29
C SER A 9 -2.21 8.09 -3.61
N CYS A 10 -1.79 6.83 -3.61
CA CYS A 10 -0.60 6.34 -2.92
C CYS A 10 0.67 6.97 -3.49
N ILE A 11 0.64 7.30 -4.78
CA ILE A 11 1.71 8.02 -5.45
C ILE A 11 2.14 9.21 -4.60
N GLY A 12 1.17 9.87 -3.95
CA GLY A 12 1.40 11.01 -3.07
C GLY A 12 2.56 10.80 -2.10
N CYS A 13 2.73 9.59 -1.57
CA CYS A 13 3.83 9.30 -0.64
C CYS A 13 4.85 8.36 -1.26
N HIS A 14 4.44 7.46 -2.15
CA HIS A 14 5.32 6.42 -2.69
C HIS A 14 5.89 6.71 -4.08
N GLY A 15 5.51 7.81 -4.72
CA GLY A 15 6.03 8.14 -6.03
C GLY A 15 5.36 7.36 -7.16
N ALA A 16 5.57 7.83 -8.39
CA ALA A 16 4.98 7.29 -9.60
C ALA A 16 5.02 5.77 -9.62
N ASP A 17 6.21 5.19 -9.42
CA ASP A 17 6.45 3.75 -9.44
C ASP A 17 6.73 3.17 -8.06
N GLY A 18 5.95 3.56 -7.05
CA GLY A 18 6.01 3.10 -5.67
C GLY A 18 7.42 3.01 -5.08
N SER A 19 8.34 3.84 -5.57
CA SER A 19 9.76 3.81 -5.30
C SER A 19 10.15 4.52 -4.01
N LYS A 20 9.91 5.82 -3.94
CA LYS A 20 10.37 6.63 -2.83
C LYS A 20 9.84 6.15 -1.47
N ALA A 21 10.70 6.22 -0.45
CA ALA A 21 10.31 5.92 0.91
C ALA A 21 9.32 7.00 1.37
N ALA A 22 8.33 6.60 2.17
CA ALA A 22 7.30 7.48 2.65
C ALA A 22 7.72 8.13 3.98
N MET A 23 6.88 8.05 5.02
CA MET A 23 7.16 8.62 6.32
C MET A 23 8.28 7.84 7.02
N GLY A 24 9.53 8.04 6.62
CA GLY A 24 10.69 7.39 7.20
C GLY A 24 11.09 6.12 6.45
N SER A 25 11.87 5.26 7.11
CA SER A 25 12.43 4.02 6.60
C SER A 25 11.37 2.99 6.18
N ALA A 26 10.66 3.26 5.09
CA ALA A 26 9.65 2.40 4.53
C ALA A 26 10.28 1.46 3.51
N LYS A 27 9.98 0.15 3.53
CA LYS A 27 10.49 -0.69 2.44
C LYS A 27 9.79 -0.16 1.18
N PRO A 28 10.50 0.04 0.07
CA PRO A 28 9.88 0.59 -1.12
C PRO A 28 8.74 -0.32 -1.53
N VAL A 29 7.62 0.27 -1.96
CA VAL A 29 6.43 -0.51 -2.25
C VAL A 29 6.59 -1.22 -3.59
N LYS A 30 7.23 -0.54 -4.55
CA LYS A 30 7.51 -1.00 -5.91
C LYS A 30 7.82 -2.49 -5.92
N GLY A 31 6.79 -3.30 -6.20
CA GLY A 31 6.83 -4.73 -6.20
C GLY A 31 7.71 -5.37 -5.11
N GLN A 32 7.54 -4.97 -3.83
CA GLN A 32 8.31 -5.65 -2.77
C GLN A 32 7.99 -7.17 -2.77
N GLY A 33 6.80 -7.50 -3.24
CA GLY A 33 6.27 -8.83 -3.55
C GLY A 33 4.75 -8.78 -3.46
N ALA A 34 3.97 -9.33 -4.39
CA ALA A 34 2.52 -9.27 -4.28
C ALA A 34 2.03 -9.91 -2.98
N GLU A 35 2.68 -11.00 -2.55
CA GLU A 35 2.36 -11.66 -1.30
C GLU A 35 2.69 -10.71 -0.13
N GLU A 36 3.93 -10.19 -0.11
CA GLU A 36 4.41 -9.23 0.87
C GLU A 36 3.38 -8.12 1.01
N LEU A 37 3.16 -7.43 -0.11
CA LEU A 37 2.24 -6.35 -0.28
C LEU A 37 0.88 -6.76 0.29
N TYR A 38 0.20 -7.73 -0.32
CA TYR A 38 -1.12 -8.18 0.12
C TYR A 38 -1.18 -8.34 1.64
N LYS A 39 -0.22 -9.08 2.19
CA LYS A 39 -0.17 -9.29 3.63
C LYS A 39 -0.08 -7.96 4.38
N LYS A 40 0.80 -7.04 3.99
CA LYS A 40 0.93 -5.76 4.64
C LYS A 40 -0.32 -4.88 4.44
N MET A 41 -0.84 -4.70 3.22
CA MET A 41 -2.07 -3.90 3.05
C MET A 41 -3.21 -4.52 3.87
N LYS A 42 -3.36 -5.85 3.88
CA LYS A 42 -4.39 -6.47 4.70
C LYS A 42 -4.09 -6.22 6.17
N GLY A 43 -2.83 -6.35 6.58
CA GLY A 43 -2.35 -6.09 7.93
C GLY A 43 -2.81 -4.71 8.40
N TYR A 44 -2.51 -3.70 7.58
CA TYR A 44 -2.88 -2.32 7.85
C TYR A 44 -4.40 -2.19 7.90
N ALA A 45 -5.10 -2.62 6.85
CA ALA A 45 -6.55 -2.49 6.76
C ALA A 45 -7.25 -3.11 7.98
N ASP A 46 -6.80 -4.31 8.38
CA ASP A 46 -7.32 -5.00 9.55
C ASP A 46 -6.92 -4.25 10.82
N GLY A 47 -5.70 -3.73 10.86
CA GLY A 47 -5.14 -3.01 12.00
C GLY A 47 -4.12 -3.86 12.76
N SER A 48 -3.69 -4.99 12.19
CA SER A 48 -2.67 -5.85 12.76
C SER A 48 -1.31 -5.19 12.53
N TYR A 49 -1.11 -4.63 11.34
CA TYR A 49 0.10 -3.89 10.98
C TYR A 49 -0.21 -2.40 11.16
N GLY A 50 0.79 -1.59 11.47
CA GLY A 50 0.63 -0.16 11.67
C GLY A 50 1.65 0.32 12.70
N GLY A 51 1.35 1.43 13.39
CA GLY A 51 2.20 2.00 14.42
C GLY A 51 2.77 3.36 14.00
N GLU A 52 2.47 4.40 14.80
CA GLU A 52 2.91 5.78 14.68
C GLU A 52 3.08 6.28 13.24
N ARG A 53 4.28 6.16 12.66
CA ARG A 53 4.59 6.57 11.31
C ARG A 53 3.60 6.03 10.27
N LYS A 54 3.08 4.82 10.53
CA LYS A 54 2.17 4.12 9.65
C LYS A 54 0.71 4.48 9.94
N ALA A 55 0.43 5.45 10.81
CA ALA A 55 -0.95 5.81 11.15
C ALA A 55 -1.74 6.27 9.93
N MET A 56 -1.27 7.31 9.25
CA MET A 56 -1.94 7.85 8.06
C MET A 56 -2.09 6.75 7.01
N MET A 57 -1.00 6.01 6.79
CA MET A 57 -0.93 4.87 5.90
C MET A 57 -2.07 3.89 6.22
N THR A 58 -2.16 3.48 7.48
CA THR A 58 -3.18 2.57 7.98
C THR A 58 -4.56 3.12 7.66
N ASN A 59 -4.84 4.37 8.06
CA ASN A 59 -6.12 5.01 7.79
C ASN A 59 -6.44 4.98 6.30
N ALA A 60 -5.46 5.33 5.46
CA ALA A 60 -5.68 5.40 4.02
C ALA A 60 -6.15 4.04 3.49
N VAL A 61 -5.34 3.00 3.68
CA VAL A 61 -5.70 1.68 3.16
C VAL A 61 -6.95 1.11 3.85
N LYS A 62 -7.17 1.42 5.13
CA LYS A 62 -8.35 0.96 5.86
C LYS A 62 -9.65 1.40 5.18
N LYS A 63 -9.62 2.48 4.38
CA LYS A 63 -10.80 2.93 3.68
C LYS A 63 -11.12 2.05 2.45
N ALA A 64 -10.20 1.17 2.04
CA ALA A 64 -10.37 0.24 0.94
C ALA A 64 -10.90 -1.11 1.45
N SER A 65 -11.16 -2.07 0.54
CA SER A 65 -11.68 -3.39 0.87
C SER A 65 -10.75 -4.46 0.29
N ASP A 66 -10.80 -5.68 0.83
CA ASP A 66 -9.94 -6.81 0.48
C ASP A 66 -9.69 -6.95 -1.03
N GLU A 67 -10.74 -6.82 -1.85
CA GLU A 67 -10.60 -6.90 -3.30
C GLU A 67 -9.61 -5.84 -3.78
N GLU A 68 -9.83 -4.60 -3.34
CA GLU A 68 -8.99 -3.47 -3.64
C GLU A 68 -7.57 -3.77 -3.17
N LEU A 69 -7.39 -4.28 -1.95
CA LEU A 69 -6.11 -4.60 -1.39
C LEU A 69 -5.34 -5.58 -2.27
N LYS A 70 -5.97 -6.71 -2.61
CA LYS A 70 -5.35 -7.71 -3.48
C LYS A 70 -4.95 -7.05 -4.79
N ALA A 71 -5.86 -6.27 -5.38
CA ALA A 71 -5.60 -5.59 -6.63
C ALA A 71 -4.50 -4.53 -6.50
N LEU A 72 -4.39 -3.85 -5.36
CA LEU A 72 -3.40 -2.84 -5.10
C LEU A 72 -2.04 -3.55 -5.05
N ALA A 73 -1.95 -4.62 -4.25
CA ALA A 73 -0.76 -5.45 -4.20
C ALA A 73 -0.38 -5.90 -5.62
N ASP A 74 -1.33 -6.48 -6.36
CA ASP A 74 -1.09 -6.93 -7.72
C ASP A 74 -0.54 -5.80 -8.58
N TYR A 75 -1.22 -4.65 -8.59
CA TYR A 75 -0.82 -3.48 -9.37
C TYR A 75 0.63 -3.11 -9.05
N MET A 76 0.91 -2.84 -7.78
CA MET A 76 2.24 -2.45 -7.34
C MET A 76 3.28 -3.57 -7.57
N SER A 77 2.83 -4.83 -7.66
CA SER A 77 3.68 -5.95 -8.02
C SER A 77 3.81 -6.10 -9.54
N LYS A 78 3.42 -5.09 -10.31
CA LYS A 78 3.50 -5.05 -11.76
C LYS A 78 3.74 -3.58 -12.10
N LEU A 79 4.71 -2.98 -11.42
CA LEU A 79 5.01 -1.57 -11.44
C LEU A 79 6.51 -1.45 -11.18
N ALA A 1 -13.27 -3.34 -10.47
CA ALA A 1 -12.03 -2.63 -10.86
C ALA A 1 -11.60 -1.81 -9.66
N ASP A 2 -10.28 -1.70 -9.39
CA ASP A 2 -9.70 -1.07 -8.22
C ASP A 2 -8.18 -1.30 -8.30
N GLY A 3 -7.44 -1.19 -7.20
CA GLY A 3 -5.99 -1.34 -7.20
C GLY A 3 -5.32 -0.06 -7.70
N ALA A 4 -5.52 0.20 -8.99
CA ALA A 4 -4.93 1.33 -9.69
C ALA A 4 -5.38 2.66 -9.08
N ALA A 5 -6.71 2.86 -9.02
CA ALA A 5 -7.29 4.07 -8.47
C ALA A 5 -6.76 4.33 -7.05
N LEU A 6 -6.74 3.29 -6.23
CA LEU A 6 -6.25 3.36 -4.86
C LEU A 6 -4.79 3.82 -4.84
N TYR A 7 -3.93 3.15 -5.63
CA TYR A 7 -2.50 3.48 -5.68
C TYR A 7 -2.25 4.98 -5.83
N LYS A 8 -3.01 5.61 -6.72
CA LYS A 8 -2.89 7.04 -6.97
C LYS A 8 -2.85 7.85 -5.66
N SER A 9 -3.71 7.52 -4.69
CA SER A 9 -3.78 8.22 -3.41
C SER A 9 -2.53 8.05 -2.54
N CYS A 10 -1.65 7.11 -2.90
CA CYS A 10 -0.44 6.75 -2.16
C CYS A 10 0.79 7.48 -2.72
N ILE A 11 0.67 7.96 -3.97
CA ILE A 11 1.71 8.76 -4.61
C ILE A 11 2.03 9.94 -3.69
N GLY A 12 3.25 10.45 -3.78
CA GLY A 12 3.72 11.50 -2.90
C GLY A 12 4.52 10.86 -1.77
N CYS A 13 3.96 9.84 -1.10
CA CYS A 13 4.72 9.14 -0.09
C CYS A 13 5.53 8.07 -0.81
N HIS A 14 4.85 7.29 -1.65
CA HIS A 14 5.45 6.22 -2.42
C HIS A 14 6.08 6.73 -3.72
N GLY A 15 5.52 7.82 -4.26
CA GLY A 15 6.02 8.42 -5.48
C GLY A 15 5.41 7.75 -6.71
N ALA A 16 6.07 7.93 -7.85
CA ALA A 16 5.62 7.43 -9.15
C ALA A 16 5.25 5.96 -9.13
N ASP A 17 6.16 5.09 -8.66
CA ASP A 17 5.97 3.66 -8.72
C ASP A 17 6.59 2.96 -7.51
N GLY A 18 6.02 3.20 -6.32
CA GLY A 18 6.50 2.66 -5.06
C GLY A 18 8.01 2.87 -4.91
N SER A 19 8.49 3.98 -5.47
CA SER A 19 9.87 4.34 -5.65
C SER A 19 10.53 4.90 -4.39
N LYS A 20 9.87 5.84 -3.73
CA LYS A 20 10.42 6.51 -2.58
C LYS A 20 10.28 5.65 -1.33
N ALA A 21 11.32 5.69 -0.49
CA ALA A 21 11.33 5.07 0.83
C ALA A 21 10.41 5.90 1.72
N ALA A 22 9.10 5.69 1.54
CA ALA A 22 7.98 6.39 2.15
C ALA A 22 8.29 6.98 3.54
N MET A 23 7.90 8.25 3.72
CA MET A 23 8.26 9.09 4.86
C MET A 23 9.78 9.24 4.92
N GLY A 24 10.47 8.20 5.37
CA GLY A 24 11.91 8.15 5.49
C GLY A 24 12.28 6.82 6.12
N SER A 25 13.03 5.98 5.42
CA SER A 25 13.42 4.65 5.89
C SER A 25 12.19 3.75 5.99
N ALA A 26 11.74 3.28 4.82
CA ALA A 26 10.65 2.36 4.60
C ALA A 26 11.03 1.59 3.35
N LYS A 27 10.76 0.28 3.28
CA LYS A 27 11.09 -0.52 2.12
C LYS A 27 10.26 -0.03 0.93
N PRO A 28 10.86 0.53 -0.14
CA PRO A 28 10.11 1.02 -1.28
C PRO A 28 9.15 -0.04 -1.83
N VAL A 29 7.86 0.29 -1.87
CA VAL A 29 6.78 -0.60 -2.31
C VAL A 29 7.09 -1.37 -3.59
N LYS A 30 7.72 -0.69 -4.58
CA LYS A 30 7.98 -1.18 -5.92
C LYS A 30 8.12 -2.71 -5.99
N GLY A 31 7.00 -3.39 -6.20
CA GLY A 31 6.89 -4.83 -6.25
C GLY A 31 7.67 -5.61 -5.20
N GLN A 32 7.38 -5.39 -3.89
CA GLN A 32 7.99 -6.21 -2.83
C GLN A 32 7.81 -7.68 -3.21
N GLY A 33 6.54 -8.01 -3.44
CA GLY A 33 5.95 -9.24 -3.96
C GLY A 33 4.48 -9.19 -3.61
N ALA A 34 3.63 -9.75 -4.46
CA ALA A 34 2.18 -9.70 -4.24
C ALA A 34 1.79 -10.31 -2.90
N GLU A 35 2.46 -11.38 -2.48
CA GLU A 35 2.22 -11.99 -1.18
C GLU A 35 2.49 -10.96 -0.09
N GLU A 36 3.72 -10.44 -0.09
CA GLU A 36 4.20 -9.43 0.85
C GLU A 36 3.23 -8.26 0.92
N LEU A 37 2.98 -7.67 -0.26
CA LEU A 37 2.14 -6.54 -0.47
C LEU A 37 0.73 -6.83 0.02
N TYR A 38 0.13 -7.96 -0.36
CA TYR A 38 -1.22 -8.32 0.07
C TYR A 38 -1.28 -8.40 1.60
N LYS A 39 -0.32 -9.10 2.19
CA LYS A 39 -0.25 -9.29 3.63
C LYS A 39 -0.15 -7.96 4.36
N LYS A 40 0.86 -7.16 4.01
CA LYS A 40 1.13 -5.89 4.62
C LYS A 40 -0.03 -4.92 4.39
N MET A 41 -0.53 -4.82 3.15
CA MET A 41 -1.62 -3.91 2.84
C MET A 41 -2.89 -4.34 3.58
N LYS A 42 -3.16 -5.65 3.68
CA LYS A 42 -4.25 -6.15 4.47
C LYS A 42 -3.99 -5.78 5.93
N GLY A 43 -2.73 -5.92 6.37
CA GLY A 43 -2.27 -5.56 7.70
C GLY A 43 -2.67 -4.13 8.03
N TYR A 44 -2.33 -3.20 7.13
CA TYR A 44 -2.67 -1.80 7.26
C TYR A 44 -4.18 -1.63 7.27
N ALA A 45 -4.86 -2.13 6.23
CA ALA A 45 -6.31 -2.02 6.10
C ALA A 45 -7.03 -2.49 7.37
N ASP A 46 -6.59 -3.59 7.96
CA ASP A 46 -7.18 -4.18 9.16
C ASP A 46 -6.58 -3.60 10.44
N GLY A 47 -5.94 -2.42 10.37
CA GLY A 47 -5.34 -1.74 11.52
C GLY A 47 -4.49 -2.66 12.40
N SER A 48 -3.84 -3.65 11.79
CA SER A 48 -3.03 -4.65 12.45
C SER A 48 -1.55 -4.30 12.28
N TYR A 49 -1.15 -3.98 11.04
CA TYR A 49 0.17 -3.47 10.74
C TYR A 49 0.02 -1.95 10.76
N GLY A 50 0.94 -1.21 11.36
CA GLY A 50 0.77 0.24 11.45
C GLY A 50 1.82 0.86 12.37
N GLY A 51 1.53 2.08 12.84
CA GLY A 51 2.39 2.88 13.69
C GLY A 51 1.99 4.34 13.49
N GLU A 52 2.65 5.25 14.22
CA GLU A 52 2.42 6.69 14.19
C GLU A 52 2.24 7.22 12.76
N ARG A 53 3.34 7.39 12.03
CA ARG A 53 3.33 7.90 10.66
C ARG A 53 2.39 7.11 9.75
N LYS A 54 2.34 5.81 10.01
CA LYS A 54 1.57 4.88 9.22
C LYS A 54 0.06 5.11 9.38
N ALA A 55 -0.40 5.76 10.45
CA ALA A 55 -1.82 5.98 10.70
C ALA A 55 -2.59 6.50 9.48
N MET A 56 -2.03 7.51 8.78
CA MET A 56 -2.62 8.09 7.59
C MET A 56 -2.93 6.98 6.57
N MET A 57 -1.88 6.29 6.15
CA MET A 57 -1.93 5.17 5.23
C MET A 57 -2.96 4.14 5.71
N THR A 58 -2.84 3.74 6.98
CA THR A 58 -3.69 2.76 7.62
C THR A 58 -5.16 3.12 7.38
N ASN A 59 -5.59 4.33 7.79
CA ASN A 59 -6.98 4.71 7.59
C ASN A 59 -7.31 4.87 6.11
N ALA A 60 -6.39 5.40 5.31
CA ALA A 60 -6.65 5.62 3.89
C ALA A 60 -6.99 4.29 3.21
N VAL A 61 -6.15 3.29 3.40
CA VAL A 61 -6.32 1.98 2.80
C VAL A 61 -7.44 1.19 3.49
N LYS A 62 -7.72 1.43 4.78
CA LYS A 62 -8.80 0.79 5.51
C LYS A 62 -10.15 0.92 4.78
N LYS A 63 -10.32 1.96 3.95
CA LYS A 63 -11.56 2.16 3.23
C LYS A 63 -11.80 1.07 2.17
N ALA A 64 -10.77 0.30 1.79
CA ALA A 64 -10.82 -0.78 0.81
C ALA A 64 -11.56 -2.01 1.34
N SER A 65 -11.74 -3.00 0.46
CA SER A 65 -12.31 -4.32 0.72
C SER A 65 -11.55 -5.32 -0.16
N ASP A 66 -11.82 -6.62 -0.01
CA ASP A 66 -11.00 -7.67 -0.62
C ASP A 66 -10.62 -7.48 -2.09
N GLU A 67 -11.56 -7.15 -2.99
CA GLU A 67 -11.23 -6.94 -4.40
C GLU A 67 -10.11 -5.92 -4.51
N GLU A 68 -10.33 -4.79 -3.88
CA GLU A 68 -9.43 -3.67 -3.83
C GLU A 68 -8.12 -4.10 -3.17
N LEU A 69 -8.17 -4.82 -2.04
CA LEU A 69 -6.97 -5.26 -1.35
C LEU A 69 -6.09 -6.10 -2.30
N LYS A 70 -6.68 -7.15 -2.88
CA LYS A 70 -6.01 -8.04 -3.81
C LYS A 70 -5.42 -7.23 -4.95
N ALA A 71 -6.24 -6.35 -5.52
CA ALA A 71 -5.83 -5.52 -6.64
C ALA A 71 -4.74 -4.53 -6.25
N LEU A 72 -4.70 -4.04 -5.00
CA LEU A 72 -3.65 -3.12 -4.60
C LEU A 72 -2.33 -3.87 -4.70
N ALA A 73 -2.29 -5.08 -4.12
CA ALA A 73 -1.12 -5.93 -4.19
C ALA A 73 -0.75 -6.19 -5.65
N ASP A 74 -1.67 -6.74 -6.43
CA ASP A 74 -1.45 -7.02 -7.84
C ASP A 74 -0.89 -5.79 -8.58
N TYR A 75 -1.48 -4.61 -8.36
CA TYR A 75 -1.02 -3.38 -8.99
C TYR A 75 0.42 -3.09 -8.57
N MET A 76 0.66 -3.01 -7.27
CA MET A 76 1.97 -2.73 -6.71
C MET A 76 3.03 -3.77 -7.14
N SER A 77 2.61 -4.99 -7.47
CA SER A 77 3.46 -6.06 -7.98
C SER A 77 3.70 -5.95 -9.49
N LYS A 78 3.16 -4.91 -10.14
CA LYS A 78 3.27 -4.68 -11.57
C LYS A 78 3.55 -3.18 -11.70
N LEU A 79 4.48 -2.69 -10.88
CA LEU A 79 4.77 -1.30 -10.70
C LEU A 79 6.25 -1.26 -10.28
N ALA A 1 -8.48 1.05 -13.76
CA ALA A 1 -8.80 -0.31 -13.30
C ALA A 1 -8.64 -0.36 -11.78
N ASP A 2 -9.17 -1.40 -11.13
CA ASP A 2 -9.06 -1.56 -9.68
C ASP A 2 -7.57 -1.66 -9.31
N GLY A 3 -7.25 -1.37 -8.05
CA GLY A 3 -5.89 -1.35 -7.53
C GLY A 3 -5.22 -0.06 -7.96
N ALA A 4 -5.07 0.11 -9.28
CA ALA A 4 -4.48 1.30 -9.89
C ALA A 4 -5.28 2.54 -9.48
N ALA A 5 -6.62 2.48 -9.64
CA ALA A 5 -7.51 3.56 -9.28
C ALA A 5 -7.22 4.07 -7.87
N LEU A 6 -7.14 3.15 -6.90
CA LEU A 6 -6.80 3.50 -5.52
C LEU A 6 -5.41 4.13 -5.49
N TYR A 7 -4.43 3.42 -6.06
CA TYR A 7 -3.03 3.80 -6.06
C TYR A 7 -2.79 5.25 -6.41
N LYS A 8 -3.51 5.76 -7.41
CA LYS A 8 -3.44 7.16 -7.83
C LYS A 8 -3.34 8.11 -6.63
N SER A 9 -4.07 7.84 -5.54
CA SER A 9 -4.03 8.64 -4.34
C SER A 9 -2.66 8.53 -3.65
N CYS A 10 -2.22 7.29 -3.47
CA CYS A 10 -1.01 6.87 -2.77
C CYS A 10 0.24 7.36 -3.49
N ILE A 11 0.16 7.55 -4.82
CA ILE A 11 1.25 8.13 -5.60
C ILE A 11 1.74 9.41 -4.92
N GLY A 12 0.83 10.18 -4.33
CA GLY A 12 1.16 11.41 -3.62
C GLY A 12 2.28 11.21 -2.59
N CYS A 13 2.38 10.02 -1.98
CA CYS A 13 3.38 9.74 -0.95
C CYS A 13 4.48 8.83 -1.50
N HIS A 14 4.08 7.76 -2.20
CA HIS A 14 4.98 6.72 -2.67
C HIS A 14 5.61 6.98 -4.04
N GLY A 15 5.06 7.88 -4.84
CA GLY A 15 5.60 8.18 -6.17
C GLY A 15 5.02 7.24 -7.24
N ALA A 16 5.15 7.65 -8.50
CA ALA A 16 4.62 6.94 -9.66
C ALA A 16 4.93 5.44 -9.60
N ASP A 17 6.21 5.08 -9.51
CA ASP A 17 6.65 3.68 -9.48
C ASP A 17 6.96 3.26 -8.05
N GLY A 18 6.13 3.67 -7.09
CA GLY A 18 6.20 3.35 -5.66
C GLY A 18 7.61 3.37 -5.06
N SER A 19 8.46 4.27 -5.55
CA SER A 19 9.88 4.35 -5.23
C SER A 19 10.21 5.23 -4.04
N LYS A 20 9.33 6.18 -3.68
CA LYS A 20 9.64 7.12 -2.61
C LYS A 20 9.61 6.46 -1.24
N ALA A 21 10.79 6.27 -0.62
CA ALA A 21 10.89 5.84 0.77
C ALA A 21 10.61 7.09 1.61
N ALA A 22 9.34 7.52 1.57
CA ALA A 22 8.84 8.76 2.15
C ALA A 22 8.65 8.69 3.67
N MET A 23 7.43 8.88 4.19
CA MET A 23 7.20 8.93 5.63
C MET A 23 7.91 7.78 6.37
N GLY A 24 8.69 8.15 7.39
CA GLY A 24 9.46 7.25 8.23
C GLY A 24 10.41 6.33 7.44
N SER A 25 10.83 6.73 6.24
CA SER A 25 11.70 5.94 5.39
C SER A 25 11.07 4.59 5.07
N ALA A 26 9.82 4.64 4.60
CA ALA A 26 9.03 3.49 4.20
C ALA A 26 9.80 2.56 3.26
N LYS A 27 9.74 1.23 3.46
CA LYS A 27 10.27 0.27 2.51
C LYS A 27 9.55 0.57 1.18
N PRO A 28 10.25 1.05 0.14
CA PRO A 28 9.60 1.54 -1.06
C PRO A 28 8.80 0.46 -1.78
N VAL A 29 7.47 0.57 -1.67
CA VAL A 29 6.43 -0.25 -2.27
C VAL A 29 6.88 -1.01 -3.51
N LYS A 30 7.43 -0.26 -4.47
CA LYS A 30 7.93 -0.69 -5.77
C LYS A 30 8.16 -2.20 -5.85
N GLY A 31 7.10 -2.94 -6.18
CA GLY A 31 7.11 -4.37 -6.34
C GLY A 31 7.74 -5.16 -5.18
N GLN A 32 7.36 -4.93 -3.90
CA GLN A 32 7.89 -5.77 -2.80
C GLN A 32 7.67 -7.25 -3.16
N GLY A 33 6.42 -7.51 -3.50
CA GLY A 33 5.85 -8.78 -3.97
C GLY A 33 4.37 -8.79 -3.62
N ALA A 34 3.48 -9.20 -4.52
CA ALA A 34 2.03 -9.26 -4.28
C ALA A 34 1.72 -9.90 -2.93
N GLU A 35 2.43 -10.97 -2.58
CA GLU A 35 2.28 -11.66 -1.31
C GLU A 35 2.52 -10.68 -0.15
N GLU A 36 3.70 -10.06 -0.13
CA GLU A 36 4.13 -9.11 0.86
C GLU A 36 3.11 -7.99 0.95
N LEU A 37 2.89 -7.34 -0.19
CA LEU A 37 2.00 -6.25 -0.37
C LEU A 37 0.64 -6.60 0.23
N TYR A 38 -0.06 -7.60 -0.31
CA TYR A 38 -1.37 -8.05 0.17
C TYR A 38 -1.38 -8.23 1.67
N LYS A 39 -0.44 -9.03 2.14
CA LYS A 39 -0.32 -9.31 3.57
C LYS A 39 -0.26 -8.02 4.39
N LYS A 40 0.60 -7.06 4.03
CA LYS A 40 0.71 -5.81 4.76
C LYS A 40 -0.52 -4.92 4.57
N MET A 41 -1.06 -4.75 3.35
CA MET A 41 -2.27 -3.94 3.18
C MET A 41 -3.44 -4.56 3.95
N LYS A 42 -3.54 -5.90 4.00
CA LYS A 42 -4.51 -6.58 4.84
C LYS A 42 -4.16 -6.27 6.30
N GLY A 43 -2.88 -6.38 6.65
CA GLY A 43 -2.29 -6.02 7.93
C GLY A 43 -2.89 -4.74 8.49
N TYR A 44 -2.72 -3.70 7.69
CA TYR A 44 -3.16 -2.35 7.97
C TYR A 44 -4.69 -2.29 8.01
N ALA A 45 -5.36 -2.80 6.97
CA ALA A 45 -6.82 -2.79 6.90
C ALA A 45 -7.44 -3.50 8.11
N ASP A 46 -6.78 -4.54 8.60
CA ASP A 46 -7.22 -5.32 9.75
C ASP A 46 -6.87 -4.61 11.07
N GLY A 47 -6.07 -3.54 11.02
CA GLY A 47 -5.66 -2.79 12.19
C GLY A 47 -4.72 -3.60 13.10
N SER A 48 -4.06 -4.63 12.56
CA SER A 48 -3.12 -5.45 13.30
C SER A 48 -1.72 -4.93 12.98
N TYR A 49 -1.40 -4.83 11.70
CA TYR A 49 -0.13 -4.26 11.26
C TYR A 49 -0.24 -2.74 11.42
N GLY A 50 0.77 -2.09 12.00
CA GLY A 50 0.72 -0.64 12.20
C GLY A 50 1.89 -0.18 13.06
N GLY A 51 1.90 1.12 13.39
CA GLY A 51 2.92 1.78 14.19
C GLY A 51 2.81 3.28 13.90
N GLU A 52 3.44 4.13 14.72
CA GLU A 52 3.36 5.59 14.58
C GLU A 52 3.58 6.05 13.13
N ARG A 53 4.75 5.74 12.57
CA ARG A 53 5.09 6.08 11.20
C ARG A 53 4.07 5.55 10.19
N LYS A 54 3.40 4.44 10.54
CA LYS A 54 2.43 3.77 9.70
C LYS A 54 1.00 4.25 9.98
N ALA A 55 0.77 5.24 10.86
CA ALA A 55 -0.59 5.65 11.19
C ALA A 55 -1.35 6.19 9.97
N MET A 56 -0.77 7.20 9.32
CA MET A 56 -1.33 7.84 8.13
C MET A 56 -1.63 6.76 7.09
N MET A 57 -0.59 5.98 6.81
CA MET A 57 -0.59 4.83 5.91
C MET A 57 -1.79 3.93 6.22
N THR A 58 -1.90 3.49 7.49
CA THR A 58 -2.98 2.62 7.94
C THR A 58 -4.32 3.23 7.56
N ASN A 59 -4.61 4.46 7.98
CA ASN A 59 -5.90 5.05 7.66
C ASN A 59 -6.10 5.17 6.16
N ALA A 60 -5.04 5.52 5.41
CA ALA A 60 -5.14 5.68 3.97
C ALA A 60 -5.62 4.38 3.32
N VAL A 61 -4.97 3.26 3.65
CA VAL A 61 -5.34 1.98 3.05
C VAL A 61 -6.61 1.38 3.67
N LYS A 62 -6.91 1.68 4.94
CA LYS A 62 -8.10 1.18 5.64
C LYS A 62 -9.37 1.41 4.83
N LYS A 63 -9.40 2.47 4.02
CA LYS A 63 -10.55 2.81 3.20
C LYS A 63 -10.89 1.70 2.18
N ALA A 64 -9.92 0.87 1.77
CA ALA A 64 -10.06 -0.17 0.76
C ALA A 64 -10.63 -1.46 1.35
N SER A 65 -11.52 -2.12 0.59
CA SER A 65 -12.10 -3.42 0.97
C SER A 65 -11.19 -4.56 0.49
N ASP A 66 -11.55 -5.81 0.80
CA ASP A 66 -10.73 -6.97 0.47
C ASP A 66 -10.39 -7.05 -1.03
N GLU A 67 -11.39 -6.92 -1.89
CA GLU A 67 -11.24 -6.98 -3.33
C GLU A 67 -10.20 -5.96 -3.78
N GLU A 68 -10.39 -4.73 -3.32
CA GLU A 68 -9.55 -3.61 -3.60
C GLU A 68 -8.12 -3.91 -3.13
N LEU A 69 -7.96 -4.31 -1.87
CA LEU A 69 -6.70 -4.64 -1.26
C LEU A 69 -5.94 -5.67 -2.11
N LYS A 70 -6.62 -6.76 -2.52
CA LYS A 70 -5.99 -7.76 -3.40
C LYS A 70 -5.46 -7.06 -4.64
N ALA A 71 -6.34 -6.33 -5.32
CA ALA A 71 -5.98 -5.66 -6.56
C ALA A 71 -4.86 -4.64 -6.36
N LEU A 72 -4.82 -3.95 -5.23
CA LEU A 72 -3.81 -2.95 -4.97
C LEU A 72 -2.47 -3.68 -4.92
N ALA A 73 -2.39 -4.71 -4.09
CA ALA A 73 -1.20 -5.54 -4.02
C ALA A 73 -0.81 -6.07 -5.41
N ASP A 74 -1.77 -6.68 -6.12
CA ASP A 74 -1.53 -7.27 -7.43
C ASP A 74 -0.90 -6.25 -8.36
N TYR A 75 -1.49 -5.05 -8.45
CA TYR A 75 -0.99 -3.97 -9.30
C TYR A 75 0.44 -3.60 -8.91
N MET A 76 0.60 -3.11 -7.69
CA MET A 76 1.88 -2.66 -7.15
C MET A 76 2.97 -3.73 -7.23
N SER A 77 2.61 -5.01 -7.25
CA SER A 77 3.58 -6.08 -7.40
C SER A 77 4.35 -6.02 -8.73
N LYS A 78 3.95 -5.19 -9.70
CA LYS A 78 4.64 -5.04 -10.97
C LYS A 78 4.80 -3.55 -11.24
N LEU A 79 5.44 -2.85 -10.31
CA LEU A 79 5.57 -1.43 -10.30
C LEU A 79 6.96 -1.10 -9.78
N ALA A 1 -10.20 1.33 -12.74
CA ALA A 1 -10.38 -0.08 -12.40
C ALA A 1 -9.81 -0.34 -11.02
N ASP A 2 -10.15 -1.48 -10.40
CA ASP A 2 -9.67 -1.86 -9.08
C ASP A 2 -8.15 -1.74 -9.00
N GLY A 3 -7.64 -1.42 -7.81
CA GLY A 3 -6.22 -1.25 -7.54
C GLY A 3 -5.78 0.10 -8.07
N ALA A 4 -5.76 0.23 -9.39
CA ALA A 4 -5.32 1.42 -10.11
C ALA A 4 -6.04 2.68 -9.61
N ALA A 5 -7.38 2.60 -9.54
CA ALA A 5 -8.24 3.69 -9.10
C ALA A 5 -7.83 4.23 -7.73
N LEU A 6 -7.28 3.38 -6.85
CA LEU A 6 -6.84 3.79 -5.54
C LEU A 6 -5.40 4.27 -5.64
N TYR A 7 -4.55 3.43 -6.25
CA TYR A 7 -3.13 3.65 -6.40
C TYR A 7 -2.80 5.06 -6.89
N LYS A 8 -3.55 5.58 -7.85
CA LYS A 8 -3.34 6.93 -8.37
C LYS A 8 -3.18 7.98 -7.25
N SER A 9 -3.84 7.76 -6.11
CA SER A 9 -3.74 8.64 -4.94
C SER A 9 -2.44 8.34 -4.18
N CYS A 10 -2.18 7.05 -3.96
CA CYS A 10 -1.06 6.52 -3.19
C CYS A 10 0.25 7.01 -3.81
N ILE A 11 0.27 7.11 -5.15
CA ILE A 11 1.38 7.65 -5.92
C ILE A 11 1.89 8.96 -5.31
N GLY A 12 1.00 9.78 -4.74
CA GLY A 12 1.34 11.03 -4.08
C GLY A 12 2.57 10.89 -3.18
N CYS A 13 2.69 9.75 -2.49
CA CYS A 13 3.86 9.45 -1.67
C CYS A 13 4.72 8.43 -2.38
N HIS A 14 4.10 7.35 -2.90
CA HIS A 14 4.80 6.23 -3.50
C HIS A 14 5.64 6.54 -4.75
N GLY A 15 5.47 7.72 -5.35
CA GLY A 15 6.35 8.15 -6.43
C GLY A 15 6.28 7.26 -7.66
N ALA A 16 5.05 6.85 -8.02
CA ALA A 16 4.75 6.01 -9.19
C ALA A 16 5.34 4.60 -9.07
N ASP A 17 6.67 4.50 -9.15
CA ASP A 17 7.40 3.23 -9.11
C ASP A 17 7.18 2.50 -7.80
N GLY A 18 7.31 3.20 -6.67
CA GLY A 18 7.19 2.65 -5.34
C GLY A 18 8.46 2.85 -4.52
N SER A 19 9.61 3.13 -5.16
CA SER A 19 10.90 3.31 -4.50
C SER A 19 11.05 4.70 -3.87
N LYS A 20 10.01 5.17 -3.19
CA LYS A 20 10.01 6.47 -2.53
C LYS A 20 10.74 6.45 -1.19
N ALA A 21 10.80 7.64 -0.57
CA ALA A 21 11.25 7.88 0.80
C ALA A 21 10.10 8.69 1.39
N ALA A 22 9.08 7.98 1.89
CA ALA A 22 7.85 8.60 2.39
C ALA A 22 8.06 9.15 3.82
N MET A 23 7.02 9.15 4.65
CA MET A 23 7.07 9.70 6.00
C MET A 23 7.87 8.81 6.96
N GLY A 24 9.17 8.65 6.72
CA GLY A 24 10.10 7.86 7.51
C GLY A 24 10.84 6.88 6.61
N SER A 25 11.62 5.98 7.23
CA SER A 25 12.39 4.94 6.57
C SER A 25 11.44 3.84 6.08
N ALA A 26 10.56 4.20 5.15
CA ALA A 26 9.55 3.32 4.58
C ALA A 26 10.22 2.34 3.62
N LYS A 27 9.96 1.03 3.76
CA LYS A 27 10.53 0.08 2.81
C LYS A 27 9.95 0.41 1.44
N PRO A 28 10.74 0.33 0.36
CA PRO A 28 10.25 0.68 -0.96
C PRO A 28 9.15 -0.29 -1.38
N VAL A 29 8.10 0.23 -1.99
CA VAL A 29 6.94 -0.54 -2.42
C VAL A 29 7.20 -1.28 -3.72
N LYS A 30 8.02 -0.68 -4.60
CA LYS A 30 8.29 -1.17 -5.94
C LYS A 30 8.49 -2.69 -5.96
N GLY A 31 7.45 -3.42 -6.33
CA GLY A 31 7.47 -4.86 -6.45
C GLY A 31 8.00 -5.61 -5.24
N GLN A 32 7.52 -5.30 -4.02
CA GLN A 32 7.88 -6.13 -2.85
C GLN A 32 7.51 -7.59 -3.17
N GLY A 33 6.29 -7.69 -3.68
CA GLY A 33 5.63 -8.86 -4.25
C GLY A 33 4.16 -8.81 -3.91
N ALA A 34 3.31 -9.36 -4.76
CA ALA A 34 1.87 -9.39 -4.54
C ALA A 34 1.53 -10.00 -3.18
N GLU A 35 2.18 -11.11 -2.83
CA GLU A 35 1.99 -11.81 -1.60
C GLU A 35 2.31 -10.88 -0.42
N GLU A 36 3.52 -10.33 -0.44
CA GLU A 36 4.05 -9.42 0.54
C GLU A 36 3.08 -8.25 0.72
N LEU A 37 2.83 -7.54 -0.38
CA LEU A 37 1.96 -6.39 -0.42
C LEU A 37 0.60 -6.77 0.17
N TYR A 38 -0.10 -7.76 -0.41
CA TYR A 38 -1.41 -8.21 0.05
C TYR A 38 -1.43 -8.35 1.56
N LYS A 39 -0.52 -9.18 2.04
CA LYS A 39 -0.33 -9.44 3.46
C LYS A 39 -0.23 -8.13 4.24
N LYS A 40 0.64 -7.21 3.78
CA LYS A 40 0.78 -5.92 4.42
C LYS A 40 -0.52 -5.09 4.35
N MET A 41 -1.17 -4.91 3.19
CA MET A 41 -2.44 -4.18 3.16
C MET A 41 -3.44 -4.80 4.14
N LYS A 42 -3.55 -6.13 4.18
CA LYS A 42 -4.41 -6.78 5.17
C LYS A 42 -3.96 -6.39 6.57
N GLY A 43 -2.66 -6.51 6.84
CA GLY A 43 -2.04 -6.17 8.11
C GLY A 43 -2.46 -4.78 8.58
N TYR A 44 -2.33 -3.78 7.69
CA TYR A 44 -2.72 -2.41 7.97
C TYR A 44 -4.24 -2.35 8.20
N ALA A 45 -5.03 -2.89 7.26
CA ALA A 45 -6.49 -2.89 7.36
C ALA A 45 -6.97 -3.50 8.67
N ASP A 46 -6.28 -4.54 9.16
CA ASP A 46 -6.57 -5.24 10.40
C ASP A 46 -5.91 -4.55 11.60
N GLY A 47 -5.46 -3.30 11.46
CA GLY A 47 -4.82 -2.51 12.50
C GLY A 47 -3.72 -3.29 13.23
N SER A 48 -2.98 -4.13 12.50
CA SER A 48 -1.94 -4.99 13.04
C SER A 48 -0.58 -4.52 12.54
N TYR A 49 -0.38 -4.52 11.21
CA TYR A 49 0.87 -4.07 10.61
C TYR A 49 0.86 -2.54 10.62
N GLY A 50 1.03 -1.93 11.79
CA GLY A 50 1.04 -0.48 11.90
C GLY A 50 1.88 -0.02 13.09
N GLY A 51 1.62 1.20 13.58
CA GLY A 51 2.37 1.87 14.62
C GLY A 51 2.16 3.38 14.48
N GLU A 52 3.12 4.18 14.95
CA GLU A 52 3.04 5.65 14.93
C GLU A 52 2.95 6.21 13.51
N ARG A 53 4.08 6.30 12.80
CA ARG A 53 4.12 6.88 11.45
C ARG A 53 3.09 6.22 10.54
N LYS A 54 2.94 4.92 10.74
CA LYS A 54 2.04 4.04 10.02
C LYS A 54 0.58 4.49 10.12
N ALA A 55 0.19 5.24 11.16
CA ALA A 55 -1.20 5.66 11.37
C ALA A 55 -1.88 6.23 10.12
N MET A 56 -1.25 7.21 9.47
CA MET A 56 -1.77 7.84 8.26
C MET A 56 -1.99 6.76 7.19
N MET A 57 -0.94 5.96 6.97
CA MET A 57 -0.93 4.85 6.05
C MET A 57 -2.14 3.94 6.31
N THR A 58 -2.29 3.54 7.58
CA THR A 58 -3.33 2.67 8.08
C THR A 58 -4.67 3.23 7.63
N ASN A 59 -4.97 4.49 7.97
CA ASN A 59 -6.23 5.10 7.57
C ASN A 59 -6.37 5.10 6.04
N ALA A 60 -5.31 5.48 5.31
CA ALA A 60 -5.36 5.55 3.86
C ALA A 60 -5.83 4.23 3.27
N VAL A 61 -5.17 3.13 3.65
CA VAL A 61 -5.53 1.82 3.14
C VAL A 61 -6.83 1.28 3.76
N LYS A 62 -7.18 1.67 5.00
CA LYS A 62 -8.41 1.23 5.67
C LYS A 62 -9.63 1.43 4.77
N LYS A 63 -9.64 2.53 4.00
CA LYS A 63 -10.75 2.86 3.11
C LYS A 63 -10.95 1.84 1.98
N ALA A 64 -9.92 1.03 1.65
CA ALA A 64 -9.96 0.05 0.58
C ALA A 64 -10.45 -1.31 1.10
N SER A 65 -11.37 -1.94 0.37
CA SER A 65 -11.92 -3.25 0.74
C SER A 65 -11.01 -4.36 0.21
N ASP A 66 -11.19 -5.61 0.67
CA ASP A 66 -10.34 -6.76 0.31
C ASP A 66 -10.05 -6.83 -1.20
N GLU A 67 -11.06 -6.59 -2.02
CA GLU A 67 -10.95 -6.53 -3.47
C GLU A 67 -9.84 -5.58 -3.90
N GLU A 68 -9.97 -4.36 -3.41
CA GLU A 68 -9.11 -3.24 -3.66
C GLU A 68 -7.71 -3.55 -3.11
N LEU A 69 -7.64 -4.10 -1.90
CA LEU A 69 -6.38 -4.52 -1.30
C LEU A 69 -5.65 -5.48 -2.22
N LYS A 70 -6.32 -6.54 -2.69
CA LYS A 70 -5.70 -7.51 -3.59
C LYS A 70 -5.23 -6.81 -4.86
N ALA A 71 -6.10 -5.98 -5.45
CA ALA A 71 -5.76 -5.28 -6.66
C ALA A 71 -4.60 -4.29 -6.47
N LEU A 72 -4.53 -3.63 -5.31
CA LEU A 72 -3.45 -2.72 -4.99
C LEU A 72 -2.16 -3.52 -4.96
N ALA A 73 -2.16 -4.62 -4.20
CA ALA A 73 -1.03 -5.52 -4.13
C ALA A 73 -0.60 -5.96 -5.53
N ASP A 74 -1.54 -6.45 -6.34
CA ASP A 74 -1.26 -6.85 -7.71
C ASP A 74 -0.58 -5.72 -8.47
N TYR A 75 -1.19 -4.53 -8.47
CA TYR A 75 -0.66 -3.36 -9.18
C TYR A 75 0.79 -3.07 -8.77
N MET A 76 1.02 -2.91 -7.47
CA MET A 76 2.35 -2.64 -6.94
C MET A 76 3.32 -3.81 -7.17
N SER A 77 2.80 -5.01 -7.40
CA SER A 77 3.57 -6.18 -7.78
C SER A 77 3.73 -6.29 -9.30
N LYS A 78 3.32 -5.26 -10.06
CA LYS A 78 3.44 -5.18 -11.50
C LYS A 78 4.17 -3.86 -11.78
N LEU A 79 5.12 -3.56 -10.90
CA LEU A 79 5.90 -2.37 -10.80
C LEU A 79 7.21 -2.86 -10.18
N ALA A 1 -9.65 2.05 -12.86
CA ALA A 1 -9.75 0.60 -12.60
C ALA A 1 -9.31 0.32 -11.18
N ASP A 2 -9.59 -0.88 -10.66
CA ASP A 2 -9.17 -1.33 -9.33
C ASP A 2 -7.64 -1.23 -9.21
N GLY A 3 -7.13 -1.03 -7.99
CA GLY A 3 -5.71 -0.86 -7.74
C GLY A 3 -5.31 0.57 -8.10
N ALA A 4 -5.37 0.86 -9.39
CA ALA A 4 -4.98 2.14 -9.98
C ALA A 4 -5.78 3.31 -9.42
N ALA A 5 -7.11 3.20 -9.38
CA ALA A 5 -7.96 4.26 -8.88
C ALA A 5 -7.62 4.58 -7.43
N LEU A 6 -7.48 3.55 -6.60
CA LEU A 6 -7.18 3.66 -5.20
C LEU A 6 -5.80 4.29 -5.01
N TYR A 7 -4.83 3.87 -5.81
CA TYR A 7 -3.46 4.36 -5.79
C TYR A 7 -3.35 5.89 -5.85
N LYS A 8 -4.37 6.59 -6.35
CA LYS A 8 -4.39 8.03 -6.37
C LYS A 8 -4.15 8.57 -4.95
N SER A 9 -4.74 7.94 -3.92
CA SER A 9 -4.55 8.32 -2.53
C SER A 9 -3.32 7.62 -1.93
N CYS A 10 -2.27 7.45 -2.74
CA CYS A 10 -1.06 6.70 -2.42
C CYS A 10 0.18 7.37 -3.03
N ILE A 11 -0.03 7.99 -4.20
CA ILE A 11 0.94 8.84 -4.89
C ILE A 11 1.59 9.81 -3.91
N GLY A 12 2.77 10.28 -4.24
CA GLY A 12 3.49 11.21 -3.39
C GLY A 12 4.29 10.43 -2.36
N CYS A 13 3.64 9.58 -1.54
CA CYS A 13 4.42 8.80 -0.57
C CYS A 13 5.12 7.70 -1.35
N HIS A 14 4.37 7.05 -2.25
CA HIS A 14 4.89 6.03 -3.15
C HIS A 14 5.30 6.63 -4.49
N GLY A 15 5.25 7.96 -4.59
CA GLY A 15 5.71 8.70 -5.76
C GLY A 15 4.67 8.52 -6.84
N ALA A 16 5.05 7.80 -7.89
CA ALA A 16 4.16 7.37 -8.97
C ALA A 16 4.47 5.91 -9.26
N ASP A 17 5.00 5.18 -8.26
CA ASP A 17 5.41 3.80 -8.37
C ASP A 17 5.46 3.24 -6.95
N GLY A 18 6.64 3.10 -6.38
CA GLY A 18 6.84 2.60 -5.03
C GLY A 18 8.31 2.48 -4.65
N SER A 19 9.21 3.18 -5.36
CA SER A 19 10.64 3.15 -5.07
C SER A 19 10.98 4.07 -3.90
N LYS A 20 10.11 5.07 -3.66
CA LYS A 20 10.28 6.02 -2.59
C LYS A 20 10.38 5.31 -1.23
N ALA A 21 11.22 5.85 -0.34
CA ALA A 21 11.33 5.36 1.02
C ALA A 21 10.34 6.09 1.95
N ALA A 22 9.27 6.63 1.36
CA ALA A 22 8.16 7.39 1.94
C ALA A 22 8.51 8.10 3.26
N MET A 23 7.62 8.03 4.26
CA MET A 23 7.81 8.71 5.52
C MET A 23 8.85 8.04 6.43
N GLY A 24 10.12 8.05 6.02
CA GLY A 24 11.24 7.64 6.84
C GLY A 24 11.72 6.19 6.62
N SER A 25 12.61 6.01 5.66
CA SER A 25 13.28 4.74 5.39
C SER A 25 12.34 3.55 5.24
N ALA A 26 11.24 3.74 4.51
CA ALA A 26 10.28 2.69 4.24
C ALA A 26 10.92 1.64 3.32
N LYS A 27 10.63 0.36 3.54
CA LYS A 27 11.04 -0.71 2.65
C LYS A 27 10.43 -0.38 1.28
N PRO A 28 11.21 -0.25 0.21
CA PRO A 28 10.66 0.05 -1.11
C PRO A 28 9.55 -0.93 -1.47
N VAL A 29 8.47 -0.38 -2.02
CA VAL A 29 7.24 -1.09 -2.33
C VAL A 29 7.26 -1.65 -3.75
N LYS A 30 7.91 -0.91 -4.65
CA LYS A 30 8.09 -1.25 -6.06
C LYS A 30 8.34 -2.75 -6.20
N GLY A 31 7.30 -3.49 -6.59
CA GLY A 31 7.36 -4.91 -6.81
C GLY A 31 7.96 -5.76 -5.69
N GLN A 32 7.58 -5.56 -4.43
CA GLN A 32 8.04 -6.46 -3.35
C GLN A 32 7.64 -7.89 -3.72
N GLY A 33 6.35 -7.99 -3.98
CA GLY A 33 5.60 -9.14 -4.47
C GLY A 33 4.19 -9.12 -3.92
N ALA A 34 3.21 -9.39 -4.78
CA ALA A 34 1.79 -9.42 -4.47
C ALA A 34 1.46 -10.07 -3.13
N GLU A 35 2.08 -11.21 -2.80
CA GLU A 35 1.87 -11.91 -1.57
C GLU A 35 2.32 -11.02 -0.39
N GLU A 36 3.58 -10.54 -0.49
CA GLU A 36 4.24 -9.66 0.45
C GLU A 36 3.31 -8.49 0.74
N LEU A 37 3.01 -7.78 -0.35
CA LEU A 37 2.19 -6.62 -0.42
C LEU A 37 0.84 -6.92 0.22
N TYR A 38 0.05 -7.83 -0.33
CA TYR A 38 -1.27 -8.22 0.17
C TYR A 38 -1.27 -8.35 1.69
N LYS A 39 -0.35 -9.15 2.23
CA LYS A 39 -0.26 -9.33 3.67
C LYS A 39 -0.06 -7.98 4.38
N LYS A 40 0.87 -7.16 3.91
CA LYS A 40 1.15 -5.88 4.49
C LYS A 40 -0.03 -4.90 4.38
N MET A 41 -0.60 -4.67 3.18
CA MET A 41 -1.77 -3.79 3.06
C MET A 41 -2.91 -4.33 3.92
N LYS A 42 -3.10 -5.65 3.97
CA LYS A 42 -4.12 -6.24 4.83
C LYS A 42 -3.78 -5.93 6.29
N GLY A 43 -2.51 -6.05 6.69
CA GLY A 43 -2.04 -5.75 8.03
C GLY A 43 -2.38 -4.31 8.42
N TYR A 44 -2.03 -3.36 7.54
CA TYR A 44 -2.31 -1.96 7.74
C TYR A 44 -3.83 -1.75 7.86
N ALA A 45 -4.60 -2.21 6.87
CA ALA A 45 -6.05 -2.07 6.88
C ALA A 45 -6.67 -2.67 8.15
N ASP A 46 -6.20 -3.85 8.55
CA ASP A 46 -6.65 -4.52 9.77
C ASP A 46 -6.29 -3.68 10.99
N GLY A 47 -5.11 -3.04 10.96
CA GLY A 47 -4.62 -2.19 12.03
C GLY A 47 -3.67 -2.96 12.94
N SER A 48 -3.05 -4.04 12.44
CA SER A 48 -2.07 -4.83 13.17
C SER A 48 -0.71 -4.30 12.76
N TYR A 49 -0.36 -4.52 11.50
CA TYR A 49 0.87 -4.01 10.93
C TYR A 49 0.70 -2.51 10.70
N GLY A 50 0.71 -1.71 11.77
CA GLY A 50 0.54 -0.27 11.67
C GLY A 50 1.07 0.43 12.93
N GLY A 51 0.88 1.74 13.03
CA GLY A 51 1.34 2.55 14.14
C GLY A 51 1.09 4.02 13.85
N GLU A 52 1.41 4.90 14.81
CA GLU A 52 1.20 6.34 14.70
C GLU A 52 1.71 6.90 13.37
N ARG A 53 2.97 6.62 13.02
CA ARG A 53 3.59 7.07 11.80
C ARG A 53 2.88 6.56 10.54
N LYS A 54 2.17 5.44 10.64
CA LYS A 54 1.47 4.79 9.54
C LYS A 54 0.05 5.34 9.41
N ALA A 55 -0.57 5.77 10.52
CA ALA A 55 -1.94 6.27 10.64
C ALA A 55 -2.60 6.77 9.34
N MET A 56 -1.98 7.74 8.66
CA MET A 56 -2.50 8.29 7.41
C MET A 56 -2.70 7.16 6.38
N MET A 57 -1.63 6.41 6.11
CA MET A 57 -1.67 5.26 5.23
C MET A 57 -2.69 4.27 5.75
N THR A 58 -2.62 3.96 7.06
CA THR A 58 -3.54 3.02 7.70
C THR A 58 -4.98 3.36 7.32
N ASN A 59 -5.40 4.61 7.51
CA ASN A 59 -6.76 5.02 7.15
C ASN A 59 -6.96 4.97 5.64
N ALA A 60 -5.97 5.39 4.84
CA ALA A 60 -6.10 5.38 3.39
C ALA A 60 -6.43 3.97 2.90
N VAL A 61 -5.69 2.97 3.40
CA VAL A 61 -5.90 1.59 3.00
C VAL A 61 -7.09 0.95 3.76
N LYS A 62 -7.46 1.45 4.94
CA LYS A 62 -8.63 0.96 5.69
C LYS A 62 -9.86 0.92 4.77
N LYS A 63 -9.98 1.89 3.87
CA LYS A 63 -11.07 2.00 2.94
C LYS A 63 -11.17 0.79 2.00
N ALA A 64 -10.05 0.14 1.70
CA ALA A 64 -9.95 -0.98 0.78
C ALA A 64 -10.34 -2.29 1.45
N SER A 65 -11.38 -2.96 0.95
CA SER A 65 -11.76 -4.30 1.41
C SER A 65 -10.89 -5.33 0.68
N ASP A 66 -11.19 -6.62 0.81
CA ASP A 66 -10.36 -7.69 0.27
C ASP A 66 -10.00 -7.54 -1.21
N GLU A 67 -11.00 -7.39 -2.08
CA GLU A 67 -10.75 -7.27 -3.52
C GLU A 67 -9.76 -6.14 -3.80
N GLU A 68 -10.05 -4.99 -3.21
CA GLU A 68 -9.28 -3.78 -3.30
C GLU A 68 -7.85 -3.99 -2.81
N LEU A 69 -7.71 -4.59 -1.63
CA LEU A 69 -6.40 -4.91 -1.06
C LEU A 69 -5.61 -5.76 -2.04
N LYS A 70 -6.22 -6.84 -2.54
CA LYS A 70 -5.56 -7.71 -3.50
C LYS A 70 -5.20 -6.95 -4.76
N ALA A 71 -6.08 -6.07 -5.24
CA ALA A 71 -5.82 -5.28 -6.42
C ALA A 71 -4.69 -4.28 -6.20
N LEU A 72 -4.61 -3.65 -5.03
CA LEU A 72 -3.56 -2.71 -4.72
C LEU A 72 -2.24 -3.49 -4.66
N ALA A 73 -2.27 -4.64 -3.98
CA ALA A 73 -1.11 -5.52 -3.93
C ALA A 73 -0.66 -5.87 -5.34
N ASP A 74 -1.59 -6.34 -6.19
CA ASP A 74 -1.27 -6.69 -7.56
C ASP A 74 -0.67 -5.50 -8.29
N TYR A 75 -1.28 -4.32 -8.19
CA TYR A 75 -0.78 -3.09 -8.80
C TYR A 75 0.69 -2.91 -8.43
N MET A 76 0.96 -2.72 -7.13
CA MET A 76 2.32 -2.53 -6.63
C MET A 76 3.26 -3.66 -7.02
N SER A 77 2.73 -4.88 -7.08
CA SER A 77 3.50 -6.04 -7.47
C SER A 77 3.99 -5.99 -8.92
N LYS A 78 3.40 -5.16 -9.79
CA LYS A 78 3.75 -5.07 -11.19
C LYS A 78 4.03 -3.59 -11.49
N LEU A 79 4.93 -2.99 -10.72
CA LEU A 79 5.19 -1.58 -10.73
C LEU A 79 6.62 -1.40 -10.25
N ALA A 1 -13.91 -2.92 -7.68
CA ALA A 1 -13.20 -1.92 -8.50
C ALA A 1 -11.75 -2.41 -8.68
N ASP A 2 -10.76 -1.52 -8.79
CA ASP A 2 -9.38 -1.93 -8.97
C ASP A 2 -8.43 -0.97 -8.24
N GLY A 3 -7.39 -1.56 -7.62
CA GLY A 3 -6.34 -0.90 -6.89
C GLY A 3 -5.80 0.36 -7.55
N ALA A 4 -5.72 0.40 -8.88
CA ALA A 4 -5.23 1.56 -9.61
C ALA A 4 -6.00 2.84 -9.25
N ALA A 5 -7.30 2.72 -8.96
CA ALA A 5 -8.08 3.88 -8.56
C ALA A 5 -7.61 4.37 -7.18
N LEU A 6 -7.56 3.44 -6.22
CA LEU A 6 -7.15 3.68 -4.85
C LEU A 6 -5.77 4.32 -4.79
N TYR A 7 -4.83 3.67 -5.50
CA TYR A 7 -3.40 3.97 -5.48
C TYR A 7 -3.07 5.46 -5.60
N LYS A 8 -3.88 6.22 -6.34
CA LYS A 8 -3.68 7.66 -6.50
C LYS A 8 -3.51 8.34 -5.14
N SER A 9 -4.24 7.87 -4.12
CA SER A 9 -4.19 8.40 -2.77
C SER A 9 -2.82 8.23 -2.09
N CYS A 10 -2.02 7.27 -2.55
CA CYS A 10 -0.73 6.91 -1.99
C CYS A 10 0.41 7.71 -2.64
N ILE A 11 0.19 8.17 -3.87
CA ILE A 11 1.15 9.00 -4.57
C ILE A 11 1.41 10.22 -3.68
N GLY A 12 2.66 10.69 -3.66
CA GLY A 12 3.08 11.75 -2.77
C GLY A 12 3.92 11.12 -1.67
N CYS A 13 3.46 10.00 -1.10
CA CYS A 13 4.24 9.30 -0.08
C CYS A 13 5.07 8.21 -0.74
N HIS A 14 4.56 7.63 -1.83
CA HIS A 14 5.16 6.48 -2.50
C HIS A 14 5.80 6.72 -3.86
N GLY A 15 5.15 7.52 -4.70
CA GLY A 15 5.58 7.76 -6.08
C GLY A 15 4.57 7.14 -7.04
N ALA A 16 4.75 7.36 -8.35
CA ALA A 16 3.87 6.77 -9.36
C ALA A 16 3.94 5.24 -9.26
N ASP A 17 5.16 4.72 -9.08
CA ASP A 17 5.41 3.30 -8.94
C ASP A 17 5.13 2.90 -7.48
N GLY A 18 6.01 3.35 -6.58
CA GLY A 18 5.95 3.08 -5.14
C GLY A 18 7.36 2.83 -4.64
N SER A 19 8.23 3.84 -4.77
CA SER A 19 9.66 3.70 -4.53
C SER A 19 10.27 4.74 -3.60
N LYS A 20 9.65 5.91 -3.42
CA LYS A 20 10.28 6.95 -2.60
C LYS A 20 10.27 6.57 -1.12
N ALA A 21 11.17 7.18 -0.35
CA ALA A 21 11.30 6.94 1.09
C ALA A 21 10.11 7.53 1.84
N ALA A 22 8.98 6.83 1.81
CA ALA A 22 7.76 7.24 2.49
C ALA A 22 8.07 7.59 3.95
N MET A 23 7.49 8.70 4.42
CA MET A 23 7.74 9.27 5.74
C MET A 23 9.24 9.35 6.08
N GLY A 24 10.08 9.57 5.06
CA GLY A 24 11.51 9.71 5.22
C GLY A 24 12.26 8.39 5.39
N SER A 25 11.58 7.24 5.52
CA SER A 25 12.21 5.95 5.74
C SER A 25 11.16 4.84 5.58
N ALA A 26 11.19 4.12 4.45
CA ALA A 26 10.25 3.05 4.19
C ALA A 26 10.83 2.12 3.12
N LYS A 27 10.58 0.81 3.24
CA LYS A 27 10.96 -0.15 2.21
C LYS A 27 10.22 0.26 0.94
N PRO A 28 10.87 0.19 -0.23
CA PRO A 28 10.17 0.49 -1.47
C PRO A 28 9.09 -0.59 -1.64
N VAL A 29 7.93 -0.17 -2.13
CA VAL A 29 6.77 -1.03 -2.29
C VAL A 29 6.87 -1.72 -3.65
N LYS A 30 7.42 -0.99 -4.63
CA LYS A 30 7.75 -1.41 -5.97
C LYS A 30 8.15 -2.89 -5.97
N GLY A 31 7.21 -3.75 -6.34
CA GLY A 31 7.34 -5.18 -6.44
C GLY A 31 8.08 -5.88 -5.29
N GLN A 32 7.68 -5.63 -4.03
CA GLN A 32 8.25 -6.41 -2.91
C GLN A 32 8.02 -7.89 -3.20
N GLY A 33 6.75 -8.17 -3.42
CA GLY A 33 6.14 -9.43 -3.80
C GLY A 33 4.64 -9.33 -3.55
N ALA A 34 3.78 -9.93 -4.38
CA ALA A 34 2.33 -9.77 -4.24
C ALA A 34 1.81 -10.26 -2.89
N GLU A 35 2.29 -11.40 -2.41
CA GLU A 35 1.88 -11.96 -1.14
C GLU A 35 2.28 -10.99 -0.03
N GLU A 36 3.56 -10.61 -0.02
CA GLU A 36 4.15 -9.66 0.90
C GLU A 36 3.27 -8.42 0.97
N LEU A 37 3.11 -7.80 -0.20
CA LEU A 37 2.31 -6.64 -0.43
C LEU A 37 0.91 -6.87 0.14
N TYR A 38 0.10 -7.75 -0.46
CA TYR A 38 -1.26 -8.04 -0.02
C TYR A 38 -1.37 -8.12 1.50
N LYS A 39 -0.56 -8.98 2.11
CA LYS A 39 -0.58 -9.15 3.54
C LYS A 39 -0.30 -7.84 4.28
N LYS A 40 0.68 -7.06 3.84
CA LYS A 40 1.05 -5.80 4.45
C LYS A 40 -0.01 -4.70 4.19
N MET A 41 -0.56 -4.52 2.98
CA MET A 41 -1.65 -3.55 2.80
C MET A 41 -2.83 -3.98 3.66
N LYS A 42 -3.15 -5.28 3.72
CA LYS A 42 -4.19 -5.79 4.61
C LYS A 42 -3.81 -5.45 6.05
N GLY A 43 -2.53 -5.66 6.38
CA GLY A 43 -1.86 -5.34 7.62
C GLY A 43 -2.21 -3.94 8.11
N TYR A 44 -1.86 -2.98 7.27
CA TYR A 44 -2.04 -1.57 7.47
C TYR A 44 -3.53 -1.26 7.58
N ALA A 45 -4.32 -1.70 6.61
CA ALA A 45 -5.77 -1.51 6.61
C ALA A 45 -6.38 -2.00 7.92
N ASP A 46 -5.94 -3.16 8.41
CA ASP A 46 -6.42 -3.76 9.64
C ASP A 46 -5.91 -3.02 10.89
N GLY A 47 -4.95 -2.10 10.72
CA GLY A 47 -4.37 -1.33 11.81
C GLY A 47 -3.61 -2.22 12.79
N SER A 48 -3.07 -3.35 12.30
CA SER A 48 -2.31 -4.30 13.10
C SER A 48 -0.84 -4.23 12.70
N TYR A 49 -0.58 -4.31 11.40
CA TYR A 49 0.77 -4.24 10.86
C TYR A 49 1.29 -2.80 10.92
N GLY A 50 1.51 -2.26 12.12
CA GLY A 50 2.00 -0.90 12.24
C GLY A 50 1.62 -0.27 13.58
N GLY A 51 1.78 1.05 13.65
CA GLY A 51 1.50 1.88 14.80
C GLY A 51 1.95 3.30 14.44
N GLU A 52 1.84 4.23 15.40
CA GLU A 52 2.20 5.63 15.28
C GLU A 52 2.07 6.19 13.85
N ARG A 53 3.20 6.48 13.21
CA ARG A 53 3.27 7.08 11.88
C ARG A 53 2.39 6.39 10.84
N LYS A 54 2.26 5.06 10.94
CA LYS A 54 1.50 4.27 9.98
C LYS A 54 0.02 4.65 9.99
N ALA A 55 -0.51 5.16 11.10
CA ALA A 55 -1.91 5.54 11.26
C ALA A 55 -2.52 6.22 10.02
N MET A 56 -1.82 7.21 9.46
CA MET A 56 -2.27 7.92 8.26
C MET A 56 -2.51 6.92 7.12
N MET A 57 -1.47 6.14 6.83
CA MET A 57 -1.52 5.12 5.80
C MET A 57 -2.64 4.14 6.10
N THR A 58 -2.74 3.64 7.33
CA THR A 58 -3.79 2.74 7.77
C THR A 58 -5.14 3.27 7.29
N ASN A 59 -5.51 4.51 7.62
CA ASN A 59 -6.79 5.02 7.15
C ASN A 59 -6.81 5.14 5.63
N ALA A 60 -5.72 5.58 5.00
CA ALA A 60 -5.68 5.73 3.56
C ALA A 60 -6.04 4.42 2.86
N VAL A 61 -5.43 3.32 3.31
CA VAL A 61 -5.65 1.99 2.73
C VAL A 61 -6.91 1.31 3.30
N LYS A 62 -7.38 1.69 4.50
CA LYS A 62 -8.59 1.17 5.14
C LYS A 62 -9.76 1.12 4.16
N LYS A 63 -9.83 2.11 3.25
CA LYS A 63 -10.87 2.19 2.26
C LYS A 63 -11.02 0.88 1.46
N ALA A 64 -9.89 0.19 1.21
CA ALA A 64 -9.82 -1.04 0.45
C ALA A 64 -10.43 -2.22 1.23
N SER A 65 -11.34 -2.95 0.59
CA SER A 65 -12.05 -4.08 1.17
C SER A 65 -11.20 -5.35 1.20
N ASP A 66 -11.11 -6.02 0.05
CA ASP A 66 -10.40 -7.27 -0.15
C ASP A 66 -9.93 -7.36 -1.60
N GLU A 67 -10.88 -7.37 -2.53
CA GLU A 67 -10.59 -7.35 -3.97
C GLU A 67 -9.60 -6.22 -4.25
N GLU A 68 -9.93 -5.07 -3.68
CA GLU A 68 -9.18 -3.86 -3.76
C GLU A 68 -7.75 -4.08 -3.26
N LEU A 69 -7.58 -4.56 -2.03
CA LEU A 69 -6.29 -4.82 -1.44
C LEU A 69 -5.44 -5.71 -2.35
N LYS A 70 -6.02 -6.83 -2.81
CA LYS A 70 -5.33 -7.76 -3.69
C LYS A 70 -4.89 -7.05 -4.96
N ALA A 71 -5.77 -6.24 -5.54
CA ALA A 71 -5.43 -5.47 -6.74
C ALA A 71 -4.39 -4.39 -6.44
N LEU A 72 -4.45 -3.76 -5.27
CA LEU A 72 -3.51 -2.73 -4.85
C LEU A 72 -2.12 -3.34 -4.84
N ALA A 73 -2.03 -4.52 -4.22
CA ALA A 73 -0.82 -5.31 -4.23
C ALA A 73 -0.40 -5.60 -5.67
N ASP A 74 -1.27 -6.30 -6.43
CA ASP A 74 -1.01 -6.67 -7.82
C ASP A 74 -0.40 -5.54 -8.64
N TYR A 75 -1.00 -4.34 -8.58
CA TYR A 75 -0.49 -3.18 -9.31
C TYR A 75 1.02 -3.02 -9.08
N MET A 76 1.44 -2.92 -7.81
CA MET A 76 2.85 -2.75 -7.46
C MET A 76 3.66 -4.04 -7.64
N SER A 77 3.04 -5.21 -7.62
CA SER A 77 3.70 -6.48 -7.80
C SER A 77 4.35 -6.62 -9.18
N LYS A 78 3.76 -6.00 -10.21
CA LYS A 78 4.22 -6.08 -11.58
C LYS A 78 4.75 -4.71 -11.96
N LEU A 79 5.67 -4.18 -11.15
CA LEU A 79 6.18 -2.86 -11.17
C LEU A 79 7.56 -2.94 -10.54
N ALA A 1 -11.71 -2.65 -8.33
CA ALA A 1 -10.99 -1.78 -9.27
C ALA A 1 -9.60 -2.35 -9.49
N ASP A 2 -8.73 -1.69 -10.27
CA ASP A 2 -7.43 -2.21 -10.67
C ASP A 2 -6.27 -1.84 -9.75
N GLY A 3 -6.54 -1.44 -8.51
CA GLY A 3 -5.51 -1.01 -7.57
C GLY A 3 -5.00 0.38 -7.92
N ALA A 4 -4.49 0.56 -9.14
CA ALA A 4 -3.96 1.81 -9.66
C ALA A 4 -4.94 2.96 -9.38
N ALA A 5 -6.24 2.72 -9.59
CA ALA A 5 -7.30 3.68 -9.32
C ALA A 5 -7.17 4.30 -7.93
N LEU A 6 -6.98 3.48 -6.90
CA LEU A 6 -6.82 3.89 -5.53
C LEU A 6 -5.46 4.55 -5.36
N TYR A 7 -4.43 3.87 -5.87
CA TYR A 7 -3.02 4.22 -5.76
C TYR A 7 -2.71 5.71 -6.01
N LYS A 8 -3.51 6.39 -6.84
CA LYS A 8 -3.38 7.80 -7.13
C LYS A 8 -3.14 8.63 -5.86
N SER A 9 -3.80 8.27 -4.75
CA SER A 9 -3.61 8.93 -3.46
C SER A 9 -2.19 8.69 -2.93
N CYS A 10 -1.86 7.41 -2.92
CA CYS A 10 -0.68 6.74 -2.41
C CYS A 10 0.60 7.32 -3.00
N ILE A 11 0.50 7.74 -4.27
CA ILE A 11 1.56 8.42 -4.99
C ILE A 11 2.21 9.46 -4.07
N GLY A 12 1.37 10.18 -3.31
CA GLY A 12 1.79 11.21 -2.37
C GLY A 12 3.02 10.84 -1.55
N CYS A 13 3.14 9.56 -1.13
CA CYS A 13 4.28 9.11 -0.34
C CYS A 13 5.13 8.10 -1.09
N HIS A 14 4.51 7.22 -1.88
CA HIS A 14 5.22 6.14 -2.55
C HIS A 14 5.74 6.47 -3.96
N GLY A 15 5.33 7.62 -4.53
CA GLY A 15 5.78 8.06 -5.84
C GLY A 15 4.96 7.45 -6.98
N ALA A 16 5.28 7.86 -8.21
CA ALA A 16 4.59 7.46 -9.44
C ALA A 16 4.35 5.94 -9.51
N ASP A 17 5.42 5.15 -9.40
CA ASP A 17 5.30 3.70 -9.43
C ASP A 17 4.93 3.24 -8.02
N GLY A 18 5.95 3.16 -7.15
CA GLY A 18 5.86 2.82 -5.74
C GLY A 18 7.27 2.61 -5.17
N SER A 19 8.22 3.42 -5.68
CA SER A 19 9.65 3.28 -5.51
C SER A 19 10.30 4.22 -4.49
N LYS A 20 9.76 5.42 -4.24
CA LYS A 20 10.46 6.32 -3.33
C LYS A 20 10.29 5.87 -1.88
N ALA A 21 11.34 6.06 -1.08
CA ALA A 21 11.33 5.74 0.33
C ALA A 21 10.40 6.71 1.06
N ALA A 22 9.24 6.23 1.49
CA ALA A 22 8.28 7.03 2.25
C ALA A 22 8.85 7.37 3.64
N MET A 23 8.03 8.07 4.42
CA MET A 23 8.36 8.58 5.76
C MET A 23 9.22 7.61 6.58
N GLY A 24 10.31 8.11 7.14
CA GLY A 24 11.24 7.33 7.95
C GLY A 24 12.02 6.31 7.13
N SER A 25 12.42 6.70 5.91
CA SER A 25 13.20 5.86 5.01
C SER A 25 12.56 4.49 4.81
N ALA A 26 11.27 4.51 4.48
CA ALA A 26 10.47 3.30 4.32
C ALA A 26 10.95 2.40 3.17
N LYS A 27 10.69 1.10 3.29
CA LYS A 27 10.93 0.13 2.26
C LYS A 27 10.02 0.48 1.08
N PRO A 28 10.51 0.44 -0.16
CA PRO A 28 9.70 0.71 -1.31
C PRO A 28 8.72 -0.44 -1.51
N VAL A 29 7.53 -0.15 -2.05
CA VAL A 29 6.49 -1.13 -2.23
C VAL A 29 6.62 -1.83 -3.58
N LYS A 30 7.06 -1.08 -4.60
CA LYS A 30 7.25 -1.55 -5.95
C LYS A 30 8.01 -2.88 -5.95
N GLY A 31 7.29 -3.97 -6.21
CA GLY A 31 7.85 -5.30 -6.33
C GLY A 31 8.19 -6.01 -5.02
N GLN A 32 7.59 -5.72 -3.86
CA GLN A 32 7.88 -6.57 -2.68
C GLN A 32 7.47 -8.01 -3.02
N GLY A 33 6.24 -8.06 -3.51
CA GLY A 33 5.54 -9.21 -4.07
C GLY A 33 4.07 -9.15 -3.72
N ALA A 34 3.21 -9.74 -4.55
CA ALA A 34 1.77 -9.73 -4.36
C ALA A 34 1.35 -10.29 -3.00
N GLU A 35 1.95 -11.40 -2.56
CA GLU A 35 1.65 -12.02 -1.31
C GLU A 35 2.04 -11.08 -0.16
N GLU A 36 3.30 -10.62 -0.21
CA GLU A 36 3.90 -9.70 0.72
C GLU A 36 2.97 -8.50 0.89
N LEU A 37 2.74 -7.83 -0.23
CA LEU A 37 1.89 -6.67 -0.33
C LEU A 37 0.51 -7.00 0.22
N TYR A 38 -0.23 -7.96 -0.35
CA TYR A 38 -1.57 -8.31 0.11
C TYR A 38 -1.66 -8.39 1.63
N LYS A 39 -0.74 -9.17 2.22
CA LYS A 39 -0.65 -9.33 3.66
C LYS A 39 -0.48 -7.98 4.33
N LYS A 40 0.49 -7.20 3.86
CA LYS A 40 0.80 -5.89 4.37
C LYS A 40 -0.38 -4.92 4.25
N MET A 41 -1.05 -4.77 3.09
CA MET A 41 -2.23 -3.93 2.99
C MET A 41 -3.25 -4.34 4.04
N LYS A 42 -3.53 -5.64 4.17
CA LYS A 42 -4.47 -6.10 5.20
C LYS A 42 -3.96 -5.70 6.60
N GLY A 43 -2.69 -5.96 6.89
CA GLY A 43 -2.04 -5.63 8.15
C GLY A 43 -2.22 -4.16 8.51
N TYR A 44 -1.97 -3.28 7.54
CA TYR A 44 -2.18 -1.85 7.72
C TYR A 44 -3.65 -1.59 7.97
N ALA A 45 -4.56 -2.09 7.12
CA ALA A 45 -6.00 -1.91 7.28
C ALA A 45 -6.48 -2.30 8.67
N ASP A 46 -6.02 -3.45 9.16
CA ASP A 46 -6.36 -4.00 10.46
C ASP A 46 -5.72 -3.18 11.59
N GLY A 47 -4.79 -2.29 11.28
CA GLY A 47 -4.08 -1.49 12.28
C GLY A 47 -3.13 -2.35 13.10
N SER A 48 -2.73 -3.52 12.57
CA SER A 48 -1.80 -4.42 13.24
C SER A 48 -0.41 -4.08 12.75
N TYR A 49 -0.19 -4.23 11.44
CA TYR A 49 1.06 -3.88 10.80
C TYR A 49 1.08 -2.36 10.60
N GLY A 50 1.11 -1.61 11.70
CA GLY A 50 1.08 -0.16 11.72
C GLY A 50 2.18 0.40 12.63
N GLY A 51 1.95 1.59 13.21
CA GLY A 51 2.91 2.30 14.04
C GLY A 51 2.80 3.82 13.83
N GLU A 52 2.25 4.52 14.82
CA GLU A 52 2.10 5.98 14.86
C GLU A 52 1.62 6.57 13.54
N ARG A 53 2.54 7.16 12.74
CA ARG A 53 2.24 7.78 11.45
C ARG A 53 1.38 6.89 10.56
N LYS A 54 1.66 5.59 10.63
CA LYS A 54 0.98 4.56 9.86
C LYS A 54 -0.53 4.59 10.06
N ALA A 55 -1.03 5.16 11.16
CA ALA A 55 -2.46 5.32 11.39
C ALA A 55 -3.16 5.95 10.18
N MET A 56 -2.52 6.94 9.54
CA MET A 56 -3.09 7.59 8.36
C MET A 56 -3.24 6.56 7.24
N MET A 57 -2.17 5.78 7.03
CA MET A 57 -2.11 4.74 6.02
C MET A 57 -3.22 3.73 6.29
N THR A 58 -3.31 3.24 7.53
CA THR A 58 -4.35 2.34 8.02
C THR A 58 -5.70 2.88 7.57
N ASN A 59 -6.02 4.13 7.92
CA ASN A 59 -7.30 4.71 7.51
C ASN A 59 -7.47 4.67 6.00
N ALA A 60 -6.44 5.07 5.24
CA ALA A 60 -6.52 5.09 3.78
C ALA A 60 -6.84 3.69 3.24
N VAL A 61 -5.96 2.72 3.50
CA VAL A 61 -6.13 1.37 2.99
C VAL A 61 -7.40 0.71 3.53
N LYS A 62 -7.80 0.99 4.77
CA LYS A 62 -9.01 0.42 5.35
C LYS A 62 -10.26 0.79 4.52
N LYS A 63 -10.22 1.92 3.79
CA LYS A 63 -11.35 2.31 2.96
C LYS A 63 -11.47 1.43 1.70
N ALA A 64 -10.46 0.60 1.40
CA ALA A 64 -10.44 -0.31 0.27
C ALA A 64 -10.86 -1.71 0.74
N SER A 65 -11.63 -2.42 -0.07
CA SER A 65 -12.13 -3.76 0.26
C SER A 65 -11.08 -4.81 -0.07
N ASP A 66 -11.23 -6.06 0.41
CA ASP A 66 -10.26 -7.13 0.14
C ASP A 66 -9.94 -7.24 -1.35
N GLU A 67 -10.96 -7.11 -2.20
CA GLU A 67 -10.83 -7.12 -3.65
C GLU A 67 -9.79 -6.08 -4.07
N GLU A 68 -10.03 -4.85 -3.64
CA GLU A 68 -9.17 -3.74 -3.90
C GLU A 68 -7.78 -4.00 -3.34
N LEU A 69 -7.66 -4.46 -2.10
CA LEU A 69 -6.37 -4.78 -1.48
C LEU A 69 -5.57 -5.72 -2.39
N LYS A 70 -6.21 -6.81 -2.84
CA LYS A 70 -5.54 -7.75 -3.74
C LYS A 70 -5.10 -7.04 -5.01
N ALA A 71 -5.95 -6.18 -5.57
CA ALA A 71 -5.61 -5.43 -6.76
C ALA A 71 -4.45 -4.45 -6.51
N LEU A 72 -4.44 -3.79 -5.35
CA LEU A 72 -3.40 -2.84 -4.95
C LEU A 72 -2.07 -3.57 -4.91
N ALA A 73 -2.09 -4.73 -4.25
CA ALA A 73 -0.94 -5.62 -4.18
C ALA A 73 -0.51 -6.06 -5.59
N ASP A 74 -1.44 -6.59 -6.39
CA ASP A 74 -1.16 -7.04 -7.75
C ASP A 74 -0.46 -5.95 -8.55
N TYR A 75 -1.04 -4.74 -8.58
CA TYR A 75 -0.49 -3.57 -9.25
C TYR A 75 0.99 -3.43 -8.89
N MET A 76 1.27 -3.10 -7.63
CA MET A 76 2.62 -2.89 -7.14
C MET A 76 3.52 -4.12 -7.31
N SER A 77 2.96 -5.33 -7.37
CA SER A 77 3.73 -6.54 -7.60
C SER A 77 4.02 -6.79 -9.09
N LYS A 78 3.49 -5.97 -9.99
CA LYS A 78 3.61 -6.14 -11.43
C LYS A 78 3.94 -4.75 -11.97
N LEU A 79 4.94 -4.12 -11.36
CA LEU A 79 5.31 -2.76 -11.57
C LEU A 79 6.79 -2.68 -11.23
N ALA A 1 -11.65 -2.24 -8.03
CA ALA A 1 -10.90 -1.64 -9.14
C ALA A 1 -9.50 -2.27 -9.23
N ASP A 2 -8.83 -2.12 -10.37
CA ASP A 2 -7.54 -2.74 -10.70
C ASP A 2 -6.32 -2.15 -9.97
N GLY A 3 -6.42 -1.84 -8.68
CA GLY A 3 -5.29 -1.34 -7.90
C GLY A 3 -4.99 0.14 -8.18
N ALA A 4 -4.65 0.43 -9.43
CA ALA A 4 -4.27 1.74 -9.96
C ALA A 4 -5.15 2.86 -9.41
N ALA A 5 -6.47 2.67 -9.50
CA ALA A 5 -7.49 3.60 -9.04
C ALA A 5 -7.25 4.08 -7.61
N LEU A 6 -6.74 3.18 -6.74
CA LEU A 6 -6.40 3.53 -5.37
C LEU A 6 -4.97 4.07 -5.34
N TYR A 7 -4.05 3.32 -5.96
CA TYR A 7 -2.63 3.61 -5.98
C TYR A 7 -2.32 5.07 -6.30
N LYS A 8 -3.06 5.66 -7.25
CA LYS A 8 -2.90 7.06 -7.64
C LYS A 8 -2.79 8.00 -6.43
N SER A 9 -3.45 7.67 -5.32
CA SER A 9 -3.38 8.44 -4.09
C SER A 9 -2.04 8.21 -3.39
N CYS A 10 -1.69 6.93 -3.23
CA CYS A 10 -0.52 6.41 -2.55
C CYS A 10 0.75 6.99 -3.17
N ILE A 11 0.70 7.21 -4.49
CA ILE A 11 1.78 7.83 -5.25
C ILE A 11 2.28 9.09 -4.53
N GLY A 12 1.38 9.83 -3.86
CA GLY A 12 1.75 11.02 -3.11
C GLY A 12 2.96 10.79 -2.21
N CYS A 13 3.08 9.60 -1.61
CA CYS A 13 4.19 9.26 -0.72
C CYS A 13 5.12 8.22 -1.32
N HIS A 14 4.65 7.42 -2.29
CA HIS A 14 5.41 6.29 -2.84
C HIS A 14 6.01 6.54 -4.23
N GLY A 15 5.51 7.51 -4.98
CA GLY A 15 6.01 7.80 -6.31
C GLY A 15 5.45 6.81 -7.33
N ALA A 16 5.46 7.17 -8.61
CA ALA A 16 4.92 6.35 -9.69
C ALA A 16 5.41 4.89 -9.62
N ASP A 17 6.71 4.70 -9.41
CA ASP A 17 7.34 3.38 -9.37
C ASP A 17 7.23 2.71 -7.99
N GLY A 18 6.72 3.40 -6.96
CA GLY A 18 6.66 2.86 -5.61
C GLY A 18 8.03 2.87 -4.93
N SER A 19 8.97 3.64 -5.49
CA SER A 19 10.34 3.75 -5.07
C SER A 19 10.54 4.71 -3.89
N LYS A 20 9.73 5.77 -3.79
CA LYS A 20 9.88 6.79 -2.80
C LYS A 20 9.81 6.22 -1.38
N ALA A 21 10.94 6.31 -0.66
CA ALA A 21 11.05 5.87 0.71
C ALA A 21 10.34 6.87 1.62
N ALA A 22 9.01 6.72 1.69
CA ALA A 22 8.09 7.53 2.46
C ALA A 22 8.50 7.75 3.93
N MET A 23 7.76 8.64 4.61
CA MET A 23 7.95 9.09 6.00
C MET A 23 8.83 8.19 6.86
N GLY A 24 10.11 8.57 7.02
CA GLY A 24 11.05 7.85 7.86
C GLY A 24 11.67 6.65 7.14
N SER A 25 12.28 6.91 5.98
CA SER A 25 12.99 5.93 5.17
C SER A 25 12.21 4.61 5.02
N ALA A 26 10.94 4.71 4.68
CA ALA A 26 10.07 3.56 4.51
C ALA A 26 10.63 2.58 3.49
N LYS A 27 10.51 1.27 3.74
CA LYS A 27 10.88 0.24 2.80
C LYS A 27 10.12 0.51 1.49
N PRO A 28 10.79 0.74 0.36
CA PRO A 28 10.10 1.02 -0.89
C PRO A 28 9.06 -0.05 -1.21
N VAL A 29 7.94 0.39 -1.76
CA VAL A 29 6.80 -0.45 -2.09
C VAL A 29 7.07 -1.22 -3.37
N LYS A 30 7.76 -0.56 -4.32
CA LYS A 30 8.17 -1.04 -5.64
C LYS A 30 8.23 -2.56 -5.66
N GLY A 31 7.11 -3.19 -6.03
CA GLY A 31 6.91 -4.62 -6.10
C GLY A 31 7.64 -5.44 -5.03
N GLN A 32 7.39 -5.16 -3.75
CA GLN A 32 7.97 -5.98 -2.66
C GLN A 32 7.73 -7.46 -2.98
N GLY A 33 6.46 -7.71 -3.25
CA GLY A 33 5.89 -8.96 -3.74
C GLY A 33 4.39 -8.95 -3.54
N ALA A 34 3.56 -9.26 -4.53
CA ALA A 34 2.11 -9.26 -4.40
C ALA A 34 1.62 -9.89 -3.09
N GLU A 35 2.20 -11.03 -2.69
CA GLU A 35 1.80 -11.68 -1.45
C GLU A 35 2.16 -10.81 -0.25
N GLU A 36 3.42 -10.32 -0.20
CA GLU A 36 3.93 -9.48 0.85
C GLU A 36 3.03 -8.28 0.99
N LEU A 37 2.87 -7.57 -0.13
CA LEU A 37 2.04 -6.43 -0.29
C LEU A 37 0.65 -6.74 0.24
N TYR A 38 -0.06 -7.73 -0.31
CA TYR A 38 -1.38 -8.11 0.13
C TYR A 38 -1.47 -8.21 1.65
N LYS A 39 -0.59 -9.03 2.25
CA LYS A 39 -0.56 -9.18 3.69
C LYS A 39 -0.40 -7.82 4.38
N LYS A 40 0.53 -6.99 3.91
CA LYS A 40 0.77 -5.67 4.45
C LYS A 40 -0.47 -4.78 4.32
N MET A 41 -1.05 -4.55 3.14
CA MET A 41 -2.27 -3.75 3.01
C MET A 41 -3.38 -4.29 3.91
N LYS A 42 -3.58 -5.62 3.93
CA LYS A 42 -4.58 -6.23 4.80
C LYS A 42 -4.27 -5.89 6.25
N GLY A 43 -3.01 -6.03 6.66
CA GLY A 43 -2.52 -5.74 7.99
C GLY A 43 -2.78 -4.28 8.38
N TYR A 44 -2.43 -3.35 7.48
CA TYR A 44 -2.65 -1.93 7.65
C TYR A 44 -4.15 -1.69 7.84
N ALA A 45 -4.97 -2.12 6.89
CA ALA A 45 -6.42 -1.93 6.94
C ALA A 45 -7.00 -2.48 8.25
N ASP A 46 -6.61 -3.69 8.61
CA ASP A 46 -7.05 -4.34 9.84
C ASP A 46 -6.57 -3.55 11.07
N GLY A 47 -5.39 -2.93 10.98
CA GLY A 47 -4.80 -2.14 12.04
C GLY A 47 -3.83 -2.98 12.88
N SER A 48 -3.35 -4.10 12.34
CA SER A 48 -2.37 -4.95 12.98
C SER A 48 -1.00 -4.48 12.53
N TYR A 49 -0.78 -4.47 11.21
CA TYR A 49 0.48 -4.03 10.63
C TYR A 49 0.52 -2.50 10.61
N GLY A 50 0.49 -1.87 11.79
CA GLY A 50 0.50 -0.43 11.86
C GLY A 50 0.79 0.11 13.26
N GLY A 51 1.72 1.07 13.34
CA GLY A 51 2.10 1.81 14.52
C GLY A 51 2.46 3.24 14.07
N GLU A 52 2.22 4.22 14.95
CA GLU A 52 2.47 5.64 14.77
C GLU A 52 2.21 6.12 13.33
N ARG A 53 3.28 6.34 12.55
CA ARG A 53 3.22 6.84 11.17
C ARG A 53 2.19 6.10 10.32
N LYS A 54 2.07 4.78 10.55
CA LYS A 54 1.20 3.90 9.79
C LYS A 54 -0.28 4.21 9.97
N ALA A 55 -0.64 5.02 10.98
CA ALA A 55 -2.02 5.41 11.22
C ALA A 55 -2.69 5.95 9.94
N MET A 56 -1.94 6.72 9.16
CA MET A 56 -2.41 7.30 7.92
C MET A 56 -2.94 6.20 6.99
N MET A 57 -2.09 5.22 6.68
CA MET A 57 -2.44 4.10 5.83
C MET A 57 -3.55 3.28 6.48
N THR A 58 -3.43 3.00 7.77
CA THR A 58 -4.42 2.27 8.54
C THR A 58 -5.81 2.81 8.22
N ASN A 59 -5.98 4.14 8.26
CA ASN A 59 -7.26 4.74 7.91
C ASN A 59 -7.49 4.66 6.40
N ALA A 60 -6.49 5.01 5.58
CA ALA A 60 -6.63 5.05 4.12
C ALA A 60 -7.10 3.72 3.54
N VAL A 61 -6.31 2.65 3.67
CA VAL A 61 -6.69 1.35 3.11
C VAL A 61 -7.98 0.83 3.73
N LYS A 62 -8.31 1.21 4.97
CA LYS A 62 -9.56 0.80 5.60
C LYS A 62 -10.77 1.32 4.81
N LYS A 63 -10.60 2.38 4.01
CA LYS A 63 -11.70 2.88 3.19
C LYS A 63 -11.97 1.92 2.01
N ALA A 64 -11.00 1.09 1.64
CA ALA A 64 -11.08 0.13 0.55
C ALA A 64 -11.55 -1.23 1.08
N SER A 65 -11.71 -2.20 0.18
CA SER A 65 -12.16 -3.55 0.52
C SER A 65 -11.16 -4.59 -0.02
N ASP A 66 -11.28 -5.84 0.43
CA ASP A 66 -10.38 -6.92 0.07
C ASP A 66 -10.04 -6.96 -1.42
N GLU A 67 -11.04 -6.85 -2.30
CA GLU A 67 -10.83 -6.83 -3.74
C GLU A 67 -9.76 -5.81 -4.10
N GLU A 68 -9.98 -4.58 -3.63
CA GLU A 68 -9.12 -3.46 -3.84
C GLU A 68 -7.73 -3.77 -3.32
N LEU A 69 -7.63 -4.16 -2.05
CA LEU A 69 -6.34 -4.47 -1.42
C LEU A 69 -5.55 -5.47 -2.26
N LYS A 70 -6.18 -6.59 -2.63
CA LYS A 70 -5.56 -7.61 -3.45
C LYS A 70 -5.09 -7.00 -4.77
N ALA A 71 -5.98 -6.24 -5.42
CA ALA A 71 -5.66 -5.60 -6.69
C ALA A 71 -4.58 -4.54 -6.55
N LEU A 72 -4.48 -3.86 -5.40
CA LEU A 72 -3.49 -2.82 -5.15
C LEU A 72 -2.14 -3.51 -5.07
N ALA A 73 -2.06 -4.56 -4.24
CA ALA A 73 -0.88 -5.39 -4.15
C ALA A 73 -0.48 -5.93 -5.52
N ASP A 74 -1.45 -6.51 -6.26
CA ASP A 74 -1.20 -7.05 -7.57
C ASP A 74 -0.62 -5.99 -8.50
N TYR A 75 -1.30 -4.84 -8.61
CA TYR A 75 -0.86 -3.74 -9.46
C TYR A 75 0.58 -3.34 -9.13
N MET A 76 0.85 -3.02 -7.86
CA MET A 76 2.17 -2.61 -7.41
C MET A 76 3.21 -3.71 -7.61
N SER A 77 2.79 -4.97 -7.63
CA SER A 77 3.67 -6.10 -7.91
C SER A 77 3.86 -6.32 -9.42
N LYS A 78 3.34 -5.42 -10.26
CA LYS A 78 3.44 -5.46 -11.72
C LYS A 78 3.60 -4.01 -12.15
N LEU A 79 4.54 -3.32 -11.51
CA LEU A 79 4.80 -1.92 -11.62
C LEU A 79 6.31 -1.78 -11.42
N ALA A 1 -11.85 1.02 -7.59
CA ALA A 1 -11.58 0.19 -8.76
C ALA A 1 -10.16 -0.39 -8.67
N ASP A 2 -10.07 -1.72 -8.77
CA ASP A 2 -8.89 -2.58 -8.77
C ASP A 2 -7.54 -1.90 -8.53
N GLY A 3 -7.30 -1.40 -7.32
CA GLY A 3 -6.03 -0.79 -6.94
C GLY A 3 -5.77 0.59 -7.57
N ALA A 4 -5.96 0.72 -8.88
CA ALA A 4 -5.70 1.94 -9.63
C ALA A 4 -6.34 3.17 -9.01
N ALA A 5 -7.62 3.09 -8.62
CA ALA A 5 -8.30 4.24 -8.04
C ALA A 5 -7.66 4.59 -6.68
N LEU A 6 -7.48 3.57 -5.84
CA LEU A 6 -6.94 3.67 -4.51
C LEU A 6 -5.59 4.38 -4.55
N TYR A 7 -4.76 4.02 -5.55
CA TYR A 7 -3.44 4.60 -5.76
C TYR A 7 -3.43 6.13 -5.72
N LYS A 8 -4.54 6.79 -6.09
CA LYS A 8 -4.62 8.24 -6.04
C LYS A 8 -4.27 8.74 -4.63
N SER A 9 -4.68 8.02 -3.59
CA SER A 9 -4.39 8.36 -2.20
C SER A 9 -3.09 7.68 -1.73
N CYS A 10 -2.10 7.57 -2.62
CA CYS A 10 -0.85 6.86 -2.39
C CYS A 10 0.36 7.64 -2.93
N ILE A 11 0.12 8.36 -4.03
CA ILE A 11 1.05 9.27 -4.66
C ILE A 11 1.69 10.17 -3.60
N GLY A 12 2.90 10.65 -3.88
CA GLY A 12 3.59 11.51 -2.95
C GLY A 12 4.36 10.67 -1.93
N CYS A 13 3.70 9.74 -1.21
CA CYS A 13 4.43 8.92 -0.26
C CYS A 13 5.18 7.84 -1.05
N HIS A 14 4.50 7.30 -2.07
CA HIS A 14 5.06 6.30 -2.97
C HIS A 14 5.42 6.91 -4.33
N GLY A 15 5.41 8.24 -4.40
CA GLY A 15 5.82 9.01 -5.57
C GLY A 15 4.71 8.89 -6.59
N ALA A 16 4.93 8.04 -7.59
CA ALA A 16 3.95 7.65 -8.59
C ALA A 16 4.23 6.18 -8.94
N ASP A 17 4.74 5.44 -7.96
CA ASP A 17 5.19 4.07 -8.11
C ASP A 17 5.24 3.44 -6.72
N GLY A 18 6.44 3.30 -6.15
CA GLY A 18 6.67 2.76 -4.82
C GLY A 18 8.16 2.55 -4.54
N SER A 19 9.03 3.38 -5.13
CA SER A 19 10.48 3.27 -4.96
C SER A 19 10.96 4.10 -3.78
N LYS A 20 10.47 5.33 -3.67
CA LYS A 20 10.93 6.26 -2.66
C LYS A 20 10.61 5.80 -1.24
N ALA A 21 11.46 6.19 -0.29
CA ALA A 21 11.16 6.02 1.11
C ALA A 21 10.11 7.10 1.43
N ALA A 22 9.02 6.72 2.07
CA ALA A 22 7.93 7.62 2.41
C ALA A 22 8.30 8.49 3.62
N MET A 23 7.50 8.43 4.70
CA MET A 23 7.78 9.14 5.93
C MET A 23 9.01 8.54 6.62
N GLY A 24 10.20 8.82 6.09
CA GLY A 24 11.45 8.29 6.60
C GLY A 24 11.66 6.86 6.09
N SER A 25 12.71 6.20 6.59
CA SER A 25 13.13 4.85 6.24
C SER A 25 11.96 3.88 6.10
N ALA A 26 11.57 3.58 4.85
CA ALA A 26 10.48 2.67 4.52
C ALA A 26 10.95 1.78 3.39
N LYS A 27 10.72 0.47 3.50
CA LYS A 27 11.04 -0.51 2.51
C LYS A 27 10.33 -0.16 1.21
N PRO A 28 11.06 0.00 0.08
CA PRO A 28 10.43 0.25 -1.21
C PRO A 28 9.35 -0.79 -1.47
N VAL A 29 8.20 -0.35 -1.94
CA VAL A 29 7.02 -1.16 -2.18
C VAL A 29 7.10 -1.80 -3.56
N LYS A 30 7.63 -1.05 -4.51
CA LYS A 30 7.79 -1.46 -5.91
C LYS A 30 8.31 -2.89 -5.97
N GLY A 31 7.42 -3.85 -6.24
CA GLY A 31 7.77 -5.24 -6.41
C GLY A 31 8.39 -5.96 -5.20
N GLN A 32 7.92 -5.74 -3.96
CA GLN A 32 8.43 -6.56 -2.84
C GLN A 32 8.14 -8.03 -3.17
N GLY A 33 6.87 -8.28 -3.35
CA GLY A 33 6.25 -9.54 -3.76
C GLY A 33 4.75 -9.47 -3.44
N ALA A 34 3.87 -9.94 -4.33
CA ALA A 34 2.43 -9.84 -4.14
C ALA A 34 1.98 -10.37 -2.78
N GLU A 35 2.50 -11.53 -2.35
CA GLU A 35 2.16 -12.09 -1.05
C GLU A 35 2.56 -11.13 0.06
N GLU A 36 3.83 -10.75 0.07
CA GLU A 36 4.45 -9.83 1.02
C GLU A 36 3.55 -8.60 1.14
N LEU A 37 3.34 -7.97 -0.01
CA LEU A 37 2.53 -6.79 -0.19
C LEU A 37 1.15 -7.05 0.42
N TYR A 38 0.35 -7.94 -0.17
CA TYR A 38 -0.99 -8.31 0.26
C TYR A 38 -1.10 -8.37 1.77
N LYS A 39 -0.32 -9.27 2.34
CA LYS A 39 -0.36 -9.48 3.79
C LYS A 39 -0.14 -8.16 4.55
N LYS A 40 0.79 -7.30 4.13
CA LYS A 40 1.06 -6.05 4.80
C LYS A 40 -0.01 -4.98 4.51
N MET A 41 -0.49 -4.79 3.27
CA MET A 41 -1.60 -3.85 3.04
C MET A 41 -2.83 -4.33 3.79
N LYS A 42 -3.07 -5.65 3.85
CA LYS A 42 -4.15 -6.24 4.62
C LYS A 42 -3.91 -5.93 6.10
N GLY A 43 -2.68 -6.14 6.57
CA GLY A 43 -2.25 -5.86 7.93
C GLY A 43 -2.61 -4.43 8.32
N TYR A 44 -2.24 -3.48 7.45
CA TYR A 44 -2.52 -2.07 7.64
C TYR A 44 -4.05 -1.85 7.67
N ALA A 45 -4.77 -2.24 6.62
CA ALA A 45 -6.22 -2.06 6.53
C ALA A 45 -6.95 -2.66 7.74
N ASP A 46 -6.51 -3.84 8.18
CA ASP A 46 -7.06 -4.55 9.34
C ASP A 46 -6.72 -3.82 10.65
N GLY A 47 -5.66 -3.00 10.64
CA GLY A 47 -5.21 -2.28 11.82
C GLY A 47 -4.35 -3.16 12.73
N SER A 48 -3.78 -4.25 12.19
CA SER A 48 -2.88 -5.12 12.94
C SER A 48 -1.46 -4.60 12.70
N TYR A 49 -1.09 -4.42 11.43
CA TYR A 49 0.19 -3.82 11.09
C TYR A 49 -0.01 -2.30 11.16
N GLY A 50 0.99 -1.51 11.53
CA GLY A 50 0.83 -0.07 11.61
C GLY A 50 1.96 0.59 12.40
N GLY A 51 1.81 1.89 12.65
CA GLY A 51 2.73 2.75 13.36
C GLY A 51 2.24 4.18 13.16
N GLU A 52 2.68 5.14 13.98
CA GLU A 52 2.20 6.52 13.92
C GLU A 52 2.26 7.08 12.48
N ARG A 53 3.43 7.02 11.85
CA ARG A 53 3.63 7.50 10.49
C ARG A 53 2.73 6.80 9.48
N LYS A 54 2.28 5.58 9.82
CA LYS A 54 1.47 4.73 8.98
C LYS A 54 -0.03 5.01 9.17
N ALA A 55 -0.41 5.97 10.01
CA ALA A 55 -1.82 6.28 10.24
C ALA A 55 -2.53 6.69 8.94
N MET A 56 -1.96 7.64 8.20
CA MET A 56 -2.52 8.11 6.94
C MET A 56 -2.69 6.92 5.98
N MET A 57 -1.61 6.15 5.82
CA MET A 57 -1.59 4.96 4.99
C MET A 57 -2.71 4.02 5.41
N THR A 58 -2.80 3.73 6.71
CA THR A 58 -3.82 2.86 7.29
C THR A 58 -5.19 3.34 6.82
N ASN A 59 -5.50 4.63 6.99
CA ASN A 59 -6.80 5.14 6.52
C ASN A 59 -6.93 4.95 5.00
N ALA A 60 -5.88 5.23 4.23
CA ALA A 60 -5.93 5.10 2.78
C ALA A 60 -6.32 3.67 2.40
N VAL A 61 -5.64 2.66 2.95
CA VAL A 61 -5.96 1.27 2.66
C VAL A 61 -7.25 0.82 3.35
N LYS A 62 -7.69 1.46 4.44
CA LYS A 62 -8.92 1.11 5.14
C LYS A 62 -10.10 1.15 4.16
N LYS A 63 -10.05 2.06 3.17
CA LYS A 63 -11.07 2.21 2.19
C LYS A 63 -11.19 0.98 1.27
N ALA A 64 -10.14 0.17 1.18
CA ALA A 64 -10.04 -0.96 0.28
C ALA A 64 -10.68 -2.22 0.85
N SER A 65 -11.53 -2.87 0.05
CA SER A 65 -12.10 -4.18 0.39
C SER A 65 -11.02 -5.25 0.16
N ASP A 66 -11.28 -6.50 0.53
CA ASP A 66 -10.29 -7.57 0.31
C ASP A 66 -9.86 -7.64 -1.16
N GLU A 67 -10.84 -7.61 -2.06
CA GLU A 67 -10.65 -7.62 -3.49
C GLU A 67 -9.67 -6.51 -3.90
N GLU A 68 -9.98 -5.29 -3.46
CA GLU A 68 -9.15 -4.14 -3.75
C GLU A 68 -7.75 -4.34 -3.16
N LEU A 69 -7.64 -4.82 -1.91
CA LEU A 69 -6.35 -5.06 -1.27
C LEU A 69 -5.51 -6.03 -2.10
N LYS A 70 -6.11 -7.13 -2.58
CA LYS A 70 -5.42 -8.08 -3.42
C LYS A 70 -4.97 -7.37 -4.70
N ALA A 71 -5.84 -6.57 -5.29
CA ALA A 71 -5.51 -5.81 -6.49
C ALA A 71 -4.40 -4.78 -6.21
N LEU A 72 -4.38 -4.18 -5.01
CA LEU A 72 -3.39 -3.22 -4.59
C LEU A 72 -2.05 -3.95 -4.60
N ALA A 73 -2.01 -5.10 -3.91
CA ALA A 73 -0.82 -5.94 -3.88
C ALA A 73 -0.36 -6.28 -5.31
N ASP A 74 -1.29 -6.77 -6.13
CA ASP A 74 -1.00 -7.10 -7.52
C ASP A 74 -0.37 -5.90 -8.24
N TYR A 75 -0.97 -4.71 -8.14
CA TYR A 75 -0.48 -3.48 -8.73
C TYR A 75 0.98 -3.23 -8.30
N MET A 76 1.22 -3.14 -6.98
CA MET A 76 2.53 -2.91 -6.42
C MET A 76 3.52 -3.99 -6.88
N SER A 77 3.01 -5.21 -7.04
CA SER A 77 3.80 -6.35 -7.47
C SER A 77 3.99 -6.43 -8.99
N LYS A 78 3.62 -5.40 -9.76
CA LYS A 78 3.81 -5.38 -11.21
C LYS A 78 4.19 -3.95 -11.58
N LEU A 79 5.00 -3.35 -10.71
CA LEU A 79 5.42 -1.99 -10.76
C LEU A 79 6.95 -1.97 -10.90
N ALA A 1 -9.41 1.55 -13.18
CA ALA A 1 -9.71 0.18 -12.71
C ALA A 1 -9.31 0.07 -11.25
N ASP A 2 -9.77 -0.97 -10.55
CA ASP A 2 -9.42 -1.20 -9.15
C ASP A 2 -7.91 -1.37 -9.02
N GLY A 3 -7.36 -1.10 -7.83
CA GLY A 3 -5.93 -1.13 -7.56
C GLY A 3 -5.27 0.11 -8.15
N ALA A 4 -5.36 0.26 -9.46
CA ALA A 4 -4.79 1.39 -10.18
C ALA A 4 -5.38 2.72 -9.69
N ALA A 5 -6.70 2.82 -9.70
CA ALA A 5 -7.40 4.03 -9.26
C ALA A 5 -7.04 4.38 -7.82
N LEU A 6 -7.01 3.37 -6.95
CA LEU A 6 -6.71 3.47 -5.55
C LEU A 6 -5.28 3.97 -5.35
N TYR A 7 -4.32 3.41 -6.10
CA TYR A 7 -2.90 3.73 -5.97
C TYR A 7 -2.61 5.22 -6.07
N LYS A 8 -3.28 5.88 -7.01
CA LYS A 8 -3.11 7.30 -7.31
C LYS A 8 -2.71 8.14 -6.09
N SER A 9 -3.50 8.12 -5.01
CA SER A 9 -3.23 8.89 -3.80
C SER A 9 -1.90 8.52 -3.14
N CYS A 10 -1.60 7.22 -3.10
CA CYS A 10 -0.44 6.63 -2.43
C CYS A 10 0.86 7.18 -3.00
N ILE A 11 0.82 7.57 -4.29
CA ILE A 11 1.93 8.21 -4.98
C ILE A 11 2.51 9.32 -4.11
N GLY A 12 1.65 10.03 -3.37
CA GLY A 12 2.05 11.09 -2.46
C GLY A 12 3.25 10.71 -1.60
N CYS A 13 3.28 9.47 -1.08
CA CYS A 13 4.38 9.02 -0.22
C CYS A 13 5.30 8.06 -0.95
N HIS A 14 4.77 7.22 -1.86
CA HIS A 14 5.56 6.18 -2.51
C HIS A 14 6.15 6.55 -3.87
N GLY A 15 5.55 7.48 -4.60
CA GLY A 15 6.00 7.86 -5.93
C GLY A 15 5.37 6.96 -7.00
N ALA A 16 5.55 7.34 -8.27
CA ALA A 16 4.98 6.62 -9.40
C ALA A 16 5.33 5.13 -9.34
N ASP A 17 6.61 4.79 -9.45
CA ASP A 17 7.08 3.40 -9.39
C ASP A 17 7.25 2.96 -7.94
N GLY A 18 6.41 3.44 -7.02
CA GLY A 18 6.42 3.17 -5.59
C GLY A 18 7.84 3.09 -5.00
N SER A 19 8.74 3.93 -5.49
CA SER A 19 10.16 3.87 -5.25
C SER A 19 10.70 4.80 -4.18
N LYS A 20 10.07 5.93 -3.86
CA LYS A 20 10.68 6.90 -2.94
C LYS A 20 10.52 6.50 -1.47
N ALA A 21 10.62 5.20 -1.15
CA ALA A 21 10.40 4.70 0.21
C ALA A 21 9.02 5.21 0.65
N ALA A 22 9.05 6.07 1.64
CA ALA A 22 7.97 6.85 2.20
C ALA A 22 8.59 7.74 3.27
N MET A 23 7.81 8.72 3.77
CA MET A 23 8.25 9.71 4.75
C MET A 23 9.07 9.08 5.88
N GLY A 24 10.37 9.36 5.89
CA GLY A 24 11.33 8.83 6.86
C GLY A 24 12.22 7.81 6.16
N SER A 25 11.89 6.52 6.28
CA SER A 25 12.58 5.40 5.65
C SER A 25 11.58 4.25 5.65
N ALA A 26 11.48 3.49 4.56
CA ALA A 26 10.47 2.45 4.42
C ALA A 26 10.85 1.55 3.26
N LYS A 27 10.42 0.28 3.28
CA LYS A 27 10.55 -0.65 2.21
C LYS A 27 9.83 -0.02 1.03
N PRO A 28 10.50 0.28 -0.10
CA PRO A 28 9.80 0.86 -1.22
C PRO A 28 8.76 -0.14 -1.69
N VAL A 29 7.62 0.37 -2.14
CA VAL A 29 6.55 -0.49 -2.61
C VAL A 29 7.01 -1.19 -3.89
N LYS A 30 7.78 -0.47 -4.72
CA LYS A 30 8.38 -0.88 -5.98
C LYS A 30 8.62 -2.39 -6.01
N GLY A 31 7.72 -3.13 -6.64
CA GLY A 31 7.72 -4.56 -6.81
C GLY A 31 8.25 -5.35 -5.61
N GLN A 32 7.95 -4.93 -4.36
CA GLN A 32 8.51 -5.65 -3.20
C GLN A 32 8.04 -7.11 -3.17
N GLY A 33 6.81 -7.33 -3.61
CA GLY A 33 6.19 -8.63 -3.87
C GLY A 33 4.68 -8.61 -3.63
N ALA A 34 3.83 -8.96 -4.60
CA ALA A 34 2.38 -8.99 -4.44
C ALA A 34 1.95 -9.71 -3.15
N GLU A 35 2.58 -10.85 -2.85
CA GLU A 35 2.30 -11.60 -1.64
C GLU A 35 2.59 -10.71 -0.42
N GLU A 36 3.83 -10.19 -0.37
CA GLU A 36 4.37 -9.29 0.62
C GLU A 36 3.33 -8.18 0.89
N LEU A 37 3.05 -7.45 -0.18
CA LEU A 37 2.17 -6.33 -0.28
C LEU A 37 0.80 -6.74 0.27
N TYR A 38 0.11 -7.70 -0.35
CA TYR A 38 -1.19 -8.18 0.07
C TYR A 38 -1.25 -8.36 1.57
N LYS A 39 -0.36 -9.22 2.07
CA LYS A 39 -0.26 -9.53 3.48
C LYS A 39 -0.20 -8.25 4.32
N LYS A 40 0.67 -7.32 3.95
CA LYS A 40 0.88 -6.08 4.64
C LYS A 40 -0.34 -5.14 4.52
N MET A 41 -0.93 -4.92 3.34
CA MET A 41 -2.14 -4.12 3.24
C MET A 41 -3.28 -4.78 4.02
N LYS A 42 -3.36 -6.11 4.04
CA LYS A 42 -4.33 -6.82 4.86
C LYS A 42 -4.04 -6.46 6.33
N GLY A 43 -2.77 -6.53 6.72
CA GLY A 43 -2.30 -6.18 8.05
C GLY A 43 -2.77 -4.78 8.44
N TYR A 44 -2.50 -3.80 7.59
CA TYR A 44 -2.87 -2.41 7.82
C TYR A 44 -4.39 -2.23 7.86
N ALA A 45 -5.12 -2.78 6.88
CA ALA A 45 -6.57 -2.69 6.82
C ALA A 45 -7.22 -3.32 8.06
N ASP A 46 -6.76 -4.49 8.47
CA ASP A 46 -7.25 -5.17 9.66
C ASP A 46 -6.84 -4.41 10.92
N GLY A 47 -5.62 -3.86 10.92
CA GLY A 47 -5.05 -3.13 12.03
C GLY A 47 -4.03 -3.97 12.79
N SER A 48 -3.63 -5.11 12.23
CA SER A 48 -2.61 -5.98 12.80
C SER A 48 -1.25 -5.33 12.58
N TYR A 49 -1.05 -4.77 11.38
CA TYR A 49 0.15 -4.02 11.03
C TYR A 49 -0.23 -2.55 11.21
N GLY A 50 0.69 -1.69 11.65
CA GLY A 50 0.40 -0.28 11.84
C GLY A 50 1.49 0.38 12.67
N GLY A 51 1.28 1.63 13.05
CA GLY A 51 2.20 2.44 13.83
C GLY A 51 1.83 3.91 13.65
N GLU A 52 2.32 4.80 14.52
CA GLU A 52 2.01 6.23 14.45
C GLU A 52 2.23 6.80 13.04
N ARG A 53 3.37 6.48 12.42
CA ARG A 53 3.70 6.95 11.08
C ARG A 53 2.82 6.28 10.02
N LYS A 54 2.33 5.07 10.30
CA LYS A 54 1.51 4.30 9.39
C LYS A 54 0.06 4.78 9.42
N ALA A 55 -0.38 5.38 10.53
CA ALA A 55 -1.75 5.83 10.77
C ALA A 55 -2.49 6.34 9.53
N MET A 56 -1.92 7.31 8.80
CA MET A 56 -2.54 7.87 7.60
C MET A 56 -2.90 6.76 6.61
N MET A 57 -1.88 6.01 6.19
CA MET A 57 -2.00 4.88 5.28
C MET A 57 -3.00 3.86 5.84
N THR A 58 -2.90 3.57 7.13
CA THR A 58 -3.76 2.61 7.82
C THR A 58 -5.21 3.04 7.62
N ASN A 59 -5.54 4.30 7.93
CA ASN A 59 -6.89 4.81 7.73
C ASN A 59 -7.27 4.74 6.25
N ALA A 60 -6.35 5.05 5.35
CA ALA A 60 -6.64 5.00 3.92
C ALA A 60 -7.09 3.59 3.54
N VAL A 61 -6.27 2.57 3.82
CA VAL A 61 -6.64 1.20 3.50
C VAL A 61 -7.86 0.75 4.32
N LYS A 62 -8.10 1.32 5.50
CA LYS A 62 -9.28 1.00 6.30
C LYS A 62 -10.57 1.26 5.49
N LYS A 63 -10.52 2.20 4.52
CA LYS A 63 -11.68 2.50 3.70
C LYS A 63 -11.96 1.38 2.67
N ALA A 64 -10.98 0.51 2.41
CA ALA A 64 -11.06 -0.59 1.47
C ALA A 64 -11.70 -1.81 2.13
N SER A 65 -11.50 -2.99 1.54
CA SER A 65 -12.02 -4.24 2.09
C SER A 65 -11.10 -5.43 1.83
N ASP A 66 -11.12 -5.97 0.62
CA ASP A 66 -10.34 -7.16 0.28
C ASP A 66 -10.00 -7.21 -1.21
N GLU A 67 -11.00 -7.06 -2.08
CA GLU A 67 -10.80 -7.04 -3.52
C GLU A 67 -9.74 -5.99 -3.84
N GLU A 68 -9.99 -4.81 -3.26
CA GLU A 68 -9.20 -3.64 -3.28
C GLU A 68 -7.76 -3.97 -2.89
N LEU A 69 -7.58 -4.56 -1.70
CA LEU A 69 -6.30 -4.91 -1.16
C LEU A 69 -5.53 -5.82 -2.11
N LYS A 70 -6.16 -6.90 -2.59
CA LYS A 70 -5.53 -7.82 -3.51
C LYS A 70 -5.11 -7.08 -4.78
N ALA A 71 -6.00 -6.28 -5.34
CA ALA A 71 -5.71 -5.54 -6.56
C ALA A 71 -4.65 -4.46 -6.35
N LEU A 72 -4.62 -3.82 -5.19
CA LEU A 72 -3.71 -2.75 -4.89
C LEU A 72 -2.33 -3.39 -4.78
N ALA A 73 -2.24 -4.48 -4.00
CA ALA A 73 -1.04 -5.30 -3.91
C ALA A 73 -0.56 -5.72 -5.30
N ASP A 74 -1.45 -6.32 -6.10
CA ASP A 74 -1.08 -6.79 -7.44
C ASP A 74 -0.52 -5.64 -8.26
N TYR A 75 -1.27 -4.54 -8.40
CA TYR A 75 -0.86 -3.38 -9.17
C TYR A 75 0.52 -2.89 -8.71
N MET A 76 0.68 -2.69 -7.40
CA MET A 76 1.92 -2.25 -6.78
C MET A 76 3.05 -3.24 -7.04
N SER A 77 2.73 -4.53 -7.17
CA SER A 77 3.73 -5.53 -7.50
C SER A 77 4.12 -5.50 -8.98
N LYS A 78 3.60 -4.57 -9.78
CA LYS A 78 3.90 -4.43 -11.20
C LYS A 78 4.25 -2.96 -11.43
N LEU A 79 4.98 -2.39 -10.48
CA LEU A 79 5.37 -1.01 -10.41
C LEU A 79 6.73 -1.03 -9.73
N ALA A 1 -9.55 1.19 -12.47
CA ALA A 1 -10.22 0.00 -11.90
C ALA A 1 -9.68 -0.24 -10.49
N ASP A 2 -10.11 -1.33 -9.84
CA ASP A 2 -9.69 -1.69 -8.49
C ASP A 2 -8.16 -1.69 -8.38
N GLY A 3 -7.64 -1.36 -7.19
CA GLY A 3 -6.22 -1.29 -6.92
C GLY A 3 -5.61 -0.03 -7.55
N ALA A 4 -5.67 0.08 -8.87
CA ALA A 4 -5.13 1.20 -9.62
C ALA A 4 -5.71 2.53 -9.16
N ALA A 5 -7.05 2.59 -9.12
CA ALA A 5 -7.78 3.79 -8.71
C ALA A 5 -7.36 4.27 -7.32
N LEU A 6 -6.95 3.35 -6.45
CA LEU A 6 -6.49 3.65 -5.12
C LEU A 6 -5.03 4.13 -5.21
N TYR A 7 -4.17 3.26 -5.76
CA TYR A 7 -2.73 3.46 -5.89
C TYR A 7 -2.35 4.86 -6.35
N LYS A 8 -3.04 5.37 -7.37
CA LYS A 8 -2.78 6.69 -7.93
C LYS A 8 -2.63 7.77 -6.85
N SER A 9 -3.34 7.63 -5.72
CA SER A 9 -3.29 8.56 -4.61
C SER A 9 -2.02 8.35 -3.79
N CYS A 10 -1.71 7.08 -3.52
CA CYS A 10 -0.62 6.60 -2.69
C CYS A 10 0.72 7.10 -3.23
N ILE A 11 0.78 7.26 -4.55
CA ILE A 11 1.92 7.83 -5.26
C ILE A 11 2.44 9.08 -4.56
N GLY A 12 1.55 9.89 -3.97
CA GLY A 12 1.93 11.09 -3.24
C GLY A 12 3.09 10.83 -2.27
N CYS A 13 3.05 9.70 -1.55
CA CYS A 13 4.10 9.33 -0.61
C CYS A 13 5.07 8.32 -1.22
N HIS A 14 4.56 7.43 -2.07
CA HIS A 14 5.35 6.32 -2.61
C HIS A 14 6.24 6.66 -3.81
N GLY A 15 5.84 7.58 -4.68
CA GLY A 15 6.69 8.02 -5.79
C GLY A 15 6.70 7.06 -6.97
N ALA A 16 5.91 7.39 -8.01
CA ALA A 16 5.77 6.66 -9.26
C ALA A 16 5.54 5.16 -9.00
N ASP A 17 6.52 4.31 -9.33
CA ASP A 17 6.44 2.86 -9.16
C ASP A 17 6.35 2.46 -7.68
N GLY A 18 6.59 3.42 -6.79
CA GLY A 18 6.58 3.27 -5.36
C GLY A 18 8.01 3.17 -4.86
N SER A 19 8.87 4.01 -5.46
CA SER A 19 10.30 4.01 -5.30
C SER A 19 10.81 4.86 -4.13
N LYS A 20 10.15 5.97 -3.78
CA LYS A 20 10.70 6.82 -2.74
C LYS A 20 10.45 6.21 -1.36
N ALA A 21 11.45 6.31 -0.49
CA ALA A 21 11.35 5.84 0.88
C ALA A 21 10.46 6.83 1.63
N ALA A 22 9.19 6.46 1.85
CA ALA A 22 8.21 7.29 2.52
C ALA A 22 8.60 7.58 3.97
N MET A 23 7.69 8.26 4.70
CA MET A 23 7.86 8.72 6.07
C MET A 23 8.74 7.79 6.93
N GLY A 24 9.85 8.34 7.45
CA GLY A 24 10.78 7.63 8.30
C GLY A 24 11.60 6.58 7.53
N SER A 25 12.03 6.91 6.31
CA SER A 25 12.82 6.04 5.45
C SER A 25 12.17 4.67 5.30
N ALA A 26 10.89 4.67 4.92
CA ALA A 26 10.08 3.48 4.78
C ALA A 26 10.54 2.59 3.64
N LYS A 27 10.34 1.27 3.77
CA LYS A 27 10.59 0.29 2.74
C LYS A 27 9.84 0.71 1.46
N PRO A 28 10.52 0.98 0.34
CA PRO A 28 9.82 1.32 -0.89
C PRO A 28 8.86 0.20 -1.27
N VAL A 29 7.76 0.56 -1.92
CA VAL A 29 6.72 -0.37 -2.32
C VAL A 29 7.16 -1.15 -3.55
N LYS A 30 7.80 -0.45 -4.51
CA LYS A 30 8.24 -0.92 -5.82
C LYS A 30 8.35 -2.45 -5.89
N GLY A 31 7.22 -3.08 -6.21
CA GLY A 31 7.06 -4.50 -6.35
C GLY A 31 7.77 -5.37 -5.31
N GLN A 32 7.53 -5.13 -4.01
CA GLN A 32 8.11 -6.00 -2.96
C GLN A 32 7.85 -7.47 -3.32
N GLY A 33 6.56 -7.71 -3.57
CA GLY A 33 5.98 -8.95 -4.05
C GLY A 33 4.50 -8.99 -3.69
N ALA A 34 3.60 -9.43 -4.58
CA ALA A 34 2.17 -9.48 -4.32
C ALA A 34 1.84 -10.08 -2.96
N GLU A 35 2.52 -11.16 -2.58
CA GLU A 35 2.34 -11.82 -1.30
C GLU A 35 2.60 -10.82 -0.16
N GLU A 36 3.81 -10.24 -0.20
CA GLU A 36 4.28 -9.26 0.76
C GLU A 36 3.29 -8.10 0.84
N LEU A 37 3.07 -7.47 -0.30
CA LEU A 37 2.21 -6.32 -0.46
C LEU A 37 0.81 -6.61 0.08
N TYR A 38 0.21 -7.74 -0.30
CA TYR A 38 -1.11 -8.13 0.16
C TYR A 38 -1.15 -8.20 1.66
N LYS A 39 -0.30 -9.06 2.20
CA LYS A 39 -0.27 -9.30 3.63
C LYS A 39 -0.06 -8.00 4.41
N LYS A 40 0.91 -7.18 4.03
CA LYS A 40 1.22 -5.93 4.70
C LYS A 40 0.09 -4.91 4.50
N MET A 41 -0.48 -4.80 3.30
CA MET A 41 -1.56 -3.85 3.07
C MET A 41 -2.82 -4.27 3.83
N LYS A 42 -3.11 -5.58 3.87
CA LYS A 42 -4.14 -6.17 4.71
C LYS A 42 -3.81 -5.82 6.16
N GLY A 43 -2.54 -5.97 6.53
CA GLY A 43 -1.95 -5.61 7.79
C GLY A 43 -2.41 -4.23 8.25
N TYR A 44 -2.10 -3.25 7.41
CA TYR A 44 -2.41 -1.84 7.60
C TYR A 44 -3.93 -1.67 7.64
N ALA A 45 -4.65 -2.16 6.63
CA ALA A 45 -6.09 -2.06 6.53
C ALA A 45 -6.79 -2.61 7.77
N ASP A 46 -6.25 -3.69 8.35
CA ASP A 46 -6.82 -4.31 9.54
C ASP A 46 -6.30 -3.65 10.81
N GLY A 47 -5.62 -2.50 10.72
CA GLY A 47 -5.05 -1.78 11.85
C GLY A 47 -4.25 -2.70 12.76
N SER A 48 -3.60 -3.71 12.19
CA SER A 48 -2.85 -4.73 12.92
C SER A 48 -1.36 -4.50 12.68
N TYR A 49 -0.97 -4.47 11.41
CA TYR A 49 0.39 -4.18 11.01
C TYR A 49 0.48 -2.65 10.97
N GLY A 50 0.94 -1.98 12.02
CA GLY A 50 1.00 -0.52 11.95
C GLY A 50 1.61 0.12 13.18
N GLY A 51 1.62 1.46 13.18
CA GLY A 51 2.13 2.31 14.23
C GLY A 51 1.80 3.75 13.86
N GLU A 52 2.03 4.71 14.76
CA GLU A 52 1.70 6.12 14.59
C GLU A 52 2.05 6.63 13.19
N ARG A 53 3.32 6.50 12.79
CA ARG A 53 3.83 6.93 11.51
C ARG A 53 3.04 6.41 10.30
N LYS A 54 2.39 5.26 10.45
CA LYS A 54 1.63 4.61 9.40
C LYS A 54 0.18 5.12 9.35
N ALA A 55 -0.36 5.59 10.50
CA ALA A 55 -1.75 6.01 10.72
C ALA A 55 -2.51 6.51 9.49
N MET A 56 -1.96 7.52 8.80
CA MET A 56 -2.58 8.10 7.60
C MET A 56 -2.90 7.00 6.59
N MET A 57 -1.87 6.23 6.24
CA MET A 57 -1.97 5.12 5.32
C MET A 57 -2.93 4.09 5.91
N THR A 58 -2.74 3.71 7.17
CA THR A 58 -3.57 2.74 7.86
C THR A 58 -5.05 3.04 7.62
N ASN A 59 -5.47 4.27 7.94
CA ASN A 59 -6.86 4.67 7.74
C ASN A 59 -7.21 4.65 6.26
N ALA A 60 -6.32 5.14 5.38
CA ALA A 60 -6.61 5.16 3.95
C ALA A 60 -6.92 3.75 3.44
N VAL A 61 -5.99 2.81 3.60
CA VAL A 61 -6.21 1.45 3.12
C VAL A 61 -7.39 0.79 3.84
N LYS A 62 -7.67 1.15 5.10
CA LYS A 62 -8.81 0.61 5.82
C LYS A 62 -10.12 0.87 5.06
N LYS A 63 -10.18 1.90 4.21
CA LYS A 63 -11.39 2.19 3.45
C LYS A 63 -11.59 1.21 2.27
N ALA A 64 -10.54 0.51 1.84
CA ALA A 64 -10.57 -0.40 0.72
C ALA A 64 -11.07 -1.78 1.17
N SER A 65 -11.82 -2.46 0.29
CA SER A 65 -12.39 -3.78 0.53
C SER A 65 -11.36 -4.87 0.22
N ASP A 66 -11.65 -6.13 0.54
CA ASP A 66 -10.71 -7.22 0.24
C ASP A 66 -10.37 -7.26 -1.25
N GLU A 67 -11.36 -7.08 -2.12
CA GLU A 67 -11.15 -7.06 -3.57
C GLU A 67 -10.09 -6.02 -3.91
N GLU A 68 -10.32 -4.80 -3.42
CA GLU A 68 -9.41 -3.70 -3.61
C GLU A 68 -8.04 -4.04 -3.02
N LEU A 69 -7.99 -4.66 -1.85
CA LEU A 69 -6.74 -5.01 -1.22
C LEU A 69 -5.92 -5.92 -2.13
N LYS A 70 -6.54 -7.02 -2.57
CA LYS A 70 -5.91 -7.98 -3.47
C LYS A 70 -5.43 -7.23 -4.72
N ALA A 71 -6.29 -6.38 -5.26
CA ALA A 71 -5.94 -5.61 -6.43
C ALA A 71 -4.79 -4.64 -6.17
N LEU A 72 -4.71 -4.02 -4.98
CA LEU A 72 -3.63 -3.10 -4.69
C LEU A 72 -2.33 -3.89 -4.75
N ALA A 73 -2.30 -5.01 -4.02
CA ALA A 73 -1.16 -5.91 -3.99
C ALA A 73 -0.77 -6.33 -5.40
N ASP A 74 -1.72 -6.86 -6.17
CA ASP A 74 -1.46 -7.29 -7.53
C ASP A 74 -0.83 -6.15 -8.33
N TYR A 75 -1.50 -5.00 -8.36
CA TYR A 75 -1.03 -3.83 -9.10
C TYR A 75 0.39 -3.46 -8.70
N MET A 76 0.62 -3.21 -7.41
CA MET A 76 1.91 -2.84 -6.89
C MET A 76 2.97 -3.88 -7.24
N SER A 77 2.61 -5.17 -7.24
CA SER A 77 3.54 -6.24 -7.57
C SER A 77 4.05 -6.18 -9.02
N LYS A 78 3.53 -5.30 -9.88
CA LYS A 78 3.99 -5.16 -11.26
C LYS A 78 4.92 -3.96 -11.41
N LEU A 79 5.10 -3.14 -10.37
CA LEU A 79 5.90 -1.95 -10.39
C LEU A 79 7.37 -2.25 -10.07
N ALA A 1 -13.39 0.49 -7.46
CA ALA A 1 -12.98 -0.73 -8.15
C ALA A 1 -11.53 -0.54 -8.58
N ASP A 2 -10.74 -1.62 -8.67
CA ASP A 2 -9.35 -1.62 -9.13
C ASP A 2 -8.39 -0.78 -8.29
N GLY A 3 -7.55 -1.46 -7.49
CA GLY A 3 -6.41 -0.94 -6.75
C GLY A 3 -5.67 0.22 -7.43
N ALA A 4 -5.50 0.18 -8.76
CA ALA A 4 -4.84 1.27 -9.49
C ALA A 4 -5.49 2.62 -9.15
N ALA A 5 -6.82 2.66 -9.04
CA ALA A 5 -7.57 3.85 -8.69
C ALA A 5 -7.14 4.41 -7.34
N LEU A 6 -6.91 3.54 -6.35
CA LEU A 6 -6.47 3.91 -5.05
C LEU A 6 -5.04 4.46 -5.17
N TYR A 7 -4.18 3.69 -5.85
CA TYR A 7 -2.78 4.01 -6.02
C TYR A 7 -2.54 5.45 -6.43
N LYS A 8 -3.32 5.94 -7.39
CA LYS A 8 -3.26 7.29 -7.89
C LYS A 8 -3.12 8.35 -6.77
N SER A 9 -3.78 8.15 -5.62
CA SER A 9 -3.62 9.08 -4.49
C SER A 9 -2.31 8.78 -3.75
N CYS A 10 -2.07 7.49 -3.50
CA CYS A 10 -0.96 6.88 -2.81
C CYS A 10 0.37 7.37 -3.38
N ILE A 11 0.37 7.63 -4.69
CA ILE A 11 1.51 8.18 -5.42
C ILE A 11 2.14 9.32 -4.63
N GLY A 12 1.32 10.14 -3.95
CA GLY A 12 1.76 11.25 -3.13
C GLY A 12 2.94 10.88 -2.21
N CYS A 13 2.98 9.65 -1.70
CA CYS A 13 4.04 9.18 -0.81
C CYS A 13 4.86 8.05 -1.44
N HIS A 14 4.23 7.23 -2.28
CA HIS A 14 4.82 6.05 -2.89
C HIS A 14 5.44 6.24 -4.28
N GLY A 15 5.18 7.38 -4.91
CA GLY A 15 5.76 7.70 -6.20
C GLY A 15 5.18 6.83 -7.30
N ALA A 16 5.80 6.86 -8.48
CA ALA A 16 5.34 6.08 -9.62
C ALA A 16 5.74 4.61 -9.44
N ASP A 17 6.96 4.26 -9.84
CA ASP A 17 7.51 2.91 -9.82
C ASP A 17 8.04 2.54 -8.43
N GLY A 18 7.16 2.71 -7.44
CA GLY A 18 7.31 2.38 -6.01
C GLY A 18 8.63 2.66 -5.30
N SER A 19 9.62 3.30 -5.95
CA SER A 19 10.96 3.57 -5.44
C SER A 19 10.97 4.85 -4.61
N LYS A 20 10.04 4.94 -3.68
CA LYS A 20 9.83 6.10 -2.84
C LYS A 20 10.77 6.25 -1.64
N ALA A 21 10.67 7.45 -1.05
CA ALA A 21 11.21 7.89 0.21
C ALA A 21 10.03 8.60 0.84
N ALA A 22 9.17 7.82 1.50
CA ALA A 22 7.92 8.29 2.11
C ALA A 22 8.18 9.25 3.27
N MET A 23 7.13 9.68 4.00
CA MET A 23 7.38 10.54 5.17
C MET A 23 8.17 9.75 6.23
N GLY A 24 9.50 9.77 6.12
CA GLY A 24 10.45 9.02 6.91
C GLY A 24 10.89 7.79 6.12
N SER A 25 12.16 7.38 6.26
CA SER A 25 12.70 6.23 5.54
C SER A 25 11.81 5.00 5.71
N ALA A 26 11.62 4.23 4.64
CA ALA A 26 10.73 3.07 4.64
C ALA A 26 11.09 2.15 3.46
N LYS A 27 10.71 0.88 3.55
CA LYS A 27 10.89 -0.13 2.53
C LYS A 27 10.19 0.33 1.25
N PRO A 28 10.91 0.54 0.14
CA PRO A 28 10.26 0.89 -1.12
C PRO A 28 9.28 -0.20 -1.54
N VAL A 29 8.19 0.20 -2.18
CA VAL A 29 7.16 -0.74 -2.61
C VAL A 29 7.61 -1.50 -3.85
N LYS A 30 8.40 -0.84 -4.71
CA LYS A 30 8.97 -1.37 -5.95
C LYS A 30 9.07 -2.90 -5.95
N GLY A 31 8.08 -3.54 -6.56
CA GLY A 31 7.93 -4.97 -6.71
C GLY A 31 8.32 -5.80 -5.48
N GLN A 32 7.86 -5.46 -4.27
CA GLN A 32 8.20 -6.30 -3.10
C GLN A 32 7.81 -7.75 -3.38
N GLY A 33 6.53 -7.89 -3.68
CA GLY A 33 5.86 -9.12 -4.08
C GLY A 33 4.36 -8.98 -3.86
N ALA A 34 3.52 -9.61 -4.69
CA ALA A 34 2.08 -9.50 -4.54
C ALA A 34 1.63 -10.09 -3.21
N GLU A 35 2.12 -11.27 -2.83
CA GLU A 35 1.74 -11.87 -1.56
C GLU A 35 2.21 -10.97 -0.41
N GLU A 36 3.50 -10.58 -0.45
CA GLU A 36 4.12 -9.69 0.50
C GLU A 36 3.23 -8.46 0.73
N LEU A 37 2.94 -7.77 -0.37
CA LEU A 37 2.13 -6.59 -0.34
C LEU A 37 0.74 -6.89 0.21
N TYR A 38 0.02 -7.88 -0.34
CA TYR A 38 -1.31 -8.29 0.11
C TYR A 38 -1.37 -8.38 1.63
N LYS A 39 -0.49 -9.23 2.13
CA LYS A 39 -0.33 -9.46 3.56
C LYS A 39 -0.17 -8.14 4.32
N LYS A 40 0.71 -7.25 3.84
CA LYS A 40 0.91 -5.96 4.45
C LYS A 40 -0.33 -5.06 4.34
N MET A 41 -1.03 -4.95 3.20
CA MET A 41 -2.26 -4.17 3.13
C MET A 41 -3.22 -4.65 4.21
N LYS A 42 -3.41 -5.97 4.30
CA LYS A 42 -4.27 -6.55 5.32
C LYS A 42 -3.75 -6.15 6.71
N GLY A 43 -2.44 -6.32 6.92
CA GLY A 43 -1.74 -5.99 8.15
C GLY A 43 -2.06 -4.57 8.60
N TYR A 44 -1.94 -3.62 7.69
CA TYR A 44 -2.26 -2.23 7.94
C TYR A 44 -3.76 -2.12 8.26
N ALA A 45 -4.61 -2.48 7.29
CA ALA A 45 -6.06 -2.37 7.38
C ALA A 45 -6.65 -2.91 8.69
N ASP A 46 -6.24 -4.11 9.11
CA ASP A 46 -6.74 -4.74 10.33
C ASP A 46 -6.10 -4.18 11.60
N GLY A 47 -5.19 -3.21 11.49
CA GLY A 47 -4.56 -2.55 12.61
C GLY A 47 -3.55 -3.43 13.34
N SER A 48 -2.71 -4.16 12.60
CA SER A 48 -1.64 -4.96 13.18
C SER A 48 -0.29 -4.40 12.73
N TYR A 49 -0.08 -4.35 11.41
CA TYR A 49 1.15 -3.83 10.82
C TYR A 49 1.16 -2.30 10.86
N GLY A 50 1.03 -1.69 12.05
CA GLY A 50 0.98 -0.25 12.17
C GLY A 50 0.89 0.21 13.62
N GLY A 51 0.79 1.54 13.82
CA GLY A 51 0.72 2.14 15.15
C GLY A 51 1.09 3.62 15.11
N GLU A 52 2.30 3.93 14.61
CA GLU A 52 2.83 5.29 14.53
C GLU A 52 2.30 5.97 13.24
N ARG A 53 3.16 6.54 12.39
CA ARG A 53 2.78 7.17 11.12
C ARG A 53 1.86 6.26 10.30
N LYS A 54 2.14 4.96 10.40
CA LYS A 54 1.42 3.87 9.78
C LYS A 54 -0.09 3.98 10.02
N ALA A 55 -0.52 4.64 11.09
CA ALA A 55 -1.93 4.88 11.40
C ALA A 55 -2.63 5.63 10.25
N MET A 56 -1.99 6.64 9.67
CA MET A 56 -2.59 7.41 8.58
C MET A 56 -2.85 6.47 7.39
N MET A 57 -1.78 5.81 6.96
CA MET A 57 -1.79 4.84 5.88
C MET A 57 -2.84 3.78 6.16
N THR A 58 -2.89 3.28 7.40
CA THR A 58 -3.88 2.32 7.86
C THR A 58 -5.27 2.87 7.57
N ASN A 59 -5.58 4.09 8.03
CA ASN A 59 -6.89 4.68 7.77
C ASN A 59 -7.15 4.72 6.27
N ALA A 60 -6.15 5.11 5.46
CA ALA A 60 -6.33 5.19 4.02
C ALA A 60 -6.72 3.81 3.45
N VAL A 61 -5.84 2.82 3.60
CA VAL A 61 -6.08 1.49 3.06
C VAL A 61 -7.33 0.84 3.67
N LYS A 62 -7.63 1.11 4.93
CA LYS A 62 -8.80 0.57 5.60
C LYS A 62 -10.10 1.00 4.91
N LYS A 63 -10.09 2.12 4.19
CA LYS A 63 -11.26 2.57 3.46
C LYS A 63 -11.46 1.80 2.14
N ALA A 64 -10.52 0.90 1.79
CA ALA A 64 -10.58 0.05 0.61
C ALA A 64 -11.47 -1.17 0.87
N SER A 65 -11.41 -2.15 -0.03
CA SER A 65 -12.14 -3.40 0.11
C SER A 65 -11.32 -4.52 -0.55
N ASP A 66 -11.59 -5.78 -0.21
CA ASP A 66 -10.84 -6.96 -0.65
C ASP A 66 -10.34 -6.87 -2.09
N GLU A 67 -11.24 -6.60 -3.05
CA GLU A 67 -10.91 -6.46 -4.46
C GLU A 67 -9.75 -5.48 -4.62
N GLU A 68 -9.93 -4.31 -3.99
CA GLU A 68 -9.00 -3.20 -4.07
C GLU A 68 -7.69 -3.57 -3.36
N LEU A 69 -7.75 -4.26 -2.22
CA LEU A 69 -6.55 -4.66 -1.49
C LEU A 69 -5.71 -5.60 -2.36
N LYS A 70 -6.34 -6.67 -2.87
CA LYS A 70 -5.68 -7.62 -3.75
C LYS A 70 -5.13 -6.89 -4.97
N ALA A 71 -5.96 -6.04 -5.57
CA ALA A 71 -5.57 -5.27 -6.73
C ALA A 71 -4.45 -4.27 -6.42
N LEU A 72 -4.41 -3.66 -5.23
CA LEU A 72 -3.33 -2.78 -4.87
C LEU A 72 -2.07 -3.63 -4.83
N ALA A 73 -2.10 -4.72 -4.09
CA ALA A 73 -0.97 -5.64 -4.02
C ALA A 73 -0.47 -6.01 -5.41
N ASP A 74 -1.39 -6.45 -6.29
CA ASP A 74 -1.06 -6.79 -7.66
C ASP A 74 -0.40 -5.62 -8.39
N TYR A 75 -1.07 -4.46 -8.44
CA TYR A 75 -0.58 -3.29 -9.16
C TYR A 75 0.80 -2.88 -8.63
N MET A 76 0.90 -2.68 -7.32
CA MET A 76 2.14 -2.34 -6.64
C MET A 76 3.23 -3.40 -6.84
N SER A 77 2.85 -4.67 -7.00
CA SER A 77 3.81 -5.72 -7.32
C SER A 77 4.20 -5.70 -8.80
N LYS A 78 3.79 -4.68 -9.57
CA LYS A 78 4.05 -4.53 -10.99
C LYS A 78 4.43 -3.07 -11.21
N LEU A 79 5.23 -2.55 -10.29
CA LEU A 79 5.67 -1.19 -10.20
C LEU A 79 7.03 -1.28 -9.51
N ALA A 1 -13.75 0.62 -7.64
CA ALA A 1 -12.53 1.25 -8.16
C ALA A 1 -11.55 0.13 -8.49
N ASP A 2 -10.24 0.36 -8.49
CA ASP A 2 -9.26 -0.68 -8.74
C ASP A 2 -7.95 -0.29 -8.05
N GLY A 3 -7.10 -1.28 -7.80
CA GLY A 3 -5.78 -1.12 -7.21
C GLY A 3 -5.04 0.12 -7.73
N ALA A 4 -5.01 0.33 -9.04
CA ALA A 4 -4.34 1.50 -9.62
C ALA A 4 -4.97 2.80 -9.12
N ALA A 5 -6.29 2.94 -9.26
CA ALA A 5 -7.01 4.11 -8.81
C ALA A 5 -6.70 4.38 -7.33
N LEU A 6 -6.76 3.34 -6.49
CA LEU A 6 -6.41 3.47 -5.09
C LEU A 6 -4.98 4.00 -4.95
N TYR A 7 -4.03 3.32 -5.61
CA TYR A 7 -2.62 3.64 -5.55
C TYR A 7 -2.30 5.11 -5.82
N LYS A 8 -3.05 5.76 -6.72
CA LYS A 8 -2.86 7.18 -7.01
C LYS A 8 -2.74 8.00 -5.72
N SER A 9 -3.56 7.69 -4.72
CA SER A 9 -3.55 8.37 -3.43
C SER A 9 -2.19 8.23 -2.73
N CYS A 10 -1.60 7.05 -2.86
CA CYS A 10 -0.38 6.62 -2.19
C CYS A 10 0.86 7.20 -2.85
N ILE A 11 0.79 7.47 -4.16
CA ILE A 11 1.88 8.10 -4.91
C ILE A 11 2.45 9.29 -4.14
N GLY A 12 1.58 10.06 -3.49
CA GLY A 12 1.96 11.19 -2.67
C GLY A 12 3.13 10.92 -1.72
N CYS A 13 3.22 9.70 -1.17
CA CYS A 13 4.28 9.31 -0.24
C CYS A 13 5.25 8.30 -0.85
N HIS A 14 4.75 7.43 -1.73
CA HIS A 14 5.50 6.32 -2.31
C HIS A 14 6.16 6.61 -3.67
N GLY A 15 5.55 7.46 -4.48
CA GLY A 15 6.00 7.72 -5.83
C GLY A 15 5.42 6.67 -6.78
N ALA A 16 5.45 6.95 -8.09
CA ALA A 16 4.90 6.08 -9.11
C ALA A 16 5.42 4.65 -8.94
N ASP A 17 6.75 4.48 -8.99
CA ASP A 17 7.41 3.18 -8.86
C ASP A 17 7.66 2.79 -7.41
N GLY A 18 6.76 3.21 -6.53
CA GLY A 18 6.74 2.95 -5.09
C GLY A 18 8.13 2.81 -4.47
N SER A 19 8.95 3.86 -4.56
CA SER A 19 10.33 3.85 -4.08
C SER A 19 10.80 5.15 -3.42
N LYS A 20 10.06 6.26 -3.47
CA LYS A 20 10.61 7.48 -2.88
C LYS A 20 10.60 7.40 -1.35
N ALA A 21 11.42 8.26 -0.73
CA ALA A 21 11.55 8.31 0.72
C ALA A 21 10.25 8.79 1.36
N ALA A 22 9.37 7.85 1.69
CA ALA A 22 8.13 8.12 2.42
C ALA A 22 8.44 8.86 3.74
N MET A 23 7.42 9.40 4.42
CA MET A 23 7.70 10.12 5.67
C MET A 23 8.45 9.19 6.63
N GLY A 24 9.64 9.60 7.06
CA GLY A 24 10.50 8.83 7.96
C GLY A 24 11.03 7.54 7.32
N SER A 25 11.17 7.50 5.99
CA SER A 25 11.69 6.38 5.21
C SER A 25 10.81 5.13 5.26
N ALA A 26 11.06 4.18 4.35
CA ALA A 26 10.31 2.94 4.23
C ALA A 26 11.04 2.00 3.25
N LYS A 27 10.81 0.68 3.34
CA LYS A 27 11.31 -0.20 2.28
C LYS A 27 10.56 0.20 1.01
N PRO A 28 11.17 0.14 -0.17
CA PRO A 28 10.44 0.44 -1.37
C PRO A 28 9.39 -0.65 -1.57
N VAL A 29 8.22 -0.22 -2.04
CA VAL A 29 7.08 -1.06 -2.30
C VAL A 29 7.27 -1.73 -3.66
N LYS A 30 8.02 -1.05 -4.54
CA LYS A 30 8.41 -1.45 -5.88
C LYS A 30 8.47 -2.98 -5.99
N GLY A 31 7.39 -3.58 -6.47
CA GLY A 31 7.18 -4.99 -6.66
C GLY A 31 7.82 -5.90 -5.62
N GLN A 32 7.55 -5.65 -4.32
CA GLN A 32 8.06 -6.54 -3.25
C GLN A 32 7.71 -7.99 -3.60
N GLY A 33 6.42 -8.15 -3.82
CA GLY A 33 5.72 -9.34 -4.30
C GLY A 33 4.26 -9.23 -3.97
N ALA A 34 3.39 -9.83 -4.78
CA ALA A 34 1.96 -9.75 -4.55
C ALA A 34 1.56 -10.35 -3.20
N GLU A 35 2.13 -11.50 -2.85
CA GLU A 35 1.86 -12.18 -1.60
C GLU A 35 2.23 -11.24 -0.44
N GLU A 36 3.49 -10.79 -0.47
CA GLU A 36 4.07 -9.86 0.49
C GLU A 36 3.14 -8.66 0.64
N LEU A 37 2.92 -7.96 -0.46
CA LEU A 37 2.12 -6.76 -0.54
C LEU A 37 0.71 -7.00 -0.02
N TYR A 38 0.06 -8.11 -0.40
CA TYR A 38 -1.28 -8.44 0.06
C TYR A 38 -1.29 -8.53 1.57
N LYS A 39 -0.41 -9.37 2.09
CA LYS A 39 -0.29 -9.60 3.53
C LYS A 39 -0.08 -8.28 4.26
N LYS A 40 0.95 -7.54 3.86
CA LYS A 40 1.34 -6.27 4.44
C LYS A 40 0.19 -5.25 4.33
N MET A 41 -0.40 -5.08 3.15
CA MET A 41 -1.46 -4.12 2.91
C MET A 41 -2.72 -4.51 3.69
N LYS A 42 -3.01 -5.80 3.79
CA LYS A 42 -4.08 -6.30 4.62
C LYS A 42 -3.74 -5.96 6.08
N GLY A 43 -2.48 -6.15 6.48
CA GLY A 43 -1.97 -5.81 7.80
C GLY A 43 -2.28 -4.35 8.13
N TYR A 44 -1.94 -3.44 7.20
CA TYR A 44 -2.23 -2.03 7.30
C TYR A 44 -3.74 -1.83 7.42
N ALA A 45 -4.53 -2.34 6.48
CA ALA A 45 -5.98 -2.20 6.46
C ALA A 45 -6.60 -2.65 7.79
N ASP A 46 -6.18 -3.80 8.30
CA ASP A 46 -6.63 -4.33 9.58
C ASP A 46 -6.18 -3.41 10.72
N GLY A 47 -4.94 -2.91 10.63
CA GLY A 47 -4.34 -2.02 11.60
C GLY A 47 -3.36 -2.76 12.52
N SER A 48 -2.91 -3.94 12.11
CA SER A 48 -1.95 -4.75 12.84
C SER A 48 -0.56 -4.30 12.40
N TYR A 49 -0.29 -4.40 11.10
CA TYR A 49 0.99 -3.98 10.54
C TYR A 49 1.01 -2.45 10.47
N GLY A 50 1.07 -1.75 11.61
CA GLY A 50 1.07 -0.29 11.59
C GLY A 50 1.54 0.31 12.91
N GLY A 51 1.45 1.63 13.01
CA GLY A 51 1.90 2.45 14.13
C GLY A 51 2.40 3.80 13.61
N GLU A 52 2.52 4.80 14.47
CA GLU A 52 2.99 6.13 14.13
C GLU A 52 2.22 6.65 12.90
N ARG A 53 2.98 7.18 11.94
CA ARG A 53 2.54 7.72 10.67
C ARG A 53 1.65 6.73 9.91
N LYS A 54 1.91 5.43 10.09
CA LYS A 54 1.22 4.38 9.38
C LYS A 54 -0.26 4.34 9.74
N ALA A 55 -0.69 5.09 10.78
CA ALA A 55 -2.09 5.26 11.10
C ALA A 55 -2.83 5.88 9.90
N MET A 56 -2.19 6.84 9.21
CA MET A 56 -2.78 7.50 8.06
C MET A 56 -3.03 6.45 6.97
N MET A 57 -1.96 5.75 6.60
CA MET A 57 -1.96 4.69 5.61
C MET A 57 -3.03 3.65 5.99
N THR A 58 -3.04 3.22 7.25
CA THR A 58 -4.03 2.29 7.80
C THR A 58 -5.43 2.78 7.46
N ASN A 59 -5.79 4.01 7.87
CA ASN A 59 -7.13 4.53 7.58
C ASN A 59 -7.36 4.57 6.07
N ALA A 60 -6.37 4.96 5.29
CA ALA A 60 -6.53 5.02 3.83
C ALA A 60 -6.90 3.63 3.29
N VAL A 61 -6.07 2.60 3.53
CA VAL A 61 -6.39 1.28 3.02
C VAL A 61 -7.62 0.67 3.70
N LYS A 62 -7.97 1.08 4.93
CA LYS A 62 -9.18 0.61 5.61
C LYS A 62 -10.41 0.86 4.72
N LYS A 63 -10.38 1.91 3.89
CA LYS A 63 -11.51 2.23 3.03
C LYS A 63 -11.71 1.19 1.91
N ALA A 64 -10.68 0.40 1.59
CA ALA A 64 -10.70 -0.57 0.50
C ALA A 64 -11.31 -1.89 0.92
N SER A 65 -12.12 -2.49 0.03
CA SER A 65 -12.74 -3.80 0.26
C SER A 65 -11.78 -4.89 -0.23
N ASP A 66 -12.04 -6.16 0.10
CA ASP A 66 -11.14 -7.26 -0.24
C ASP A 66 -10.68 -7.24 -1.70
N GLU A 67 -11.61 -7.02 -2.63
CA GLU A 67 -11.35 -6.95 -4.04
C GLU A 67 -10.27 -5.92 -4.33
N GLU A 68 -10.46 -4.72 -3.78
CA GLU A 68 -9.58 -3.60 -3.92
C GLU A 68 -8.24 -3.92 -3.26
N LEU A 69 -8.26 -4.44 -2.03
CA LEU A 69 -7.06 -4.83 -1.29
C LEU A 69 -6.21 -5.76 -2.16
N LYS A 70 -6.79 -6.87 -2.63
CA LYS A 70 -6.12 -7.83 -3.50
C LYS A 70 -5.55 -7.09 -4.70
N ALA A 71 -6.40 -6.29 -5.37
CA ALA A 71 -5.99 -5.55 -6.52
C ALA A 71 -4.87 -4.55 -6.24
N LEU A 72 -4.82 -3.95 -5.04
CA LEU A 72 -3.79 -2.98 -4.73
C LEU A 72 -2.47 -3.75 -4.69
N ALA A 73 -2.47 -4.90 -4.03
CA ALA A 73 -1.31 -5.77 -3.98
C ALA A 73 -0.89 -6.19 -5.39
N ASP A 74 -1.82 -6.75 -6.18
CA ASP A 74 -1.56 -7.16 -7.56
C ASP A 74 -0.95 -6.01 -8.35
N TYR A 75 -1.50 -4.79 -8.23
CA TYR A 75 -0.97 -3.63 -8.91
C TYR A 75 0.47 -3.36 -8.46
N MET A 76 0.63 -3.11 -7.15
CA MET A 76 1.92 -2.83 -6.54
C MET A 76 2.97 -3.90 -6.87
N SER A 77 2.57 -5.16 -7.08
CA SER A 77 3.48 -6.23 -7.38
C SER A 77 4.18 -6.09 -8.74
N LYS A 78 3.66 -5.26 -9.65
CA LYS A 78 4.21 -5.09 -10.98
C LYS A 78 4.31 -3.59 -11.21
N LEU A 79 5.03 -2.92 -10.32
CA LEU A 79 5.15 -1.50 -10.25
C LEU A 79 6.47 -1.25 -9.52
N ALA A 1 -11.90 -4.52 -8.16
CA ALA A 1 -10.48 -4.55 -8.53
C ALA A 1 -10.18 -3.23 -9.23
N ASP A 2 -8.92 -2.78 -9.27
CA ASP A 2 -8.58 -1.51 -9.89
C ASP A 2 -7.06 -1.31 -9.98
N GLY A 3 -6.51 -1.20 -8.80
CA GLY A 3 -5.11 -0.92 -8.55
C GLY A 3 -4.79 0.56 -8.78
N ALA A 4 -5.00 1.03 -10.01
CA ALA A 4 -4.66 2.38 -10.45
C ALA A 4 -5.36 3.49 -9.65
N ALA A 5 -6.69 3.56 -9.74
CA ALA A 5 -7.49 4.60 -9.07
C ALA A 5 -7.25 4.62 -7.55
N LEU A 6 -6.85 3.50 -6.96
CA LEU A 6 -6.50 3.42 -5.57
C LEU A 6 -5.11 4.04 -5.38
N TYR A 7 -4.12 3.51 -6.10
CA TYR A 7 -2.71 3.90 -6.02
C TYR A 7 -2.44 5.40 -6.18
N LYS A 8 -3.32 6.13 -6.90
CA LYS A 8 -3.17 7.58 -7.03
C LYS A 8 -3.09 8.25 -5.65
N SER A 9 -3.73 7.63 -4.66
CA SER A 9 -3.80 8.12 -3.29
C SER A 9 -2.54 7.76 -2.48
N CYS A 10 -1.56 7.11 -3.11
CA CYS A 10 -0.37 6.57 -2.47
C CYS A 10 0.90 7.11 -3.14
N ILE A 11 0.89 7.28 -4.48
CA ILE A 11 2.03 7.82 -5.23
C ILE A 11 2.64 9.06 -4.56
N GLY A 12 1.80 9.92 -3.98
CA GLY A 12 2.23 11.12 -3.30
C GLY A 12 3.35 10.86 -2.31
N CYS A 13 3.34 9.69 -1.64
CA CYS A 13 4.34 9.34 -0.64
C CYS A 13 5.26 8.22 -1.13
N HIS A 14 4.75 7.34 -1.99
CA HIS A 14 5.48 6.18 -2.49
C HIS A 14 6.32 6.44 -3.74
N GLY A 15 5.98 7.45 -4.53
CA GLY A 15 6.65 7.78 -5.77
C GLY A 15 5.94 7.14 -6.96
N ALA A 16 6.42 7.46 -8.16
CA ALA A 16 5.84 7.02 -9.42
C ALA A 16 5.54 5.52 -9.46
N ASP A 17 6.55 4.69 -9.13
CA ASP A 17 6.43 3.24 -9.17
C ASP A 17 7.02 2.70 -7.88
N GLY A 18 6.33 2.95 -6.76
CA GLY A 18 6.74 2.56 -5.41
C GLY A 18 8.22 2.83 -5.16
N SER A 19 8.72 3.91 -5.74
CA SER A 19 10.11 4.23 -5.89
C SER A 19 10.79 4.87 -4.69
N LYS A 20 10.13 5.79 -3.98
CA LYS A 20 10.78 6.53 -2.91
C LYS A 20 10.52 5.94 -1.51
N ALA A 21 11.49 6.17 -0.61
CA ALA A 21 11.42 5.73 0.77
C ALA A 21 10.35 6.55 1.49
N ALA A 22 9.13 6.01 1.51
CA ALA A 22 7.99 6.63 2.15
C ALA A 22 8.33 7.10 3.57
N MET A 23 7.79 8.25 3.98
CA MET A 23 8.10 8.93 5.23
C MET A 23 9.61 9.10 5.45
N GLY A 24 10.43 9.07 4.39
CA GLY A 24 11.87 9.17 4.48
C GLY A 24 12.48 8.04 5.31
N SER A 25 11.76 6.92 5.51
CA SER A 25 12.18 5.79 6.32
C SER A 25 11.18 4.65 6.13
N ALA A 26 11.32 3.91 5.03
CA ALA A 26 10.45 2.80 4.69
C ALA A 26 11.07 2.03 3.54
N LYS A 27 10.79 0.72 3.45
CA LYS A 27 11.18 -0.04 2.27
C LYS A 27 10.32 0.49 1.13
N PRO A 28 10.90 1.02 0.03
CA PRO A 28 10.09 1.46 -1.09
C PRO A 28 9.20 0.29 -1.54
N VAL A 29 7.95 0.57 -1.90
CA VAL A 29 6.98 -0.44 -2.31
C VAL A 29 7.55 -1.33 -3.42
N LYS A 30 8.18 -0.70 -4.42
CA LYS A 30 8.77 -1.25 -5.63
C LYS A 30 8.51 -2.76 -5.80
N GLY A 31 7.23 -3.08 -5.98
CA GLY A 31 6.69 -4.41 -6.13
C GLY A 31 7.34 -5.47 -5.23
N GLN A 32 7.31 -5.27 -3.90
CA GLN A 32 7.90 -6.19 -2.91
C GLN A 32 7.70 -7.66 -3.29
N GLY A 33 6.42 -7.98 -3.42
CA GLY A 33 5.86 -9.27 -3.84
C GLY A 33 4.36 -9.21 -3.60
N ALA A 34 3.53 -9.88 -4.40
CA ALA A 34 2.08 -9.78 -4.24
C ALA A 34 1.63 -10.27 -2.87
N GLU A 35 2.18 -11.40 -2.41
CA GLU A 35 1.87 -11.96 -1.11
C GLU A 35 2.24 -10.96 -0.02
N GLU A 36 3.49 -10.52 -0.05
CA GLU A 36 4.06 -9.54 0.86
C GLU A 36 3.14 -8.34 0.93
N LEU A 37 2.94 -7.70 -0.22
CA LEU A 37 2.11 -6.53 -0.37
C LEU A 37 0.73 -6.82 0.25
N TYR A 38 -0.01 -7.82 -0.25
CA TYR A 38 -1.32 -8.18 0.26
C TYR A 38 -1.35 -8.25 1.79
N LYS A 39 -0.42 -9.02 2.37
CA LYS A 39 -0.33 -9.15 3.83
C LYS A 39 -0.13 -7.77 4.48
N LYS A 40 0.71 -6.91 3.91
CA LYS A 40 0.97 -5.58 4.44
C LYS A 40 -0.23 -4.63 4.24
N MET A 41 -0.88 -4.54 3.06
CA MET A 41 -2.07 -3.71 2.96
C MET A 41 -3.14 -4.23 3.93
N LYS A 42 -3.30 -5.56 4.05
CA LYS A 42 -4.20 -6.12 5.05
C LYS A 42 -3.72 -5.68 6.44
N GLY A 43 -2.39 -5.70 6.65
CA GLY A 43 -1.67 -5.22 7.82
C GLY A 43 -2.23 -3.87 8.24
N TYR A 44 -2.09 -2.91 7.32
CA TYR A 44 -2.53 -1.55 7.51
C TYR A 44 -4.02 -1.49 7.75
N ALA A 45 -4.82 -2.16 6.92
CA ALA A 45 -6.28 -2.18 7.09
C ALA A 45 -6.66 -2.71 8.48
N ASP A 46 -5.96 -3.72 8.97
CA ASP A 46 -6.22 -4.31 10.29
C ASP A 46 -5.74 -3.36 11.39
N GLY A 47 -4.66 -2.62 11.12
CA GLY A 47 -4.10 -1.64 12.04
C GLY A 47 -2.96 -2.23 12.87
N SER A 48 -2.74 -3.54 12.80
CA SER A 48 -1.69 -4.23 13.51
C SER A 48 -0.35 -3.76 12.97
N TYR A 49 -0.19 -3.89 11.65
CA TYR A 49 1.01 -3.46 10.95
C TYR A 49 1.21 -1.94 11.01
N GLY A 50 0.09 -1.25 11.11
CA GLY A 50 -0.05 0.20 11.15
C GLY A 50 0.44 0.85 12.44
N GLY A 51 1.73 0.70 12.67
CA GLY A 51 2.43 1.25 13.82
C GLY A 51 2.47 2.79 13.80
N GLU A 52 1.88 3.41 14.82
CA GLU A 52 1.84 4.85 15.08
C GLU A 52 1.73 5.71 13.81
N ARG A 53 2.86 6.16 13.24
CA ARG A 53 2.89 7.00 12.05
C ARG A 53 2.02 6.45 10.92
N LYS A 54 2.01 5.13 10.80
CA LYS A 54 1.32 4.42 9.75
C LYS A 54 -0.21 4.46 9.92
N ALA A 55 -0.72 4.98 11.03
CA ALA A 55 -2.15 5.14 11.27
C ALA A 55 -2.83 5.89 10.11
N MET A 56 -2.14 6.89 9.56
CA MET A 56 -2.62 7.63 8.39
C MET A 56 -2.89 6.64 7.25
N MET A 57 -1.90 5.78 7.00
CA MET A 57 -1.96 4.77 5.96
C MET A 57 -3.12 3.83 6.25
N THR A 58 -3.25 3.36 7.50
CA THR A 58 -4.36 2.53 7.94
C THR A 58 -5.69 3.17 7.50
N ASN A 59 -5.92 4.43 7.87
CA ASN A 59 -7.18 5.07 7.49
C ASN A 59 -7.30 5.18 5.98
N ALA A 60 -6.21 5.46 5.27
CA ALA A 60 -6.25 5.56 3.81
C ALA A 60 -6.68 4.23 3.20
N VAL A 61 -5.97 3.15 3.51
CA VAL A 61 -6.29 1.84 2.97
C VAL A 61 -7.67 1.37 3.46
N LYS A 62 -8.11 1.79 4.65
CA LYS A 62 -9.42 1.42 5.19
C LYS A 62 -10.55 1.85 4.25
N LYS A 63 -10.32 2.83 3.37
CA LYS A 63 -11.35 3.23 2.44
C LYS A 63 -11.64 2.09 1.42
N ALA A 64 -10.70 1.17 1.22
CA ALA A 64 -10.77 0.07 0.28
C ALA A 64 -11.26 -1.21 0.95
N SER A 65 -11.69 -2.19 0.15
CA SER A 65 -12.17 -3.50 0.62
C SER A 65 -11.22 -4.61 0.17
N ASP A 66 -11.37 -5.82 0.72
CA ASP A 66 -10.48 -6.95 0.46
C ASP A 66 -10.15 -7.13 -1.02
N GLU A 67 -11.16 -7.07 -1.89
CA GLU A 67 -10.95 -7.21 -3.34
C GLU A 67 -9.95 -6.19 -3.85
N GLU A 68 -10.13 -4.94 -3.44
CA GLU A 68 -9.28 -3.85 -3.77
C GLU A 68 -7.89 -4.14 -3.21
N LEU A 69 -7.78 -4.46 -1.93
CA LEU A 69 -6.50 -4.78 -1.29
C LEU A 69 -5.72 -5.80 -2.12
N LYS A 70 -6.36 -6.92 -2.47
CA LYS A 70 -5.73 -7.96 -3.28
C LYS A 70 -5.26 -7.37 -4.60
N ALA A 71 -6.15 -6.65 -5.28
CA ALA A 71 -5.82 -6.04 -6.56
C ALA A 71 -4.75 -4.96 -6.44
N LEU A 72 -4.67 -4.25 -5.31
CA LEU A 72 -3.72 -3.19 -5.09
C LEU A 72 -2.36 -3.83 -4.98
N ALA A 73 -2.29 -4.88 -4.16
CA ALA A 73 -1.09 -5.69 -4.05
C ALA A 73 -0.67 -6.20 -5.44
N ASP A 74 -1.58 -6.88 -6.14
CA ASP A 74 -1.30 -7.43 -7.46
C ASP A 74 -0.78 -6.35 -8.42
N TYR A 75 -1.46 -5.20 -8.47
CA TYR A 75 -1.08 -4.08 -9.31
C TYR A 75 0.33 -3.61 -8.94
N MET A 76 0.52 -3.24 -7.68
CA MET A 76 1.79 -2.73 -7.18
C MET A 76 2.94 -3.72 -7.40
N SER A 77 2.70 -5.03 -7.39
CA SER A 77 3.71 -6.01 -7.70
C SER A 77 4.40 -5.78 -9.06
N LYS A 78 3.78 -5.01 -9.96
CA LYS A 78 4.32 -4.75 -11.29
C LYS A 78 5.16 -3.46 -11.35
N LEU A 79 5.34 -2.74 -10.23
CA LEU A 79 6.05 -1.51 -10.18
C LEU A 79 7.54 -1.74 -9.92
N ALA A 1 -13.30 -2.64 -8.32
CA ALA A 1 -12.44 -2.09 -9.37
C ALA A 1 -11.01 -2.60 -9.15
N ASP A 2 -9.99 -2.00 -9.78
CA ASP A 2 -8.62 -2.45 -9.67
C ASP A 2 -7.76 -1.43 -8.91
N GLY A 3 -6.93 -1.95 -8.00
CA GLY A 3 -5.97 -1.24 -7.17
C GLY A 3 -5.17 -0.16 -7.90
N ALA A 4 -4.90 -0.35 -9.21
CA ALA A 4 -4.19 0.65 -10.01
C ALA A 4 -4.81 2.03 -9.87
N ALA A 5 -6.14 2.11 -9.78
CA ALA A 5 -6.79 3.39 -9.57
C ALA A 5 -6.46 3.89 -8.16
N LEU A 6 -6.72 3.05 -7.16
CA LEU A 6 -6.55 3.35 -5.74
C LEU A 6 -5.16 3.94 -5.46
N TYR A 7 -4.13 3.40 -6.12
CA TYR A 7 -2.74 3.81 -6.02
C TYR A 7 -2.58 5.33 -5.92
N LYS A 8 -3.39 6.06 -6.69
CA LYS A 8 -3.37 7.52 -6.69
C LYS A 8 -3.32 8.12 -5.28
N SER A 9 -4.02 7.50 -4.33
CA SER A 9 -4.10 7.94 -2.94
C SER A 9 -2.79 7.79 -2.18
N CYS A 10 -1.89 6.92 -2.65
CA CYS A 10 -0.62 6.56 -2.04
C CYS A 10 0.52 7.45 -2.53
N ILE A 11 0.30 8.14 -3.66
CA ILE A 11 1.24 9.10 -4.22
C ILE A 11 1.65 10.11 -3.14
N GLY A 12 2.78 10.78 -3.33
CA GLY A 12 3.30 11.70 -2.34
C GLY A 12 4.14 10.91 -1.35
N CYS A 13 3.58 9.87 -0.71
CA CYS A 13 4.40 9.06 0.18
C CYS A 13 5.18 8.10 -0.69
N HIS A 14 4.50 7.45 -1.65
CA HIS A 14 5.14 6.52 -2.58
C HIS A 14 5.50 7.16 -3.92
N GLY A 15 5.10 8.41 -4.16
CA GLY A 15 5.37 9.07 -5.43
C GLY A 15 4.51 8.49 -6.57
N ALA A 16 4.55 9.15 -7.72
CA ALA A 16 3.82 8.74 -8.90
C ALA A 16 4.51 7.54 -9.55
N ASP A 17 4.38 6.37 -8.91
CA ASP A 17 4.96 5.09 -9.32
C ASP A 17 6.46 5.08 -9.09
N GLY A 18 6.87 4.50 -7.96
CA GLY A 18 8.28 4.38 -7.63
C GLY A 18 8.52 3.92 -6.20
N SER A 19 7.63 4.33 -5.30
CA SER A 19 7.68 4.08 -3.88
C SER A 19 8.93 4.68 -3.26
N LYS A 20 9.07 6.00 -3.46
CA LYS A 20 10.13 6.78 -2.85
C LYS A 20 10.09 6.66 -1.33
N ALA A 21 11.18 7.06 -0.66
CA ALA A 21 11.26 7.03 0.80
C ALA A 21 10.13 7.87 1.40
N ALA A 22 9.17 7.20 2.04
CA ALA A 22 8.03 7.84 2.68
C ALA A 22 8.46 8.30 4.08
N MET A 23 7.69 7.96 5.11
CA MET A 23 8.03 8.29 6.49
C MET A 23 9.15 7.37 6.99
N GLY A 24 10.35 7.56 6.42
CA GLY A 24 11.55 6.78 6.69
C GLY A 24 12.00 6.05 5.42
N SER A 25 13.09 5.28 5.53
CA SER A 25 13.67 4.49 4.44
C SER A 25 12.78 3.29 4.11
N ALA A 26 11.56 3.56 3.66
CA ALA A 26 10.55 2.57 3.35
C ALA A 26 11.01 1.60 2.26
N LYS A 27 10.73 0.30 2.46
CA LYS A 27 10.92 -0.73 1.47
C LYS A 27 10.13 -0.30 0.24
N PRO A 28 10.72 -0.40 -0.97
CA PRO A 28 10.01 0.02 -2.15
C PRO A 28 8.83 -0.92 -2.38
N VAL A 29 7.63 -0.35 -2.44
CA VAL A 29 6.41 -1.07 -2.75
C VAL A 29 6.50 -1.51 -4.21
N LYS A 30 6.96 -0.61 -5.09
CA LYS A 30 7.17 -0.88 -6.50
C LYS A 30 7.92 -2.21 -6.66
N GLY A 31 7.22 -3.23 -7.13
CA GLY A 31 7.80 -4.52 -7.47
C GLY A 31 8.15 -5.44 -6.29
N GLN A 32 7.82 -5.14 -5.02
CA GLN A 32 8.05 -6.16 -3.99
C GLN A 32 6.97 -7.25 -4.16
N GLY A 33 6.91 -8.26 -3.29
CA GLY A 33 6.05 -9.41 -3.58
C GLY A 33 4.58 -9.18 -3.28
N ALA A 34 3.72 -9.54 -4.23
CA ALA A 34 2.28 -9.51 -4.11
C ALA A 34 1.80 -10.09 -2.77
N GLU A 35 2.35 -11.23 -2.35
CA GLU A 35 2.01 -11.88 -1.11
C GLU A 35 2.33 -10.94 0.07
N GLU A 36 3.57 -10.44 0.10
CA GLU A 36 4.05 -9.51 1.10
C GLU A 36 3.10 -8.33 1.16
N LEU A 37 2.91 -7.68 0.01
CA LEU A 37 2.07 -6.51 -0.16
C LEU A 37 0.66 -6.76 0.32
N TYR A 38 0.03 -7.87 -0.06
CA TYR A 38 -1.34 -8.18 0.35
C TYR A 38 -1.43 -8.23 1.86
N LYS A 39 -0.61 -9.12 2.43
CA LYS A 39 -0.59 -9.33 3.86
C LYS A 39 -0.31 -8.03 4.63
N LYS A 40 0.73 -7.30 4.23
CA LYS A 40 1.13 -6.07 4.88
C LYS A 40 0.10 -4.96 4.65
N MET A 41 -0.46 -4.82 3.44
CA MET A 41 -1.44 -3.79 3.15
C MET A 41 -2.71 -4.07 3.98
N LYS A 42 -3.10 -5.36 4.08
CA LYS A 42 -4.18 -5.75 4.97
C LYS A 42 -3.80 -5.38 6.40
N GLY A 43 -2.62 -5.77 6.85
CA GLY A 43 -2.11 -5.48 8.19
C GLY A 43 -2.18 -3.99 8.51
N TYR A 44 -1.78 -3.15 7.54
CA TYR A 44 -1.86 -1.71 7.64
C TYR A 44 -3.31 -1.31 7.79
N ALA A 45 -4.21 -1.75 6.89
CA ALA A 45 -5.63 -1.45 6.97
C ALA A 45 -6.19 -1.81 8.36
N ASP A 46 -5.82 -2.98 8.87
CA ASP A 46 -6.23 -3.49 10.17
C ASP A 46 -5.61 -2.69 11.32
N GLY A 47 -4.58 -1.88 11.04
CA GLY A 47 -3.86 -1.12 12.06
C GLY A 47 -3.05 -2.04 12.97
N SER A 48 -2.62 -3.19 12.44
CA SER A 48 -1.82 -4.17 13.19
C SER A 48 -0.37 -4.05 12.74
N TYR A 49 -0.13 -4.18 11.43
CA TYR A 49 1.20 -4.08 10.85
C TYR A 49 1.64 -2.62 10.81
N GLY A 50 1.82 -1.97 11.97
CA GLY A 50 2.23 -0.58 11.99
C GLY A 50 2.00 0.07 13.34
N GLY A 51 2.18 1.40 13.39
CA GLY A 51 2.00 2.23 14.56
C GLY A 51 2.25 3.68 14.17
N GLU A 52 1.84 4.61 15.03
CA GLU A 52 1.96 6.07 14.89
C GLU A 52 1.92 6.55 13.44
N ARG A 53 3.08 6.83 12.84
CA ARG A 53 3.26 7.32 11.48
C ARG A 53 2.40 6.59 10.44
N LYS A 54 2.24 5.28 10.61
CA LYS A 54 1.50 4.44 9.67
C LYS A 54 0.01 4.78 9.64
N ALA A 55 -0.52 5.35 10.73
CA ALA A 55 -1.94 5.72 10.86
C ALA A 55 -2.52 6.35 9.59
N MET A 56 -1.79 7.28 8.97
CA MET A 56 -2.23 7.92 7.73
C MET A 56 -2.45 6.87 6.64
N MET A 57 -1.44 6.03 6.43
CA MET A 57 -1.49 4.95 5.45
C MET A 57 -2.65 4.02 5.80
N THR A 58 -2.76 3.58 7.06
CA THR A 58 -3.84 2.74 7.55
C THR A 58 -5.19 3.31 7.09
N ASN A 59 -5.46 4.60 7.38
CA ASN A 59 -6.72 5.20 6.96
C ASN A 59 -6.83 5.21 5.44
N ALA A 60 -5.75 5.56 4.73
CA ALA A 60 -5.77 5.64 3.28
C ALA A 60 -6.15 4.30 2.65
N VAL A 61 -5.53 3.21 3.12
CA VAL A 61 -5.73 1.89 2.56
C VAL A 61 -7.07 1.27 2.96
N LYS A 62 -7.53 1.41 4.21
CA LYS A 62 -8.76 0.77 4.65
C LYS A 62 -10.01 1.19 3.87
N LYS A 63 -9.91 2.21 3.03
CA LYS A 63 -10.98 2.60 2.13
C LYS A 63 -11.36 1.38 1.25
N ALA A 64 -10.36 0.58 0.87
CA ALA A 64 -10.50 -0.59 0.02
C ALA A 64 -11.17 -1.74 0.78
N SER A 65 -11.88 -2.59 0.02
CA SER A 65 -12.66 -3.72 0.53
C SER A 65 -11.80 -4.97 0.79
N ASP A 66 -11.56 -5.74 -0.27
CA ASP A 66 -10.77 -6.96 -0.28
C ASP A 66 -10.24 -7.21 -1.69
N GLU A 67 -11.17 -7.22 -2.67
CA GLU A 67 -10.82 -7.31 -4.09
C GLU A 67 -9.73 -6.27 -4.36
N GLU A 68 -10.03 -5.05 -3.93
CA GLU A 68 -9.20 -3.90 -4.03
C GLU A 68 -7.87 -4.09 -3.29
N LEU A 69 -7.91 -4.53 -2.03
CA LEU A 69 -6.74 -4.75 -1.22
C LEU A 69 -5.78 -5.67 -1.98
N LYS A 70 -6.28 -6.83 -2.41
CA LYS A 70 -5.55 -7.81 -3.16
C LYS A 70 -5.03 -7.21 -4.46
N ALA A 71 -5.89 -6.46 -5.15
CA ALA A 71 -5.54 -5.84 -6.40
C ALA A 71 -4.45 -4.78 -6.26
N LEU A 72 -4.41 -4.02 -5.15
CA LEU A 72 -3.36 -3.03 -4.98
C LEU A 72 -2.05 -3.79 -4.88
N ALA A 73 -2.02 -4.81 -4.02
CA ALA A 73 -0.84 -5.67 -3.88
C ALA A 73 -0.41 -6.24 -5.23
N ASP A 74 -1.32 -6.90 -5.95
CA ASP A 74 -1.03 -7.47 -7.25
C ASP A 74 -0.44 -6.42 -8.20
N TYR A 75 -1.14 -5.29 -8.36
CA TYR A 75 -0.72 -4.21 -9.22
C TYR A 75 0.70 -3.77 -8.88
N MET A 76 0.89 -3.34 -7.63
CA MET A 76 2.16 -2.84 -7.14
C MET A 76 3.28 -3.87 -7.26
N SER A 77 2.96 -5.17 -7.19
CA SER A 77 3.95 -6.22 -7.38
C SER A 77 4.40 -6.34 -8.85
N LYS A 78 3.67 -5.73 -9.78
CA LYS A 78 3.93 -5.82 -11.21
C LYS A 78 3.97 -4.39 -11.74
N LEU A 79 4.83 -3.59 -11.12
CA LEU A 79 4.95 -2.17 -11.30
C LEU A 79 6.42 -1.81 -11.40
N ALA A 1 -9.05 1.71 -12.45
CA ALA A 1 -9.26 0.27 -12.26
C ALA A 1 -9.04 -0.06 -10.78
N ASP A 2 -9.47 -1.25 -10.34
CA ASP A 2 -9.28 -1.71 -8.98
C ASP A 2 -7.79 -1.68 -8.60
N GLY A 3 -7.49 -1.38 -7.34
CA GLY A 3 -6.13 -1.25 -6.83
C GLY A 3 -5.53 0.08 -7.28
N ALA A 4 -5.35 0.21 -8.59
CA ALA A 4 -4.78 1.37 -9.25
C ALA A 4 -5.46 2.66 -8.80
N ALA A 5 -6.80 2.66 -8.81
CA ALA A 5 -7.61 3.81 -8.40
C ALA A 5 -7.18 4.32 -7.03
N LEU A 6 -6.92 3.42 -6.09
CA LEU A 6 -6.49 3.79 -4.76
C LEU A 6 -5.05 4.26 -4.81
N TYR A 7 -4.20 3.52 -5.55
CA TYR A 7 -2.79 3.81 -5.68
C TYR A 7 -2.53 5.26 -6.09
N LYS A 8 -3.32 5.81 -7.02
CA LYS A 8 -3.15 7.18 -7.51
C LYS A 8 -2.79 8.16 -6.40
N SER A 9 -3.57 8.18 -5.31
CA SER A 9 -3.36 9.05 -4.17
C SER A 9 -1.98 8.87 -3.55
N CYS A 10 -1.59 7.60 -3.37
CA CYS A 10 -0.38 7.15 -2.70
C CYS A 10 0.86 7.69 -3.40
N ILE A 11 0.76 7.92 -4.72
CA ILE A 11 1.83 8.46 -5.53
C ILE A 11 2.45 9.68 -4.84
N GLY A 12 1.64 10.49 -4.15
CA GLY A 12 2.11 11.67 -3.43
C GLY A 12 3.34 11.40 -2.55
N CYS A 13 3.43 10.20 -1.96
CA CYS A 13 4.54 9.80 -1.09
C CYS A 13 5.38 8.69 -1.72
N HIS A 14 4.75 7.81 -2.49
CA HIS A 14 5.39 6.64 -3.09
C HIS A 14 6.04 6.87 -4.45
N GLY A 15 5.54 7.82 -5.24
CA GLY A 15 6.03 8.01 -6.59
C GLY A 15 5.31 7.04 -7.54
N ALA A 16 5.32 7.36 -8.84
CA ALA A 16 4.64 6.56 -9.86
C ALA A 16 5.02 5.08 -9.76
N ASP A 17 6.31 4.79 -9.89
CA ASP A 17 6.86 3.45 -9.84
C ASP A 17 7.25 3.02 -8.43
N GLY A 18 6.51 3.48 -7.42
CA GLY A 18 6.71 3.13 -6.01
C GLY A 18 8.16 3.23 -5.55
N SER A 19 8.92 4.17 -6.12
CA SER A 19 10.33 4.41 -5.86
C SER A 19 10.54 4.93 -4.44
N LYS A 20 9.67 5.88 -4.05
CA LYS A 20 9.52 6.53 -2.77
C LYS A 20 10.81 7.08 -2.10
N ALA A 21 10.54 7.61 -0.90
CA ALA A 21 11.42 8.05 0.16
C ALA A 21 10.49 8.34 1.35
N ALA A 22 9.46 7.49 1.47
CA ALA A 22 8.41 7.62 2.44
C ALA A 22 9.00 7.55 3.84
N MET A 23 8.59 8.48 4.70
CA MET A 23 9.17 8.67 6.03
C MET A 23 10.71 8.61 5.94
N GLY A 24 11.28 9.32 4.96
CA GLY A 24 12.72 9.36 4.75
C GLY A 24 13.18 8.13 3.97
N SER A 25 12.92 6.93 4.51
CA SER A 25 13.31 5.67 3.87
C SER A 25 12.41 4.56 4.39
N ALA A 26 11.96 3.69 3.48
CA ALA A 26 11.07 2.57 3.77
C ALA A 26 11.19 1.54 2.63
N LYS A 27 10.67 0.32 2.78
CA LYS A 27 10.67 -0.73 1.78
C LYS A 27 10.06 -0.15 0.51
N PRO A 28 10.84 0.06 -0.57
CA PRO A 28 10.28 0.62 -1.78
C PRO A 28 9.18 -0.28 -2.30
N VAL A 29 8.08 0.33 -2.74
CA VAL A 29 6.96 -0.43 -3.24
C VAL A 29 7.36 -1.05 -4.58
N LYS A 30 8.18 -0.32 -5.36
CA LYS A 30 8.77 -0.72 -6.63
C LYS A 30 9.02 -2.23 -6.68
N GLY A 31 8.13 -2.96 -7.35
CA GLY A 31 8.20 -4.39 -7.53
C GLY A 31 8.47 -5.22 -6.27
N GLN A 32 8.13 -4.76 -5.06
CA GLN A 32 8.24 -5.66 -3.90
C GLN A 32 7.12 -6.69 -4.08
N GLY A 33 7.20 -7.84 -3.40
CA GLY A 33 6.28 -8.94 -3.72
C GLY A 33 4.84 -8.66 -3.37
N ALA A 34 3.93 -9.11 -4.22
CA ALA A 34 2.49 -9.05 -4.00
C ALA A 34 2.15 -9.66 -2.65
N GLU A 35 2.85 -10.74 -2.28
CA GLU A 35 2.71 -11.42 -1.02
C GLU A 35 2.97 -10.43 0.12
N GLU A 36 4.17 -9.83 0.11
CA GLU A 36 4.61 -8.85 1.07
C GLU A 36 3.59 -7.72 1.12
N LEU A 37 3.35 -7.09 -0.02
CA LEU A 37 2.44 -5.97 -0.17
C LEU A 37 1.07 -6.29 0.43
N TYR A 38 0.47 -7.40 0.02
CA TYR A 38 -0.83 -7.80 0.52
C TYR A 38 -0.80 -7.97 2.02
N LYS A 39 0.14 -8.76 2.53
CA LYS A 39 0.23 -9.01 3.96
C LYS A 39 0.36 -7.71 4.75
N LYS A 40 1.30 -6.87 4.35
CA LYS A 40 1.57 -5.61 5.01
C LYS A 40 0.36 -4.68 4.93
N MET A 41 -0.24 -4.54 3.74
CA MET A 41 -1.38 -3.66 3.54
C MET A 41 -2.58 -4.15 4.36
N LYS A 42 -2.81 -5.47 4.37
CA LYS A 42 -3.83 -6.10 5.21
C LYS A 42 -3.46 -5.80 6.67
N GLY A 43 -2.17 -5.91 7.00
CA GLY A 43 -1.59 -5.64 8.31
C GLY A 43 -2.05 -4.28 8.82
N TYR A 44 -1.86 -3.24 8.00
CA TYR A 44 -2.30 -1.90 8.32
C TYR A 44 -3.82 -1.86 8.48
N ALA A 45 -4.56 -2.28 7.45
CA ALA A 45 -6.02 -2.26 7.46
C ALA A 45 -6.60 -2.87 8.73
N ASP A 46 -6.14 -4.08 9.08
CA ASP A 46 -6.55 -4.80 10.27
C ASP A 46 -6.05 -4.09 11.54
N GLY A 47 -4.74 -3.87 11.61
CA GLY A 47 -4.04 -3.26 12.72
C GLY A 47 -3.01 -4.20 13.33
N SER A 48 -2.44 -5.09 12.50
CA SER A 48 -1.40 -6.03 12.85
C SER A 48 -0.03 -5.54 12.38
N TYR A 49 0.05 -4.40 11.69
CA TYR A 49 1.30 -3.85 11.19
C TYR A 49 1.29 -2.33 11.27
N GLY A 50 2.49 -1.73 11.22
CA GLY A 50 2.72 -0.29 11.35
C GLY A 50 2.95 0.03 12.81
N GLY A 51 4.19 0.37 13.15
CA GLY A 51 4.61 0.69 14.53
C GLY A 51 3.64 1.67 15.19
N GLU A 52 3.33 2.75 14.48
CA GLU A 52 2.34 3.76 14.87
C GLU A 52 1.17 3.71 13.87
N ARG A 53 0.83 2.51 13.39
CA ARG A 53 -0.25 2.18 12.46
C ARG A 53 -0.02 2.66 11.02
N LYS A 54 0.66 3.79 10.87
CA LYS A 54 0.86 4.48 9.60
C LYS A 54 -0.45 5.11 9.15
N ALA A 55 -1.11 5.71 10.15
CA ALA A 55 -2.41 6.37 10.16
C ALA A 55 -3.00 6.76 8.80
N MET A 56 -2.37 7.71 8.09
CA MET A 56 -2.89 8.17 6.80
C MET A 56 -3.01 6.99 5.82
N MET A 57 -1.93 6.23 5.70
CA MET A 57 -1.87 5.04 4.88
C MET A 57 -2.89 4.03 5.39
N THR A 58 -2.99 3.86 6.72
CA THR A 58 -3.98 2.98 7.32
C THR A 58 -5.37 3.34 6.80
N ASN A 59 -5.75 4.62 6.90
CA ASN A 59 -7.05 5.09 6.45
C ASN A 59 -7.25 4.77 4.99
N ALA A 60 -6.21 4.99 4.16
CA ALA A 60 -6.31 4.72 2.74
C ALA A 60 -6.65 3.25 2.50
N VAL A 61 -5.86 2.33 3.04
CA VAL A 61 -6.10 0.91 2.84
C VAL A 61 -7.41 0.46 3.51
N LYS A 62 -7.75 1.00 4.67
CA LYS A 62 -8.96 0.63 5.41
C LYS A 62 -10.22 0.92 4.58
N LYS A 63 -10.18 1.93 3.72
CA LYS A 63 -11.29 2.27 2.85
C LYS A 63 -11.36 1.34 1.63
N ALA A 64 -10.35 0.49 1.42
CA ALA A 64 -10.30 -0.46 0.31
C ALA A 64 -11.05 -1.73 0.73
N SER A 65 -11.96 -2.21 -0.11
CA SER A 65 -12.66 -3.45 0.16
C SER A 65 -11.69 -4.61 -0.10
N ASP A 66 -12.05 -5.84 0.30
CA ASP A 66 -11.18 -7.02 0.13
C ASP A 66 -10.53 -7.09 -1.27
N GLU A 67 -11.33 -6.91 -2.32
CA GLU A 67 -10.88 -6.92 -3.68
C GLU A 67 -9.81 -5.85 -3.91
N GLU A 68 -10.08 -4.64 -3.44
CA GLU A 68 -9.15 -3.54 -3.54
C GLU A 68 -7.88 -3.82 -2.72
N LEU A 69 -8.00 -4.42 -1.52
CA LEU A 69 -6.84 -4.76 -0.70
C LEU A 69 -5.88 -5.62 -1.55
N LYS A 70 -6.42 -6.70 -2.11
CA LYS A 70 -5.67 -7.62 -2.95
C LYS A 70 -5.11 -6.90 -4.17
N ALA A 71 -5.99 -6.15 -4.85
CA ALA A 71 -5.63 -5.44 -6.07
C ALA A 71 -4.54 -4.40 -5.86
N LEU A 72 -4.50 -3.71 -4.71
CA LEU A 72 -3.49 -2.71 -4.48
C LEU A 72 -2.15 -3.43 -4.51
N ALA A 73 -2.02 -4.50 -3.72
CA ALA A 73 -0.82 -5.33 -3.71
C ALA A 73 -0.46 -5.81 -5.11
N ASP A 74 -1.41 -6.44 -5.81
CA ASP A 74 -1.18 -6.92 -7.17
C ASP A 74 -0.60 -5.81 -8.06
N TYR A 75 -1.24 -4.64 -8.06
CA TYR A 75 -0.82 -3.50 -8.85
C TYR A 75 0.59 -3.05 -8.49
N MET A 76 0.82 -2.81 -7.20
CA MET A 76 2.08 -2.38 -6.65
C MET A 76 3.20 -3.37 -6.97
N SER A 77 2.89 -4.67 -7.04
CA SER A 77 3.89 -5.68 -7.41
C SER A 77 4.11 -5.71 -8.94
N LYS A 78 3.58 -4.73 -9.68
CA LYS A 78 3.65 -4.64 -11.13
C LYS A 78 3.84 -3.16 -11.47
N LEU A 79 4.70 -2.51 -10.67
CA LEU A 79 5.03 -1.12 -10.72
C LEU A 79 6.51 -1.06 -10.32
N ALA A 1 -13.93 -0.66 -6.14
CA ALA A 1 -12.82 0.12 -6.71
C ALA A 1 -11.73 -0.87 -7.14
N ASP A 2 -10.50 -0.43 -7.45
CA ASP A 2 -9.42 -1.32 -7.85
C ASP A 2 -8.08 -0.71 -7.45
N GLY A 3 -7.07 -1.58 -7.35
CA GLY A 3 -5.69 -1.25 -7.04
C GLY A 3 -5.22 0.01 -7.75
N ALA A 4 -5.33 0.07 -9.08
CA ALA A 4 -4.88 1.21 -9.86
C ALA A 4 -5.53 2.50 -9.39
N ALA A 5 -6.88 2.51 -9.29
CA ALA A 5 -7.61 3.69 -8.84
C ALA A 5 -7.16 4.10 -7.44
N LEU A 6 -7.01 3.14 -6.52
CA LEU A 6 -6.62 3.41 -5.14
C LEU A 6 -5.22 4.01 -5.06
N TYR A 7 -4.26 3.38 -5.74
CA TYR A 7 -2.84 3.71 -5.74
C TYR A 7 -2.57 5.20 -5.81
N LYS A 8 -3.34 5.90 -6.64
CA LYS A 8 -3.28 7.31 -6.85
C LYS A 8 -3.14 8.09 -5.54
N SER A 9 -3.87 7.69 -4.49
CA SER A 9 -3.83 8.38 -3.20
C SER A 9 -2.49 8.19 -2.45
N CYS A 10 -1.70 7.19 -2.83
CA CYS A 10 -0.44 6.80 -2.22
C CYS A 10 0.74 7.57 -2.85
N ILE A 11 0.53 8.06 -4.09
CA ILE A 11 1.50 8.89 -4.77
C ILE A 11 1.81 10.08 -3.84
N GLY A 12 3.04 10.59 -3.91
CA GLY A 12 3.49 11.64 -3.01
C GLY A 12 4.33 10.99 -1.93
N CYS A 13 3.87 9.88 -1.32
CA CYS A 13 4.67 9.17 -0.34
C CYS A 13 5.46 8.10 -1.07
N HIS A 14 4.82 7.41 -2.01
CA HIS A 14 5.42 6.34 -2.80
C HIS A 14 5.82 6.74 -4.21
N GLY A 15 5.33 7.89 -4.67
CA GLY A 15 5.60 8.32 -6.04
C GLY A 15 4.84 7.43 -7.01
N ALA A 16 5.21 7.48 -8.29
CA ALA A 16 4.53 6.69 -9.32
C ALA A 16 4.88 5.21 -9.19
N ASP A 17 6.12 4.84 -9.53
CA ASP A 17 6.58 3.46 -9.58
C ASP A 17 7.02 2.94 -8.21
N GLY A 18 6.17 3.15 -7.21
CA GLY A 18 6.30 2.75 -5.80
C GLY A 18 7.73 2.78 -5.26
N SER A 19 8.51 3.76 -5.73
CA SER A 19 9.94 3.88 -5.55
C SER A 19 10.30 4.70 -4.31
N LYS A 20 9.68 5.87 -4.16
CA LYS A 20 9.92 6.76 -3.08
C LYS A 20 9.79 6.03 -1.74
N ALA A 21 10.86 6.08 -0.94
CA ALA A 21 10.99 5.43 0.35
C ALA A 21 10.20 6.16 1.43
N ALA A 22 8.92 6.49 1.15
CA ALA A 22 8.05 7.25 2.03
C ALA A 22 8.69 8.61 2.37
N MET A 23 8.12 9.33 3.35
CA MET A 23 8.69 10.59 3.79
C MET A 23 9.84 10.30 4.76
N GLY A 24 10.87 9.59 4.29
CA GLY A 24 12.02 9.25 5.11
C GLY A 24 12.91 8.23 4.40
N SER A 25 12.93 6.99 4.88
CA SER A 25 13.75 5.93 4.31
C SER A 25 13.12 4.56 4.58
N ALA A 26 11.86 4.41 4.18
CA ALA A 26 11.08 3.20 4.31
C ALA A 26 11.42 2.22 3.19
N LYS A 27 11.13 0.92 3.32
CA LYS A 27 11.43 -0.02 2.24
C LYS A 27 10.61 0.37 1.00
N PRO A 28 11.22 0.52 -0.19
CA PRO A 28 10.46 0.77 -1.39
C PRO A 28 9.44 -0.35 -1.57
N VAL A 29 8.30 0.00 -2.16
CA VAL A 29 7.16 -0.88 -2.30
C VAL A 29 7.21 -1.59 -3.64
N LYS A 30 7.67 -0.86 -4.66
CA LYS A 30 7.83 -1.31 -6.03
C LYS A 30 8.29 -2.77 -6.07
N GLY A 31 7.37 -3.69 -6.34
CA GLY A 31 7.68 -5.10 -6.48
C GLY A 31 8.30 -5.79 -5.27
N GLN A 32 7.88 -5.52 -4.01
CA GLN A 32 8.37 -6.37 -2.90
C GLN A 32 8.02 -7.82 -3.23
N GLY A 33 6.74 -7.96 -3.60
CA GLY A 33 6.08 -9.13 -4.14
C GLY A 33 4.62 -9.13 -3.72
N ALA A 34 3.72 -9.54 -4.61
CA ALA A 34 2.29 -9.61 -4.35
C ALA A 34 1.96 -10.22 -2.99
N GLU A 35 2.66 -11.29 -2.59
CA GLU A 35 2.47 -11.96 -1.33
C GLU A 35 2.78 -11.00 -0.18
N GLU A 36 3.98 -10.40 -0.21
CA GLU A 36 4.47 -9.47 0.77
C GLU A 36 3.49 -8.31 0.86
N LEU A 37 3.29 -7.66 -0.29
CA LEU A 37 2.44 -6.51 -0.47
C LEU A 37 1.04 -6.80 0.05
N TYR A 38 0.44 -7.93 -0.31
CA TYR A 38 -0.89 -8.31 0.13
C TYR A 38 -0.95 -8.37 1.65
N LYS A 39 -0.01 -9.08 2.26
CA LYS A 39 0.04 -9.24 3.70
C LYS A 39 0.16 -7.88 4.39
N LYS A 40 1.18 -7.11 4.00
CA LYS A 40 1.48 -5.82 4.54
C LYS A 40 0.33 -4.82 4.33
N MET A 41 -0.20 -4.73 3.11
CA MET A 41 -1.28 -3.82 2.80
C MET A 41 -2.54 -4.22 3.57
N LYS A 42 -2.82 -5.52 3.68
CA LYS A 42 -3.94 -5.97 4.50
C LYS A 42 -3.66 -5.57 5.96
N GLY A 43 -2.39 -5.75 6.37
CA GLY A 43 -1.89 -5.37 7.68
C GLY A 43 -2.27 -3.94 8.00
N TYR A 44 -1.99 -3.02 7.08
CA TYR A 44 -2.34 -1.61 7.24
C TYR A 44 -3.85 -1.37 7.11
N ALA A 45 -4.54 -2.05 6.20
CA ALA A 45 -5.98 -1.87 6.05
C ALA A 45 -6.69 -2.22 7.36
N ASP A 46 -6.33 -3.36 7.95
CA ASP A 46 -6.86 -3.81 9.23
C ASP A 46 -6.33 -2.90 10.34
N GLY A 47 -5.03 -2.56 10.27
CA GLY A 47 -4.34 -1.70 11.22
C GLY A 47 -3.51 -2.52 12.21
N SER A 48 -3.07 -3.70 11.81
CA SER A 48 -2.24 -4.60 12.60
C SER A 48 -0.77 -4.28 12.34
N TYR A 49 -0.39 -4.15 11.07
CA TYR A 49 1.00 -3.86 10.71
C TYR A 49 1.31 -2.37 10.97
N GLY A 50 2.59 -2.07 11.21
CA GLY A 50 3.12 -0.74 11.50
C GLY A 50 3.62 -0.66 12.94
N GLY A 51 4.44 0.35 13.24
CA GLY A 51 4.92 0.64 14.58
C GLY A 51 3.89 1.57 15.19
N GLU A 52 3.97 2.86 14.87
CA GLU A 52 2.97 3.85 15.26
C GLU A 52 1.75 3.76 14.33
N ARG A 53 1.36 2.54 13.95
CA ARG A 53 0.26 2.15 13.08
C ARG A 53 0.37 2.53 11.61
N LYS A 54 1.03 3.65 11.38
CA LYS A 54 1.20 4.32 10.10
C LYS A 54 -0.09 5.02 9.69
N ALA A 55 -0.78 5.54 10.72
CA ALA A 55 -2.09 6.19 10.72
C ALA A 55 -2.61 6.69 9.37
N MET A 56 -1.92 7.67 8.78
CA MET A 56 -2.30 8.25 7.50
C MET A 56 -2.48 7.14 6.45
N MET A 57 -1.44 6.32 6.30
CA MET A 57 -1.45 5.19 5.40
C MET A 57 -2.55 4.23 5.84
N THR A 58 -2.61 3.88 7.13
CA THR A 58 -3.60 2.97 7.68
C THR A 58 -5.00 3.34 7.17
N ASN A 59 -5.44 4.57 7.44
CA ASN A 59 -6.78 5.00 7.03
C ASN A 59 -6.88 5.09 5.51
N ALA A 60 -5.85 5.60 4.83
CA ALA A 60 -5.90 5.78 3.39
C ALA A 60 -6.15 4.43 2.70
N VAL A 61 -5.39 3.41 3.10
CA VAL A 61 -5.49 2.10 2.51
C VAL A 61 -6.72 1.34 3.05
N LYS A 62 -7.14 1.58 4.30
CA LYS A 62 -8.30 0.93 4.90
C LYS A 62 -9.55 1.01 4.03
N LYS A 63 -9.66 2.04 3.18
CA LYS A 63 -10.77 2.21 2.30
C LYS A 63 -10.92 1.03 1.30
N ALA A 64 -9.83 0.31 1.03
CA ALA A 64 -9.80 -0.85 0.15
C ALA A 64 -10.57 -2.02 0.78
N SER A 65 -11.68 -2.44 0.16
CA SER A 65 -12.57 -3.46 0.68
C SER A 65 -11.97 -4.88 0.69
N ASP A 66 -11.77 -5.44 -0.49
CA ASP A 66 -11.27 -6.81 -0.67
C ASP A 66 -10.65 -6.98 -2.06
N GLU A 67 -11.47 -6.78 -3.10
CA GLU A 67 -11.04 -6.77 -4.48
C GLU A 67 -9.82 -5.86 -4.58
N GLU A 68 -10.01 -4.69 -4.00
CA GLU A 68 -9.12 -3.61 -3.81
C GLU A 68 -7.84 -4.10 -3.15
N LEU A 69 -7.95 -4.75 -1.99
CA LEU A 69 -6.78 -5.23 -1.26
C LEU A 69 -5.91 -6.09 -2.17
N LYS A 70 -6.50 -7.14 -2.75
CA LYS A 70 -5.76 -8.05 -3.62
C LYS A 70 -5.15 -7.28 -4.79
N ALA A 71 -5.98 -6.52 -5.50
CA ALA A 71 -5.56 -5.78 -6.66
C ALA A 71 -4.49 -4.72 -6.35
N LEU A 72 -4.48 -4.14 -5.15
CA LEU A 72 -3.51 -3.12 -4.80
C LEU A 72 -2.16 -3.81 -4.67
N ALA A 73 -2.13 -4.98 -4.03
CA ALA A 73 -0.93 -5.78 -3.95
C ALA A 73 -0.46 -6.19 -5.35
N ASP A 74 -1.36 -6.77 -6.15
CA ASP A 74 -1.05 -7.17 -7.52
C ASP A 74 -0.44 -6.00 -8.29
N TYR A 75 -1.09 -4.83 -8.23
CA TYR A 75 -0.64 -3.61 -8.88
C TYR A 75 0.79 -3.28 -8.43
N MET A 76 1.01 -3.08 -7.14
CA MET A 76 2.34 -2.76 -6.60
C MET A 76 3.37 -3.85 -6.92
N SER A 77 2.92 -5.09 -7.12
CA SER A 77 3.79 -6.20 -7.49
C SER A 77 4.15 -6.19 -8.98
N LYS A 78 3.62 -5.24 -9.76
CA LYS A 78 3.84 -5.11 -11.20
C LYS A 78 3.91 -3.62 -11.47
N LEU A 79 4.82 -2.94 -10.78
CA LEU A 79 4.98 -1.52 -10.75
C LEU A 79 6.48 -1.28 -10.61
N ALA A 1 -13.61 -2.27 -7.47
CA ALA A 1 -12.86 -1.69 -8.60
C ALA A 1 -11.43 -2.22 -8.56
N ASP A 2 -10.45 -1.53 -9.14
CA ASP A 2 -9.06 -2.00 -9.18
C ASP A 2 -8.11 -1.04 -8.47
N GLY A 3 -7.17 -1.61 -7.73
CA GLY A 3 -6.12 -0.93 -6.98
C GLY A 3 -5.42 0.20 -7.74
N ALA A 4 -5.29 0.09 -9.07
CA ALA A 4 -4.67 1.12 -9.87
C ALA A 4 -5.30 2.49 -9.64
N ALA A 5 -6.62 2.54 -9.40
CA ALA A 5 -7.29 3.78 -9.09
C ALA A 5 -6.85 4.29 -7.72
N LEU A 6 -6.96 3.42 -6.72
CA LEU A 6 -6.62 3.69 -5.33
C LEU A 6 -5.21 4.28 -5.23
N TYR A 7 -4.25 3.61 -5.87
CA TYR A 7 -2.84 3.96 -5.84
C TYR A 7 -2.58 5.44 -6.10
N LYS A 8 -3.40 6.09 -6.93
CA LYS A 8 -3.23 7.50 -7.25
C LYS A 8 -3.16 8.39 -6.00
N SER A 9 -3.81 7.99 -4.90
CA SER A 9 -3.74 8.76 -3.65
C SER A 9 -2.38 8.59 -2.94
N CYS A 10 -1.69 7.48 -3.20
CA CYS A 10 -0.41 7.10 -2.61
C CYS A 10 0.73 7.81 -3.35
N ILE A 11 0.55 7.99 -4.66
CA ILE A 11 1.47 8.77 -5.46
C ILE A 11 1.58 10.13 -4.76
N GLY A 12 2.80 10.66 -4.69
CA GLY A 12 3.09 11.87 -3.93
C GLY A 12 4.00 11.46 -2.78
N CYS A 13 3.73 10.32 -2.12
CA CYS A 13 4.61 9.84 -1.07
C CYS A 13 5.50 8.72 -1.61
N HIS A 14 4.91 7.87 -2.45
CA HIS A 14 5.53 6.69 -3.04
C HIS A 14 6.09 6.87 -4.45
N GLY A 15 5.86 8.01 -5.09
CA GLY A 15 6.24 8.19 -6.47
C GLY A 15 5.23 7.46 -7.37
N ALA A 16 5.35 7.57 -8.69
CA ALA A 16 4.43 6.92 -9.61
C ALA A 16 4.77 5.43 -9.78
N ASP A 17 4.96 4.70 -8.68
CA ASP A 17 5.34 3.28 -8.69
C ASP A 17 5.44 2.70 -7.28
N GLY A 18 6.23 3.32 -6.41
CA GLY A 18 6.54 2.86 -5.06
C GLY A 18 8.04 2.87 -4.83
N SER A 19 8.70 3.96 -5.22
CA SER A 19 10.15 4.08 -5.25
C SER A 19 10.71 4.90 -4.10
N LYS A 20 10.41 6.21 -4.12
CA LYS A 20 11.04 7.18 -3.24
C LYS A 20 10.82 6.94 -1.73
N ALA A 21 11.62 7.66 -0.95
CA ALA A 21 11.68 7.61 0.50
C ALA A 21 10.38 8.06 1.18
N ALA A 22 9.34 7.23 1.11
CA ALA A 22 8.07 7.48 1.75
C ALA A 22 8.33 7.68 3.25
N MET A 23 8.02 8.87 3.78
CA MET A 23 8.41 9.36 5.12
C MET A 23 9.93 9.50 5.23
N GLY A 24 10.66 8.39 5.14
CA GLY A 24 12.10 8.31 5.20
C GLY A 24 12.55 7.00 4.57
N SER A 25 13.46 6.27 5.22
CA SER A 25 14.02 5.02 4.74
C SER A 25 13.04 3.83 4.78
N ALA A 26 11.86 4.00 4.18
CA ALA A 26 10.84 2.97 4.08
C ALA A 26 11.20 1.98 2.98
N LYS A 27 10.81 0.71 3.13
CA LYS A 27 11.03 -0.29 2.10
C LYS A 27 10.33 0.17 0.82
N PRO A 28 11.01 0.29 -0.32
CA PRO A 28 10.34 0.62 -1.56
C PRO A 28 9.24 -0.42 -1.81
N VAL A 29 8.12 0.03 -2.34
CA VAL A 29 6.92 -0.77 -2.52
C VAL A 29 6.90 -1.39 -3.92
N LYS A 30 7.46 -0.64 -4.89
CA LYS A 30 7.61 -1.02 -6.27
C LYS A 30 8.18 -2.46 -6.34
N GLY A 31 7.33 -3.43 -6.61
CA GLY A 31 7.73 -4.81 -6.79
C GLY A 31 8.30 -5.54 -5.57
N GLN A 32 7.79 -5.34 -4.33
CA GLN A 32 8.27 -6.19 -3.22
C GLN A 32 7.91 -7.64 -3.57
N GLY A 33 6.61 -7.78 -3.79
CA GLY A 33 5.90 -8.97 -4.22
C GLY A 33 4.48 -8.92 -3.71
N ALA A 34 3.52 -9.34 -4.54
CA ALA A 34 2.11 -9.36 -4.25
C ALA A 34 1.78 -9.84 -2.83
N GLU A 35 2.31 -11.00 -2.44
CA GLU A 35 2.03 -11.53 -1.11
C GLU A 35 2.58 -10.58 -0.03
N GLU A 36 3.84 -10.16 -0.18
CA GLU A 36 4.52 -9.26 0.73
C GLU A 36 3.66 -8.01 0.92
N LEU A 37 3.30 -7.40 -0.20
CA LEU A 37 2.50 -6.22 -0.26
C LEU A 37 1.16 -6.49 0.44
N TYR A 38 0.35 -7.39 -0.11
CA TYR A 38 -0.96 -7.79 0.41
C TYR A 38 -0.95 -7.84 1.92
N LYS A 39 -0.04 -8.67 2.43
CA LYS A 39 0.10 -8.85 3.87
C LYS A 39 0.21 -7.51 4.62
N LYS A 40 1.01 -6.56 4.12
CA LYS A 40 1.17 -5.27 4.76
C LYS A 40 -0.04 -4.36 4.52
N MET A 41 -0.58 -4.23 3.31
CA MET A 41 -1.78 -3.40 3.15
C MET A 41 -2.93 -3.98 4.00
N LYS A 42 -3.02 -5.31 4.09
CA LYS A 42 -3.99 -5.99 4.93
C LYS A 42 -3.62 -5.70 6.39
N GLY A 43 -2.32 -5.77 6.70
CA GLY A 43 -1.71 -5.43 7.97
C GLY A 43 -2.26 -4.13 8.51
N TYR A 44 -2.04 -3.08 7.72
CA TYR A 44 -2.46 -1.72 8.00
C TYR A 44 -4.00 -1.67 8.04
N ALA A 45 -4.71 -2.22 7.06
CA ALA A 45 -6.16 -2.22 7.05
C ALA A 45 -6.75 -2.87 8.31
N ASP A 46 -6.10 -3.92 8.81
CA ASP A 46 -6.52 -4.62 10.03
C ASP A 46 -6.07 -3.87 11.29
N GLY A 47 -5.35 -2.75 11.14
CA GLY A 47 -4.80 -2.00 12.26
C GLY A 47 -3.90 -2.90 13.09
N SER A 48 -3.10 -3.74 12.43
CA SER A 48 -2.22 -4.71 13.06
C SER A 48 -0.87 -4.76 12.35
N TYR A 49 -0.39 -3.65 11.80
CA TYR A 49 0.90 -3.54 11.16
C TYR A 49 1.36 -2.08 11.26
N GLY A 50 2.67 -1.84 11.30
CA GLY A 50 3.25 -0.51 11.50
C GLY A 50 3.48 -0.28 12.99
N GLY A 51 4.72 0.04 13.39
CA GLY A 51 5.07 0.28 14.79
C GLY A 51 4.12 1.29 15.43
N GLU A 52 3.91 2.41 14.74
CA GLU A 52 2.98 3.47 15.10
C GLU A 52 1.80 3.47 14.12
N ARG A 53 1.43 2.28 13.63
CA ARG A 53 0.34 1.93 12.75
C ARG A 53 0.37 2.46 11.32
N LYS A 54 1.04 3.58 11.15
CA LYS A 54 1.17 4.32 9.89
C LYS A 54 -0.16 4.99 9.53
N ALA A 55 -0.78 5.57 10.58
CA ALA A 55 -2.09 6.22 10.64
C ALA A 55 -2.72 6.65 9.31
N MET A 56 -2.13 7.63 8.62
CA MET A 56 -2.68 8.13 7.36
C MET A 56 -2.80 6.98 6.35
N MET A 57 -1.71 6.23 6.20
CA MET A 57 -1.69 5.08 5.32
C MET A 57 -2.71 4.06 5.82
N THR A 58 -2.78 3.84 7.15
CA THR A 58 -3.76 2.94 7.75
C THR A 58 -5.16 3.29 7.24
N ASN A 59 -5.56 4.55 7.41
CA ASN A 59 -6.87 5.02 6.98
C ASN A 59 -7.04 4.86 5.48
N ALA A 60 -6.00 5.16 4.70
CA ALA A 60 -6.07 5.03 3.25
C ALA A 60 -6.43 3.59 2.88
N VAL A 61 -5.66 2.61 3.35
CA VAL A 61 -5.95 1.22 3.04
C VAL A 61 -7.26 0.76 3.69
N LYS A 62 -7.64 1.32 4.84
CA LYS A 62 -8.87 0.95 5.53
C LYS A 62 -10.08 1.10 4.61
N LYS A 63 -10.05 2.07 3.68
CA LYS A 63 -11.12 2.29 2.74
C LYS A 63 -11.21 1.16 1.70
N ALA A 64 -10.14 0.40 1.50
CA ALA A 64 -10.07 -0.66 0.50
C ALA A 64 -10.58 -1.99 1.07
N SER A 65 -11.48 -2.65 0.34
CA SER A 65 -11.99 -3.97 0.67
C SER A 65 -10.93 -5.01 0.31
N ASP A 66 -11.09 -6.29 0.68
CA ASP A 66 -10.10 -7.31 0.34
C ASP A 66 -9.81 -7.35 -1.17
N GLU A 67 -10.86 -7.23 -2.00
CA GLU A 67 -10.72 -7.17 -3.44
C GLU A 67 -9.67 -6.13 -3.82
N GLU A 68 -9.92 -4.91 -3.37
CA GLU A 68 -9.11 -3.76 -3.62
C GLU A 68 -7.72 -3.95 -3.05
N LEU A 69 -7.58 -4.36 -1.78
CA LEU A 69 -6.29 -4.60 -1.14
C LEU A 69 -5.45 -5.56 -1.98
N LYS A 70 -6.03 -6.70 -2.37
CA LYS A 70 -5.33 -7.67 -3.20
C LYS A 70 -4.93 -7.02 -4.51
N ALA A 71 -5.85 -6.30 -5.17
CA ALA A 71 -5.54 -5.62 -6.41
C ALA A 71 -4.45 -4.56 -6.24
N LEU A 72 -4.43 -3.84 -5.12
CA LEU A 72 -3.45 -2.81 -4.82
C LEU A 72 -2.08 -3.47 -4.78
N ALA A 73 -2.02 -4.55 -3.99
CA ALA A 73 -0.82 -5.36 -3.89
C ALA A 73 -0.38 -5.86 -5.27
N ASP A 74 -1.30 -6.47 -6.03
CA ASP A 74 -1.02 -7.00 -7.36
C ASP A 74 -0.43 -5.90 -8.25
N TYR A 75 -1.06 -4.73 -8.26
CA TYR A 75 -0.62 -3.58 -9.04
C TYR A 75 0.82 -3.22 -8.69
N MET A 76 1.07 -2.94 -7.41
CA MET A 76 2.43 -2.62 -6.96
C MET A 76 3.41 -3.78 -7.19
N SER A 77 2.91 -5.02 -7.28
CA SER A 77 3.73 -6.17 -7.61
C SER A 77 3.93 -6.32 -9.13
N LYS A 78 3.54 -5.32 -9.93
CA LYS A 78 3.65 -5.35 -11.38
C LYS A 78 4.06 -3.93 -11.80
N LEU A 79 5.02 -3.38 -11.06
CA LEU A 79 5.52 -2.04 -11.15
C LEU A 79 6.97 -2.14 -10.72
N ALA A 1 -11.43 -2.77 -8.29
CA ALA A 1 -10.75 -2.11 -9.43
C ALA A 1 -9.31 -2.60 -9.46
N ASP A 2 -8.58 -2.39 -10.55
CA ASP A 2 -7.22 -2.88 -10.75
C ASP A 2 -6.16 -2.15 -9.92
N GLY A 3 -6.45 -1.76 -8.67
CA GLY A 3 -5.48 -1.09 -7.82
C GLY A 3 -5.26 0.39 -8.20
N ALA A 4 -4.94 0.65 -9.46
CA ALA A 4 -4.64 1.96 -10.04
C ALA A 4 -5.53 3.08 -9.47
N ALA A 5 -6.84 2.85 -9.52
CA ALA A 5 -7.86 3.78 -9.05
C ALA A 5 -7.60 4.26 -7.61
N LEU A 6 -7.06 3.38 -6.76
CA LEU A 6 -6.70 3.68 -5.39
C LEU A 6 -5.29 4.27 -5.37
N TYR A 7 -4.36 3.55 -6.00
CA TYR A 7 -2.94 3.87 -6.07
C TYR A 7 -2.67 5.32 -6.41
N LYS A 8 -3.46 5.87 -7.35
CA LYS A 8 -3.39 7.26 -7.77
C LYS A 8 -3.37 8.26 -6.61
N SER A 9 -3.80 7.84 -5.42
CA SER A 9 -3.74 8.63 -4.20
C SER A 9 -2.37 8.41 -3.52
N CYS A 10 -2.00 7.13 -3.38
CA CYS A 10 -0.80 6.65 -2.69
C CYS A 10 0.46 7.22 -3.33
N ILE A 11 0.42 7.46 -4.65
CA ILE A 11 1.54 8.05 -5.37
C ILE A 11 2.07 9.31 -4.66
N GLY A 12 1.20 10.03 -3.92
CA GLY A 12 1.58 11.20 -3.14
C GLY A 12 2.88 10.98 -2.37
N CYS A 13 3.10 9.75 -1.88
CA CYS A 13 4.33 9.36 -1.20
C CYS A 13 5.09 8.33 -2.02
N HIS A 14 4.37 7.34 -2.56
CA HIS A 14 4.95 6.21 -3.25
C HIS A 14 5.51 6.48 -4.64
N GLY A 15 5.09 7.56 -5.27
CA GLY A 15 5.53 7.90 -6.61
C GLY A 15 4.91 6.96 -7.64
N ALA A 16 5.28 7.13 -8.91
CA ALA A 16 4.74 6.29 -9.97
C ALA A 16 5.28 4.87 -9.85
N ASP A 17 6.50 4.63 -10.32
CA ASP A 17 7.13 3.31 -10.37
C ASP A 17 7.76 2.96 -9.04
N GLY A 18 6.97 3.09 -7.97
CA GLY A 18 7.21 2.76 -6.56
C GLY A 18 8.55 3.15 -5.92
N SER A 19 9.48 3.79 -6.62
CA SER A 19 10.84 4.10 -6.18
C SER A 19 10.88 5.32 -5.26
N LYS A 20 10.02 5.35 -4.26
CA LYS A 20 9.93 6.45 -3.31
C LYS A 20 11.04 6.49 -2.26
N ALA A 21 11.06 7.61 -1.56
CA ALA A 21 11.88 7.93 -0.39
C ALA A 21 10.98 8.88 0.41
N ALA A 22 9.89 8.31 0.94
CA ALA A 22 8.83 9.03 1.64
C ALA A 22 9.25 9.41 3.06
N MET A 23 8.40 9.17 4.06
CA MET A 23 8.69 9.52 5.45
C MET A 23 9.80 8.61 6.03
N GLY A 24 11.04 8.86 5.62
CA GLY A 24 12.22 8.12 6.03
C GLY A 24 12.60 7.07 4.98
N SER A 25 13.69 6.34 5.23
CA SER A 25 14.22 5.31 4.35
C SER A 25 13.35 4.04 4.38
N ALA A 26 12.10 4.19 3.96
CA ALA A 26 11.12 3.12 3.91
C ALA A 26 11.39 2.23 2.70
N LYS A 27 11.05 0.93 2.80
CA LYS A 27 11.24 0.00 1.70
C LYS A 27 10.34 0.43 0.54
N PRO A 28 10.89 0.66 -0.66
CA PRO A 28 10.07 1.06 -1.80
C PRO A 28 9.17 -0.10 -2.20
N VAL A 29 7.86 0.12 -2.11
CA VAL A 29 6.79 -0.83 -2.47
C VAL A 29 7.11 -1.66 -3.71
N LYS A 30 7.69 -0.99 -4.71
CA LYS A 30 8.12 -1.49 -6.00
C LYS A 30 8.44 -2.98 -5.99
N GLY A 31 7.42 -3.80 -6.26
CA GLY A 31 7.56 -5.23 -6.32
C GLY A 31 8.06 -5.91 -5.04
N GLN A 32 7.56 -5.58 -3.82
CA GLN A 32 7.97 -6.35 -2.63
C GLN A 32 7.67 -7.84 -2.90
N GLY A 33 6.41 -8.05 -3.27
CA GLY A 33 5.80 -9.30 -3.67
C GLY A 33 4.28 -9.19 -3.47
N ALA A 34 3.46 -9.90 -4.24
CA ALA A 34 2.01 -9.77 -4.12
C ALA A 34 1.49 -10.25 -2.76
N GLU A 35 2.00 -11.39 -2.28
CA GLU A 35 1.62 -11.92 -0.98
C GLU A 35 2.00 -10.92 0.10
N GLU A 36 3.28 -10.52 0.07
CA GLU A 36 3.88 -9.55 0.95
C GLU A 36 2.98 -8.32 1.01
N LEU A 37 2.80 -7.68 -0.14
CA LEU A 37 1.97 -6.50 -0.27
C LEU A 37 0.58 -6.77 0.28
N TYR A 38 -0.16 -7.74 -0.25
CA TYR A 38 -1.51 -8.10 0.21
C TYR A 38 -1.60 -8.14 1.74
N LYS A 39 -0.69 -8.89 2.35
CA LYS A 39 -0.61 -9.02 3.80
C LYS A 39 -0.36 -7.65 4.44
N LYS A 40 0.59 -6.88 3.92
CA LYS A 40 0.91 -5.55 4.41
C LYS A 40 -0.29 -4.60 4.31
N MET A 41 -1.05 -4.58 3.19
CA MET A 41 -2.22 -3.72 3.09
C MET A 41 -3.17 -4.03 4.25
N LYS A 42 -3.48 -5.32 4.46
CA LYS A 42 -4.33 -5.73 5.56
C LYS A 42 -3.70 -5.31 6.90
N GLY A 43 -2.39 -5.53 7.03
CA GLY A 43 -1.61 -5.17 8.20
C GLY A 43 -1.80 -3.70 8.56
N TYR A 44 -1.68 -2.80 7.58
CA TYR A 44 -1.91 -1.37 7.81
C TYR A 44 -3.40 -1.11 8.03
N ALA A 45 -4.31 -1.72 7.25
CA ALA A 45 -5.74 -1.52 7.44
C ALA A 45 -6.14 -1.78 8.90
N ASP A 46 -5.61 -2.86 9.49
CA ASP A 46 -5.79 -3.18 10.90
C ASP A 46 -4.96 -2.21 11.74
N GLY A 47 -3.75 -1.92 11.27
CA GLY A 47 -2.76 -1.02 11.85
C GLY A 47 -1.88 -1.76 12.84
N SER A 48 -1.53 -3.00 12.51
CA SER A 48 -0.60 -3.83 13.28
C SER A 48 0.77 -3.63 12.64
N TYR A 49 0.88 -4.04 11.37
CA TYR A 49 2.08 -3.78 10.57
C TYR A 49 2.27 -2.25 10.60
N GLY A 50 3.46 -1.80 11.00
CA GLY A 50 3.76 -0.38 11.10
C GLY A 50 4.77 -0.11 12.20
N GLY A 51 4.52 -0.75 13.34
CA GLY A 51 5.23 -0.49 14.59
C GLY A 51 4.67 0.84 15.06
N GLU A 52 5.09 1.92 14.38
CA GLU A 52 4.41 3.19 14.47
C GLU A 52 3.20 2.93 13.57
N ARG A 53 1.99 2.91 14.13
CA ARG A 53 0.77 2.50 13.45
C ARG A 53 0.62 3.00 12.01
N LYS A 54 1.09 4.23 11.72
CA LYS A 54 0.96 4.78 10.38
C LYS A 54 -0.52 4.95 10.05
N ALA A 55 -1.20 5.54 11.04
CA ALA A 55 -2.63 5.86 11.11
C ALA A 55 -3.19 6.44 9.82
N MET A 56 -2.48 7.40 9.22
CA MET A 56 -2.92 8.01 7.98
C MET A 56 -3.04 6.94 6.90
N MET A 57 -2.00 6.13 6.77
CA MET A 57 -1.94 5.04 5.82
C MET A 57 -3.05 4.05 6.16
N THR A 58 -3.11 3.63 7.43
CA THR A 58 -4.15 2.75 7.94
C THR A 58 -5.53 3.19 7.47
N ASN A 59 -5.94 4.42 7.80
CA ASN A 59 -7.25 4.91 7.43
C ASN A 59 -7.41 4.92 5.92
N ALA A 60 -6.39 5.35 5.18
CA ALA A 60 -6.48 5.42 3.72
C ALA A 60 -6.72 4.02 3.14
N VAL A 61 -5.80 3.08 3.40
CA VAL A 61 -5.90 1.74 2.87
C VAL A 61 -7.17 1.04 3.35
N LYS A 62 -7.59 1.29 4.61
CA LYS A 62 -8.78 0.69 5.19
C LYS A 62 -10.04 0.96 4.35
N LYS A 63 -10.06 2.03 3.55
CA LYS A 63 -11.23 2.30 2.74
C LYS A 63 -11.42 1.26 1.62
N ALA A 64 -10.35 0.54 1.24
CA ALA A 64 -10.36 -0.45 0.19
C ALA A 64 -10.87 -1.79 0.73
N SER A 65 -11.70 -2.48 -0.05
CA SER A 65 -12.24 -3.80 0.28
C SER A 65 -11.21 -4.87 -0.10
N ASP A 66 -11.42 -6.12 0.29
CA ASP A 66 -10.46 -7.19 0.00
C ASP A 66 -10.03 -7.24 -1.48
N GLU A 67 -11.01 -7.18 -2.40
CA GLU A 67 -10.74 -7.20 -3.84
C GLU A 67 -9.77 -6.09 -4.21
N GLU A 68 -10.06 -4.88 -3.76
CA GLU A 68 -9.29 -3.71 -4.00
C GLU A 68 -7.89 -3.86 -3.40
N LEU A 69 -7.80 -4.26 -2.14
CA LEU A 69 -6.53 -4.47 -1.44
C LEU A 69 -5.65 -5.44 -2.24
N LYS A 70 -6.20 -6.61 -2.59
CA LYS A 70 -5.51 -7.61 -3.38
C LYS A 70 -5.04 -6.99 -4.69
N ALA A 71 -5.90 -6.23 -5.35
CA ALA A 71 -5.55 -5.58 -6.60
C ALA A 71 -4.49 -4.50 -6.41
N LEU A 72 -4.51 -3.76 -5.29
CA LEU A 72 -3.55 -2.70 -5.01
C LEU A 72 -2.18 -3.35 -4.88
N ALA A 73 -2.16 -4.44 -4.11
CA ALA A 73 -0.97 -5.27 -3.97
C ALA A 73 -0.51 -5.72 -5.36
N ASP A 74 -1.37 -6.42 -6.11
CA ASP A 74 -1.05 -6.91 -7.45
C ASP A 74 -0.46 -5.80 -8.33
N TYR A 75 -1.04 -4.59 -8.27
CA TYR A 75 -0.53 -3.45 -9.03
C TYR A 75 0.93 -3.19 -8.64
N MET A 76 1.18 -2.88 -7.36
CA MET A 76 2.49 -2.61 -6.83
C MET A 76 3.48 -3.78 -7.04
N SER A 77 2.99 -5.00 -7.20
CA SER A 77 3.81 -6.15 -7.47
C SER A 77 4.46 -6.09 -8.86
N LYS A 78 3.96 -5.26 -9.77
CA LYS A 78 4.45 -5.17 -11.14
C LYS A 78 4.58 -3.69 -11.45
N LEU A 79 5.45 -3.01 -10.71
CA LEU A 79 5.60 -1.59 -10.73
C LEU A 79 7.00 -1.33 -10.18
N ALA A 1 -11.77 1.10 -7.87
CA ALA A 1 -11.51 0.16 -8.97
C ALA A 1 -10.32 -0.72 -8.59
N ASP A 2 -10.08 -1.80 -9.33
CA ASP A 2 -9.04 -2.80 -9.07
C ASP A 2 -7.62 -2.24 -8.93
N GLY A 3 -7.21 -1.90 -7.70
CA GLY A 3 -5.84 -1.54 -7.37
C GLY A 3 -5.40 -0.15 -7.83
N ALA A 4 -5.37 0.02 -9.15
CA ALA A 4 -4.87 1.21 -9.82
C ALA A 4 -5.42 2.51 -9.24
N ALA A 5 -6.75 2.63 -9.25
CA ALA A 5 -7.45 3.82 -8.76
C ALA A 5 -7.03 4.19 -7.34
N LEU A 6 -6.86 3.20 -6.47
CA LEU A 6 -6.45 3.43 -5.11
C LEU A 6 -5.01 3.92 -5.12
N TYR A 7 -4.12 3.18 -5.79
CA TYR A 7 -2.70 3.46 -5.86
C TYR A 7 -2.41 4.92 -6.20
N LYS A 8 -3.16 5.50 -7.14
CA LYS A 8 -3.03 6.90 -7.51
C LYS A 8 -2.88 7.83 -6.30
N SER A 9 -3.58 7.53 -5.21
CA SER A 9 -3.51 8.30 -3.98
C SER A 9 -2.16 8.11 -3.28
N CYS A 10 -1.75 6.84 -3.20
CA CYS A 10 -0.57 6.36 -2.49
C CYS A 10 0.70 6.96 -3.07
N ILE A 11 0.65 7.27 -4.38
CA ILE A 11 1.73 7.96 -5.08
C ILE A 11 2.21 9.15 -4.24
N GLY A 12 1.29 9.84 -3.55
CA GLY A 12 1.58 10.98 -2.69
C GLY A 12 2.81 10.77 -1.79
N CYS A 13 3.02 9.54 -1.28
CA CYS A 13 4.15 9.23 -0.42
C CYS A 13 5.13 8.28 -1.11
N HIS A 14 4.62 7.34 -1.91
CA HIS A 14 5.41 6.28 -2.51
C HIS A 14 6.04 6.61 -3.86
N GLY A 15 5.41 7.51 -4.61
CA GLY A 15 5.86 7.87 -5.95
C GLY A 15 5.21 6.97 -6.99
N ALA A 16 5.23 7.41 -8.25
CA ALA A 16 4.64 6.68 -9.35
C ALA A 16 5.18 5.24 -9.36
N ASP A 17 6.50 5.11 -9.42
CA ASP A 17 7.19 3.83 -9.43
C ASP A 17 7.46 3.27 -8.03
N GLY A 18 6.55 3.53 -7.09
CA GLY A 18 6.57 3.12 -5.68
C GLY A 18 7.95 3.03 -5.03
N SER A 19 8.83 3.99 -5.34
CA SER A 19 10.23 3.99 -4.93
C SER A 19 10.55 4.85 -3.70
N LYS A 20 9.82 5.93 -3.44
CA LYS A 20 10.14 6.81 -2.35
C LYS A 20 9.88 6.09 -1.03
N ALA A 21 10.86 6.11 -0.13
CA ALA A 21 10.80 5.44 1.17
C ALA A 21 9.95 6.20 2.20
N ALA A 22 8.79 6.68 1.76
CA ALA A 22 7.75 7.43 2.47
C ALA A 22 8.21 8.22 3.71
N MET A 23 7.48 8.15 4.82
CA MET A 23 7.79 8.91 6.03
C MET A 23 9.04 8.42 6.76
N GLY A 24 10.21 8.64 6.15
CA GLY A 24 11.50 8.36 6.77
C GLY A 24 11.84 6.88 6.88
N SER A 25 12.18 6.25 5.76
CA SER A 25 12.67 4.88 5.70
C SER A 25 11.55 3.85 5.79
N ALA A 26 10.74 3.79 4.74
CA ALA A 26 9.74 2.77 4.50
C ALA A 26 10.29 1.84 3.44
N LYS A 27 10.11 0.52 3.56
CA LYS A 27 10.53 -0.39 2.49
C LYS A 27 9.82 0.06 1.20
N PRO A 28 10.53 0.36 0.11
CA PRO A 28 9.88 0.76 -1.12
C PRO A 28 8.85 -0.29 -1.52
N VAL A 29 7.74 0.17 -2.06
CA VAL A 29 6.63 -0.68 -2.46
C VAL A 29 6.98 -1.42 -3.74
N LYS A 30 7.61 -0.68 -4.67
CA LYS A 30 8.00 -1.10 -6.00
C LYS A 30 8.29 -2.61 -6.05
N GLY A 31 7.29 -3.40 -6.43
CA GLY A 31 7.41 -4.83 -6.56
C GLY A 31 8.02 -5.59 -5.38
N GLN A 32 7.62 -5.33 -4.11
CA GLN A 32 8.09 -6.20 -3.02
C GLN A 32 7.76 -7.64 -3.40
N GLY A 33 6.49 -7.78 -3.73
CA GLY A 33 5.83 -8.94 -4.33
C GLY A 33 4.39 -9.02 -3.88
N ALA A 34 3.47 -9.39 -4.76
CA ALA A 34 2.05 -9.50 -4.47
C ALA A 34 1.73 -10.15 -3.13
N GLU A 35 2.43 -11.24 -2.79
CA GLU A 35 2.26 -11.94 -1.54
C GLU A 35 2.60 -11.01 -0.37
N GLU A 36 3.80 -10.40 -0.43
CA GLU A 36 4.29 -9.46 0.55
C GLU A 36 3.28 -8.32 0.65
N LEU A 37 3.13 -7.59 -0.46
CA LEU A 37 2.26 -6.45 -0.60
C LEU A 37 0.87 -6.73 -0.05
N TYR A 38 0.25 -7.87 -0.38
CA TYR A 38 -1.07 -8.19 0.14
C TYR A 38 -1.05 -8.32 1.66
N LYS A 39 -0.13 -9.13 2.18
CA LYS A 39 -0.06 -9.36 3.61
C LYS A 39 0.20 -8.06 4.37
N LYS A 40 1.14 -7.27 3.87
CA LYS A 40 1.57 -6.02 4.46
C LYS A 40 0.48 -4.96 4.34
N MET A 41 -0.18 -4.86 3.17
CA MET A 41 -1.26 -3.89 2.97
C MET A 41 -2.45 -4.27 3.86
N LYS A 42 -2.73 -5.58 3.99
CA LYS A 42 -3.72 -6.05 4.93
C LYS A 42 -3.25 -5.66 6.34
N GLY A 43 -1.96 -5.85 6.63
CA GLY A 43 -1.29 -5.44 7.85
C GLY A 43 -1.56 -3.96 8.16
N TYR A 44 -1.54 -3.13 7.12
CA TYR A 44 -1.89 -1.72 7.21
C TYR A 44 -3.37 -1.54 7.49
N ALA A 45 -4.26 -2.27 6.80
CA ALA A 45 -5.69 -2.20 7.10
C ALA A 45 -5.93 -2.55 8.58
N ASP A 46 -5.18 -3.52 9.10
CA ASP A 46 -5.21 -3.94 10.49
C ASP A 46 -4.39 -3.01 11.39
N GLY A 47 -3.86 -1.90 10.86
CA GLY A 47 -3.05 -0.90 11.55
C GLY A 47 -1.91 -1.51 12.38
N SER A 48 -1.41 -2.67 11.98
CA SER A 48 -0.42 -3.42 12.75
C SER A 48 0.97 -3.37 12.11
N TYR A 49 1.06 -3.50 10.78
CA TYR A 49 2.34 -3.60 10.10
C TYR A 49 3.14 -2.29 10.06
N GLY A 50 3.76 -1.89 11.18
CA GLY A 50 4.59 -0.68 11.26
C GLY A 50 4.39 0.01 12.60
N GLY A 51 4.28 1.34 12.60
CA GLY A 51 4.08 2.15 13.78
C GLY A 51 3.41 3.46 13.37
N GLU A 52 3.00 4.25 14.37
CA GLU A 52 2.30 5.54 14.31
C GLU A 52 2.21 6.23 12.94
N ARG A 53 3.35 6.46 12.28
CA ARG A 53 3.44 7.10 10.98
C ARG A 53 2.43 6.54 9.96
N LYS A 54 2.05 5.26 10.12
CA LYS A 54 1.11 4.60 9.23
C LYS A 54 -0.32 5.13 9.30
N ALA A 55 -0.69 5.97 10.28
CA ALA A 55 -2.07 6.40 10.48
C ALA A 55 -2.84 6.80 9.21
N MET A 56 -2.29 7.74 8.43
CA MET A 56 -2.92 8.24 7.22
C MET A 56 -3.22 7.07 6.27
N MET A 57 -2.17 6.33 5.94
CA MET A 57 -2.20 5.16 5.09
C MET A 57 -3.22 4.16 5.61
N THR A 58 -3.23 3.89 6.93
CA THR A 58 -4.15 2.96 7.57
C THR A 58 -5.58 3.34 7.21
N ASN A 59 -5.95 4.60 7.48
CA ASN A 59 -7.30 5.06 7.15
C ASN A 59 -7.55 4.94 5.65
N ALA A 60 -6.56 5.27 4.81
CA ALA A 60 -6.72 5.21 3.37
C ALA A 60 -7.04 3.79 2.93
N VAL A 61 -6.16 2.82 3.22
CA VAL A 61 -6.39 1.43 2.83
C VAL A 61 -7.68 0.90 3.46
N LYS A 62 -8.05 1.36 4.67
CA LYS A 62 -9.27 0.91 5.33
C LYS A 62 -10.51 1.21 4.47
N LYS A 63 -10.44 2.17 3.54
CA LYS A 63 -11.58 2.45 2.68
C LYS A 63 -11.74 1.39 1.58
N ALA A 64 -10.70 0.58 1.32
CA ALA A 64 -10.66 -0.42 0.27
C ALA A 64 -11.29 -1.73 0.74
N SER A 65 -12.03 -2.39 -0.15
CA SER A 65 -12.65 -3.69 0.14
C SER A 65 -11.64 -4.79 -0.22
N ASP A 66 -11.85 -6.04 0.20
CA ASP A 66 -10.89 -7.12 -0.06
C ASP A 66 -10.46 -7.21 -1.52
N GLU A 67 -11.39 -7.04 -2.46
CA GLU A 67 -11.14 -7.05 -3.87
C GLU A 67 -10.07 -6.02 -4.21
N GLU A 68 -10.31 -4.79 -3.75
CA GLU A 68 -9.42 -3.66 -3.92
C GLU A 68 -8.09 -3.97 -3.23
N LEU A 69 -8.10 -4.47 -1.99
CA LEU A 69 -6.89 -4.81 -1.24
C LEU A 69 -5.99 -5.74 -2.08
N LYS A 70 -6.54 -6.89 -2.47
CA LYS A 70 -5.83 -7.87 -3.29
C LYS A 70 -5.33 -7.22 -4.57
N ALA A 71 -6.21 -6.47 -5.23
CA ALA A 71 -5.86 -5.78 -6.45
C ALA A 71 -4.78 -4.71 -6.23
N LEU A 72 -4.71 -4.10 -5.04
CA LEU A 72 -3.73 -3.07 -4.75
C LEU A 72 -2.39 -3.79 -4.72
N ALA A 73 -2.32 -4.90 -3.98
CA ALA A 73 -1.14 -5.73 -3.94
C ALA A 73 -0.71 -6.11 -5.36
N ASP A 74 -1.63 -6.65 -6.15
CA ASP A 74 -1.35 -6.99 -7.55
C ASP A 74 -0.76 -5.79 -8.29
N TYR A 75 -1.40 -4.62 -8.21
CA TYR A 75 -0.93 -3.42 -8.91
C TYR A 75 0.51 -3.09 -8.49
N MET A 76 0.72 -2.86 -7.19
CA MET A 76 2.00 -2.59 -6.60
C MET A 76 3.06 -3.65 -6.96
N SER A 77 2.62 -4.90 -7.13
CA SER A 77 3.49 -6.00 -7.53
C SER A 77 3.86 -5.97 -9.01
N LYS A 78 3.40 -4.99 -9.79
CA LYS A 78 3.67 -4.88 -11.21
C LYS A 78 4.07 -3.43 -11.46
N LEU A 79 4.85 -2.88 -10.52
CA LEU A 79 5.20 -1.51 -10.43
C LEU A 79 6.68 -1.44 -10.02
N ALA A 1 -14.29 -1.02 -7.30
CA ALA A 1 -13.23 -0.50 -8.20
C ALA A 1 -12.11 -1.54 -8.19
N ASP A 2 -10.86 -1.15 -8.46
CA ASP A 2 -9.72 -2.05 -8.38
C ASP A 2 -8.51 -1.22 -7.95
N GLY A 3 -7.57 -1.89 -7.28
CA GLY A 3 -6.31 -1.35 -6.78
C GLY A 3 -5.63 -0.28 -7.65
N ALA A 4 -5.68 -0.38 -8.98
CA ALA A 4 -5.07 0.62 -9.84
C ALA A 4 -5.62 2.02 -9.55
N ALA A 5 -6.94 2.12 -9.30
CA ALA A 5 -7.57 3.38 -8.98
C ALA A 5 -7.03 3.91 -7.65
N LEU A 6 -7.03 3.04 -6.63
CA LEU A 6 -6.58 3.35 -5.30
C LEU A 6 -5.15 3.88 -5.32
N TYR A 7 -4.28 3.23 -6.10
CA TYR A 7 -2.85 3.56 -6.14
C TYR A 7 -2.57 5.05 -6.38
N LYS A 8 -3.39 5.73 -7.19
CA LYS A 8 -3.18 7.14 -7.50
C LYS A 8 -2.91 7.96 -6.23
N SER A 9 -3.76 7.79 -5.21
CA SER A 9 -3.69 8.48 -3.94
C SER A 9 -2.37 8.31 -3.17
N CYS A 10 -1.57 7.30 -3.53
CA CYS A 10 -0.34 6.92 -2.86
C CYS A 10 0.87 7.62 -3.47
N ILE A 11 0.73 8.04 -4.73
CA ILE A 11 1.77 8.81 -5.42
C ILE A 11 1.99 10.05 -4.55
N GLY A 12 3.26 10.45 -4.40
CA GLY A 12 3.62 11.53 -3.51
C GLY A 12 4.34 10.93 -2.30
N CYS A 13 3.82 9.82 -1.73
CA CYS A 13 4.50 9.17 -0.63
C CYS A 13 5.37 8.04 -1.17
N HIS A 14 4.86 7.33 -2.19
CA HIS A 14 5.53 6.19 -2.80
C HIS A 14 6.06 6.46 -4.21
N GLY A 15 5.44 7.42 -4.91
CA GLY A 15 5.83 7.77 -6.27
C GLY A 15 5.12 6.90 -7.30
N ALA A 16 5.10 7.35 -8.56
CA ALA A 16 4.47 6.64 -9.67
C ALA A 16 5.18 5.34 -10.04
N ASP A 17 6.32 5.05 -9.39
CA ASP A 17 7.14 3.86 -9.58
C ASP A 17 7.35 3.16 -8.23
N GLY A 18 6.47 3.47 -7.26
CA GLY A 18 6.43 2.98 -5.89
C GLY A 18 7.78 2.93 -5.16
N SER A 19 8.78 3.68 -5.64
CA SER A 19 10.16 3.57 -5.21
C SER A 19 10.60 4.58 -4.16
N LYS A 20 9.94 5.74 -4.02
CA LYS A 20 10.43 6.66 -2.99
C LYS A 20 10.12 6.10 -1.60
N ALA A 21 11.12 6.10 -0.71
CA ALA A 21 10.97 5.61 0.64
C ALA A 21 10.10 6.59 1.42
N ALA A 22 8.84 6.22 1.64
CA ALA A 22 7.90 7.01 2.40
C ALA A 22 8.40 7.22 3.84
N MET A 23 7.65 8.02 4.61
CA MET A 23 7.94 8.44 5.97
C MET A 23 8.74 7.40 6.78
N GLY A 24 9.83 7.85 7.40
CA GLY A 24 10.69 7.00 8.22
C GLY A 24 11.26 5.82 7.45
N SER A 25 11.93 6.12 6.33
CA SER A 25 12.61 5.16 5.47
C SER A 25 11.79 3.89 5.23
N ALA A 26 10.57 4.07 4.76
CA ALA A 26 9.64 2.98 4.49
C ALA A 26 10.21 2.02 3.44
N LYS A 27 10.01 0.70 3.61
CA LYS A 27 10.36 -0.27 2.60
C LYS A 27 9.63 0.17 1.33
N PRO A 28 10.36 0.41 0.22
CA PRO A 28 9.73 0.90 -0.99
C PRO A 28 8.70 -0.11 -1.46
N VAL A 29 7.59 0.38 -1.98
CA VAL A 29 6.49 -0.45 -2.41
C VAL A 29 6.92 -1.28 -3.61
N LYS A 30 7.46 -0.58 -4.62
CA LYS A 30 7.92 -1.04 -5.92
C LYS A 30 8.24 -2.55 -5.90
N GLY A 31 7.22 -3.37 -6.14
CA GLY A 31 7.29 -4.81 -6.14
C GLY A 31 8.16 -5.42 -5.02
N GLN A 32 7.99 -5.01 -3.75
CA GLN A 32 8.76 -5.63 -2.66
C GLN A 32 8.46 -7.13 -2.59
N GLY A 33 7.24 -7.49 -2.98
CA GLY A 33 6.74 -8.85 -3.18
C GLY A 33 5.21 -8.80 -3.17
N ALA A 34 4.47 -9.43 -4.08
CA ALA A 34 3.01 -9.36 -4.02
C ALA A 34 2.50 -9.94 -2.72
N GLU A 35 3.15 -10.97 -2.19
CA GLU A 35 2.81 -11.55 -0.92
C GLU A 35 3.03 -10.51 0.18
N GLU A 36 4.25 -9.96 0.24
CA GLU A 36 4.64 -8.90 1.16
C GLU A 36 3.59 -7.80 1.16
N LEU A 37 3.40 -7.21 -0.03
CA LEU A 37 2.49 -6.14 -0.30
C LEU A 37 1.08 -6.51 0.13
N TYR A 38 0.57 -7.66 -0.30
CA TYR A 38 -0.77 -8.11 0.07
C TYR A 38 -0.92 -8.17 1.58
N LYS A 39 -0.03 -8.89 2.25
CA LYS A 39 -0.12 -9.07 3.69
C LYS A 39 -0.06 -7.73 4.43
N LYS A 40 0.93 -6.89 4.14
CA LYS A 40 1.05 -5.62 4.83
C LYS A 40 -0.12 -4.69 4.47
N MET A 41 -0.50 -4.59 3.20
CA MET A 41 -1.61 -3.73 2.80
C MET A 41 -2.92 -4.21 3.46
N LYS A 42 -3.11 -5.53 3.52
CA LYS A 42 -4.24 -6.14 4.20
C LYS A 42 -4.19 -5.70 5.65
N GLY A 43 -3.07 -5.95 6.32
CA GLY A 43 -2.85 -5.60 7.71
C GLY A 43 -3.20 -4.14 7.99
N TYR A 44 -2.71 -3.25 7.13
CA TYR A 44 -2.97 -1.83 7.21
C TYR A 44 -4.48 -1.57 7.11
N ALA A 45 -5.10 -1.93 5.98
CA ALA A 45 -6.53 -1.67 5.78
C ALA A 45 -7.38 -2.27 6.92
N ASP A 46 -7.00 -3.47 7.38
CA ASP A 46 -7.65 -4.18 8.47
C ASP A 46 -7.50 -3.43 9.80
N GLY A 47 -6.41 -2.67 9.96
CA GLY A 47 -6.15 -1.91 11.17
C GLY A 47 -5.38 -2.73 12.20
N SER A 48 -4.54 -3.67 11.75
CA SER A 48 -3.71 -4.49 12.61
C SER A 48 -2.25 -4.05 12.45
N TYR A 49 -1.67 -4.35 11.29
CA TYR A 49 -0.30 -3.95 11.00
C TYR A 49 -0.24 -2.42 10.99
N GLY A 50 0.61 -1.83 11.83
CA GLY A 50 0.75 -0.39 11.91
C GLY A 50 1.68 -0.02 13.05
N GLY A 51 1.84 1.28 13.27
CA GLY A 51 2.70 1.88 14.29
C GLY A 51 2.69 3.39 14.03
N GLU A 52 3.15 4.17 15.02
CA GLU A 52 3.25 5.64 15.01
C GLU A 52 2.91 6.33 13.67
N ARG A 53 3.89 6.56 12.80
CA ARG A 53 3.66 7.24 11.52
C ARG A 53 2.74 6.42 10.60
N LYS A 54 2.93 5.10 10.63
CA LYS A 54 2.19 4.17 9.80
C LYS A 54 0.70 4.23 10.11
N ALA A 55 0.31 4.81 11.25
CA ALA A 55 -1.09 5.04 11.58
C ALA A 55 -1.82 5.76 10.44
N MET A 56 -1.12 6.64 9.70
CA MET A 56 -1.71 7.29 8.54
C MET A 56 -1.98 6.23 7.46
N MET A 57 -0.88 5.61 7.00
CA MET A 57 -0.83 4.54 6.01
C MET A 57 -1.92 3.50 6.26
N THR A 58 -2.11 3.11 7.52
CA THR A 58 -3.12 2.17 7.96
C THR A 58 -4.46 2.44 7.27
N ASN A 59 -4.88 3.71 7.20
CA ASN A 59 -6.14 4.05 6.54
C ASN A 59 -5.93 4.91 5.31
N ALA A 60 -4.71 4.90 4.76
CA ALA A 60 -4.53 5.42 3.40
C ALA A 60 -5.36 4.50 2.50
N VAL A 61 -5.31 3.20 2.81
CA VAL A 61 -6.06 2.12 2.17
C VAL A 61 -7.41 1.86 2.86
N LYS A 62 -7.97 2.87 3.56
CA LYS A 62 -9.26 2.94 4.23
C LYS A 62 -10.20 1.81 3.90
N LYS A 63 -9.95 0.72 4.62
CA LYS A 63 -10.68 -0.52 4.62
C LYS A 63 -11.07 -0.98 3.19
N ALA A 64 -10.15 -0.87 2.23
CA ALA A 64 -10.31 -1.35 0.86
C ALA A 64 -10.83 -2.80 0.89
N SER A 65 -11.74 -3.13 -0.04
CA SER A 65 -12.40 -4.43 -0.08
C SER A 65 -11.49 -5.50 -0.69
N ASP A 66 -11.79 -6.78 -0.49
CA ASP A 66 -10.93 -7.88 -0.93
C ASP A 66 -10.35 -7.71 -2.34
N GLU A 67 -11.20 -7.38 -3.32
CA GLU A 67 -10.80 -7.17 -4.69
C GLU A 67 -9.74 -6.08 -4.76
N GLU A 68 -10.04 -4.96 -4.11
CA GLU A 68 -9.19 -3.80 -4.03
C GLU A 68 -7.86 -4.19 -3.39
N LEU A 69 -7.90 -4.91 -2.27
CA LEU A 69 -6.72 -5.31 -1.53
C LEU A 69 -5.79 -6.14 -2.43
N LYS A 70 -6.33 -7.25 -2.95
CA LYS A 70 -5.59 -8.15 -3.82
C LYS A 70 -5.01 -7.37 -5.00
N ALA A 71 -5.88 -6.58 -5.65
CA ALA A 71 -5.48 -5.79 -6.78
C ALA A 71 -4.44 -4.74 -6.43
N LEU A 72 -4.46 -4.15 -5.22
CA LEU A 72 -3.44 -3.19 -4.88
C LEU A 72 -2.10 -3.91 -4.89
N ALA A 73 -2.02 -5.07 -4.21
CA ALA A 73 -0.79 -5.86 -4.20
C ALA A 73 -0.35 -6.18 -5.64
N ASP A 74 -1.23 -6.79 -6.43
CA ASP A 74 -0.96 -7.12 -7.82
C ASP A 74 -0.41 -5.90 -8.57
N TYR A 75 -1.09 -4.76 -8.49
CA TYR A 75 -0.69 -3.52 -9.15
C TYR A 75 0.70 -3.10 -8.68
N MET A 76 0.91 -3.04 -7.36
CA MET A 76 2.18 -2.63 -6.75
C MET A 76 3.33 -3.59 -7.11
N SER A 77 2.99 -4.81 -7.55
CA SER A 77 3.93 -5.78 -8.05
C SER A 77 4.16 -5.65 -9.56
N LYS A 78 3.61 -4.60 -10.19
CA LYS A 78 3.76 -4.27 -11.60
C LYS A 78 3.91 -2.75 -11.64
N LEU A 79 4.79 -2.25 -10.78
CA LEU A 79 5.02 -0.87 -10.48
C LEU A 79 6.51 -0.80 -10.11
N ALA A 1 -11.31 2.06 -7.73
CA ALA A 1 -11.30 0.66 -7.27
C ALA A 1 -10.29 -0.18 -8.05
N ASP A 2 -10.20 -1.47 -7.72
CA ASP A 2 -9.40 -2.48 -8.39
C ASP A 2 -7.94 -2.09 -8.64
N GLY A 3 -7.18 -1.80 -7.58
CA GLY A 3 -5.74 -1.54 -7.65
C GLY A 3 -5.37 -0.20 -8.29
N ALA A 4 -5.62 -0.12 -9.58
CA ALA A 4 -5.24 0.99 -10.45
C ALA A 4 -5.89 2.29 -9.97
N ALA A 5 -7.21 2.34 -9.96
CA ALA A 5 -7.97 3.53 -9.57
C ALA A 5 -8.09 3.60 -8.05
N LEU A 6 -6.94 3.42 -7.37
CA LEU A 6 -6.71 3.52 -5.95
C LEU A 6 -5.29 4.03 -5.79
N TYR A 7 -4.33 3.27 -6.36
CA TYR A 7 -2.90 3.54 -6.32
C TYR A 7 -2.57 5.00 -6.61
N LYS A 8 -3.26 5.60 -7.57
CA LYS A 8 -3.11 7.00 -7.95
C LYS A 8 -3.02 7.93 -6.73
N SER A 9 -3.75 7.61 -5.66
CA SER A 9 -3.75 8.37 -4.43
C SER A 9 -2.44 8.14 -3.66
N CYS A 10 -2.05 6.87 -3.55
CA CYS A 10 -0.90 6.39 -2.81
C CYS A 10 0.37 7.02 -3.36
N ILE A 11 0.40 7.23 -4.69
CA ILE A 11 1.50 7.91 -5.37
C ILE A 11 1.89 9.19 -4.62
N GLY A 12 0.92 9.88 -4.00
CA GLY A 12 1.16 11.09 -3.23
C GLY A 12 2.35 10.94 -2.27
N CYS A 13 2.54 9.75 -1.68
CA CYS A 13 3.62 9.46 -0.75
C CYS A 13 4.64 8.50 -1.39
N HIS A 14 4.15 7.53 -2.16
CA HIS A 14 4.96 6.47 -2.73
C HIS A 14 5.72 6.83 -4.01
N GLY A 15 5.14 7.70 -4.84
CA GLY A 15 5.73 8.06 -6.11
C GLY A 15 5.31 7.06 -7.19
N ALA A 16 5.62 7.37 -8.45
CA ALA A 16 5.24 6.55 -9.60
C ALA A 16 5.55 5.08 -9.35
N ASP A 17 6.83 4.71 -9.37
CA ASP A 17 7.30 3.34 -9.16
C ASP A 17 7.48 3.01 -7.68
N GLY A 18 6.61 3.56 -6.86
CA GLY A 18 6.55 3.41 -5.42
C GLY A 18 7.91 3.50 -4.71
N SER A 19 8.80 4.38 -5.19
CA SER A 19 10.16 4.48 -4.69
C SER A 19 10.52 5.78 -3.96
N LYS A 20 9.66 6.80 -3.91
CA LYS A 20 10.07 8.03 -3.23
C LYS A 20 9.94 7.88 -1.72
N ALA A 21 10.68 8.70 -0.96
CA ALA A 21 10.63 8.67 0.49
C ALA A 21 9.26 9.15 0.96
N ALA A 22 8.55 8.32 1.73
CA ALA A 22 7.27 8.65 2.31
C ALA A 22 7.52 9.28 3.69
N MET A 23 6.85 8.80 4.74
CA MET A 23 7.06 9.30 6.10
C MET A 23 8.41 8.80 6.64
N GLY A 24 9.49 9.38 6.12
CA GLY A 24 10.86 9.04 6.50
C GLY A 24 11.34 7.82 5.70
N SER A 25 12.26 7.05 6.29
CA SER A 25 12.89 5.89 5.70
C SER A 25 11.93 4.71 5.55
N ALA A 26 10.91 4.89 4.71
CA ALA A 26 9.92 3.87 4.41
C ALA A 26 10.49 2.90 3.39
N LYS A 27 10.26 1.59 3.58
CA LYS A 27 10.67 0.61 2.58
C LYS A 27 9.99 1.00 1.26
N PRO A 28 10.73 1.21 0.16
CA PRO A 28 10.10 1.54 -1.09
C PRO A 28 9.24 0.35 -1.48
N VAL A 29 8.08 0.62 -2.07
CA VAL A 29 7.04 -0.36 -2.37
C VAL A 29 7.06 -0.72 -3.85
N LYS A 30 8.24 -0.72 -4.42
CA LYS A 30 8.49 -1.03 -5.81
C LYS A 30 8.45 -2.56 -5.99
N GLY A 31 7.32 -3.15 -5.60
CA GLY A 31 7.07 -4.58 -5.65
C GLY A 31 7.82 -5.36 -4.57
N GLN A 32 7.37 -5.28 -3.31
CA GLN A 32 7.95 -6.13 -2.25
C GLN A 32 7.77 -7.59 -2.69
N GLY A 33 6.50 -7.87 -3.00
CA GLY A 33 5.99 -9.11 -3.58
C GLY A 33 4.48 -9.14 -3.36
N ALA A 34 3.66 -9.50 -4.36
CA ALA A 34 2.20 -9.50 -4.24
C ALA A 34 1.69 -10.14 -2.96
N GLU A 35 2.22 -11.30 -2.58
CA GLU A 35 1.83 -12.01 -1.37
C GLU A 35 2.10 -11.13 -0.15
N GLU A 36 3.35 -10.67 -0.04
CA GLU A 36 3.86 -9.83 1.01
C GLU A 36 2.94 -8.62 1.14
N LEU A 37 2.83 -7.90 0.03
CA LEU A 37 2.05 -6.73 -0.15
C LEU A 37 0.63 -6.98 0.34
N TYR A 38 -0.13 -7.90 -0.27
CA TYR A 38 -1.50 -8.21 0.12
C TYR A 38 -1.65 -8.26 1.64
N LYS A 39 -0.84 -9.14 2.22
CA LYS A 39 -0.82 -9.32 3.66
C LYS A 39 -0.60 -8.00 4.38
N LYS A 40 0.41 -7.24 3.94
CA LYS A 40 0.74 -5.93 4.50
C LYS A 40 -0.42 -4.94 4.34
N MET A 41 -0.94 -4.67 3.14
CA MET A 41 -2.07 -3.76 2.97
C MET A 41 -3.26 -4.19 3.82
N LYS A 42 -3.57 -5.50 3.88
CA LYS A 42 -4.66 -5.98 4.71
C LYS A 42 -4.34 -5.64 6.17
N GLY A 43 -3.15 -6.04 6.62
CA GLY A 43 -2.62 -5.81 7.95
C GLY A 43 -2.72 -4.34 8.35
N TYR A 44 -2.38 -3.43 7.43
CA TYR A 44 -2.45 -2.02 7.64
C TYR A 44 -3.91 -1.61 7.82
N ALA A 45 -4.75 -1.86 6.81
CA ALA A 45 -6.15 -1.47 6.84
C ALA A 45 -6.86 -1.96 8.10
N ASP A 46 -6.66 -3.24 8.48
CA ASP A 46 -7.27 -3.81 9.67
C ASP A 46 -6.58 -3.39 10.98
N GLY A 47 -5.61 -2.47 10.92
CA GLY A 47 -4.93 -1.92 12.09
C GLY A 47 -4.13 -2.94 12.89
N SER A 48 -3.58 -3.96 12.24
CA SER A 48 -2.75 -4.96 12.90
C SER A 48 -1.27 -4.70 12.58
N TYR A 49 -0.94 -4.61 11.29
CA TYR A 49 0.43 -4.38 10.84
C TYR A 49 0.75 -2.89 10.93
N GLY A 50 0.84 -2.37 12.16
CA GLY A 50 1.18 -0.97 12.37
C GLY A 50 1.28 -0.64 13.85
N GLY A 51 1.45 0.65 14.18
CA GLY A 51 1.57 1.10 15.56
C GLY A 51 2.27 2.47 15.61
N GLU A 52 3.43 2.56 14.95
CA GLU A 52 4.24 3.77 14.87
C GLU A 52 3.70 4.62 13.71
N ARG A 53 4.57 5.15 12.84
CA ARG A 53 4.16 5.92 11.65
C ARG A 53 3.10 5.15 10.85
N LYS A 54 3.19 3.82 10.88
CA LYS A 54 2.30 2.88 10.25
C LYS A 54 0.82 3.12 10.61
N ALA A 55 0.57 3.71 11.79
CA ALA A 55 -0.76 4.10 12.19
C ALA A 55 -1.40 5.02 11.14
N MET A 56 -0.61 5.87 10.49
CA MET A 56 -1.10 6.72 9.41
C MET A 56 -1.51 5.84 8.23
N MET A 57 -0.63 4.93 7.83
CA MET A 57 -0.81 3.97 6.75
C MET A 57 -2.14 3.23 6.93
N THR A 58 -2.42 2.77 8.14
CA THR A 58 -3.68 2.12 8.48
C THR A 58 -4.88 2.93 7.97
N ASN A 59 -4.79 4.27 7.98
CA ASN A 59 -5.86 5.10 7.44
C ASN A 59 -5.45 5.90 6.21
N ALA A 60 -4.41 5.41 5.52
CA ALA A 60 -4.06 5.78 4.17
C ALA A 60 -4.84 4.80 3.30
N VAL A 61 -4.65 3.49 3.52
CA VAL A 61 -5.40 2.40 2.87
C VAL A 61 -6.69 2.14 3.66
N LYS A 62 -7.29 3.25 4.10
CA LYS A 62 -8.41 3.41 5.01
C LYS A 62 -9.27 2.19 5.26
N LYS A 63 -10.02 1.77 4.25
CA LYS A 63 -10.90 0.63 4.39
C LYS A 63 -10.85 -0.21 3.13
N ALA A 64 -9.67 -0.29 2.49
CA ALA A 64 -9.52 -1.09 1.28
C ALA A 64 -10.05 -2.51 1.50
N SER A 65 -10.96 -2.95 0.64
CA SER A 65 -11.59 -4.26 0.72
C SER A 65 -10.79 -5.26 -0.12
N ASP A 66 -11.05 -6.56 0.03
CA ASP A 66 -10.33 -7.64 -0.64
C ASP A 66 -9.94 -7.33 -2.08
N GLU A 67 -10.90 -6.95 -2.92
CA GLU A 67 -10.63 -6.61 -4.32
C GLU A 67 -9.52 -5.56 -4.39
N GLU A 68 -9.74 -4.46 -3.68
CA GLU A 68 -8.84 -3.32 -3.62
C GLU A 68 -7.47 -3.77 -3.13
N LEU A 69 -7.41 -4.49 -2.01
CA LEU A 69 -6.20 -4.95 -1.37
C LEU A 69 -5.39 -5.82 -2.33
N LYS A 70 -6.01 -6.89 -2.84
CA LYS A 70 -5.38 -7.83 -3.73
C LYS A 70 -4.91 -7.11 -4.99
N ALA A 71 -5.77 -6.26 -5.56
CA ALA A 71 -5.43 -5.54 -6.77
C ALA A 71 -4.34 -4.49 -6.53
N LEU A 72 -4.29 -3.84 -5.36
CA LEU A 72 -3.26 -2.88 -5.04
C LEU A 72 -1.94 -3.64 -4.96
N ALA A 73 -1.93 -4.73 -4.17
CA ALA A 73 -0.77 -5.60 -4.07
C ALA A 73 -0.32 -6.03 -5.46
N ASP A 74 -1.24 -6.54 -6.28
CA ASP A 74 -0.94 -6.96 -7.64
C ASP A 74 -0.31 -5.82 -8.43
N TYR A 75 -0.95 -4.64 -8.43
CA TYR A 75 -0.46 -3.48 -9.15
C TYR A 75 1.00 -3.18 -8.76
N MET A 76 1.24 -2.90 -7.49
CA MET A 76 2.56 -2.60 -6.97
C MET A 76 3.55 -3.74 -7.20
N SER A 77 3.09 -4.99 -7.19
CA SER A 77 3.94 -6.14 -7.51
C SER A 77 4.24 -6.25 -9.01
N LYS A 78 3.79 -5.30 -9.84
CA LYS A 78 4.00 -5.28 -11.27
C LYS A 78 4.27 -3.82 -11.65
N LEU A 79 5.19 -3.20 -10.92
CA LEU A 79 5.50 -1.79 -10.97
C LEU A 79 6.96 -1.68 -10.54
N ALA A 1 -14.13 -2.54 -6.88
CA ALA A 1 -13.25 -1.80 -7.81
C ALA A 1 -11.87 -2.45 -7.77
N ASP A 2 -10.78 -1.74 -8.07
CA ASP A 2 -9.45 -2.33 -8.06
C ASP A 2 -8.38 -1.30 -7.67
N GLY A 3 -7.31 -1.80 -7.05
CA GLY A 3 -6.08 -1.13 -6.66
C GLY A 3 -5.76 0.17 -7.39
N ALA A 4 -5.71 0.13 -8.72
CA ALA A 4 -5.37 1.29 -9.54
C ALA A 4 -6.14 2.54 -9.12
N ALA A 5 -7.45 2.38 -8.84
CA ALA A 5 -8.32 3.48 -8.44
C ALA A 5 -7.80 4.17 -7.18
N LEU A 6 -7.38 3.40 -6.17
CA LEU A 6 -6.89 3.89 -4.92
C LEU A 6 -5.54 4.58 -5.14
N TYR A 7 -4.67 3.88 -5.88
CA TYR A 7 -3.29 4.31 -6.12
C TYR A 7 -3.18 5.77 -6.53
N LYS A 8 -4.14 6.25 -7.33
CA LYS A 8 -4.21 7.64 -7.76
C LYS A 8 -4.01 8.64 -6.62
N SER A 9 -4.37 8.27 -5.38
CA SER A 9 -4.15 9.11 -4.21
C SER A 9 -2.76 8.82 -3.62
N CYS A 10 -2.43 7.54 -3.48
CA CYS A 10 -1.21 7.00 -2.87
C CYS A 10 0.03 7.57 -3.54
N ILE A 11 -0.07 7.80 -4.86
CA ILE A 11 1.06 8.37 -5.59
C ILE A 11 1.53 9.68 -4.98
N GLY A 12 0.68 10.39 -4.21
CA GLY A 12 1.07 11.60 -3.50
C GLY A 12 2.38 11.41 -2.72
N CYS A 13 2.62 10.19 -2.18
CA CYS A 13 3.84 9.85 -1.47
C CYS A 13 4.66 8.85 -2.26
N HIS A 14 4.01 7.84 -2.85
CA HIS A 14 4.66 6.75 -3.55
C HIS A 14 5.22 7.11 -4.93
N GLY A 15 4.69 8.17 -5.53
CA GLY A 15 5.15 8.71 -6.79
C GLY A 15 4.66 7.91 -7.98
N ALA A 16 5.20 6.70 -8.17
CA ALA A 16 4.84 5.84 -9.29
C ALA A 16 5.27 4.41 -9.02
N ASP A 17 6.56 4.12 -9.18
CA ASP A 17 7.11 2.78 -8.96
C ASP A 17 6.89 2.30 -7.53
N GLY A 18 7.06 3.21 -6.56
CA GLY A 18 6.93 2.94 -5.15
C GLY A 18 8.29 2.99 -4.45
N SER A 19 9.32 3.51 -5.11
CA SER A 19 10.65 3.65 -4.53
C SER A 19 10.62 4.70 -3.41
N LYS A 20 9.90 5.80 -3.67
CA LYS A 20 9.65 6.91 -2.77
C LYS A 20 10.85 7.34 -1.91
N ALA A 21 10.56 7.68 -0.65
CA ALA A 21 11.35 8.23 0.45
C ALA A 21 10.37 9.18 1.13
N ALA A 22 9.28 8.59 1.65
CA ALA A 22 8.14 9.30 2.20
C ALA A 22 8.36 9.66 3.67
N MET A 23 7.42 9.31 4.55
CA MET A 23 7.50 9.60 5.97
C MET A 23 8.58 8.74 6.63
N GLY A 24 9.85 9.10 6.41
CA GLY A 24 11.02 8.40 6.92
C GLY A 24 11.54 7.40 5.89
N SER A 25 12.60 6.67 6.25
CA SER A 25 13.22 5.66 5.40
C SER A 25 12.33 4.41 5.40
N ALA A 26 11.13 4.55 4.84
CA ALA A 26 10.14 3.48 4.76
C ALA A 26 10.55 2.45 3.71
N LYS A 27 10.15 1.18 3.92
CA LYS A 27 10.40 0.09 3.02
C LYS A 27 9.81 0.40 1.64
N PRO A 28 10.62 0.47 0.57
CA PRO A 28 10.13 0.73 -0.76
C PRO A 28 9.02 -0.24 -1.17
N VAL A 29 7.95 0.29 -1.76
CA VAL A 29 6.80 -0.51 -2.20
C VAL A 29 7.12 -1.30 -3.46
N LYS A 30 7.87 -0.67 -4.38
CA LYS A 30 8.24 -1.21 -5.70
C LYS A 30 8.39 -2.73 -5.67
N GLY A 31 7.32 -3.43 -6.04
CA GLY A 31 7.21 -4.87 -6.08
C GLY A 31 7.88 -5.62 -4.92
N GLN A 32 7.53 -5.31 -3.66
CA GLN A 32 8.07 -6.05 -2.50
C GLN A 32 7.94 -7.56 -2.75
N GLY A 33 6.69 -7.93 -2.95
CA GLY A 33 6.21 -9.26 -3.32
C GLY A 33 4.68 -9.21 -3.23
N ALA A 34 3.91 -9.69 -4.22
CA ALA A 34 2.45 -9.58 -4.18
C ALA A 34 1.86 -10.17 -2.90
N GLU A 35 2.37 -11.31 -2.46
CA GLU A 35 1.90 -11.97 -1.23
C GLU A 35 2.16 -11.05 -0.03
N GLU A 36 3.42 -10.61 0.08
CA GLU A 36 3.90 -9.69 1.10
C GLU A 36 2.96 -8.48 1.14
N LEU A 37 2.90 -7.78 0.02
CA LEU A 37 2.10 -6.62 -0.20
C LEU A 37 0.67 -6.90 0.25
N TYR A 38 -0.04 -7.83 -0.38
CA TYR A 38 -1.40 -8.20 -0.01
C TYR A 38 -1.59 -8.24 1.50
N LYS A 39 -0.76 -9.03 2.19
CA LYS A 39 -0.82 -9.12 3.64
C LYS A 39 -0.60 -7.76 4.31
N LYS A 40 0.37 -6.98 3.86
CA LYS A 40 0.66 -5.65 4.40
C LYS A 40 -0.51 -4.68 4.16
N MET A 41 -0.95 -4.46 2.91
CA MET A 41 -2.09 -3.58 2.66
C MET A 41 -3.32 -4.07 3.42
N LYS A 42 -3.54 -5.39 3.49
CA LYS A 42 -4.64 -5.95 4.27
C LYS A 42 -4.49 -5.55 5.73
N GLY A 43 -3.32 -5.86 6.30
CA GLY A 43 -2.95 -5.57 7.67
C GLY A 43 -3.26 -4.11 8.02
N TYR A 44 -2.79 -3.22 7.15
CA TYR A 44 -3.04 -1.79 7.28
C TYR A 44 -4.55 -1.53 7.26
N ALA A 45 -5.20 -1.81 6.14
CA ALA A 45 -6.62 -1.55 5.94
C ALA A 45 -7.50 -2.05 7.09
N ASP A 46 -7.27 -3.28 7.56
CA ASP A 46 -8.08 -3.86 8.62
C ASP A 46 -7.75 -3.30 10.01
N GLY A 47 -6.67 -2.52 10.14
CA GLY A 47 -6.29 -1.90 11.40
C GLY A 47 -5.49 -2.82 12.31
N SER A 48 -4.51 -3.55 11.76
CA SER A 48 -3.62 -4.40 12.54
C SER A 48 -2.17 -3.94 12.35
N TYR A 49 -1.58 -4.29 11.21
CA TYR A 49 -0.22 -3.90 10.86
C TYR A 49 -0.15 -2.38 10.83
N GLY A 50 0.76 -1.77 11.62
CA GLY A 50 0.90 -0.33 11.68
C GLY A 50 1.91 0.06 12.77
N GLY A 51 1.97 1.36 13.12
CA GLY A 51 2.92 1.92 14.07
C GLY A 51 3.50 3.26 13.55
N GLU A 52 3.12 4.38 14.16
CA GLU A 52 3.53 5.74 13.83
C GLU A 52 3.39 6.03 12.33
N ARG A 53 4.50 6.05 11.58
CA ARG A 53 4.49 6.26 10.15
C ARG A 53 3.62 5.20 9.47
N LYS A 54 3.71 3.96 9.98
CA LYS A 54 2.93 2.82 9.54
C LYS A 54 1.49 2.99 10.04
N ALA A 55 1.31 3.64 11.19
CA ALA A 55 0.00 3.92 11.76
C ALA A 55 -0.78 4.87 10.85
N MET A 56 -0.13 5.88 10.29
CA MET A 56 -0.79 6.75 9.33
C MET A 56 -1.25 5.88 8.14
N MET A 57 -0.29 5.14 7.59
CA MET A 57 -0.44 4.23 6.47
C MET A 57 -1.66 3.33 6.66
N THR A 58 -1.83 2.82 7.88
CA THR A 58 -2.96 1.98 8.29
C THR A 58 -4.27 2.45 7.67
N ASN A 59 -4.54 3.76 7.69
CA ASN A 59 -5.76 4.29 7.10
C ASN A 59 -5.49 5.20 5.92
N ALA A 60 -4.26 5.18 5.39
CA ALA A 60 -4.00 5.74 4.07
C ALA A 60 -4.75 4.84 3.07
N VAL A 61 -4.71 3.53 3.33
CA VAL A 61 -5.43 2.49 2.59
C VAL A 61 -6.79 2.19 3.22
N LYS A 62 -7.39 3.20 3.89
CA LYS A 62 -8.71 3.28 4.51
C LYS A 62 -9.65 2.16 4.11
N LYS A 63 -9.48 1.06 4.82
CA LYS A 63 -10.29 -0.13 4.77
C LYS A 63 -10.53 -0.63 3.33
N ALA A 64 -9.53 -0.54 2.45
CA ALA A 64 -9.61 -1.07 1.10
C ALA A 64 -10.15 -2.51 1.13
N SER A 65 -11.12 -2.81 0.27
CA SER A 65 -11.81 -4.10 0.23
C SER A 65 -10.94 -5.18 -0.39
N ASP A 66 -11.35 -6.46 -0.33
CA ASP A 66 -10.56 -7.56 -0.86
C ASP A 66 -10.12 -7.34 -2.31
N GLU A 67 -11.05 -6.98 -3.21
CA GLU A 67 -10.78 -6.70 -4.60
C GLU A 67 -9.66 -5.67 -4.69
N GLU A 68 -9.86 -4.58 -3.96
CA GLU A 68 -8.95 -3.45 -3.87
C GLU A 68 -7.58 -3.98 -3.48
N LEU A 69 -7.47 -4.61 -2.31
CA LEU A 69 -6.23 -5.11 -1.74
C LEU A 69 -5.46 -6.00 -2.70
N LYS A 70 -6.13 -7.02 -3.23
CA LYS A 70 -5.50 -7.98 -4.12
C LYS A 70 -4.94 -7.26 -5.34
N ALA A 71 -5.77 -6.45 -5.98
CA ALA A 71 -5.34 -5.73 -7.16
C ALA A 71 -4.29 -4.67 -6.82
N LEU A 72 -4.33 -4.06 -5.64
CA LEU A 72 -3.35 -3.06 -5.23
C LEU A 72 -2.01 -3.77 -5.14
N ALA A 73 -1.95 -4.89 -4.41
CA ALA A 73 -0.73 -5.68 -4.30
C ALA A 73 -0.23 -6.07 -5.69
N ASP A 74 -1.13 -6.60 -6.54
CA ASP A 74 -0.78 -6.96 -7.90
C ASP A 74 -0.15 -5.77 -8.64
N TYR A 75 -0.78 -4.60 -8.54
CA TYR A 75 -0.30 -3.38 -9.18
C TYR A 75 1.11 -3.05 -8.69
N MET A 76 1.33 -3.03 -7.37
CA MET A 76 2.66 -2.75 -6.81
C MET A 76 3.69 -3.76 -7.32
N SER A 77 3.28 -5.00 -7.54
CA SER A 77 4.10 -6.05 -8.08
C SER A 77 4.26 -5.97 -9.60
N LYS A 78 3.84 -4.87 -10.24
CA LYS A 78 3.96 -4.62 -11.66
C LYS A 78 4.26 -3.12 -11.81
N LEU A 79 5.21 -2.64 -10.99
CA LEU A 79 5.60 -1.27 -10.87
C LEU A 79 7.06 -1.28 -10.42
N ALA A 1 -12.86 1.55 -6.53
CA ALA A 1 -12.64 0.81 -7.79
C ALA A 1 -11.32 0.05 -7.67
N ASP A 2 -11.07 -0.94 -8.53
CA ASP A 2 -9.89 -1.80 -8.47
C ASP A 2 -8.59 -1.06 -8.15
N GLY A 3 -7.76 -1.70 -7.31
CA GLY A 3 -6.44 -1.33 -6.85
C GLY A 3 -5.81 -0.10 -7.49
N ALA A 4 -5.57 -0.20 -8.80
CA ALA A 4 -4.97 0.86 -9.62
C ALA A 4 -5.56 2.23 -9.27
N ALA A 5 -6.89 2.32 -9.22
CA ALA A 5 -7.61 3.54 -8.91
C ALA A 5 -7.20 4.10 -7.54
N LEU A 6 -7.09 3.23 -6.53
CA LEU A 6 -6.71 3.65 -5.19
C LEU A 6 -5.27 4.17 -5.21
N TYR A 7 -4.37 3.39 -5.83
CA TYR A 7 -2.95 3.68 -5.88
C TYR A 7 -2.62 5.12 -6.25
N LYS A 8 -3.37 5.72 -7.18
CA LYS A 8 -3.21 7.08 -7.60
C LYS A 8 -3.10 8.04 -6.41
N SER A 9 -3.85 7.78 -5.34
CA SER A 9 -3.83 8.59 -4.13
C SER A 9 -2.46 8.47 -3.44
N CYS A 10 -1.98 7.23 -3.34
CA CYS A 10 -0.79 6.83 -2.63
C CYS A 10 0.45 7.38 -3.34
N ILE A 11 0.39 7.44 -4.68
CA ILE A 11 1.45 8.05 -5.50
C ILE A 11 1.83 9.40 -4.92
N GLY A 12 0.84 10.16 -4.42
CA GLY A 12 1.04 11.46 -3.81
C GLY A 12 2.19 11.49 -2.80
N CYS A 13 2.45 10.37 -2.09
CA CYS A 13 3.51 10.33 -1.08
C CYS A 13 4.63 9.38 -1.53
N HIS A 14 4.24 8.22 -2.07
CA HIS A 14 5.14 7.15 -2.48
C HIS A 14 5.86 7.39 -3.80
N GLY A 15 5.33 8.25 -4.66
CA GLY A 15 5.84 8.48 -5.99
C GLY A 15 5.24 7.45 -6.95
N ALA A 16 5.48 7.62 -8.25
CA ALA A 16 4.94 6.73 -9.27
C ALA A 16 5.28 5.28 -8.98
N ASP A 17 6.55 4.90 -9.15
CA ASP A 17 7.03 3.54 -8.94
C ASP A 17 7.41 3.34 -7.48
N GLY A 18 6.39 3.53 -6.65
CA GLY A 18 6.32 3.42 -5.20
C GLY A 18 7.64 3.15 -4.49
N SER A 19 8.52 4.14 -4.47
CA SER A 19 9.85 4.02 -3.89
C SER A 19 10.31 5.23 -3.08
N LYS A 20 9.51 6.31 -2.98
CA LYS A 20 9.94 7.48 -2.23
C LYS A 20 10.04 7.15 -0.74
N ALA A 21 11.22 7.32 -0.14
CA ALA A 21 11.45 7.16 1.29
C ALA A 21 10.89 8.39 2.01
N ALA A 22 9.57 8.53 1.95
CA ALA A 22 8.80 9.65 2.48
C ALA A 22 8.88 9.73 3.99
N MET A 23 7.94 9.06 4.65
CA MET A 23 7.83 8.99 6.10
C MET A 23 8.93 8.04 6.60
N GLY A 24 10.17 8.51 6.54
CA GLY A 24 11.35 7.75 6.94
C GLY A 24 11.72 6.73 5.86
N SER A 25 12.68 5.87 6.17
CA SER A 25 13.21 4.84 5.29
C SER A 25 12.20 3.70 5.06
N ALA A 26 11.06 4.02 4.45
CA ALA A 26 10.03 3.05 4.14
C ALA A 26 10.55 2.05 3.12
N LYS A 27 10.31 0.74 3.34
CA LYS A 27 10.67 -0.27 2.36
C LYS A 27 10.00 0.11 1.05
N PRO A 28 10.74 0.22 -0.07
CA PRO A 28 10.12 0.52 -1.34
C PRO A 28 9.01 -0.49 -1.60
N VAL A 29 7.87 0.01 -2.06
CA VAL A 29 6.68 -0.78 -2.33
C VAL A 29 6.91 -1.49 -3.66
N LYS A 30 7.47 -0.74 -4.61
CA LYS A 30 7.87 -1.13 -5.95
C LYS A 30 8.24 -2.62 -6.02
N GLY A 31 7.27 -3.45 -6.36
CA GLY A 31 7.49 -4.88 -6.55
C GLY A 31 8.07 -5.65 -5.37
N GLN A 32 7.65 -5.41 -4.12
CA GLN A 32 8.12 -6.29 -3.02
C GLN A 32 7.79 -7.74 -3.39
N GLY A 33 6.51 -7.90 -3.71
CA GLY A 33 5.87 -9.11 -4.21
C GLY A 33 4.39 -9.09 -3.89
N ALA A 34 3.50 -9.46 -4.82
CA ALA A 34 2.04 -9.45 -4.61
C ALA A 34 1.64 -10.05 -3.26
N GLU A 35 2.24 -11.16 -2.84
CA GLU A 35 1.96 -11.81 -1.60
C GLU A 35 2.33 -10.89 -0.42
N GLU A 36 3.57 -10.38 -0.45
CA GLU A 36 4.11 -9.46 0.54
C GLU A 36 3.18 -8.27 0.66
N LEU A 37 2.99 -7.60 -0.47
CA LEU A 37 2.17 -6.40 -0.61
C LEU A 37 0.76 -6.66 -0.12
N TYR A 38 0.14 -7.76 -0.54
CA TYR A 38 -1.22 -8.09 -0.11
C TYR A 38 -1.28 -8.24 1.40
N LYS A 39 -0.40 -9.04 1.97
CA LYS A 39 -0.40 -9.29 3.40
C LYS A 39 -0.18 -8.01 4.19
N LYS A 40 0.86 -7.27 3.85
CA LYS A 40 1.22 -6.03 4.52
C LYS A 40 0.14 -4.97 4.32
N MET A 41 -0.43 -4.85 3.11
CA MET A 41 -1.48 -3.87 2.86
C MET A 41 -2.73 -4.25 3.65
N LYS A 42 -3.10 -5.55 3.66
CA LYS A 42 -4.15 -6.06 4.55
C LYS A 42 -3.79 -5.74 5.99
N GLY A 43 -2.51 -5.88 6.32
CA GLY A 43 -1.89 -5.54 7.58
C GLY A 43 -2.35 -4.15 8.00
N TYR A 44 -1.99 -3.18 7.18
CA TYR A 44 -2.35 -1.78 7.37
C TYR A 44 -3.88 -1.61 7.40
N ALA A 45 -4.61 -2.32 6.53
CA ALA A 45 -6.06 -2.28 6.48
C ALA A 45 -6.67 -2.66 7.83
N ASP A 46 -6.10 -3.70 8.47
CA ASP A 46 -6.55 -4.15 9.77
C ASP A 46 -6.10 -3.14 10.83
N GLY A 47 -4.84 -2.73 10.75
CA GLY A 47 -4.21 -1.78 11.66
C GLY A 47 -3.20 -2.45 12.59
N SER A 48 -3.09 -3.78 12.54
CA SER A 48 -2.13 -4.52 13.35
C SER A 48 -0.72 -4.26 12.84
N TYR A 49 -0.51 -4.54 11.56
CA TYR A 49 0.78 -4.35 10.91
C TYR A 49 1.16 -2.86 10.96
N GLY A 50 2.15 -2.49 11.77
CA GLY A 50 2.60 -1.11 11.86
C GLY A 50 1.63 -0.23 12.64
N GLY A 51 0.55 0.12 11.95
CA GLY A 51 -0.59 0.87 12.45
C GLY A 51 -0.30 2.33 12.82
N GLU A 52 0.54 2.54 13.84
CA GLU A 52 0.86 3.81 14.49
C GLU A 52 1.26 4.92 13.51
N ARG A 53 2.56 5.11 13.23
CA ARG A 53 3.04 6.17 12.34
C ARG A 53 2.43 6.06 10.94
N LYS A 54 2.02 4.84 10.59
CA LYS A 54 1.37 4.45 9.37
C LYS A 54 0.00 5.14 9.25
N ALA A 55 -0.61 5.53 10.37
CA ALA A 55 -1.92 6.17 10.53
C ALA A 55 -2.59 6.66 9.23
N MET A 56 -2.00 7.65 8.56
CA MET A 56 -2.53 8.20 7.32
C MET A 56 -2.89 7.08 6.32
N MET A 57 -1.91 6.21 6.08
CA MET A 57 -2.01 5.05 5.23
C MET A 57 -3.02 4.10 5.85
N THR A 58 -2.84 3.76 7.15
CA THR A 58 -3.72 2.84 7.87
C THR A 58 -5.19 3.17 7.59
N ASN A 59 -5.59 4.41 7.88
CA ASN A 59 -6.96 4.87 7.68
C ASN A 59 -7.33 4.77 6.20
N ALA A 60 -6.47 5.23 5.30
CA ALA A 60 -6.75 5.20 3.88
C ALA A 60 -7.08 3.78 3.42
N VAL A 61 -6.17 2.84 3.64
CA VAL A 61 -6.41 1.46 3.21
C VAL A 61 -7.56 0.82 3.98
N LYS A 62 -7.77 1.16 5.26
CA LYS A 62 -8.87 0.62 6.05
C LYS A 62 -10.22 0.90 5.37
N LYS A 63 -10.32 1.96 4.57
CA LYS A 63 -11.55 2.29 3.86
C LYS A 63 -11.78 1.43 2.62
N ALA A 64 -10.78 0.65 2.17
CA ALA A 64 -10.88 -0.23 1.02
C ALA A 64 -11.33 -1.63 1.45
N SER A 65 -11.63 -2.50 0.48
CA SER A 65 -12.12 -3.87 0.71
C SER A 65 -11.17 -4.90 0.09
N ASP A 66 -11.34 -6.18 0.44
CA ASP A 66 -10.47 -7.27 -0.01
C ASP A 66 -10.14 -7.23 -1.51
N GLU A 67 -11.14 -7.05 -2.36
CA GLU A 67 -10.96 -6.98 -3.79
C GLU A 67 -9.98 -5.88 -4.17
N GLU A 68 -10.23 -4.69 -3.63
CA GLU A 68 -9.38 -3.53 -3.80
C GLU A 68 -7.98 -3.88 -3.33
N LEU A 69 -7.87 -4.48 -2.12
CA LEU A 69 -6.60 -4.83 -1.51
C LEU A 69 -5.77 -5.72 -2.43
N LYS A 70 -6.33 -6.86 -2.81
CA LYS A 70 -5.68 -7.83 -3.68
C LYS A 70 -5.21 -7.13 -4.95
N ALA A 71 -6.09 -6.33 -5.53
CA ALA A 71 -5.77 -5.59 -6.74
C ALA A 71 -4.69 -4.53 -6.52
N LEU A 72 -4.63 -3.87 -5.35
CA LEU A 72 -3.66 -2.84 -5.12
C LEU A 72 -2.31 -3.57 -5.07
N ALA A 73 -2.24 -4.65 -4.28
CA ALA A 73 -1.05 -5.48 -4.20
C ALA A 73 -0.61 -5.93 -5.60
N ASP A 74 -1.54 -6.48 -6.40
CA ASP A 74 -1.23 -6.89 -7.76
C ASP A 74 -0.58 -5.74 -8.55
N TYR A 75 -1.21 -4.57 -8.56
CA TYR A 75 -0.67 -3.40 -9.25
C TYR A 75 0.76 -3.12 -8.77
N MET A 76 0.92 -2.86 -7.47
CA MET A 76 2.20 -2.59 -6.85
C MET A 76 3.25 -3.70 -7.07
N SER A 77 2.80 -4.93 -7.30
CA SER A 77 3.68 -6.05 -7.59
C SER A 77 4.20 -6.01 -9.03
N LYS A 78 3.73 -5.09 -9.87
CA LYS A 78 4.09 -4.95 -11.27
C LYS A 78 4.36 -3.47 -11.49
N LEU A 79 5.21 -2.90 -10.64
CA LEU A 79 5.48 -1.49 -10.55
C LEU A 79 6.92 -1.36 -10.08
N ALA A 1 -10.43 1.20 -12.36
CA ALA A 1 -10.65 -0.16 -11.84
C ALA A 1 -9.97 -0.30 -10.48
N ASP A 2 -10.31 -1.35 -9.73
CA ASP A 2 -9.73 -1.64 -8.42
C ASP A 2 -8.20 -1.70 -8.52
N GLY A 3 -7.51 -1.39 -7.42
CA GLY A 3 -6.06 -1.37 -7.37
C GLY A 3 -5.55 -0.09 -8.02
N ALA A 4 -5.78 0.02 -9.32
CA ALA A 4 -5.32 1.13 -10.14
C ALA A 4 -5.89 2.46 -9.67
N ALA A 5 -7.22 2.58 -9.58
CA ALA A 5 -7.83 3.83 -9.16
C ALA A 5 -7.32 4.24 -7.78
N LEU A 6 -7.34 3.29 -6.85
CA LEU A 6 -6.92 3.47 -5.48
C LEU A 6 -5.48 4.00 -5.43
N TYR A 7 -4.57 3.34 -6.15
CA TYR A 7 -3.17 3.70 -6.20
C TYR A 7 -2.94 5.20 -6.44
N LYS A 8 -3.79 5.84 -7.26
CA LYS A 8 -3.66 7.25 -7.58
C LYS A 8 -3.68 8.17 -6.35
N SER A 9 -4.12 7.69 -5.19
CA SER A 9 -4.05 8.48 -3.96
C SER A 9 -2.70 8.29 -3.25
N CYS A 10 -2.11 7.11 -3.40
CA CYS A 10 -0.90 6.68 -2.70
C CYS A 10 0.34 7.41 -3.21
N ILE A 11 0.31 7.81 -4.49
CA ILE A 11 1.40 8.53 -5.14
C ILE A 11 1.93 9.69 -4.30
N GLY A 12 1.04 10.33 -3.53
CA GLY A 12 1.38 11.42 -2.63
C GLY A 12 2.65 11.13 -1.81
N CYS A 13 2.85 9.86 -1.43
CA CYS A 13 4.03 9.42 -0.70
C CYS A 13 4.86 8.48 -1.57
N HIS A 14 4.20 7.58 -2.31
CA HIS A 14 4.88 6.55 -3.09
C HIS A 14 5.48 7.02 -4.42
N GLY A 15 5.26 8.28 -4.81
CA GLY A 15 5.82 8.79 -6.04
C GLY A 15 5.10 8.19 -7.24
N ALA A 16 5.80 8.07 -8.38
CA ALA A 16 5.24 7.51 -9.59
C ALA A 16 5.24 5.98 -9.60
N ASP A 17 5.75 5.35 -8.54
CA ASP A 17 5.84 3.89 -8.45
C ASP A 17 5.97 3.48 -6.98
N GLY A 18 7.17 3.48 -6.43
CA GLY A 18 7.39 3.10 -5.05
C GLY A 18 8.88 3.09 -4.71
N SER A 19 9.61 4.11 -5.20
CA SER A 19 11.04 4.32 -4.96
C SER A 19 11.24 5.44 -3.93
N LYS A 20 10.18 5.76 -3.18
CA LYS A 20 10.11 6.82 -2.20
C LYS A 20 11.08 6.71 -1.01
N ALA A 21 11.03 7.77 -0.20
CA ALA A 21 11.64 7.93 1.11
C ALA A 21 10.57 8.69 1.89
N ALA A 22 9.50 7.97 2.24
CA ALA A 22 8.30 8.52 2.86
C ALA A 22 8.49 8.82 4.35
N MET A 23 7.48 8.59 5.18
CA MET A 23 7.55 8.86 6.62
C MET A 23 8.54 7.91 7.29
N GLY A 24 9.82 8.26 7.24
CA GLY A 24 10.91 7.50 7.83
C GLY A 24 11.36 6.38 6.88
N SER A 25 12.46 5.71 7.23
CA SER A 25 13.02 4.60 6.47
C SER A 25 11.93 3.57 6.17
N ALA A 26 11.52 3.48 4.91
CA ALA A 26 10.43 2.63 4.46
C ALA A 26 10.90 1.76 3.30
N LYS A 27 10.53 0.47 3.31
CA LYS A 27 10.80 -0.48 2.26
C LYS A 27 10.25 0.09 0.95
N PRO A 28 11.11 0.47 -0.02
CA PRO A 28 10.63 1.03 -1.28
C PRO A 28 9.78 -0.02 -1.98
N VAL A 29 8.45 0.16 -1.94
CA VAL A 29 7.44 -0.72 -2.47
C VAL A 29 7.85 -1.37 -3.80
N LYS A 30 8.42 -0.55 -4.69
CA LYS A 30 8.87 -0.98 -6.01
C LYS A 30 9.85 -2.15 -5.82
N GLY A 31 9.40 -3.36 -6.12
CA GLY A 31 10.21 -4.56 -6.02
C GLY A 31 9.58 -5.66 -5.16
N GLN A 32 8.90 -5.33 -4.05
CA GLN A 32 8.28 -6.41 -3.26
C GLN A 32 7.01 -6.89 -3.97
N GLY A 33 6.61 -8.13 -3.66
CA GLY A 33 5.59 -8.86 -4.40
C GLY A 33 4.24 -8.97 -3.70
N ALA A 34 3.20 -9.22 -4.51
CA ALA A 34 1.80 -9.38 -4.13
C ALA A 34 1.63 -10.17 -2.83
N GLU A 35 2.33 -11.28 -2.70
CA GLU A 35 2.30 -12.17 -1.56
C GLU A 35 2.61 -11.42 -0.26
N GLU A 36 3.64 -10.57 -0.29
CA GLU A 36 4.08 -9.78 0.84
C GLU A 36 3.15 -8.58 0.99
N LEU A 37 2.98 -7.84 -0.11
CA LEU A 37 2.17 -6.66 -0.19
C LEU A 37 0.78 -6.92 0.37
N TYR A 38 -0.01 -7.83 -0.20
CA TYR A 38 -1.36 -8.16 0.24
C TYR A 38 -1.46 -8.30 1.75
N LYS A 39 -0.61 -9.15 2.32
CA LYS A 39 -0.58 -9.37 3.76
C LYS A 39 -0.36 -8.05 4.49
N LYS A 40 0.59 -7.25 4.01
CA LYS A 40 0.91 -5.96 4.61
C LYS A 40 -0.23 -4.94 4.46
N MET A 41 -0.80 -4.71 3.26
CA MET A 41 -1.95 -3.81 3.13
C MET A 41 -3.12 -4.34 3.99
N LYS A 42 -3.31 -5.66 4.07
CA LYS A 42 -4.33 -6.23 4.93
C LYS A 42 -4.01 -5.87 6.39
N GLY A 43 -2.75 -6.04 6.80
CA GLY A 43 -2.26 -5.72 8.13
C GLY A 43 -2.52 -4.25 8.48
N TYR A 44 -2.16 -3.35 7.58
CA TYR A 44 -2.39 -1.92 7.71
C TYR A 44 -3.90 -1.69 7.88
N ALA A 45 -4.71 -2.14 6.91
CA ALA A 45 -6.17 -1.97 6.96
C ALA A 45 -6.75 -2.51 8.28
N ASP A 46 -6.30 -3.69 8.70
CA ASP A 46 -6.72 -4.32 9.93
C ASP A 46 -6.30 -3.49 11.15
N GLY A 47 -5.14 -2.82 11.05
CA GLY A 47 -4.60 -1.98 12.10
C GLY A 47 -3.64 -2.76 13.00
N SER A 48 -3.03 -3.83 12.48
CA SER A 48 -2.04 -4.62 13.20
C SER A 48 -0.68 -4.14 12.75
N TYR A 49 -0.35 -4.42 11.49
CA TYR A 49 0.88 -3.98 10.85
C TYR A 49 0.75 -2.47 10.61
N GLY A 50 0.85 -1.65 11.65
CA GLY A 50 0.71 -0.20 11.57
C GLY A 50 1.44 0.51 12.70
N GLY A 51 1.31 1.83 12.77
CA GLY A 51 1.93 2.67 13.78
C GLY A 51 1.69 4.13 13.43
N GLU A 52 2.06 5.06 14.32
CA GLU A 52 1.87 6.49 14.14
C GLU A 52 2.31 6.97 12.75
N ARG A 53 3.54 6.62 12.34
CA ARG A 53 4.08 7.00 11.04
C ARG A 53 3.26 6.45 9.87
N LYS A 54 2.49 5.39 10.10
CA LYS A 54 1.69 4.72 9.10
C LYS A 54 0.24 5.22 9.11
N ALA A 55 -0.23 5.81 10.22
CA ALA A 55 -1.60 6.27 10.44
C ALA A 55 -2.34 6.74 9.18
N MET A 56 -1.80 7.72 8.45
CA MET A 56 -2.43 8.26 7.26
C MET A 56 -2.74 7.13 6.26
N MET A 57 -1.69 6.38 5.90
CA MET A 57 -1.79 5.24 5.01
C MET A 57 -2.78 4.23 5.57
N THR A 58 -2.70 3.95 6.88
CA THR A 58 -3.55 3.01 7.58
C THR A 58 -5.01 3.36 7.28
N ASN A 59 -5.40 4.62 7.50
CA ASN A 59 -6.76 5.05 7.21
C ASN A 59 -7.05 4.94 5.70
N ALA A 60 -6.09 5.28 4.85
CA ALA A 60 -6.30 5.21 3.41
C ALA A 60 -6.66 3.79 2.99
N VAL A 61 -5.84 2.80 3.39
CA VAL A 61 -6.12 1.42 3.04
C VAL A 61 -7.31 0.86 3.83
N LYS A 62 -7.60 1.37 5.03
CA LYS A 62 -8.78 0.93 5.79
C LYS A 62 -10.05 1.05 4.93
N LYS A 63 -10.10 2.06 4.05
CA LYS A 63 -11.24 2.28 3.18
C LYS A 63 -11.39 1.16 2.11
N ALA A 64 -10.32 0.43 1.81
CA ALA A 64 -10.27 -0.64 0.82
C ALA A 64 -10.61 -1.98 1.49
N SER A 65 -11.65 -2.68 1.01
CA SER A 65 -12.03 -3.98 1.50
C SER A 65 -11.16 -5.07 0.87
N ASP A 66 -11.48 -6.35 1.04
CA ASP A 66 -10.62 -7.43 0.55
C ASP A 66 -10.29 -7.34 -0.95
N GLU A 67 -11.29 -7.24 -1.83
CA GLU A 67 -11.06 -7.20 -3.27
C GLU A 67 -10.10 -6.08 -3.63
N GLU A 68 -10.38 -4.91 -3.07
CA GLU A 68 -9.62 -3.72 -3.22
C GLU A 68 -8.18 -3.96 -2.78
N LEU A 69 -7.98 -4.45 -1.56
CA LEU A 69 -6.66 -4.75 -1.02
C LEU A 69 -5.89 -5.71 -1.92
N LYS A 70 -6.53 -6.81 -2.35
CA LYS A 70 -5.94 -7.78 -3.25
C LYS A 70 -5.47 -7.07 -4.52
N ALA A 71 -6.35 -6.27 -5.11
CA ALA A 71 -6.04 -5.53 -6.32
C ALA A 71 -4.93 -4.49 -6.09
N LEU A 72 -4.87 -3.90 -4.91
CA LEU A 72 -3.87 -2.90 -4.54
C LEU A 72 -2.51 -3.58 -4.57
N ALA A 73 -2.43 -4.71 -3.89
CA ALA A 73 -1.26 -5.55 -3.88
C ALA A 73 -0.88 -5.96 -5.31
N ASP A 74 -1.85 -6.48 -6.07
CA ASP A 74 -1.62 -6.91 -7.44
C ASP A 74 -1.01 -5.80 -8.28
N TYR A 75 -1.62 -4.61 -8.26
CA TYR A 75 -1.16 -3.46 -9.02
C TYR A 75 0.32 -3.19 -8.73
N MET A 76 0.62 -2.88 -7.46
CA MET A 76 1.99 -2.56 -7.08
C MET A 76 2.94 -3.73 -7.30
N SER A 77 2.49 -4.97 -7.20
CA SER A 77 3.35 -6.12 -7.45
C SER A 77 3.89 -6.16 -8.89
N LYS A 78 3.45 -5.27 -9.79
CA LYS A 78 3.96 -5.21 -11.15
C LYS A 78 5.27 -4.41 -11.20
N LEU A 79 5.63 -3.69 -10.12
CA LEU A 79 6.78 -2.86 -10.01
C LEU A 79 7.91 -3.64 -9.33
N ALA A 1 -11.16 -2.56 -8.24
CA ALA A 1 -10.43 -1.97 -9.38
C ALA A 1 -8.99 -2.46 -9.28
N ASP A 2 -8.23 -2.41 -10.38
CA ASP A 2 -6.89 -2.96 -10.45
C ASP A 2 -5.83 -2.13 -9.72
N GLY A 3 -6.10 -1.67 -8.49
CA GLY A 3 -5.14 -0.93 -7.67
C GLY A 3 -4.87 0.52 -8.13
N ALA A 4 -4.61 0.72 -9.42
CA ALA A 4 -4.27 2.02 -10.01
C ALA A 4 -5.14 3.16 -9.51
N ALA A 5 -6.45 2.96 -9.45
CA ALA A 5 -7.38 3.96 -8.96
C ALA A 5 -7.01 4.40 -7.54
N LEU A 6 -6.85 3.44 -6.64
CA LEU A 6 -6.50 3.63 -5.26
C LEU A 6 -5.11 4.27 -5.15
N TYR A 7 -4.18 3.83 -6.00
CA TYR A 7 -2.80 4.31 -6.03
C TYR A 7 -2.70 5.84 -6.14
N LYS A 8 -3.74 6.52 -6.65
CA LYS A 8 -3.79 7.97 -6.70
C LYS A 8 -3.59 8.57 -5.30
N SER A 9 -4.06 7.89 -4.24
CA SER A 9 -3.88 8.30 -2.86
C SER A 9 -2.66 7.60 -2.24
N CYS A 10 -1.61 7.42 -3.04
CA CYS A 10 -0.39 6.68 -2.70
C CYS A 10 0.82 7.39 -3.30
N ILE A 11 0.70 7.77 -4.57
CA ILE A 11 1.71 8.61 -5.21
C ILE A 11 1.91 9.82 -4.31
N GLY A 12 3.15 10.25 -4.14
CA GLY A 12 3.51 11.30 -3.20
C GLY A 12 4.30 10.68 -2.07
N CYS A 13 3.87 9.52 -1.53
CA CYS A 13 4.64 8.84 -0.50
C CYS A 13 5.48 7.77 -1.17
N HIS A 14 4.85 7.01 -2.08
CA HIS A 14 5.52 5.94 -2.82
C HIS A 14 6.07 6.42 -4.16
N GLY A 15 5.39 7.38 -4.77
CA GLY A 15 5.79 7.99 -6.04
C GLY A 15 5.22 7.24 -7.24
N ALA A 16 5.43 7.82 -8.43
CA ALA A 16 4.94 7.30 -9.71
C ALA A 16 5.15 5.79 -9.85
N ASP A 17 6.36 5.33 -9.53
CA ASP A 17 6.67 3.91 -9.51
C ASP A 17 6.15 3.44 -8.14
N GLY A 18 7.04 3.30 -7.16
CA GLY A 18 6.65 2.93 -5.81
C GLY A 18 7.88 2.71 -4.94
N SER A 19 8.74 3.72 -4.84
CA SER A 19 10.01 3.60 -4.15
C SER A 19 10.58 4.88 -3.55
N LYS A 20 9.91 6.04 -3.64
CA LYS A 20 10.51 7.24 -3.05
C LYS A 20 10.43 7.18 -1.52
N ALA A 21 11.16 8.07 -0.84
CA ALA A 21 11.08 8.18 0.60
C ALA A 21 9.67 8.67 0.96
N ALA A 22 8.96 7.92 1.79
CA ALA A 22 7.61 8.25 2.21
C ALA A 22 7.68 9.16 3.45
N MET A 23 6.90 8.87 4.48
CA MET A 23 6.91 9.60 5.74
C MET A 23 8.14 9.16 6.54
N GLY A 24 9.32 9.41 6.00
CA GLY A 24 10.60 8.97 6.52
C GLY A 24 11.03 7.71 5.76
N SER A 25 12.07 7.03 6.24
CA SER A 25 12.60 5.82 5.65
C SER A 25 11.49 4.76 5.50
N ALA A 26 11.43 4.11 4.34
CA ALA A 26 10.42 3.10 4.05
C ALA A 26 10.91 2.15 2.98
N LYS A 27 10.61 0.86 3.11
CA LYS A 27 10.84 -0.17 2.13
C LYS A 27 10.10 0.23 0.85
N PRO A 28 10.72 0.09 -0.33
CA PRO A 28 10.03 0.40 -1.57
C PRO A 28 8.97 -0.68 -1.81
N VAL A 29 7.78 -0.28 -2.26
CA VAL A 29 6.69 -1.22 -2.51
C VAL A 29 6.88 -1.90 -3.85
N LYS A 30 7.40 -1.14 -4.82
CA LYS A 30 7.62 -1.53 -6.19
C LYS A 30 8.08 -2.98 -6.31
N GLY A 31 7.14 -3.88 -6.53
CA GLY A 31 7.37 -5.29 -6.72
C GLY A 31 7.99 -6.03 -5.52
N GLN A 32 7.57 -5.79 -4.26
CA GLN A 32 8.11 -6.61 -3.15
C GLN A 32 7.80 -8.08 -3.44
N GLY A 33 6.50 -8.34 -3.44
CA GLY A 33 5.88 -9.60 -3.82
C GLY A 33 4.40 -9.56 -3.42
N ALA A 34 3.47 -9.89 -4.32
CA ALA A 34 2.02 -9.86 -4.05
C ALA A 34 1.66 -10.44 -2.69
N GLU A 35 2.29 -11.55 -2.30
CA GLU A 35 2.09 -12.16 -1.00
C GLU A 35 2.42 -11.17 0.12
N GLU A 36 3.65 -10.63 0.07
CA GLU A 36 4.18 -9.68 1.01
C GLU A 36 3.25 -8.48 1.06
N LEU A 37 3.08 -7.85 -0.10
CA LEU A 37 2.27 -6.68 -0.29
C LEU A 37 0.86 -6.89 0.24
N TYR A 38 0.22 -8.01 -0.06
CA TYR A 38 -1.12 -8.29 0.43
C TYR A 38 -1.16 -8.32 1.95
N LYS A 39 -0.26 -9.10 2.55
CA LYS A 39 -0.21 -9.22 4.00
C LYS A 39 0.04 -7.87 4.65
N LYS A 40 1.05 -7.13 4.17
CA LYS A 40 1.41 -5.83 4.66
C LYS A 40 0.26 -4.83 4.49
N MET A 41 -0.30 -4.73 3.28
CA MET A 41 -1.36 -3.79 2.96
C MET A 41 -2.63 -4.11 3.75
N LYS A 42 -2.97 -5.39 3.88
CA LYS A 42 -4.08 -5.82 4.71
C LYS A 42 -3.77 -5.48 6.17
N GLY A 43 -2.53 -5.71 6.61
CA GLY A 43 -2.08 -5.39 7.95
C GLY A 43 -2.28 -3.91 8.25
N TYR A 44 -1.86 -3.05 7.30
CA TYR A 44 -2.06 -1.63 7.40
C TYR A 44 -3.55 -1.32 7.51
N ALA A 45 -4.36 -1.84 6.58
CA ALA A 45 -5.82 -1.66 6.59
C ALA A 45 -6.43 -2.05 7.93
N ASP A 46 -6.04 -3.19 8.48
CA ASP A 46 -6.53 -3.67 9.77
C ASP A 46 -6.05 -2.74 10.88
N GLY A 47 -4.80 -2.27 10.78
CA GLY A 47 -4.16 -1.39 11.74
C GLY A 47 -3.14 -2.15 12.59
N SER A 48 -3.09 -3.47 12.48
CA SER A 48 -2.17 -4.32 13.20
C SER A 48 -0.75 -3.95 12.77
N TYR A 49 -0.45 -4.16 11.49
CA TYR A 49 0.82 -3.76 10.92
C TYR A 49 0.75 -2.26 10.67
N GLY A 50 0.67 -1.45 11.73
CA GLY A 50 0.55 -0.01 11.60
C GLY A 50 0.72 0.67 12.95
N GLY A 51 -0.32 1.36 13.41
CA GLY A 51 -0.37 2.00 14.72
C GLY A 51 0.46 3.30 14.81
N GLU A 52 1.73 3.26 14.43
CA GLU A 52 2.65 4.39 14.49
C GLU A 52 2.35 5.39 13.37
N ARG A 53 3.38 6.05 12.81
CA ARG A 53 3.28 7.00 11.69
C ARG A 53 2.31 6.50 10.62
N LYS A 54 2.41 5.18 10.38
CA LYS A 54 1.61 4.38 9.49
C LYS A 54 0.11 4.74 9.51
N ALA A 55 -0.42 5.15 10.66
CA ALA A 55 -1.82 5.52 10.88
C ALA A 55 -2.50 6.18 9.67
N MET A 56 -1.85 7.17 9.06
CA MET A 56 -2.39 7.85 7.89
C MET A 56 -2.65 6.86 6.76
N MET A 57 -1.62 6.10 6.40
CA MET A 57 -1.68 5.07 5.37
C MET A 57 -2.75 4.06 5.76
N THR A 58 -2.69 3.56 7.00
CA THR A 58 -3.67 2.63 7.55
C THR A 58 -5.08 3.11 7.21
N ASN A 59 -5.45 4.32 7.63
CA ASN A 59 -6.79 4.82 7.35
C ASN A 59 -7.05 4.90 5.85
N ALA A 60 -6.07 5.34 5.06
CA ALA A 60 -6.25 5.46 3.62
C ALA A 60 -6.59 4.09 3.01
N VAL A 61 -5.71 3.12 3.19
CA VAL A 61 -5.91 1.79 2.61
C VAL A 61 -7.13 1.10 3.23
N LYS A 62 -7.45 1.39 4.50
CA LYS A 62 -8.61 0.81 5.17
C LYS A 62 -9.91 1.07 4.40
N LYS A 63 -9.96 2.14 3.59
CA LYS A 63 -11.17 2.43 2.83
C LYS A 63 -11.40 1.41 1.70
N ALA A 64 -10.36 0.66 1.30
CA ALA A 64 -10.41 -0.31 0.22
C ALA A 64 -11.10 -1.61 0.66
N SER A 65 -11.95 -2.16 -0.21
CA SER A 65 -12.67 -3.40 0.02
C SER A 65 -11.74 -4.60 -0.22
N ASP A 66 -12.13 -5.82 0.17
CA ASP A 66 -11.27 -7.01 -0.02
C ASP A 66 -10.73 -7.12 -1.45
N GLU A 67 -11.62 -6.99 -2.44
CA GLU A 67 -11.27 -7.05 -3.85
C GLU A 67 -10.15 -6.05 -4.15
N GLU A 68 -10.36 -4.81 -3.70
CA GLU A 68 -9.46 -3.73 -3.89
C GLU A 68 -8.12 -4.00 -3.20
N LEU A 69 -8.13 -4.38 -1.93
CA LEU A 69 -6.95 -4.69 -1.16
C LEU A 69 -6.09 -5.70 -1.92
N LYS A 70 -6.69 -6.85 -2.29
CA LYS A 70 -6.01 -7.89 -3.05
C LYS A 70 -5.45 -7.31 -4.35
N ALA A 71 -6.29 -6.58 -5.08
CA ALA A 71 -5.89 -5.98 -6.33
C ALA A 71 -4.79 -4.93 -6.16
N LEU A 72 -4.72 -4.23 -5.02
CA LEU A 72 -3.72 -3.21 -4.80
C LEU A 72 -2.39 -3.93 -4.57
N ALA A 73 -2.42 -5.04 -3.83
CA ALA A 73 -1.25 -5.88 -3.67
C ALA A 73 -0.76 -6.36 -5.04
N ASP A 74 -1.67 -6.94 -5.84
CA ASP A 74 -1.34 -7.39 -7.19
C ASP A 74 -0.68 -6.25 -7.98
N TYR A 75 -1.33 -5.09 -8.01
CA TYR A 75 -0.82 -3.91 -8.69
C TYR A 75 0.62 -3.60 -8.23
N MET A 76 0.82 -3.41 -6.92
CA MET A 76 2.14 -3.11 -6.37
C MET A 76 3.15 -4.23 -6.70
N SER A 77 2.69 -5.47 -6.86
CA SER A 77 3.55 -6.59 -7.21
C SER A 77 3.94 -6.58 -8.70
N LYS A 78 3.42 -5.64 -9.48
CA LYS A 78 3.65 -5.51 -10.92
C LYS A 78 3.74 -4.00 -11.17
N LEU A 79 4.68 -3.36 -10.48
CA LEU A 79 4.87 -1.95 -10.43
C LEU A 79 6.36 -1.66 -10.63
#